data_2RNK
#
_entry.id   2RNK
#
_cell.length_a   1.000
_cell.length_b   1.000
_cell.length_c   1.000
_cell.angle_alpha   90.00
_cell.angle_beta   90.00
_cell.angle_gamma   90.00
#
_symmetry.space_group_name_H-M   'P 1'
#
_entity_poly.entity_id   1
_entity_poly.type   'polypeptide(L)'
_entity_poly.pdbx_seq_one_letter_code
;GSHMVLPSEAPNAKEEILGTVSWNLREMLAHAEETRKLMPICMDVRAIMATIQRKYKGIKIQEGIVDYGVRFFFYTSKEP
VASIITKLNSLNEPLVTMPIGYVTHGFNLEEAARCMRSLKAPAVVSVSSPDAVTTYNGYLTSS
;
_entity_poly.pdbx_strand_id   A
#
# COMPACT_ATOMS: atom_id res chain seq x y z
N GLY A 1 26.41 -14.04 14.77
CA GLY A 1 25.93 -13.63 16.10
C GLY A 1 24.55 -13.02 15.99
N SER A 2 23.70 -13.14 17.02
CA SER A 2 22.35 -12.61 17.01
C SER A 2 22.00 -12.04 18.38
N HIS A 3 21.13 -11.03 18.40
CA HIS A 3 20.36 -10.53 19.55
C HIS A 3 19.29 -9.62 18.95
N MET A 4 18.03 -9.71 19.37
CA MET A 4 16.91 -8.94 18.83
C MET A 4 16.06 -8.47 19.99
N VAL A 5 16.30 -7.25 20.43
CA VAL A 5 15.48 -6.49 21.36
C VAL A 5 15.34 -5.08 20.80
N LEU A 6 14.16 -4.48 20.87
CA LEU A 6 13.83 -3.19 20.29
C LEU A 6 12.70 -2.58 21.13
N PRO A 7 12.35 -1.29 20.98
CA PRO A 7 11.17 -0.75 21.63
C PRO A 7 9.95 -1.18 20.82
N SER A 8 9.41 -2.37 21.09
CA SER A 8 8.04 -2.66 20.67
C SER A 8 7.10 -1.67 21.38
N GLU A 9 5.94 -1.39 20.80
CA GLU A 9 5.04 -0.33 21.25
C GLU A 9 3.63 -0.66 20.75
N ALA A 10 2.59 -0.16 21.41
CA ALA A 10 1.20 -0.43 21.08
C ALA A 10 0.58 0.82 20.43
N PRO A 11 0.28 0.80 19.11
CA PRO A 11 -0.59 1.79 18.52
C PRO A 11 -2.03 1.50 18.94
N ASN A 12 -2.86 2.53 19.07
CA ASN A 12 -4.25 2.39 19.48
C ASN A 12 -5.17 3.40 18.78
N ALA A 13 -4.72 4.04 17.68
CA ALA A 13 -5.51 5.00 16.92
C ALA A 13 -6.86 4.40 16.51
N LYS A 14 -7.97 4.98 16.99
CA LYS A 14 -9.31 4.61 16.53
C LYS A 14 -9.53 5.06 15.08
N GLU A 15 -8.85 6.14 14.69
CA GLU A 15 -9.07 6.84 13.44
C GLU A 15 -8.44 6.11 12.27
N GLU A 16 -8.70 6.64 11.07
CA GLU A 16 -8.17 6.18 9.80
C GLU A 16 -8.27 7.28 8.75
N ILE A 17 -7.36 7.22 7.79
CA ILE A 17 -7.18 8.24 6.78
C ILE A 17 -7.82 7.70 5.49
N LEU A 18 -8.26 8.59 4.62
CA LEU A 18 -8.87 8.27 3.34
C LEU A 18 -8.31 9.24 2.31
N GLY A 19 -8.67 8.99 1.06
CA GLY A 19 -8.18 9.73 -0.08
C GLY A 19 -6.68 9.55 -0.32
N THR A 20 -6.16 10.28 -1.29
CA THR A 20 -4.75 10.34 -1.60
C THR A 20 -4.07 11.35 -0.65
N VAL A 21 -2.80 11.14 -0.37
CA VAL A 21 -1.92 11.92 0.50
C VAL A 21 -0.53 11.99 -0.15
N SER A 22 0.39 12.77 0.43
CA SER A 22 1.74 13.01 -0.07
C SER A 22 2.74 12.53 0.98
N TRP A 23 2.56 11.26 1.32
CA TRP A 23 3.43 10.47 2.18
C TRP A 23 4.52 9.89 1.27
N ASN A 24 5.31 8.92 1.76
CA ASN A 24 6.35 8.30 0.94
C ASN A 24 6.36 6.81 1.21
N LEU A 25 7.16 6.33 2.15
CA LEU A 25 7.29 4.90 2.48
C LEU A 25 7.27 4.71 3.99
N ARG A 26 8.11 5.42 4.75
CA ARG A 26 8.13 5.21 6.20
C ARG A 26 6.82 5.67 6.84
N GLU A 27 6.27 6.80 6.39
CA GLU A 27 4.96 7.30 6.85
C GLU A 27 3.90 6.20 6.69
N MET A 28 3.96 5.53 5.55
CA MET A 28 3.01 4.52 5.14
C MET A 28 3.14 3.30 6.02
N LEU A 29 4.38 2.84 6.24
CA LEU A 29 4.68 1.71 7.11
C LEU A 29 4.18 1.96 8.52
N ALA A 30 4.32 3.20 9.03
CA ALA A 30 3.78 3.57 10.33
C ALA A 30 2.26 3.41 10.34
N HIS A 31 1.52 4.10 9.47
CA HIS A 31 0.06 4.05 9.45
C HIS A 31 -0.47 2.62 9.23
N ALA A 32 0.12 1.90 8.28
CA ALA A 32 -0.10 0.48 8.05
C ALA A 32 0.01 -0.32 9.34
N GLU A 33 1.15 -0.25 10.04
CA GLU A 33 1.36 -0.95 11.29
C GLU A 33 0.29 -0.55 12.29
N GLU A 34 0.13 0.75 12.51
CA GLU A 34 -0.76 1.39 13.47
C GLU A 34 -2.15 0.77 13.38
N THR A 35 -2.71 0.78 12.19
CA THR A 35 -4.09 0.39 11.96
C THR A 35 -4.24 -1.09 11.59
N ARG A 36 -3.11 -1.82 11.45
CA ARG A 36 -3.02 -3.17 10.86
C ARG A 36 -3.68 -3.23 9.47
N LYS A 37 -3.69 -2.11 8.72
CA LYS A 37 -4.23 -2.05 7.36
C LYS A 37 -3.34 -2.84 6.42
N LEU A 38 -3.85 -3.17 5.23
CA LEU A 38 -3.20 -4.08 4.31
C LEU A 38 -2.45 -3.31 3.21
N MET A 39 -1.27 -3.80 2.84
CA MET A 39 -0.31 -3.10 1.99
C MET A 39 0.04 -3.95 0.77
N PRO A 40 -0.56 -3.73 -0.42
CA PRO A 40 -0.10 -4.39 -1.63
C PRO A 40 1.31 -3.88 -1.96
N ILE A 41 2.24 -4.78 -2.24
CA ILE A 41 3.62 -4.49 -2.58
C ILE A 41 4.02 -5.44 -3.71
N CYS A 42 4.98 -5.02 -4.51
CA CYS A 42 5.52 -5.79 -5.62
C CYS A 42 6.99 -6.04 -5.34
N MET A 43 7.38 -7.30 -5.17
CA MET A 43 8.76 -7.74 -4.96
C MET A 43 9.71 -7.18 -6.03
N ASP A 44 9.20 -6.92 -7.24
CA ASP A 44 9.88 -6.26 -8.35
C ASP A 44 10.65 -5.02 -7.90
N VAL A 45 10.05 -4.20 -7.03
CA VAL A 45 10.63 -2.94 -6.59
C VAL A 45 11.53 -3.21 -5.39
N ARG A 46 12.70 -3.78 -5.67
CA ARG A 46 13.70 -4.12 -4.65
C ARG A 46 14.07 -2.94 -3.76
N ALA A 47 13.98 -1.69 -4.22
CA ALA A 47 14.20 -0.50 -3.38
C ALA A 47 13.24 -0.45 -2.18
N ILE A 48 11.96 -0.73 -2.43
CA ILE A 48 10.93 -0.82 -1.40
C ILE A 48 11.28 -2.00 -0.48
N MET A 49 11.64 -3.15 -1.07
CA MET A 49 11.90 -4.37 -0.32
C MET A 49 13.09 -4.22 0.62
N ALA A 50 14.17 -3.56 0.16
CA ALA A 50 15.40 -3.33 0.91
C ALA A 50 15.17 -2.43 2.14
N THR A 51 14.05 -1.72 2.21
CA THR A 51 13.61 -1.02 3.41
C THR A 51 12.77 -1.97 4.26
N ILE A 52 11.70 -2.57 3.71
CA ILE A 52 10.79 -3.43 4.47
C ILE A 52 11.59 -4.53 5.14
N GLN A 53 12.29 -5.38 4.38
CA GLN A 53 12.93 -6.55 4.94
C GLN A 53 13.97 -6.19 6.03
N ARG A 54 14.50 -4.96 6.02
CA ARG A 54 15.42 -4.46 7.04
C ARG A 54 14.69 -3.95 8.28
N LYS A 55 13.53 -3.30 8.13
CA LYS A 55 12.70 -2.82 9.24
C LYS A 55 12.04 -3.98 9.99
N TYR A 56 11.84 -5.10 9.30
CA TYR A 56 11.14 -6.28 9.77
C TYR A 56 12.06 -7.46 9.52
N LYS A 57 13.11 -7.61 10.34
CA LYS A 57 14.25 -8.47 10.03
C LYS A 57 13.87 -9.93 9.85
N GLY A 58 14.79 -10.70 9.25
CA GLY A 58 14.71 -12.15 9.18
C GLY A 58 13.81 -12.64 8.04
N ILE A 59 12.89 -11.82 7.55
CA ILE A 59 12.06 -12.11 6.39
C ILE A 59 12.95 -12.22 5.13
N LYS A 60 12.64 -13.10 4.17
CA LYS A 60 13.52 -13.34 3.01
C LYS A 60 12.75 -13.42 1.68
N ILE A 61 11.80 -12.51 1.48
CA ILE A 61 10.77 -12.46 0.44
C ILE A 61 9.99 -13.76 0.30
N GLN A 62 8.70 -13.59 0.04
CA GLN A 62 7.67 -14.60 -0.05
C GLN A 62 6.77 -14.18 -1.22
N GLU A 63 5.67 -14.89 -1.42
CA GLU A 63 4.56 -14.41 -2.24
C GLU A 63 3.33 -14.33 -1.36
N GLY A 64 2.24 -13.78 -1.89
CA GLY A 64 0.95 -13.89 -1.23
C GLY A 64 0.75 -12.90 -0.12
N ILE A 65 -0.26 -13.14 0.71
CA ILE A 65 -0.57 -12.33 1.86
C ILE A 65 0.56 -12.55 2.88
N VAL A 66 1.44 -11.55 2.99
CA VAL A 66 2.58 -11.56 3.86
C VAL A 66 2.21 -10.84 5.14
N ASP A 67 1.74 -11.62 6.11
CA ASP A 67 1.74 -11.21 7.49
C ASP A 67 3.19 -11.19 7.98
N TYR A 68 3.86 -10.04 7.91
CA TYR A 68 5.18 -9.85 8.49
C TYR A 68 5.30 -8.40 8.96
N GLY A 69 4.85 -8.14 10.19
CA GLY A 69 4.90 -6.85 10.85
C GLY A 69 3.72 -5.99 10.42
N VAL A 70 3.81 -5.45 9.21
CA VAL A 70 2.65 -4.94 8.48
C VAL A 70 2.02 -6.14 7.77
N ARG A 71 0.71 -6.07 7.58
CA ARG A 71 0.01 -6.97 6.69
C ARG A 71 0.31 -6.52 5.27
N PHE A 72 1.08 -7.31 4.53
CA PHE A 72 1.42 -7.08 3.14
C PHE A 72 0.65 -8.04 2.23
N PHE A 73 0.70 -7.79 0.92
CA PHE A 73 0.22 -8.66 -0.14
C PHE A 73 1.22 -8.53 -1.28
N PHE A 74 2.06 -9.54 -1.48
CA PHE A 74 3.14 -9.57 -2.45
C PHE A 74 2.61 -10.20 -3.74
N TYR A 75 2.42 -9.38 -4.77
CA TYR A 75 1.96 -9.74 -6.12
C TYR A 75 3.10 -9.54 -7.12
N THR A 76 3.13 -10.34 -8.20
CA THR A 76 4.34 -10.46 -9.00
C THR A 76 4.49 -9.26 -9.96
N SER A 77 5.69 -9.11 -10.52
CA SER A 77 5.93 -8.36 -11.74
C SER A 77 4.96 -8.76 -12.86
N LYS A 78 4.59 -10.05 -12.93
CA LYS A 78 3.85 -10.61 -14.04
C LYS A 78 2.35 -10.46 -13.92
N GLU A 79 1.79 -10.16 -12.74
CA GLU A 79 0.35 -10.09 -12.60
C GLU A 79 -0.15 -8.69 -12.97
N PRO A 80 -1.03 -8.53 -13.98
CA PRO A 80 -1.53 -7.22 -14.42
C PRO A 80 -2.28 -6.50 -13.31
N VAL A 81 -2.42 -5.21 -13.53
CA VAL A 81 -2.98 -4.30 -12.53
C VAL A 81 -4.46 -4.65 -12.32
N ALA A 82 -5.17 -5.05 -13.37
CA ALA A 82 -6.56 -5.47 -13.23
C ALA A 82 -6.67 -6.83 -12.52
N SER A 83 -5.69 -7.73 -12.70
CA SER A 83 -5.68 -9.03 -12.06
C SER A 83 -5.41 -8.90 -10.57
N ILE A 84 -4.38 -8.15 -10.17
CA ILE A 84 -4.11 -7.95 -8.74
C ILE A 84 -5.34 -7.27 -8.11
N ILE A 85 -5.96 -6.29 -8.78
CA ILE A 85 -7.16 -5.65 -8.27
C ILE A 85 -8.25 -6.70 -8.05
N THR A 86 -8.59 -7.51 -9.06
CA THR A 86 -9.55 -8.61 -8.93
C THR A 86 -9.25 -9.47 -7.69
N LYS A 87 -7.99 -9.76 -7.44
CA LYS A 87 -7.57 -10.53 -6.27
C LYS A 87 -7.98 -9.75 -5.04
N LEU A 88 -7.51 -8.51 -4.87
CA LEU A 88 -7.82 -7.62 -3.74
C LEU A 88 -9.32 -7.49 -3.46
N ASN A 89 -10.19 -7.79 -4.44
CA ASN A 89 -11.64 -7.84 -4.24
C ASN A 89 -12.03 -8.87 -3.18
N SER A 90 -11.30 -9.97 -3.02
CA SER A 90 -11.69 -11.08 -2.16
C SER A 90 -11.39 -10.67 -0.71
N LEU A 91 -10.43 -9.76 -0.55
CA LEU A 91 -9.79 -9.34 0.66
C LEU A 91 -10.63 -8.19 1.19
N ASN A 92 -10.93 -7.21 0.30
CA ASN A 92 -11.80 -6.06 0.54
C ASN A 92 -11.46 -5.32 1.84
N GLU A 93 -10.18 -5.39 2.22
CA GLU A 93 -9.66 -4.74 3.41
C GLU A 93 -9.39 -3.27 3.10
N PRO A 94 -9.37 -2.39 4.13
CA PRO A 94 -8.86 -1.05 4.01
C PRO A 94 -7.36 -1.10 3.69
N LEU A 95 -6.95 -0.57 2.55
CA LEU A 95 -5.54 -0.54 2.16
C LEU A 95 -4.92 0.83 2.43
N VAL A 96 -3.59 0.87 2.43
CA VAL A 96 -2.79 2.06 2.22
C VAL A 96 -1.64 1.64 1.30
N THR A 97 -1.45 2.34 0.18
CA THR A 97 -0.39 2.04 -0.78
C THR A 97 -0.03 3.25 -1.64
N MET A 98 0.94 3.08 -2.54
CA MET A 98 1.22 4.00 -3.65
C MET A 98 0.32 3.59 -4.83
N PRO A 99 0.26 4.32 -5.96
CA PRO A 99 -0.67 4.00 -7.05
C PRO A 99 -0.29 2.77 -7.90
N ILE A 100 0.12 1.67 -7.25
CA ILE A 100 0.27 0.30 -7.72
C ILE A 100 0.70 0.19 -9.19
N GLY A 101 -0.23 0.15 -10.14
CA GLY A 101 0.08 0.17 -11.55
C GLY A 101 0.33 1.60 -12.00
N TYR A 102 1.43 2.22 -11.56
CA TYR A 102 1.91 3.53 -11.93
C TYR A 102 3.30 3.47 -12.59
N VAL A 103 4.30 2.80 -12.02
CA VAL A 103 5.69 2.84 -12.47
C VAL A 103 6.34 1.44 -12.56
N THR A 104 6.24 0.57 -11.55
CA THR A 104 6.82 -0.80 -11.59
C THR A 104 6.38 -1.56 -12.85
N HIS A 105 5.11 -1.44 -13.19
CA HIS A 105 4.39 -2.07 -14.29
C HIS A 105 4.22 -1.07 -15.45
N GLY A 106 4.92 0.07 -15.45
CA GLY A 106 5.13 0.85 -16.66
C GLY A 106 4.03 1.84 -17.06
N PHE A 107 3.07 2.15 -16.18
CA PHE A 107 1.95 3.03 -16.56
C PHE A 107 2.33 4.52 -16.52
N ASN A 108 1.31 5.38 -16.55
CA ASN A 108 1.35 6.80 -16.22
C ASN A 108 0.40 7.01 -15.05
N LEU A 109 0.47 8.17 -14.39
CA LEU A 109 -0.37 8.53 -13.26
C LEU A 109 -1.87 8.43 -13.56
N GLU A 110 -2.25 8.72 -14.81
CA GLU A 110 -3.65 8.78 -15.24
C GLU A 110 -4.20 7.35 -15.32
N GLU A 111 -3.46 6.51 -16.02
CA GLU A 111 -3.77 5.12 -16.34
C GLU A 111 -3.79 4.30 -15.04
N ALA A 112 -2.89 4.65 -14.13
CA ALA A 112 -2.80 4.12 -12.80
C ALA A 112 -4.08 4.40 -12.03
N ALA A 113 -4.45 5.68 -11.95
CA ALA A 113 -5.57 6.18 -11.18
C ALA A 113 -6.88 5.56 -11.67
N ARG A 114 -7.12 5.53 -13.00
CA ARG A 114 -8.27 4.89 -13.61
C ARG A 114 -8.41 3.45 -13.14
N CYS A 115 -7.35 2.66 -13.34
CA CYS A 115 -7.32 1.25 -12.97
C CYS A 115 -7.69 1.10 -11.49
N MET A 116 -7.15 1.99 -10.65
CA MET A 116 -7.38 1.98 -9.21
C MET A 116 -8.82 2.26 -8.80
N ARG A 117 -9.62 3.01 -9.55
CA ARG A 117 -11.06 3.07 -9.29
C ARG A 117 -11.73 1.72 -9.47
N SER A 118 -11.19 0.87 -10.33
CA SER A 118 -11.66 -0.49 -10.51
C SER A 118 -11.38 -1.33 -9.26
N LEU A 119 -10.56 -0.88 -8.30
CA LEU A 119 -10.43 -1.55 -7.01
C LEU A 119 -11.61 -1.18 -6.14
N LYS A 120 -12.32 -2.23 -5.73
CA LYS A 120 -13.57 -2.21 -4.99
C LYS A 120 -13.29 -2.33 -3.50
N ALA A 121 -12.17 -1.75 -3.05
CA ALA A 121 -11.74 -1.74 -1.66
C ALA A 121 -11.20 -0.34 -1.37
N PRO A 122 -11.33 0.15 -0.13
CA PRO A 122 -10.72 1.41 0.29
C PRO A 122 -9.21 1.31 0.12
N ALA A 123 -8.59 2.42 -0.27
CA ALA A 123 -7.16 2.51 -0.49
C ALA A 123 -6.73 3.96 -0.37
N VAL A 124 -6.03 4.29 0.72
CA VAL A 124 -5.25 5.51 0.78
C VAL A 124 -4.16 5.36 -0.28
N VAL A 125 -3.88 6.44 -1.02
CA VAL A 125 -2.85 6.45 -2.05
C VAL A 125 -1.80 7.47 -1.63
N SER A 126 -0.52 7.19 -1.91
CA SER A 126 0.60 8.06 -1.63
C SER A 126 1.33 8.31 -2.93
N VAL A 127 1.43 9.56 -3.35
CA VAL A 127 2.34 9.98 -4.41
C VAL A 127 3.51 10.72 -3.79
N SER A 128 4.69 10.47 -4.35
CA SER A 128 5.98 11.05 -3.96
C SER A 128 6.09 12.54 -4.28
N SER A 129 5.00 13.21 -4.67
CA SER A 129 4.95 14.66 -4.70
C SER A 129 3.57 15.18 -4.25
N PRO A 130 3.52 16.30 -3.53
CA PRO A 130 2.28 16.92 -3.08
C PRO A 130 1.48 17.43 -4.27
N ASP A 131 2.18 17.98 -5.28
CA ASP A 131 1.55 18.65 -6.40
C ASP A 131 0.78 17.71 -7.33
N ALA A 132 1.03 16.42 -7.14
CA ALA A 132 0.48 15.28 -7.83
C ALA A 132 -0.67 14.64 -7.06
N VAL A 133 -0.82 14.86 -5.74
CA VAL A 133 -2.04 14.44 -5.03
C VAL A 133 -3.25 15.06 -5.71
N THR A 134 -3.11 16.31 -6.16
CA THR A 134 -4.08 17.12 -6.86
C THR A 134 -4.41 16.42 -8.17
N THR A 135 -3.38 16.14 -8.97
CA THR A 135 -3.52 15.56 -10.29
C THR A 135 -4.23 14.19 -10.19
N TYR A 136 -3.75 13.33 -9.29
CA TYR A 136 -4.28 12.01 -9.06
C TYR A 136 -5.75 12.06 -8.64
N ASN A 137 -6.07 12.91 -7.65
CA ASN A 137 -7.45 13.16 -7.21
C ASN A 137 -8.32 13.61 -8.38
N GLY A 138 -7.74 14.43 -9.24
CA GLY A 138 -8.36 14.93 -10.44
C GLY A 138 -8.79 13.80 -11.34
N TYR A 139 -7.92 12.80 -11.58
CA TYR A 139 -8.29 11.65 -12.38
C TYR A 139 -9.42 10.88 -11.70
N LEU A 140 -9.34 10.72 -10.36
CA LEU A 140 -10.34 9.95 -9.62
C LEU A 140 -11.70 10.63 -9.65
N THR A 141 -11.71 11.94 -9.85
CA THR A 141 -12.94 12.70 -9.97
C THR A 141 -13.45 12.67 -11.42
N SER A 142 -12.55 12.65 -12.42
CA SER A 142 -12.88 12.96 -13.80
C SER A 142 -13.11 11.71 -14.66
N SER A 143 -12.83 10.50 -14.17
CA SER A 143 -12.98 9.25 -14.90
C SER A 143 -13.43 8.26 -13.85
N GLY A 1 2.56 -19.45 15.90
CA GLY A 1 1.18 -19.84 16.21
C GLY A 1 0.79 -19.27 17.56
N SER A 2 0.62 -20.12 18.55
CA SER A 2 0.23 -19.76 19.91
C SER A 2 1.17 -18.68 20.45
N HIS A 3 0.69 -17.44 20.56
CA HIS A 3 1.38 -16.25 21.10
C HIS A 3 0.31 -15.29 21.60
N MET A 4 -0.57 -14.83 20.69
CA MET A 4 -1.66 -13.89 20.94
C MET A 4 -1.17 -12.62 21.67
N VAL A 5 -0.70 -11.64 20.90
CA VAL A 5 -0.21 -10.39 21.49
C VAL A 5 -1.39 -9.59 22.07
N LEU A 6 -1.10 -8.75 23.06
CA LEU A 6 -2.08 -7.88 23.71
C LEU A 6 -1.91 -6.46 23.15
N PRO A 7 -2.91 -5.57 23.34
CA PRO A 7 -2.82 -4.15 23.02
C PRO A 7 -2.00 -3.44 24.11
N SER A 8 -0.78 -3.91 24.37
CA SER A 8 0.14 -3.34 25.33
C SER A 8 0.43 -1.90 24.92
N GLU A 9 0.08 -0.97 25.81
CA GLU A 9 -0.06 0.48 25.60
C GLU A 9 -1.08 0.81 24.51
N ALA A 10 -0.81 0.40 23.27
CA ALA A 10 -1.58 0.59 22.04
C ALA A 10 -1.48 2.03 21.53
N PRO A 11 -1.71 2.26 20.22
CA PRO A 11 -1.58 3.59 19.65
C PRO A 11 -2.65 4.52 20.19
N ASN A 12 -2.25 5.75 20.46
CA ASN A 12 -3.11 6.85 20.89
C ASN A 12 -3.88 7.47 19.73
N ALA A 13 -3.76 6.91 18.53
CA ALA A 13 -4.50 7.28 17.34
C ALA A 13 -5.95 6.85 17.47
N LYS A 14 -6.88 7.68 17.01
CA LYS A 14 -8.30 7.40 16.95
C LYS A 14 -8.80 7.77 15.56
N GLU A 15 -8.53 8.99 15.12
CA GLU A 15 -8.82 9.46 13.78
C GLU A 15 -8.17 8.54 12.74
N GLU A 16 -8.84 8.34 11.60
CA GLU A 16 -8.32 7.54 10.50
C GLU A 16 -8.11 8.40 9.27
N ILE A 17 -7.21 7.89 8.44
CA ILE A 17 -6.80 8.46 7.19
C ILE A 17 -7.40 7.58 6.11
N LEU A 18 -8.07 8.22 5.16
CA LEU A 18 -8.65 7.60 3.98
C LEU A 18 -8.50 8.63 2.87
N GLY A 19 -8.25 8.12 1.68
CA GLY A 19 -7.95 8.92 0.51
C GLY A 19 -6.45 9.10 0.31
N THR A 20 -6.09 9.97 -0.62
CA THR A 20 -4.73 10.09 -1.10
C THR A 20 -3.97 11.16 -0.29
N VAL A 21 -2.74 10.85 0.12
CA VAL A 21 -1.91 11.64 1.04
C VAL A 21 -0.50 11.81 0.47
N SER A 22 0.27 12.77 0.99
CA SER A 22 1.59 13.19 0.51
C SER A 22 2.73 12.37 1.13
N TRP A 23 2.38 11.19 1.66
CA TRP A 23 3.26 10.24 2.28
C TRP A 23 4.25 9.65 1.26
N ASN A 24 5.03 8.67 1.70
CA ASN A 24 6.24 8.26 1.01
C ASN A 24 6.26 6.74 1.01
N LEU A 25 7.03 6.14 1.93
CA LEU A 25 7.09 4.71 2.17
C LEU A 25 7.00 4.50 3.67
N ARG A 26 7.93 5.09 4.44
CA ARG A 26 7.92 5.01 5.91
C ARG A 26 6.68 5.66 6.53
N GLU A 27 6.21 6.80 6.02
CA GLU A 27 4.94 7.38 6.49
C GLU A 27 3.76 6.41 6.39
N MET A 28 3.80 5.47 5.45
CA MET A 28 2.70 4.57 5.15
C MET A 28 2.84 3.30 5.98
N LEU A 29 4.08 2.84 6.19
CA LEU A 29 4.39 1.78 7.14
C LEU A 29 3.84 2.14 8.51
N ALA A 30 3.94 3.40 8.94
CA ALA A 30 3.38 3.88 10.20
C ALA A 30 1.88 3.60 10.28
N HIS A 31 1.10 4.12 9.32
CA HIS A 31 -0.35 3.94 9.32
C HIS A 31 -0.75 2.46 9.22
N ALA A 32 -0.04 1.68 8.38
CA ALA A 32 -0.24 0.24 8.25
C ALA A 32 0.00 -0.47 9.57
N GLU A 33 1.11 -0.18 10.27
CA GLU A 33 1.43 -0.69 11.61
C GLU A 33 0.26 -0.42 12.53
N GLU A 34 -0.21 0.82 12.56
CA GLU A 34 -1.25 1.29 13.47
C GLU A 34 -2.49 0.43 13.33
N THR A 35 -3.06 0.48 12.13
CA THR A 35 -4.40 -0.03 11.88
C THR A 35 -4.39 -1.50 11.45
N ARG A 36 -3.20 -2.10 11.30
CA ARG A 36 -2.96 -3.38 10.61
C ARG A 36 -3.78 -3.45 9.32
N LYS A 37 -3.74 -2.35 8.54
CA LYS A 37 -4.36 -2.28 7.21
C LYS A 37 -3.43 -2.93 6.20
N LEU A 38 -4.04 -3.57 5.20
CA LEU A 38 -3.33 -4.43 4.25
C LEU A 38 -2.51 -3.56 3.30
N MET A 39 -1.21 -3.83 3.22
CA MET A 39 -0.25 -3.02 2.48
C MET A 39 0.25 -3.82 1.26
N PRO A 40 -0.34 -3.71 0.07
CA PRO A 40 0.18 -4.46 -1.08
C PRO A 40 1.53 -3.89 -1.47
N ILE A 41 2.46 -4.74 -1.93
CA ILE A 41 3.76 -4.32 -2.47
C ILE A 41 4.04 -5.22 -3.66
N CYS A 42 4.40 -4.59 -4.77
CA CYS A 42 4.91 -5.30 -5.92
C CYS A 42 6.32 -5.76 -5.55
N MET A 43 6.51 -7.05 -5.27
CA MET A 43 7.82 -7.58 -4.87
C MET A 43 8.88 -7.46 -5.97
N ASP A 44 8.50 -6.98 -7.15
CA ASP A 44 9.36 -6.62 -8.26
C ASP A 44 10.22 -5.39 -7.94
N VAL A 45 9.70 -4.46 -7.14
CA VAL A 45 10.41 -3.23 -6.80
C VAL A 45 11.37 -3.54 -5.65
N ARG A 46 12.49 -4.17 -6.00
CA ARG A 46 13.52 -4.54 -5.03
C ARG A 46 14.00 -3.33 -4.24
N ALA A 47 13.92 -2.12 -4.78
CA ALA A 47 14.24 -0.88 -4.07
C ALA A 47 13.32 -0.60 -2.87
N ILE A 48 12.01 -0.83 -3.01
CA ILE A 48 11.04 -0.76 -1.91
C ILE A 48 11.35 -1.89 -0.94
N MET A 49 11.57 -3.10 -1.47
CA MET A 49 11.78 -4.30 -0.65
C MET A 49 12.98 -4.10 0.28
N ALA A 50 14.08 -3.53 -0.22
CA ALA A 50 15.27 -3.27 0.56
C ALA A 50 15.01 -2.35 1.78
N THR A 51 13.90 -1.60 1.80
CA THR A 51 13.50 -0.87 2.99
C THR A 51 12.78 -1.82 3.97
N ILE A 52 11.75 -2.54 3.51
CA ILE A 52 10.92 -3.41 4.34
C ILE A 52 11.76 -4.57 4.89
N GLN A 53 12.31 -5.42 4.04
CA GLN A 53 13.17 -6.55 4.37
C GLN A 53 14.45 -6.15 5.12
N ARG A 54 14.74 -4.86 5.31
CA ARG A 54 15.75 -4.40 6.26
C ARG A 54 15.12 -3.99 7.58
N LYS A 55 14.02 -3.23 7.57
CA LYS A 55 13.31 -2.78 8.76
C LYS A 55 12.97 -3.99 9.62
N TYR A 56 12.22 -4.93 9.05
CA TYR A 56 11.64 -6.07 9.75
C TYR A 56 12.64 -7.22 9.79
N LYS A 57 13.84 -6.98 10.34
CA LYS A 57 14.99 -7.84 10.38
C LYS A 57 15.29 -8.62 9.11
N GLY A 58 16.01 -9.71 9.30
CA GLY A 58 15.95 -10.94 8.55
C GLY A 58 14.57 -11.49 8.23
N ILE A 59 13.60 -10.69 7.82
CA ILE A 59 12.47 -11.22 7.04
C ILE A 59 12.98 -11.51 5.63
N LYS A 60 12.49 -12.58 5.00
CA LYS A 60 12.92 -13.02 3.67
C LYS A 60 11.68 -13.23 2.82
N ILE A 61 11.67 -12.71 1.59
CA ILE A 61 10.55 -12.63 0.64
C ILE A 61 9.72 -13.90 0.62
N GLN A 62 8.41 -13.71 0.47
CA GLN A 62 7.35 -14.71 0.45
C GLN A 62 6.35 -14.21 -0.60
N GLU A 63 5.38 -15.00 -1.02
CA GLU A 63 4.39 -14.59 -2.02
C GLU A 63 3.01 -15.02 -1.57
N GLY A 64 2.02 -14.18 -1.86
CA GLY A 64 0.68 -14.26 -1.30
C GLY A 64 0.71 -14.10 0.20
N ILE A 65 0.22 -12.97 0.68
CA ILE A 65 0.00 -12.64 2.08
C ILE A 65 1.28 -12.75 2.93
N VAL A 66 1.86 -11.60 3.25
CA VAL A 66 3.16 -11.48 3.91
C VAL A 66 2.91 -10.83 5.28
N ASP A 67 2.89 -11.65 6.33
CA ASP A 67 2.40 -11.32 7.66
C ASP A 67 3.57 -11.31 8.65
N TYR A 68 4.25 -10.17 8.75
CA TYR A 68 5.51 -10.08 9.48
C TYR A 68 5.76 -8.62 9.91
N GLY A 69 5.10 -8.18 10.98
CA GLY A 69 5.30 -6.85 11.54
C GLY A 69 4.38 -5.82 10.90
N VAL A 70 4.26 -5.85 9.57
CA VAL A 70 3.18 -5.21 8.83
C VAL A 70 2.54 -6.29 7.96
N ARG A 71 1.24 -6.12 7.73
CA ARG A 71 0.39 -7.03 6.98
C ARG A 71 0.51 -6.65 5.50
N PHE A 72 1.42 -7.26 4.74
CA PHE A 72 1.55 -6.94 3.31
C PHE A 72 0.87 -7.99 2.43
N PHE A 73 0.83 -7.73 1.12
CA PHE A 73 0.42 -8.65 0.06
C PHE A 73 1.41 -8.52 -1.08
N PHE A 74 2.25 -9.55 -1.30
CA PHE A 74 3.19 -9.63 -2.40
C PHE A 74 2.65 -10.57 -3.49
N TYR A 75 3.03 -10.30 -4.72
CA TYR A 75 2.56 -10.94 -5.94
C TYR A 75 3.62 -10.77 -7.04
N THR A 76 3.59 -11.62 -8.06
CA THR A 76 4.48 -11.54 -9.22
C THR A 76 4.12 -10.34 -10.10
N SER A 77 5.11 -9.61 -10.62
CA SER A 77 4.88 -8.50 -11.55
C SER A 77 4.18 -8.97 -12.82
N LYS A 78 4.31 -10.25 -13.18
CA LYS A 78 3.59 -10.83 -14.29
C LYS A 78 2.08 -10.69 -14.08
N GLU A 79 1.58 -10.71 -12.84
CA GLU A 79 0.14 -10.59 -12.60
C GLU A 79 -0.28 -9.14 -12.81
N PRO A 80 -1.08 -8.82 -13.84
CA PRO A 80 -1.46 -7.44 -14.16
C PRO A 80 -2.15 -6.72 -13.03
N VAL A 81 -2.20 -5.41 -13.19
CA VAL A 81 -2.74 -4.49 -12.21
C VAL A 81 -4.27 -4.68 -12.14
N ALA A 82 -4.91 -4.97 -13.29
CA ALA A 82 -6.33 -5.25 -13.29
C ALA A 82 -6.64 -6.59 -12.60
N SER A 83 -5.75 -7.58 -12.72
CA SER A 83 -5.88 -8.90 -12.14
C SER A 83 -5.72 -8.87 -10.62
N ILE A 84 -4.65 -8.23 -10.11
CA ILE A 84 -4.50 -8.08 -8.66
C ILE A 84 -5.68 -7.30 -8.08
N ILE A 85 -6.20 -6.27 -8.77
CA ILE A 85 -7.39 -5.56 -8.33
C ILE A 85 -8.56 -6.53 -8.19
N THR A 86 -8.83 -7.37 -9.20
CA THR A 86 -9.86 -8.41 -9.21
C THR A 86 -9.84 -9.25 -7.92
N LYS A 87 -8.68 -9.41 -7.30
CA LYS A 87 -8.47 -10.17 -6.07
C LYS A 87 -8.61 -9.29 -4.84
N LEU A 88 -8.01 -8.10 -4.81
CA LEU A 88 -8.13 -7.16 -3.69
C LEU A 88 -9.61 -6.91 -3.37
N ASN A 89 -10.46 -6.87 -4.40
CA ASN A 89 -11.91 -6.71 -4.24
C ASN A 89 -12.51 -7.85 -3.42
N SER A 90 -12.01 -9.07 -3.62
CA SER A 90 -12.46 -10.30 -2.99
C SER A 90 -12.17 -10.30 -1.48
N LEU A 91 -11.08 -9.63 -1.10
CA LEU A 91 -10.65 -9.42 0.27
C LEU A 91 -11.46 -8.28 0.85
N ASN A 92 -11.75 -7.25 0.05
CA ASN A 92 -12.49 -6.02 0.38
C ASN A 92 -11.81 -5.20 1.48
N GLU A 93 -10.61 -5.58 1.89
CA GLU A 93 -9.99 -5.06 3.09
C GLU A 93 -9.47 -3.63 2.91
N PRO A 94 -9.38 -2.85 4.00
CA PRO A 94 -8.91 -1.48 3.96
C PRO A 94 -7.41 -1.47 3.68
N LEU A 95 -6.99 -0.78 2.61
CA LEU A 95 -5.61 -0.83 2.12
C LEU A 95 -4.84 0.47 2.38
N VAL A 96 -3.52 0.42 2.15
CA VAL A 96 -2.63 1.57 2.11
C VAL A 96 -1.51 1.27 1.10
N THR A 97 -1.45 2.00 -0.02
CA THR A 97 -0.32 1.94 -0.96
C THR A 97 -0.17 3.21 -1.81
N MET A 98 0.54 3.10 -2.92
CA MET A 98 0.68 4.06 -4.01
C MET A 98 -0.31 3.69 -5.12
N PRO A 99 -0.32 4.31 -6.31
CA PRO A 99 -1.19 3.88 -7.39
C PRO A 99 -0.79 2.52 -8.02
N ILE A 100 -0.44 1.52 -7.20
CA ILE A 100 0.08 0.18 -7.49
C ILE A 100 0.90 0.15 -8.79
N GLY A 101 0.26 -0.10 -9.93
CA GLY A 101 0.87 -0.04 -11.23
C GLY A 101 0.97 1.42 -11.64
N TYR A 102 2.03 2.10 -11.23
CA TYR A 102 2.31 3.50 -11.46
C TYR A 102 3.68 3.76 -12.10
N VAL A 103 4.65 2.88 -11.87
CA VAL A 103 6.03 3.03 -12.27
C VAL A 103 6.56 1.68 -12.73
N THR A 104 6.45 0.64 -11.90
CA THR A 104 7.06 -0.67 -12.17
C THR A 104 6.55 -1.21 -13.52
N HIS A 105 5.22 -1.24 -13.69
CA HIS A 105 4.56 -1.68 -14.92
C HIS A 105 4.80 -0.69 -16.09
N GLY A 106 5.56 0.39 -15.90
CA GLY A 106 5.67 1.46 -16.89
C GLY A 106 4.31 2.11 -17.15
N PHE A 107 3.43 2.14 -16.13
CA PHE A 107 2.25 2.98 -16.15
C PHE A 107 2.70 4.42 -15.78
N ASN A 108 1.74 5.31 -15.56
CA ASN A 108 1.96 6.70 -15.15
C ASN A 108 0.74 7.17 -14.41
N LEU A 109 0.79 8.37 -13.85
CA LEU A 109 -0.23 8.87 -12.91
C LEU A 109 -1.66 8.75 -13.44
N GLU A 110 -1.84 8.85 -14.75
CA GLU A 110 -3.11 8.75 -15.42
C GLU A 110 -3.59 7.31 -15.50
N GLU A 111 -2.79 6.41 -16.10
CA GLU A 111 -3.14 5.00 -16.33
C GLU A 111 -3.33 4.30 -15.01
N ALA A 112 -2.39 4.59 -14.12
CA ALA A 112 -2.30 4.11 -12.77
C ALA A 112 -3.56 4.48 -12.00
N ALA A 113 -3.95 5.76 -12.00
CA ALA A 113 -5.20 6.21 -11.38
C ALA A 113 -6.43 5.54 -12.01
N ARG A 114 -6.48 5.42 -13.35
CA ARG A 114 -7.55 4.78 -14.09
C ARG A 114 -7.75 3.36 -13.58
N CYS A 115 -6.69 2.57 -13.60
CA CYS A 115 -6.73 1.20 -13.13
C CYS A 115 -7.18 1.17 -11.66
N MET A 116 -6.66 2.08 -10.83
CA MET A 116 -6.96 2.12 -9.40
C MET A 116 -8.45 2.36 -9.14
N ARG A 117 -9.17 3.17 -9.94
CA ARG A 117 -10.62 3.27 -9.85
C ARG A 117 -11.35 1.94 -9.91
N SER A 118 -10.84 0.94 -10.63
CA SER A 118 -11.45 -0.38 -10.71
C SER A 118 -11.41 -1.15 -9.37
N LEU A 119 -10.66 -0.67 -8.37
CA LEU A 119 -10.65 -1.26 -7.04
C LEU A 119 -11.97 -0.99 -6.33
N LYS A 120 -12.46 -2.03 -5.66
CA LYS A 120 -13.72 -2.07 -4.93
C LYS A 120 -13.43 -2.45 -3.47
N ALA A 121 -12.46 -1.77 -2.87
CA ALA A 121 -12.07 -1.84 -1.47
C ALA A 121 -11.60 -0.43 -1.06
N PRO A 122 -11.55 -0.09 0.24
CA PRO A 122 -10.99 1.17 0.70
C PRO A 122 -9.48 1.22 0.44
N ALA A 123 -8.96 2.40 0.17
CA ALA A 123 -7.61 2.62 -0.33
C ALA A 123 -7.13 4.00 0.09
N VAL A 124 -6.22 4.03 1.07
CA VAL A 124 -5.28 5.15 1.16
C VAL A 124 -4.28 4.96 0.01
N VAL A 125 -4.00 6.04 -0.70
CA VAL A 125 -3.06 6.10 -1.81
C VAL A 125 -2.04 7.17 -1.45
N SER A 126 -0.89 7.19 -2.13
CA SER A 126 0.05 8.26 -1.96
C SER A 126 0.89 8.39 -3.22
N VAL A 127 1.61 9.49 -3.33
CA VAL A 127 2.42 9.85 -4.47
C VAL A 127 3.68 10.54 -3.96
N SER A 128 4.70 10.59 -4.80
CA SER A 128 5.98 11.20 -4.47
C SER A 128 5.93 12.73 -4.47
N SER A 129 4.81 13.40 -4.80
CA SER A 129 4.78 14.86 -4.81
C SER A 129 3.47 15.43 -4.25
N PRO A 130 3.50 16.56 -3.53
CA PRO A 130 2.30 17.15 -2.93
C PRO A 130 1.34 17.72 -3.98
N ASP A 131 1.82 18.23 -5.12
CA ASP A 131 0.96 18.72 -6.20
C ASP A 131 0.35 17.57 -7.01
N ALA A 132 0.89 16.37 -6.85
CA ALA A 132 0.32 15.16 -7.43
C ALA A 132 -0.87 14.71 -6.59
N VAL A 133 -0.90 14.96 -5.27
CA VAL A 133 -2.06 14.71 -4.43
C VAL A 133 -3.27 15.53 -4.92
N THR A 134 -3.02 16.66 -5.57
CA THR A 134 -4.02 17.42 -6.27
C THR A 134 -4.33 16.76 -7.61
N THR A 135 -3.32 16.58 -8.48
CA THR A 135 -3.47 16.16 -9.86
C THR A 135 -4.17 14.79 -9.99
N TYR A 136 -3.74 13.79 -9.22
CA TYR A 136 -4.24 12.44 -9.24
C TYR A 136 -5.74 12.40 -8.90
N ASN A 137 -6.16 13.25 -7.95
CA ASN A 137 -7.56 13.42 -7.60
C ASN A 137 -8.39 13.83 -8.81
N GLY A 138 -7.80 14.58 -9.74
CA GLY A 138 -8.40 14.95 -11.02
C GLY A 138 -8.83 13.71 -11.79
N TYR A 139 -7.92 12.77 -12.02
CA TYR A 139 -8.24 11.54 -12.76
C TYR A 139 -9.31 10.73 -12.03
N LEU A 140 -9.28 10.72 -10.70
CA LEU A 140 -10.26 10.01 -9.90
C LEU A 140 -11.64 10.65 -10.08
N THR A 141 -11.73 11.96 -9.92
CA THR A 141 -12.98 12.72 -10.07
C THR A 141 -13.55 12.54 -11.48
N SER A 142 -12.69 12.52 -12.49
CA SER A 142 -13.10 12.56 -13.89
C SER A 142 -13.89 11.31 -14.32
N SER A 143 -13.53 10.13 -13.83
CA SER A 143 -13.72 8.88 -14.57
C SER A 143 -14.42 7.84 -13.70
N GLY A 1 23.96 7.89 17.01
CA GLY A 1 22.54 7.61 17.24
C GLY A 1 22.23 7.50 18.71
N SER A 2 22.70 6.43 19.34
CA SER A 2 23.24 6.42 20.70
C SER A 2 22.23 6.72 21.81
N HIS A 3 20.93 6.59 21.57
CA HIS A 3 19.92 6.76 22.61
C HIS A 3 18.67 5.94 22.25
N MET A 4 17.84 5.66 23.25
CA MET A 4 16.75 4.70 23.24
C MET A 4 15.47 5.38 23.74
N VAL A 5 15.28 6.64 23.33
CA VAL A 5 14.19 7.53 23.70
C VAL A 5 13.91 8.31 22.42
N LEU A 6 12.93 7.90 21.62
CA LEU A 6 12.71 8.42 20.27
C LEU A 6 11.23 8.85 20.11
N PRO A 7 10.89 9.62 19.05
CA PRO A 7 9.56 10.17 18.79
C PRO A 7 8.50 9.12 18.41
N SER A 8 8.72 7.84 18.68
CA SER A 8 7.73 6.80 18.47
C SER A 8 6.44 7.11 19.25
N GLU A 9 6.57 7.38 20.55
CA GLU A 9 5.45 7.56 21.49
C GLU A 9 4.51 6.34 21.48
N ALA A 10 3.32 6.44 22.09
CA ALA A 10 2.30 5.39 22.07
C ALA A 10 0.96 5.98 21.63
N PRO A 11 0.73 6.12 20.32
CA PRO A 11 -0.45 6.79 19.78
C PRO A 11 -1.73 5.98 20.05
N ASN A 12 -2.79 6.68 20.46
CA ASN A 12 -4.09 6.07 20.76
C ASN A 12 -5.29 6.99 20.57
N ALA A 13 -5.09 8.21 20.05
CA ALA A 13 -6.07 9.29 20.05
C ALA A 13 -5.94 10.12 18.77
N LYS A 14 -6.35 9.57 17.63
CA LYS A 14 -6.40 10.26 16.33
C LYS A 14 -7.42 9.57 15.42
N GLU A 15 -7.76 10.18 14.29
CA GLU A 15 -8.70 9.63 13.33
C GLU A 15 -7.98 8.63 12.41
N GLU A 16 -8.74 7.95 11.55
CA GLU A 16 -8.21 7.14 10.45
C GLU A 16 -8.37 7.89 9.13
N ILE A 17 -7.32 7.86 8.31
CA ILE A 17 -7.18 8.68 7.11
C ILE A 17 -7.69 7.86 5.93
N LEU A 18 -8.27 8.48 4.89
CA LEU A 18 -8.64 7.86 3.63
C LEU A 18 -8.32 8.81 2.49
N GLY A 19 -8.29 8.28 1.27
CA GLY A 19 -7.91 9.02 0.07
C GLY A 19 -6.39 9.07 -0.11
N THR A 20 -5.90 9.95 -0.96
CA THR A 20 -4.50 10.10 -1.33
C THR A 20 -3.80 11.06 -0.35
N VAL A 21 -2.49 10.91 -0.17
CA VAL A 21 -1.61 11.73 0.66
C VAL A 21 -0.23 11.90 0.01
N SER A 22 0.65 12.69 0.63
CA SER A 22 2.02 12.99 0.19
C SER A 22 3.05 12.24 1.03
N TRP A 23 2.65 11.09 1.60
CA TRP A 23 3.47 10.16 2.35
C TRP A 23 4.55 9.55 1.46
N ASN A 24 5.27 8.61 2.06
CA ASN A 24 6.53 8.01 1.67
C ASN A 24 6.47 6.61 2.28
N LEU A 25 7.29 5.71 1.77
CA LEU A 25 7.19 4.28 2.07
C LEU A 25 7.26 4.01 3.58
N ARG A 26 7.97 4.84 4.35
CA ARG A 26 8.11 4.70 5.80
C ARG A 26 6.84 5.16 6.51
N GLU A 27 6.34 6.36 6.21
CA GLU A 27 5.10 6.87 6.81
C GLU A 27 3.93 5.93 6.52
N MET A 28 3.91 5.35 5.32
CA MET A 28 2.93 4.36 4.93
C MET A 28 3.01 3.13 5.82
N LEU A 29 4.22 2.57 6.02
CA LEU A 29 4.44 1.42 6.91
C LEU A 29 3.90 1.73 8.30
N ALA A 30 4.26 2.89 8.85
CA ALA A 30 3.79 3.32 10.16
C ALA A 30 2.25 3.35 10.21
N HIS A 31 1.56 3.93 9.21
CA HIS A 31 0.09 3.95 9.20
C HIS A 31 -0.49 2.54 9.05
N ALA A 32 0.11 1.69 8.21
CA ALA A 32 -0.29 0.31 8.00
C ALA A 32 -0.22 -0.47 9.30
N GLU A 33 0.80 -0.26 10.12
CA GLU A 33 0.87 -0.77 11.48
C GLU A 33 -0.28 -0.21 12.29
N GLU A 34 -0.39 1.13 12.34
CA GLU A 34 -1.26 1.85 13.26
C GLU A 34 -2.73 1.43 13.17
N THR A 35 -3.14 1.04 11.97
CA THR A 35 -4.51 0.68 11.65
C THR A 35 -4.64 -0.82 11.29
N ARG A 36 -3.52 -1.55 11.35
CA ARG A 36 -3.31 -2.92 10.88
C ARG A 36 -3.90 -3.16 9.49
N LYS A 37 -3.78 -2.17 8.60
CA LYS A 37 -4.30 -2.22 7.23
C LYS A 37 -3.30 -2.89 6.31
N LEU A 38 -3.79 -3.75 5.43
CA LEU A 38 -2.98 -4.52 4.50
C LEU A 38 -2.24 -3.59 3.54
N MET A 39 -0.97 -3.90 3.31
CA MET A 39 -0.08 -3.13 2.48
C MET A 39 0.36 -4.00 1.28
N PRO A 40 -0.29 -3.87 0.10
CA PRO A 40 0.10 -4.62 -1.08
C PRO A 40 1.47 -4.12 -1.59
N ILE A 41 2.41 -4.99 -1.96
CA ILE A 41 3.75 -4.60 -2.43
C ILE A 41 4.16 -5.51 -3.59
N CYS A 42 4.78 -4.95 -4.63
CA CYS A 42 5.28 -5.72 -5.78
C CYS A 42 6.75 -6.08 -5.54
N MET A 43 7.06 -7.37 -5.37
CA MET A 43 8.41 -7.84 -4.98
C MET A 43 9.48 -7.55 -6.02
N ASP A 44 9.09 -7.22 -7.24
CA ASP A 44 10.01 -6.83 -8.31
C ASP A 44 10.69 -5.50 -8.04
N VAL A 45 10.05 -4.60 -7.29
CA VAL A 45 10.55 -3.27 -6.99
C VAL A 45 11.57 -3.43 -5.85
N ARG A 46 12.73 -3.98 -6.19
CA ARG A 46 13.76 -4.39 -5.24
C ARG A 46 14.11 -3.28 -4.25
N ALA A 47 14.09 -2.01 -4.68
CA ALA A 47 14.33 -0.86 -3.82
C ALA A 47 13.33 -0.73 -2.66
N ILE A 48 12.04 -0.96 -2.89
CA ILE A 48 11.03 -0.90 -1.84
C ILE A 48 11.29 -2.05 -0.87
N MET A 49 11.60 -3.23 -1.41
CA MET A 49 11.88 -4.42 -0.61
C MET A 49 13.10 -4.14 0.28
N ALA A 50 14.12 -3.47 -0.27
CA ALA A 50 15.32 -3.10 0.47
C ALA A 50 15.02 -2.27 1.72
N THR A 51 13.89 -1.54 1.79
CA THR A 51 13.46 -0.90 3.03
C THR A 51 12.79 -1.96 3.92
N ILE A 52 11.76 -2.66 3.44
CA ILE A 52 10.94 -3.56 4.26
C ILE A 52 11.83 -4.66 4.86
N GLN A 53 12.45 -5.49 4.01
CA GLN A 53 13.20 -6.64 4.46
C GLN A 53 14.42 -6.24 5.32
N ARG A 54 14.93 -5.00 5.24
CA ARG A 54 15.92 -4.45 6.19
C ARG A 54 15.26 -4.11 7.51
N LYS A 55 14.17 -3.34 7.47
CA LYS A 55 13.46 -2.87 8.65
C LYS A 55 13.07 -4.09 9.50
N TYR A 56 12.33 -5.02 8.94
CA TYR A 56 11.66 -6.09 9.68
C TYR A 56 12.56 -7.33 9.71
N LYS A 57 13.85 -7.16 10.04
CA LYS A 57 14.96 -7.91 9.47
C LYS A 57 14.86 -9.43 9.47
N GLY A 58 14.12 -10.04 10.39
CA GLY A 58 13.95 -11.49 10.41
C GLY A 58 13.38 -12.03 9.09
N ILE A 59 12.62 -11.19 8.38
CA ILE A 59 11.94 -11.47 7.12
C ILE A 59 12.93 -11.60 5.94
N LYS A 60 12.62 -12.43 4.92
CA LYS A 60 13.57 -12.72 3.84
C LYS A 60 12.88 -13.14 2.52
N ILE A 61 11.82 -12.39 2.16
CA ILE A 61 10.88 -12.54 1.05
C ILE A 61 10.16 -13.90 1.03
N GLN A 62 8.87 -13.85 0.67
CA GLN A 62 7.91 -14.94 0.70
C GLN A 62 6.74 -14.43 -0.15
N GLU A 63 6.34 -15.13 -1.20
CA GLU A 63 5.24 -14.71 -2.06
C GLU A 63 3.92 -14.98 -1.35
N GLY A 64 2.85 -14.31 -1.78
CA GLY A 64 1.54 -14.46 -1.15
C GLY A 64 1.33 -13.44 -0.05
N ILE A 65 0.47 -13.81 0.89
CA ILE A 65 0.16 -12.99 2.06
C ILE A 65 1.36 -13.09 3.00
N VAL A 66 1.74 -11.97 3.62
CA VAL A 66 2.95 -11.84 4.43
C VAL A 66 2.63 -11.01 5.65
N ASP A 67 2.20 -11.68 6.70
CA ASP A 67 2.00 -11.08 8.01
C ASP A 67 3.34 -10.97 8.76
N TYR A 68 4.05 -9.86 8.59
CA TYR A 68 5.38 -9.71 9.16
C TYR A 68 5.63 -8.28 9.65
N GLY A 69 5.07 -7.93 10.81
CA GLY A 69 5.30 -6.64 11.45
C GLY A 69 4.52 -5.49 10.82
N VAL A 70 4.05 -5.66 9.60
CA VAL A 70 2.94 -5.03 8.93
C VAL A 70 2.27 -6.19 8.20
N ARG A 71 0.95 -6.13 8.00
CA ARG A 71 0.24 -7.08 7.17
C ARG A 71 0.54 -6.68 5.73
N PHE A 72 1.28 -7.50 4.97
CA PHE A 72 1.56 -7.25 3.56
C PHE A 72 0.93 -8.33 2.68
N PHE A 73 0.92 -8.08 1.37
CA PHE A 73 0.49 -8.97 0.31
C PHE A 73 1.45 -8.77 -0.86
N PHE A 74 2.29 -9.75 -1.14
CA PHE A 74 3.31 -9.79 -2.18
C PHE A 74 2.83 -10.61 -3.38
N TYR A 75 3.07 -10.10 -4.58
CA TYR A 75 2.51 -10.61 -5.83
C TYR A 75 3.50 -10.42 -6.99
N THR A 76 3.12 -10.84 -8.19
CA THR A 76 3.99 -11.28 -9.27
C THR A 76 3.98 -10.32 -10.44
N SER A 77 5.07 -9.59 -10.71
CA SER A 77 5.12 -8.50 -11.69
C SER A 77 4.64 -8.87 -13.09
N LYS A 78 4.71 -10.16 -13.43
CA LYS A 78 4.19 -10.69 -14.67
C LYS A 78 2.67 -10.51 -14.74
N GLU A 79 1.94 -10.59 -13.62
CA GLU A 79 0.49 -10.36 -13.67
C GLU A 79 0.18 -8.91 -14.05
N PRO A 80 -0.98 -8.63 -14.65
CA PRO A 80 -1.40 -7.26 -14.84
C PRO A 80 -1.89 -6.67 -13.51
N VAL A 81 -1.80 -5.36 -13.44
CA VAL A 81 -2.35 -4.49 -12.43
C VAL A 81 -3.85 -4.70 -12.26
N ALA A 82 -4.53 -4.83 -13.41
CA ALA A 82 -5.92 -5.23 -13.51
C ALA A 82 -6.21 -6.45 -12.64
N SER A 83 -5.34 -7.46 -12.68
CA SER A 83 -5.58 -8.70 -11.97
C SER A 83 -5.39 -8.55 -10.46
N ILE A 84 -4.46 -7.72 -9.98
CA ILE A 84 -4.35 -7.51 -8.55
C ILE A 84 -5.51 -6.66 -8.02
N ILE A 85 -6.03 -5.71 -8.81
CA ILE A 85 -7.20 -4.92 -8.44
C ILE A 85 -8.39 -5.88 -8.27
N THR A 86 -8.65 -6.71 -9.29
CA THR A 86 -9.57 -7.84 -9.28
C THR A 86 -9.41 -8.77 -8.05
N LYS A 87 -8.27 -8.76 -7.36
CA LYS A 87 -7.99 -9.63 -6.22
C LYS A 87 -8.19 -8.88 -4.90
N LEU A 88 -7.69 -7.66 -4.81
CA LEU A 88 -7.88 -6.74 -3.70
C LEU A 88 -9.38 -6.43 -3.51
N ASN A 89 -10.20 -6.61 -4.53
CA ASN A 89 -11.65 -6.61 -4.41
C ASN A 89 -12.09 -7.72 -3.47
N SER A 90 -11.78 -8.99 -3.78
CA SER A 90 -12.20 -10.21 -3.09
C SER A 90 -11.78 -10.27 -1.61
N LEU A 91 -10.83 -9.44 -1.20
CA LEU A 91 -10.42 -9.30 0.20
C LEU A 91 -11.50 -8.52 0.93
N ASN A 92 -11.93 -7.39 0.35
CA ASN A 92 -12.82 -6.41 0.96
C ASN A 92 -12.28 -5.96 2.32
N GLU A 93 -10.97 -5.77 2.42
CA GLU A 93 -10.31 -5.32 3.62
C GLU A 93 -9.74 -3.91 3.37
N PRO A 94 -9.59 -3.08 4.41
CA PRO A 94 -9.05 -1.73 4.26
C PRO A 94 -7.57 -1.76 3.96
N LEU A 95 -7.13 -0.93 3.00
CA LEU A 95 -5.74 -0.98 2.50
C LEU A 95 -5.01 0.34 2.71
N VAL A 96 -3.69 0.32 2.50
CA VAL A 96 -2.85 1.50 2.32
C VAL A 96 -1.77 1.17 1.28
N THR A 97 -1.71 1.92 0.19
CA THR A 97 -0.71 1.75 -0.87
C THR A 97 -0.49 3.05 -1.67
N MET A 98 0.07 2.94 -2.86
CA MET A 98 0.32 3.98 -3.87
C MET A 98 -0.44 3.62 -5.17
N PRO A 99 -0.29 4.35 -6.29
CA PRO A 99 -0.94 3.99 -7.54
C PRO A 99 -0.49 2.70 -8.24
N ILE A 100 0.37 1.93 -7.58
CA ILE A 100 0.94 0.65 -7.95
C ILE A 100 1.42 0.62 -9.41
N GLY A 101 0.56 0.20 -10.35
CA GLY A 101 0.85 -0.02 -11.78
C GLY A 101 1.73 1.07 -12.39
N TYR A 102 1.56 2.29 -11.87
CA TYR A 102 2.37 3.50 -12.05
C TYR A 102 3.84 3.23 -12.43
N VAL A 103 4.57 2.45 -11.63
CA VAL A 103 6.02 2.29 -11.88
C VAL A 103 6.37 0.86 -12.28
N THR A 104 5.57 -0.11 -11.82
CA THR A 104 5.85 -1.53 -11.96
C THR A 104 5.52 -1.94 -13.39
N HIS A 105 4.34 -1.50 -13.83
CA HIS A 105 3.87 -1.59 -15.19
C HIS A 105 4.41 -0.39 -15.97
N GLY A 106 4.91 0.65 -15.29
CA GLY A 106 5.26 1.93 -15.87
C GLY A 106 4.01 2.66 -16.35
N PHE A 107 2.88 2.53 -15.66
CA PHE A 107 1.71 3.31 -16.08
C PHE A 107 1.94 4.80 -15.81
N ASN A 108 1.32 5.68 -16.60
CA ASN A 108 1.33 7.09 -16.23
C ASN A 108 0.48 7.30 -14.98
N LEU A 109 0.62 8.45 -14.33
CA LEU A 109 -0.21 8.84 -13.19
C LEU A 109 -1.70 8.76 -13.57
N GLU A 110 -2.04 9.12 -14.81
CA GLU A 110 -3.38 9.01 -15.38
C GLU A 110 -3.83 7.56 -15.37
N GLU A 111 -3.13 6.71 -16.13
CA GLU A 111 -3.49 5.32 -16.39
C GLU A 111 -3.58 4.55 -15.09
N ALA A 112 -2.65 4.82 -14.18
CA ALA A 112 -2.61 4.25 -12.85
C ALA A 112 -3.87 4.62 -12.09
N ALA A 113 -4.19 5.91 -11.95
CA ALA A 113 -5.42 6.38 -11.30
C ALA A 113 -6.66 5.75 -11.93
N ARG A 114 -6.71 5.73 -13.27
CA ARG A 114 -7.83 5.18 -14.06
C ARG A 114 -7.99 3.68 -13.80
N CYS A 115 -6.89 2.93 -13.68
CA CYS A 115 -6.96 1.55 -13.20
C CYS A 115 -7.52 1.51 -11.78
N MET A 116 -6.95 2.32 -10.89
CA MET A 116 -7.18 2.27 -9.45
C MET A 116 -8.66 2.41 -9.10
N ARG A 117 -9.42 3.27 -9.79
CA ARG A 117 -10.86 3.39 -9.62
C ARG A 117 -11.64 2.08 -9.60
N SER A 118 -11.23 1.04 -10.31
CA SER A 118 -11.96 -0.23 -10.28
C SER A 118 -11.86 -0.95 -8.93
N LEU A 119 -10.95 -0.58 -8.04
CA LEU A 119 -10.84 -1.21 -6.73
C LEU A 119 -12.11 -0.92 -5.92
N LYS A 120 -12.71 -1.99 -5.39
CA LYS A 120 -13.97 -1.97 -4.66
C LYS A 120 -13.82 -1.92 -3.14
N ALA A 121 -12.60 -2.07 -2.62
CA ALA A 121 -12.29 -1.96 -1.20
C ALA A 121 -11.79 -0.55 -0.85
N PRO A 122 -11.85 -0.11 0.42
CA PRO A 122 -11.21 1.11 0.88
C PRO A 122 -9.69 0.99 0.79
N ALA A 123 -9.04 2.10 0.43
CA ALA A 123 -7.60 2.15 0.27
C ALA A 123 -7.15 3.60 0.36
N VAL A 124 -6.23 3.86 1.28
CA VAL A 124 -5.38 5.05 1.22
C VAL A 124 -4.41 4.87 0.04
N VAL A 125 -4.13 5.95 -0.67
CA VAL A 125 -3.15 6.03 -1.74
C VAL A 125 -2.10 7.06 -1.36
N SER A 126 -0.95 7.10 -2.03
CA SER A 126 0.02 8.16 -1.84
C SER A 126 0.84 8.35 -3.10
N VAL A 127 1.43 9.53 -3.27
CA VAL A 127 2.30 9.91 -4.37
C VAL A 127 3.52 10.65 -3.79
N SER A 128 4.57 10.80 -4.58
CA SER A 128 5.83 11.38 -4.16
C SER A 128 5.84 12.92 -4.21
N SER A 129 4.77 13.59 -4.65
CA SER A 129 4.76 15.04 -4.85
C SER A 129 3.41 15.64 -4.41
N PRO A 130 3.37 16.92 -3.99
CA PRO A 130 2.17 17.53 -3.45
C PRO A 130 1.11 17.77 -4.54
N ASP A 131 1.51 18.34 -5.69
CA ASP A 131 0.59 18.60 -6.81
C ASP A 131 0.01 17.30 -7.35
N ALA A 132 0.69 16.19 -7.12
CA ALA A 132 0.26 14.90 -7.58
C ALA A 132 -0.94 14.46 -6.78
N VAL A 133 -1.04 14.78 -5.48
CA VAL A 133 -2.22 14.44 -4.67
C VAL A 133 -3.46 15.12 -5.26
N THR A 134 -3.31 16.32 -5.80
CA THR A 134 -4.35 17.11 -6.44
C THR A 134 -4.66 16.53 -7.82
N THR A 135 -3.65 16.36 -8.68
CA THR A 135 -3.85 15.97 -10.07
C THR A 135 -4.29 14.51 -10.20
N TYR A 136 -3.77 13.61 -9.35
CA TYR A 136 -4.22 12.23 -9.25
C TYR A 136 -5.72 12.19 -8.98
N ASN A 137 -6.16 12.96 -7.98
CA ASN A 137 -7.56 13.16 -7.62
C ASN A 137 -8.35 13.73 -8.81
N GLY A 138 -7.74 14.66 -9.54
CA GLY A 138 -8.21 15.19 -10.80
C GLY A 138 -8.61 14.07 -11.75
N TYR A 139 -7.74 13.08 -12.01
CA TYR A 139 -8.05 11.98 -12.92
C TYR A 139 -9.04 10.98 -12.32
N LEU A 140 -9.17 10.91 -10.99
CA LEU A 140 -10.17 10.06 -10.38
C LEU A 140 -11.58 10.63 -10.60
N THR A 141 -11.69 11.94 -10.74
CA THR A 141 -12.97 12.64 -10.84
C THR A 141 -13.28 12.93 -12.30
N SER A 142 -12.26 13.41 -13.03
CA SER A 142 -12.22 13.78 -14.43
C SER A 142 -12.99 15.08 -14.69
N SER A 143 -12.22 16.17 -14.76
CA SER A 143 -12.66 17.51 -15.13
C SER A 143 -12.83 17.62 -16.64
N GLY A 1 6.13 4.62 52.82
CA GLY A 1 4.81 4.19 52.32
C GLY A 1 4.22 5.27 51.43
N SER A 2 2.93 5.16 51.08
CA SER A 2 2.13 6.05 50.23
C SER A 2 2.15 5.53 48.78
N HIS A 3 0.97 5.16 48.27
CA HIS A 3 0.58 5.32 46.87
C HIS A 3 -0.95 5.30 46.86
N MET A 4 -1.58 5.73 45.78
CA MET A 4 -2.97 5.42 45.48
C MET A 4 -3.03 5.25 43.97
N VAL A 5 -2.93 6.36 43.23
CA VAL A 5 -2.85 6.37 41.78
C VAL A 5 -1.68 5.52 41.26
N LEU A 6 -1.80 5.09 40.01
CA LEU A 6 -0.80 4.49 39.14
C LEU A 6 -1.02 5.15 37.76
N PRO A 7 -0.06 5.06 36.81
CA PRO A 7 -0.27 5.52 35.44
C PRO A 7 -1.18 4.55 34.66
N SER A 8 -2.48 4.54 34.97
CA SER A 8 -3.51 3.85 34.23
C SER A 8 -3.74 4.59 32.91
N GLU A 9 -3.64 3.88 31.78
CA GLU A 9 -3.79 4.44 30.44
C GLU A 9 -4.59 3.43 29.60
N ALA A 10 -5.16 3.85 28.47
CA ALA A 10 -5.96 2.99 27.58
C ALA A 10 -5.75 3.41 26.13
N PRO A 11 -5.91 2.50 25.15
CA PRO A 11 -5.81 2.82 23.73
C PRO A 11 -6.91 3.80 23.30
N ASN A 12 -6.62 4.59 22.27
CA ASN A 12 -7.49 5.60 21.68
C ASN A 12 -6.97 5.98 20.30
N ALA A 13 -7.38 5.25 19.25
CA ALA A 13 -7.14 5.70 17.87
C ALA A 13 -7.89 7.01 17.63
N LYS A 14 -7.44 7.80 16.65
CA LYS A 14 -7.88 9.18 16.46
C LYS A 14 -8.37 9.30 15.03
N GLU A 15 -9.67 9.01 14.85
CA GLU A 15 -10.37 8.84 13.60
C GLU A 15 -9.61 7.93 12.63
N GLU A 16 -10.01 7.90 11.36
CA GLU A 16 -9.36 7.14 10.30
C GLU A 16 -9.17 8.04 9.09
N ILE A 17 -8.16 7.75 8.28
CA ILE A 17 -7.64 8.63 7.25
C ILE A 17 -7.78 7.90 5.92
N LEU A 18 -8.46 8.48 4.93
CA LEU A 18 -8.67 7.83 3.64
C LEU A 18 -8.74 8.90 2.56
N GLY A 19 -8.12 8.55 1.44
CA GLY A 19 -7.82 9.42 0.32
C GLY A 19 -6.32 9.43 0.04
N THR A 20 -5.88 10.22 -0.94
CA THR A 20 -4.49 10.33 -1.30
C THR A 20 -3.77 11.29 -0.35
N VAL A 21 -2.50 11.00 -0.06
CA VAL A 21 -1.61 11.76 0.82
C VAL A 21 -0.18 11.76 0.25
N SER A 22 0.77 12.32 0.98
CA SER A 22 2.20 12.36 0.64
C SER A 22 3.02 11.85 1.85
N TRP A 23 2.54 10.74 2.42
CA TRP A 23 3.28 9.86 3.27
C TRP A 23 4.28 9.09 2.38
N ASN A 24 4.90 8.08 2.97
CA ASN A 24 6.14 7.45 2.58
C ASN A 24 6.24 6.22 3.48
N LEU A 25 7.20 5.32 3.23
CA LEU A 25 7.24 4.05 3.95
C LEU A 25 7.68 4.23 5.43
N ARG A 26 7.73 5.44 5.99
CA ARG A 26 7.71 5.70 7.43
C ARG A 26 6.25 5.89 7.85
N GLU A 27 5.65 6.99 7.42
CA GLU A 27 4.31 7.42 7.83
C GLU A 27 3.24 6.37 7.46
N MET A 28 3.38 5.72 6.30
CA MET A 28 2.48 4.69 5.81
C MET A 28 2.50 3.49 6.74
N LEU A 29 3.68 2.93 6.99
CA LEU A 29 4.00 1.96 8.01
C LEU A 29 3.34 2.26 9.34
N ALA A 30 3.48 3.49 9.85
CA ALA A 30 2.90 3.85 11.13
C ALA A 30 1.37 3.65 11.09
N HIS A 31 0.70 4.17 10.06
CA HIS A 31 -0.74 3.97 9.89
C HIS A 31 -1.08 2.49 9.70
N ALA A 32 -0.43 1.77 8.79
CA ALA A 32 -0.64 0.34 8.54
C ALA A 32 -0.49 -0.50 9.81
N GLU A 33 0.47 -0.24 10.69
CA GLU A 33 0.60 -0.96 11.95
C GLU A 33 -0.54 -0.59 12.89
N GLU A 34 -0.82 0.71 13.05
CA GLU A 34 -1.82 1.21 13.97
C GLU A 34 -3.19 0.59 13.65
N THR A 35 -3.52 0.52 12.35
CA THR A 35 -4.84 0.17 11.85
C THR A 35 -4.92 -1.24 11.27
N ARG A 36 -3.79 -1.94 11.14
CA ARG A 36 -3.63 -3.24 10.46
C ARG A 36 -4.09 -3.24 8.99
N LYS A 37 -4.32 -2.07 8.39
CA LYS A 37 -4.73 -1.91 7.00
C LYS A 37 -3.63 -2.43 6.08
N LEU A 38 -3.98 -3.39 5.21
CA LEU A 38 -3.09 -4.13 4.32
C LEU A 38 -2.24 -3.17 3.48
N MET A 39 -0.96 -3.51 3.30
CA MET A 39 -0.01 -2.76 2.49
C MET A 39 0.43 -3.62 1.29
N PRO A 40 -0.33 -3.62 0.17
CA PRO A 40 0.12 -4.33 -1.04
C PRO A 40 1.39 -3.73 -1.63
N ILE A 41 2.34 -4.57 -2.06
CA ILE A 41 3.64 -4.16 -2.59
C ILE A 41 4.04 -5.13 -3.71
N CYS A 42 4.62 -4.60 -4.79
CA CYS A 42 5.15 -5.43 -5.88
C CYS A 42 6.64 -5.64 -5.67
N MET A 43 7.06 -6.89 -5.48
CA MET A 43 8.47 -7.24 -5.27
C MET A 43 9.38 -6.94 -6.47
N ASP A 44 8.79 -6.66 -7.64
CA ASP A 44 9.48 -6.17 -8.83
C ASP A 44 10.21 -4.86 -8.53
N VAL A 45 9.59 -3.99 -7.71
CA VAL A 45 10.14 -2.70 -7.34
C VAL A 45 11.11 -2.92 -6.19
N ARG A 46 12.30 -3.44 -6.49
CA ARG A 46 13.27 -3.83 -5.47
C ARG A 46 13.68 -2.66 -4.58
N ALA A 47 13.57 -1.41 -5.04
CA ALA A 47 13.82 -0.23 -4.23
C ALA A 47 12.79 -0.04 -3.10
N ILE A 48 11.54 -0.47 -3.29
CA ILE A 48 10.54 -0.50 -2.23
C ILE A 48 10.89 -1.65 -1.26
N MET A 49 11.28 -2.81 -1.80
CA MET A 49 11.65 -3.97 -0.98
C MET A 49 12.87 -3.65 -0.11
N ALA A 50 13.82 -2.88 -0.64
CA ALA A 50 15.00 -2.42 0.06
C ALA A 50 14.69 -1.42 1.18
N THR A 51 13.45 -0.95 1.30
CA THR A 51 12.93 -0.35 2.51
C THR A 51 12.43 -1.47 3.44
N ILE A 52 11.44 -2.27 3.02
CA ILE A 52 10.72 -3.18 3.90
C ILE A 52 11.67 -4.20 4.52
N GLN A 53 12.30 -5.06 3.70
CA GLN A 53 13.19 -6.09 4.18
C GLN A 53 14.36 -5.50 4.99
N ARG A 54 14.77 -4.25 4.72
CA ARG A 54 15.79 -3.55 5.51
C ARG A 54 15.29 -3.13 6.88
N LYS A 55 14.05 -2.64 6.96
CA LYS A 55 13.39 -2.26 8.20
C LYS A 55 13.23 -3.49 9.08
N TYR A 56 12.48 -4.47 8.60
CA TYR A 56 12.00 -5.63 9.37
C TYR A 56 13.02 -6.75 9.29
N LYS A 57 14.30 -6.39 9.32
CA LYS A 57 15.53 -7.08 8.97
C LYS A 57 15.59 -8.60 9.09
N GLY A 58 14.87 -9.23 10.00
CA GLY A 58 14.78 -10.68 10.06
C GLY A 58 14.09 -11.26 8.80
N ILE A 59 13.14 -10.52 8.22
CA ILE A 59 12.25 -10.95 7.14
C ILE A 59 13.02 -11.24 5.84
N LYS A 60 12.45 -12.06 4.94
CA LYS A 60 13.07 -12.55 3.72
C LYS A 60 11.98 -12.65 2.65
N ILE A 61 12.16 -12.12 1.44
CA ILE A 61 11.16 -12.08 0.36
C ILE A 61 10.47 -13.44 0.19
N GLN A 62 9.15 -13.35 0.12
CA GLN A 62 8.15 -14.39 0.05
C GLN A 62 7.36 -14.16 -1.22
N GLU A 63 6.24 -14.83 -1.44
CA GLU A 63 5.22 -14.46 -2.41
C GLU A 63 3.84 -14.61 -1.76
N GLY A 64 2.80 -14.11 -2.41
CA GLY A 64 1.45 -14.11 -1.88
C GLY A 64 1.28 -13.09 -0.76
N ILE A 65 0.27 -13.31 0.07
CA ILE A 65 0.10 -12.59 1.32
C ILE A 65 1.36 -12.76 2.18
N VAL A 66 1.68 -11.73 2.94
CA VAL A 66 2.81 -11.68 3.85
C VAL A 66 2.32 -11.05 5.15
N ASP A 67 2.75 -11.60 6.29
CA ASP A 67 2.44 -11.06 7.61
C ASP A 67 3.74 -11.01 8.42
N TYR A 68 4.35 -9.82 8.50
CA TYR A 68 5.57 -9.62 9.30
C TYR A 68 5.60 -8.17 9.76
N GLY A 69 5.05 -7.88 10.95
CA GLY A 69 5.01 -6.52 11.50
C GLY A 69 3.88 -5.71 10.92
N VAL A 70 3.86 -5.56 9.61
CA VAL A 70 2.76 -5.02 8.83
C VAL A 70 2.23 -6.18 7.98
N ARG A 71 0.91 -6.16 7.72
CA ARG A 71 0.30 -7.07 6.77
C ARG A 71 0.67 -6.55 5.39
N PHE A 72 1.46 -7.31 4.63
CA PHE A 72 1.81 -7.00 3.25
C PHE A 72 1.11 -7.98 2.29
N PHE A 73 1.17 -7.69 0.99
CA PHE A 73 0.68 -8.56 -0.07
C PHE A 73 1.61 -8.41 -1.27
N PHE A 74 2.38 -9.44 -1.58
CA PHE A 74 3.31 -9.52 -2.70
C PHE A 74 2.67 -10.27 -3.87
N TYR A 75 3.11 -9.95 -5.07
CA TYR A 75 2.62 -10.49 -6.33
C TYR A 75 3.69 -10.28 -7.39
N THR A 76 3.63 -11.11 -8.42
CA THR A 76 4.46 -11.08 -9.60
C THR A 76 4.08 -9.88 -10.47
N SER A 77 5.05 -9.25 -11.16
CA SER A 77 4.76 -8.23 -12.16
C SER A 77 4.06 -8.84 -13.37
N LYS A 78 4.20 -10.15 -13.61
CA LYS A 78 3.43 -10.80 -14.67
C LYS A 78 1.94 -10.81 -14.37
N GLU A 79 1.50 -10.61 -13.13
CA GLU A 79 0.08 -10.45 -12.86
C GLU A 79 -0.33 -9.05 -13.35
N PRO A 80 -1.39 -8.91 -14.19
CA PRO A 80 -1.84 -7.59 -14.60
C PRO A 80 -2.49 -6.84 -13.45
N VAL A 81 -2.53 -5.51 -13.60
CA VAL A 81 -3.12 -4.60 -12.62
C VAL A 81 -4.63 -4.91 -12.52
N ALA A 82 -5.25 -5.33 -13.62
CA ALA A 82 -6.62 -5.82 -13.64
C ALA A 82 -6.80 -7.05 -12.73
N SER A 83 -5.82 -7.96 -12.69
CA SER A 83 -5.92 -9.18 -11.90
C SER A 83 -5.59 -8.94 -10.43
N ILE A 84 -4.58 -8.13 -10.08
CA ILE A 84 -4.27 -7.90 -8.67
C ILE A 84 -5.44 -7.20 -7.98
N ILE A 85 -6.09 -6.23 -8.63
CA ILE A 85 -7.26 -5.56 -8.08
C ILE A 85 -8.40 -6.57 -7.96
N THR A 86 -8.67 -7.35 -9.02
CA THR A 86 -9.64 -8.45 -9.05
C THR A 86 -9.62 -9.27 -7.74
N LYS A 87 -8.42 -9.62 -7.27
CA LYS A 87 -8.21 -10.42 -6.07
C LYS A 87 -8.40 -9.59 -4.81
N LEU A 88 -7.88 -8.37 -4.76
CA LEU A 88 -8.07 -7.41 -3.67
C LEU A 88 -9.56 -7.19 -3.37
N ASN A 89 -10.42 -7.18 -4.40
CA ASN A 89 -11.86 -6.99 -4.21
C ASN A 89 -12.48 -8.13 -3.41
N SER A 90 -11.89 -9.32 -3.48
CA SER A 90 -12.29 -10.51 -2.75
C SER A 90 -11.74 -10.53 -1.31
N LEU A 91 -10.84 -9.61 -0.98
CA LEU A 91 -10.40 -9.28 0.37
C LEU A 91 -11.37 -8.23 0.92
N ASN A 92 -11.76 -7.23 0.10
CA ASN A 92 -12.69 -6.16 0.47
C ASN A 92 -12.27 -5.49 1.78
N GLU A 93 -10.96 -5.27 1.91
CA GLU A 93 -10.33 -4.67 3.08
C GLU A 93 -9.73 -3.29 2.73
N PRO A 94 -9.67 -2.35 3.68
CA PRO A 94 -9.04 -1.05 3.50
C PRO A 94 -7.53 -1.21 3.33
N LEU A 95 -6.99 -0.69 2.22
CA LEU A 95 -5.57 -0.75 1.90
C LEU A 95 -4.88 0.56 2.29
N VAL A 96 -3.55 0.55 2.33
CA VAL A 96 -2.72 1.75 2.40
C VAL A 96 -1.42 1.46 1.64
N THR A 97 -1.33 2.03 0.44
CA THR A 97 -0.23 1.78 -0.49
C THR A 97 -0.13 2.95 -1.51
N MET A 98 0.32 2.65 -2.73
CA MET A 98 0.60 3.50 -3.86
C MET A 98 -0.29 3.05 -5.04
N PRO A 99 -0.30 3.73 -6.19
CA PRO A 99 -0.91 3.21 -7.39
C PRO A 99 -0.06 2.05 -7.89
N ILE A 100 -0.39 0.82 -7.48
CA ILE A 100 0.33 -0.40 -7.85
C ILE A 100 0.76 -0.41 -9.32
N GLY A 101 -0.21 -0.29 -10.22
CA GLY A 101 0.05 -0.28 -11.65
C GLY A 101 0.46 1.10 -12.10
N TYR A 102 1.66 1.54 -11.76
CA TYR A 102 2.23 2.86 -12.07
C TYR A 102 3.67 2.75 -12.52
N VAL A 103 4.43 1.88 -11.86
CA VAL A 103 5.89 1.81 -11.97
C VAL A 103 6.27 0.47 -12.56
N THR A 104 6.10 -0.60 -11.78
CA THR A 104 6.36 -1.97 -12.19
C THR A 104 5.72 -2.28 -13.55
N HIS A 105 4.41 -2.04 -13.69
CA HIS A 105 3.71 -2.36 -14.94
C HIS A 105 3.96 -1.32 -16.04
N GLY A 106 4.87 -0.36 -15.84
CA GLY A 106 5.20 0.69 -16.78
C GLY A 106 3.98 1.50 -17.17
N PHE A 107 3.09 1.78 -16.22
CA PHE A 107 1.94 2.63 -16.50
C PHE A 107 2.39 4.09 -16.39
N ASN A 108 1.43 5.01 -16.50
CA ASN A 108 1.60 6.43 -16.23
C ASN A 108 0.63 6.75 -15.09
N LEU A 109 0.76 7.90 -14.43
CA LEU A 109 -0.16 8.29 -13.35
C LEU A 109 -1.59 8.16 -13.85
N GLU A 110 -1.89 8.79 -14.98
CA GLU A 110 -3.21 8.85 -15.58
C GLU A 110 -3.88 7.48 -15.63
N GLU A 111 -3.12 6.49 -16.09
CA GLU A 111 -3.52 5.13 -16.38
C GLU A 111 -3.57 4.29 -15.11
N ALA A 112 -2.65 4.56 -14.20
CA ALA A 112 -2.54 3.94 -12.90
C ALA A 112 -3.77 4.29 -12.07
N ALA A 113 -4.09 5.58 -11.98
CA ALA A 113 -5.26 6.09 -11.30
C ALA A 113 -6.54 5.50 -11.90
N ARG A 114 -6.69 5.49 -13.24
CA ARG A 114 -7.82 4.84 -13.90
C ARG A 114 -7.96 3.40 -13.45
N CYS A 115 -6.87 2.64 -13.51
CA CYS A 115 -6.90 1.24 -13.13
C CYS A 115 -7.24 1.10 -11.65
N MET A 116 -6.69 1.96 -10.78
CA MET A 116 -6.94 1.96 -9.35
C MET A 116 -8.42 2.15 -9.06
N ARG A 117 -9.13 3.07 -9.73
CA ARG A 117 -10.60 3.19 -9.63
C ARG A 117 -11.38 1.88 -9.91
N SER A 118 -10.77 0.84 -10.48
CA SER A 118 -11.38 -0.48 -10.57
C SER A 118 -11.61 -1.10 -9.18
N LEU A 119 -10.83 -0.70 -8.18
CA LEU A 119 -10.80 -1.31 -6.85
C LEU A 119 -12.11 -1.04 -6.12
N LYS A 120 -12.67 -2.10 -5.56
CA LYS A 120 -13.99 -2.12 -4.93
C LYS A 120 -13.88 -2.05 -3.41
N ALA A 121 -12.70 -1.72 -2.89
CA ALA A 121 -12.36 -1.60 -1.49
C ALA A 121 -11.72 -0.21 -1.23
N PRO A 122 -11.63 0.24 0.04
CA PRO A 122 -10.93 1.48 0.38
C PRO A 122 -9.43 1.36 0.13
N ALA A 123 -8.77 2.50 -0.08
CA ALA A 123 -7.34 2.57 -0.28
C ALA A 123 -6.86 3.97 0.06
N VAL A 124 -6.00 4.10 1.07
CA VAL A 124 -5.10 5.25 1.11
C VAL A 124 -4.11 5.05 -0.02
N VAL A 125 -3.85 6.12 -0.77
CA VAL A 125 -2.80 6.19 -1.78
C VAL A 125 -1.80 7.23 -1.29
N SER A 126 -0.52 7.08 -1.58
CA SER A 126 0.49 7.96 -1.02
C SER A 126 1.64 8.17 -2.00
N VAL A 127 1.51 9.17 -2.86
CA VAL A 127 2.51 9.49 -3.89
C VAL A 127 3.77 10.05 -3.23
N SER A 128 4.91 9.95 -3.92
CA SER A 128 6.15 10.46 -3.38
C SER A 128 6.22 11.99 -3.40
N SER A 129 5.42 12.63 -4.26
CA SER A 129 5.55 14.05 -4.54
C SER A 129 4.23 14.76 -4.24
N PRO A 130 4.27 15.98 -3.68
CA PRO A 130 3.07 16.68 -3.27
C PRO A 130 2.26 17.16 -4.49
N ASP A 131 2.89 17.56 -5.60
CA ASP A 131 2.20 18.02 -6.84
C ASP A 131 1.29 16.95 -7.42
N ALA A 132 1.62 15.70 -7.10
CA ALA A 132 0.99 14.48 -7.55
C ALA A 132 -0.20 14.15 -6.66
N VAL A 133 -0.24 14.60 -5.40
CA VAL A 133 -1.43 14.54 -4.54
C VAL A 133 -2.54 15.41 -5.13
N THR A 134 -2.20 16.33 -6.03
CA THR A 134 -3.14 17.19 -6.72
C THR A 134 -3.53 16.55 -8.06
N THR A 135 -2.57 16.10 -8.88
CA THR A 135 -2.91 15.50 -10.18
C THR A 135 -3.77 14.25 -9.98
N TYR A 136 -3.32 13.37 -9.08
CA TYR A 136 -3.90 12.07 -8.88
C TYR A 136 -5.38 12.19 -8.51
N ASN A 137 -5.69 13.08 -7.57
CA ASN A 137 -7.04 13.46 -7.12
C ASN A 137 -7.86 13.96 -8.28
N GLY A 138 -7.22 14.75 -9.15
CA GLY A 138 -7.76 15.21 -10.41
C GLY A 138 -8.30 14.03 -11.22
N TYR A 139 -7.47 13.02 -11.48
CA TYR A 139 -7.88 11.88 -12.31
C TYR A 139 -9.04 11.11 -11.68
N LEU A 140 -9.15 11.12 -10.35
CA LEU A 140 -10.22 10.46 -9.60
C LEU A 140 -11.51 11.29 -9.59
N THR A 141 -11.43 12.55 -9.98
CA THR A 141 -12.58 13.42 -10.20
C THR A 141 -13.03 13.30 -11.67
N SER A 142 -12.08 13.15 -12.59
CA SER A 142 -12.31 13.17 -14.02
C SER A 142 -12.76 11.82 -14.61
N SER A 143 -12.58 10.73 -13.86
CA SER A 143 -12.97 9.39 -14.23
C SER A 143 -13.97 8.85 -13.21
N GLY A 1 18.46 17.67 24.84
CA GLY A 1 18.69 17.70 26.29
C GLY A 1 17.97 16.53 26.93
N SER A 2 18.63 15.83 27.85
CA SER A 2 18.11 14.66 28.54
C SER A 2 16.71 14.92 29.13
N HIS A 3 15.68 14.28 28.58
CA HIS A 3 14.30 14.32 29.09
C HIS A 3 13.68 12.96 28.80
N MET A 4 12.70 12.55 29.62
CA MET A 4 12.16 11.19 29.62
C MET A 4 10.63 11.25 29.72
N VAL A 5 10.00 12.24 29.08
CA VAL A 5 8.56 12.47 29.13
C VAL A 5 8.15 13.15 27.82
N LEU A 6 7.01 12.76 27.26
CA LEU A 6 6.54 13.17 25.93
C LEU A 6 5.45 14.24 26.09
N PRO A 7 5.11 14.99 25.04
CA PRO A 7 3.93 15.83 25.01
C PRO A 7 2.67 14.97 24.79
N SER A 8 2.43 13.97 25.65
CA SER A 8 1.40 12.94 25.54
C SER A 8 1.62 11.99 24.35
N GLU A 9 1.59 12.53 23.12
CA GLU A 9 1.80 11.85 21.84
C GLU A 9 0.72 10.79 21.56
N ALA A 10 -0.34 11.20 20.84
CA ALA A 10 -1.43 10.31 20.44
C ALA A 10 -1.88 10.60 18.99
N PRO A 11 -1.50 9.76 18.00
CA PRO A 11 -2.11 9.80 16.68
C PRO A 11 -3.55 9.24 16.64
N ASN A 12 -4.09 8.83 17.79
CA ASN A 12 -5.47 8.41 18.05
C ASN A 12 -6.01 7.47 16.99
N ALA A 13 -5.61 6.19 17.08
CA ALA A 13 -5.99 5.14 16.14
C ALA A 13 -7.43 4.64 16.31
N LYS A 14 -8.34 5.52 16.68
CA LYS A 14 -9.75 5.26 16.81
C LYS A 14 -10.35 5.42 15.42
N GLU A 15 -10.51 6.65 14.96
CA GLU A 15 -10.98 6.93 13.63
C GLU A 15 -9.87 6.55 12.65
N GLU A 16 -10.19 6.41 11.38
CA GLU A 16 -9.23 6.14 10.33
C GLU A 16 -9.39 7.14 9.20
N ILE A 17 -8.33 7.28 8.42
CA ILE A 17 -8.19 8.25 7.36
C ILE A 17 -8.36 7.49 6.06
N LEU A 18 -8.70 8.24 5.02
CA LEU A 18 -8.89 7.79 3.65
C LEU A 18 -8.38 8.86 2.71
N GLY A 19 -8.61 8.66 1.42
CA GLY A 19 -8.25 9.59 0.39
C GLY A 19 -6.78 9.47 0.01
N THR A 20 -6.41 10.27 -0.98
CA THR A 20 -5.06 10.39 -1.48
C THR A 20 -4.29 11.32 -0.54
N VAL A 21 -3.08 10.92 -0.18
CA VAL A 21 -2.16 11.61 0.72
C VAL A 21 -0.81 11.77 -0.02
N SER A 22 0.23 12.31 0.60
CA SER A 22 1.58 12.30 0.06
C SER A 22 2.53 11.71 1.09
N TRP A 23 2.08 10.63 1.74
CA TRP A 23 2.89 9.84 2.65
C TRP A 23 4.00 9.16 1.85
N ASN A 24 4.86 8.47 2.57
CA ASN A 24 5.97 7.73 2.01
C ASN A 24 6.09 6.46 2.83
N LEU A 25 6.87 5.49 2.35
CA LEU A 25 6.99 4.14 2.90
C LEU A 25 7.05 4.12 4.43
N ARG A 26 7.79 5.05 5.05
CA ARG A 26 7.87 5.21 6.50
C ARG A 26 6.52 5.46 7.17
N GLU A 27 5.77 6.47 6.72
CA GLU A 27 4.47 6.81 7.32
C GLU A 27 3.45 5.72 6.99
N MET A 28 3.61 5.09 5.82
CA MET A 28 2.73 4.07 5.30
C MET A 28 2.80 2.81 6.17
N LEU A 29 4.00 2.24 6.41
CA LEU A 29 4.32 1.32 7.47
C LEU A 29 3.61 1.67 8.78
N ALA A 30 3.85 2.89 9.27
CA ALA A 30 3.31 3.33 10.56
C ALA A 30 1.79 3.20 10.58
N HIS A 31 1.10 3.81 9.62
CA HIS A 31 -0.35 3.78 9.57
C HIS A 31 -0.88 2.36 9.39
N ALA A 32 -0.24 1.55 8.53
CA ALA A 32 -0.57 0.15 8.33
C ALA A 32 -0.50 -0.62 9.65
N GLU A 33 0.53 -0.46 10.49
CA GLU A 33 0.58 -1.05 11.83
C GLU A 33 -0.58 -0.53 12.68
N GLU A 34 -0.76 0.79 12.70
CA GLU A 34 -1.66 1.49 13.60
C GLU A 34 -3.12 1.05 13.40
N THR A 35 -3.47 0.65 12.18
CA THR A 35 -4.83 0.29 11.80
C THR A 35 -4.93 -1.16 11.30
N ARG A 36 -3.83 -1.92 11.38
CA ARG A 36 -3.64 -3.28 10.85
C ARG A 36 -4.03 -3.41 9.36
N LYS A 37 -4.17 -2.30 8.64
CA LYS A 37 -4.60 -2.27 7.24
C LYS A 37 -3.54 -2.96 6.38
N LEU A 38 -3.99 -3.59 5.31
CA LEU A 38 -3.12 -4.37 4.44
C LEU A 38 -2.30 -3.44 3.55
N MET A 39 -1.07 -3.83 3.25
CA MET A 39 -0.14 -3.07 2.43
C MET A 39 0.29 -3.89 1.21
N PRO A 40 -0.47 -3.86 0.10
CA PRO A 40 -0.05 -4.41 -1.19
C PRO A 40 1.31 -3.85 -1.62
N ILE A 41 2.31 -4.72 -1.86
CA ILE A 41 3.62 -4.36 -2.39
C ILE A 41 3.87 -5.23 -3.61
N CYS A 42 4.19 -4.56 -4.71
CA CYS A 42 4.61 -5.19 -5.95
C CYS A 42 6.04 -5.67 -5.74
N MET A 43 6.28 -6.99 -5.69
CA MET A 43 7.60 -7.50 -5.30
C MET A 43 8.74 -7.12 -6.28
N ASP A 44 8.41 -6.60 -7.46
CA ASP A 44 9.39 -6.11 -8.43
C ASP A 44 10.17 -4.91 -7.92
N VAL A 45 9.54 -3.97 -7.20
CA VAL A 45 10.22 -2.74 -6.80
C VAL A 45 11.20 -3.06 -5.70
N ARG A 46 12.40 -3.53 -6.09
CA ARG A 46 13.48 -3.87 -5.19
C ARG A 46 13.83 -2.66 -4.33
N ALA A 47 13.65 -1.45 -4.84
CA ALA A 47 13.83 -0.23 -4.07
C ALA A 47 12.89 -0.17 -2.86
N ILE A 48 11.61 -0.51 -3.03
CA ILE A 48 10.68 -0.58 -1.90
C ILE A 48 11.04 -1.79 -1.04
N MET A 49 11.29 -2.94 -1.67
CA MET A 49 11.40 -4.22 -1.01
C MET A 49 12.63 -4.28 -0.11
N ALA A 50 13.77 -3.83 -0.61
CA ALA A 50 15.03 -3.85 0.10
C ALA A 50 15.02 -2.87 1.29
N THR A 51 14.10 -1.91 1.34
CA THR A 51 13.85 -1.12 2.53
C THR A 51 13.01 -1.94 3.51
N ILE A 52 11.88 -2.53 3.10
CA ILE A 52 11.03 -3.34 3.98
C ILE A 52 11.88 -4.45 4.63
N GLN A 53 12.60 -5.26 3.85
CA GLN A 53 13.38 -6.35 4.42
C GLN A 53 14.49 -5.84 5.37
N ARG A 54 14.97 -4.60 5.19
CA ARG A 54 15.95 -3.99 6.09
C ARG A 54 15.29 -3.44 7.35
N LYS A 55 14.03 -3.00 7.25
CA LYS A 55 13.22 -2.46 8.34
C LYS A 55 12.86 -3.58 9.31
N TYR A 56 12.38 -4.69 8.78
CA TYR A 56 11.80 -5.79 9.54
C TYR A 56 12.75 -6.97 9.37
N LYS A 57 13.93 -6.87 10.00
CA LYS A 57 15.09 -7.58 9.52
C LYS A 57 14.98 -9.09 9.70
N GLY A 58 15.82 -9.84 8.98
CA GLY A 58 15.86 -11.29 9.06
C GLY A 58 14.75 -11.96 8.25
N ILE A 59 13.98 -11.21 7.47
CA ILE A 59 12.94 -11.69 6.56
C ILE A 59 13.58 -12.01 5.20
N LYS A 60 13.14 -13.07 4.53
CA LYS A 60 13.33 -13.36 3.11
C LYS A 60 12.00 -13.13 2.41
N ILE A 61 11.95 -12.41 1.27
CA ILE A 61 10.77 -12.25 0.40
C ILE A 61 9.98 -13.55 0.28
N GLN A 62 8.66 -13.37 0.26
CA GLN A 62 7.62 -14.37 0.29
C GLN A 62 6.64 -14.01 -0.84
N GLU A 63 5.58 -14.79 -1.04
CA GLU A 63 4.52 -14.48 -1.98
C GLU A 63 3.18 -14.68 -1.27
N GLY A 64 2.13 -14.04 -1.78
CA GLY A 64 0.83 -13.98 -1.12
C GLY A 64 0.83 -12.91 -0.03
N ILE A 65 -0.18 -12.97 0.84
CA ILE A 65 -0.22 -12.19 2.06
C ILE A 65 1.07 -12.45 2.85
N VAL A 66 1.52 -11.42 3.56
CA VAL A 66 2.64 -11.47 4.46
C VAL A 66 2.18 -10.84 5.79
N ASP A 67 2.73 -11.35 6.87
CA ASP A 67 2.62 -10.84 8.23
C ASP A 67 4.06 -10.77 8.73
N TYR A 68 4.72 -9.63 8.52
CA TYR A 68 6.10 -9.47 8.97
C TYR A 68 6.31 -8.02 9.41
N GLY A 69 5.92 -7.71 10.65
CA GLY A 69 6.06 -6.38 11.24
C GLY A 69 4.98 -5.41 10.79
N VAL A 70 4.62 -5.45 9.51
CA VAL A 70 3.43 -4.85 8.93
C VAL A 70 2.75 -5.95 8.11
N ARG A 71 1.45 -5.82 7.91
CA ARG A 71 0.65 -6.77 7.16
C ARG A 71 0.75 -6.40 5.69
N PHE A 72 1.53 -7.14 4.91
CA PHE A 72 1.75 -6.85 3.50
C PHE A 72 1.04 -7.86 2.61
N PHE A 73 1.05 -7.63 1.30
CA PHE A 73 0.56 -8.56 0.29
C PHE A 73 1.49 -8.48 -0.91
N PHE A 74 2.32 -9.51 -1.10
CA PHE A 74 3.41 -9.59 -2.07
C PHE A 74 2.92 -10.42 -3.26
N TYR A 75 2.59 -9.75 -4.36
CA TYR A 75 2.06 -10.38 -5.56
C TYR A 75 3.09 -10.36 -6.69
N THR A 76 3.01 -11.35 -7.58
CA THR A 76 3.88 -11.50 -8.74
C THR A 76 3.76 -10.30 -9.66
N SER A 77 4.81 -9.47 -9.75
CA SER A 77 4.77 -8.31 -10.62
C SER A 77 4.53 -8.68 -12.08
N LYS A 78 4.84 -9.89 -12.51
CA LYS A 78 4.55 -10.31 -13.87
C LYS A 78 3.06 -10.23 -14.17
N GLU A 79 2.18 -10.43 -13.18
CA GLU A 79 0.77 -10.44 -13.47
C GLU A 79 0.21 -9.02 -13.68
N PRO A 80 -0.92 -8.87 -14.40
CA PRO A 80 -1.49 -7.57 -14.75
C PRO A 80 -2.13 -6.86 -13.57
N VAL A 81 -2.30 -5.55 -13.72
CA VAL A 81 -2.86 -4.67 -12.70
C VAL A 81 -4.32 -5.08 -12.46
N ALA A 82 -5.06 -5.38 -13.54
CA ALA A 82 -6.46 -5.80 -13.41
C ALA A 82 -6.57 -7.11 -12.61
N SER A 83 -5.61 -8.02 -12.78
CA SER A 83 -5.58 -9.32 -12.12
C SER A 83 -5.41 -9.16 -10.61
N ILE A 84 -4.45 -8.36 -10.15
CA ILE A 84 -4.27 -8.19 -8.72
C ILE A 84 -5.44 -7.40 -8.12
N ILE A 85 -6.01 -6.46 -8.89
CA ILE A 85 -7.19 -5.71 -8.48
C ILE A 85 -8.31 -6.71 -8.19
N THR A 86 -8.65 -7.59 -9.14
CA THR A 86 -9.69 -8.59 -8.98
C THR A 86 -9.44 -9.55 -7.80
N LYS A 87 -8.20 -9.64 -7.36
CA LYS A 87 -7.73 -10.44 -6.23
C LYS A 87 -8.12 -9.70 -4.96
N LEU A 88 -7.67 -8.45 -4.83
CA LEU A 88 -7.97 -7.57 -3.70
C LEU A 88 -9.47 -7.38 -3.51
N ASN A 89 -10.24 -7.18 -4.58
CA ASN A 89 -11.67 -6.92 -4.45
C ASN A 89 -12.42 -8.10 -3.83
N SER A 90 -11.88 -9.30 -4.00
CA SER A 90 -12.39 -10.53 -3.43
C SER A 90 -12.03 -10.66 -1.92
N LEU A 91 -11.14 -9.81 -1.41
CA LEU A 91 -10.68 -9.74 -0.01
C LEU A 91 -11.44 -8.66 0.75
N ASN A 92 -11.69 -7.50 0.11
CA ASN A 92 -12.51 -6.39 0.63
C ASN A 92 -11.89 -5.68 1.84
N GLU A 93 -10.59 -5.84 2.05
CA GLU A 93 -9.93 -5.31 3.23
C GLU A 93 -9.42 -3.89 2.94
N PRO A 94 -9.43 -2.97 3.92
CA PRO A 94 -8.93 -1.61 3.77
C PRO A 94 -7.43 -1.63 3.51
N LEU A 95 -7.01 -0.84 2.51
CA LEU A 95 -5.64 -0.84 2.04
C LEU A 95 -4.97 0.48 2.34
N VAL A 96 -3.64 0.46 2.37
CA VAL A 96 -2.79 1.63 2.30
C VAL A 96 -1.64 1.22 1.39
N THR A 97 -1.54 1.84 0.22
CA THR A 97 -0.50 1.51 -0.75
C THR A 97 -0.21 2.70 -1.68
N MET A 98 0.81 2.52 -2.51
CA MET A 98 1.11 3.40 -3.64
C MET A 98 0.24 2.94 -4.81
N PRO A 99 0.11 3.70 -5.92
CA PRO A 99 -0.90 3.43 -6.94
C PRO A 99 -0.53 2.20 -7.80
N ILE A 100 -0.59 0.98 -7.23
CA ILE A 100 -0.40 -0.35 -7.80
C ILE A 100 0.46 -0.34 -9.07
N GLY A 101 -0.17 -0.20 -10.23
CA GLY A 101 0.47 -0.08 -11.52
C GLY A 101 0.58 1.40 -11.80
N TYR A 102 1.68 2.01 -11.39
CA TYR A 102 2.09 3.37 -11.71
C TYR A 102 3.54 3.43 -12.18
N VAL A 103 4.44 2.61 -11.65
CA VAL A 103 5.88 2.66 -11.91
C VAL A 103 6.37 1.24 -12.18
N THR A 104 6.26 0.34 -11.21
CA THR A 104 6.62 -1.08 -11.26
C THR A 104 5.99 -1.93 -12.40
N HIS A 105 5.11 -1.36 -13.24
CA HIS A 105 4.53 -2.00 -14.43
C HIS A 105 4.47 -0.97 -15.59
N GLY A 106 5.18 0.16 -15.49
CA GLY A 106 5.35 1.13 -16.55
C GLY A 106 4.17 2.04 -16.87
N PHE A 107 3.17 2.18 -15.99
CA PHE A 107 2.02 3.06 -16.26
C PHE A 107 2.38 4.55 -16.10
N ASN A 108 1.36 5.40 -16.19
CA ASN A 108 1.37 6.83 -15.87
C ASN A 108 0.47 7.04 -14.67
N LEU A 109 0.46 8.26 -14.11
CA LEU A 109 -0.49 8.60 -13.06
C LEU A 109 -1.89 8.35 -13.60
N GLU A 110 -2.18 8.86 -14.81
CA GLU A 110 -3.48 8.75 -15.48
C GLU A 110 -4.00 7.31 -15.42
N GLU A 111 -3.23 6.36 -15.98
CA GLU A 111 -3.60 4.95 -16.06
C GLU A 111 -3.72 4.33 -14.67
N ALA A 112 -2.82 4.70 -13.76
CA ALA A 112 -2.79 4.16 -12.42
C ALA A 112 -4.06 4.56 -11.67
N ALA A 113 -4.39 5.86 -11.64
CA ALA A 113 -5.60 6.39 -11.02
C ALA A 113 -6.86 5.75 -11.62
N ARG A 114 -6.96 5.64 -12.94
CA ARG A 114 -7.98 4.97 -13.68
C ARG A 114 -8.10 3.49 -13.25
N CYS A 115 -6.99 2.77 -13.10
CA CYS A 115 -7.01 1.41 -12.59
C CYS A 115 -7.48 1.39 -11.14
N MET A 116 -7.04 2.34 -10.31
CA MET A 116 -7.39 2.46 -8.90
C MET A 116 -8.89 2.70 -8.72
N ARG A 117 -9.51 3.57 -9.53
CA ARG A 117 -10.97 3.70 -9.62
C ARG A 117 -11.69 2.37 -9.86
N SER A 118 -11.03 1.34 -10.39
CA SER A 118 -11.64 0.05 -10.67
C SER A 118 -11.38 -0.95 -9.53
N LEU A 119 -10.67 -0.54 -8.48
CA LEU A 119 -10.62 -1.27 -7.23
C LEU A 119 -11.89 -0.97 -6.41
N LYS A 120 -12.27 -1.92 -5.56
CA LYS A 120 -13.59 -2.08 -4.97
C LYS A 120 -13.45 -2.17 -3.44
N ALA A 121 -12.23 -2.02 -2.90
CA ALA A 121 -11.96 -1.82 -1.48
C ALA A 121 -11.33 -0.42 -1.30
N PRO A 122 -11.39 0.19 -0.10
CA PRO A 122 -10.73 1.45 0.16
C PRO A 122 -9.22 1.33 0.08
N ALA A 123 -8.59 2.36 -0.45
CA ALA A 123 -7.16 2.48 -0.58
C ALA A 123 -6.81 3.92 -0.28
N VAL A 124 -6.09 4.15 0.81
CA VAL A 124 -5.24 5.32 0.96
C VAL A 124 -4.15 5.22 -0.12
N VAL A 125 -3.79 6.36 -0.73
CA VAL A 125 -2.99 6.42 -1.96
C VAL A 125 -1.88 7.46 -1.82
N SER A 126 -0.68 7.16 -2.37
CA SER A 126 0.55 7.83 -1.98
C SER A 126 1.59 7.98 -3.11
N VAL A 127 1.67 9.17 -3.71
CA VAL A 127 2.79 9.64 -4.54
C VAL A 127 3.97 10.10 -3.67
N SER A 128 5.07 10.48 -4.34
CA SER A 128 6.31 11.00 -3.76
C SER A 128 6.46 12.53 -3.92
N SER A 129 5.38 13.25 -4.22
CA SER A 129 5.41 14.72 -4.27
C SER A 129 4.02 15.25 -3.93
N PRO A 130 3.90 16.47 -3.36
CA PRO A 130 2.62 17.08 -3.06
C PRO A 130 1.88 17.37 -4.37
N ASP A 131 2.59 17.91 -5.35
CA ASP A 131 2.04 18.48 -6.58
C ASP A 131 1.38 17.47 -7.52
N ALA A 132 1.58 16.20 -7.23
CA ALA A 132 1.00 15.06 -7.93
C ALA A 132 -0.27 14.53 -7.27
N VAL A 133 -0.50 14.83 -5.99
CA VAL A 133 -1.79 14.56 -5.34
C VAL A 133 -2.88 15.35 -6.06
N THR A 134 -2.56 16.55 -6.52
CA THR A 134 -3.46 17.41 -7.25
C THR A 134 -3.81 16.76 -8.59
N THR A 135 -2.79 16.32 -9.33
CA THR A 135 -3.02 15.69 -10.62
C THR A 135 -3.95 14.50 -10.45
N TYR A 136 -3.66 13.72 -9.41
CA TYR A 136 -4.36 12.50 -9.07
C TYR A 136 -5.85 12.77 -8.82
N ASN A 137 -6.16 13.73 -7.96
CA ASN A 137 -7.55 14.12 -7.70
C ASN A 137 -8.23 14.60 -8.97
N GLY A 138 -7.48 15.25 -9.85
CA GLY A 138 -7.91 15.70 -11.16
C GLY A 138 -8.47 14.53 -11.96
N TYR A 139 -7.71 13.45 -12.11
CA TYR A 139 -8.16 12.25 -12.81
C TYR A 139 -9.41 11.67 -12.12
N LEU A 140 -9.40 11.63 -10.78
CA LEU A 140 -10.53 11.07 -10.04
C LEU A 140 -11.80 11.90 -10.23
N THR A 141 -11.68 13.23 -10.27
CA THR A 141 -12.81 14.14 -10.45
C THR A 141 -13.25 14.22 -11.92
N SER A 142 -12.36 13.89 -12.86
CA SER A 142 -12.61 13.93 -14.30
C SER A 142 -13.67 12.90 -14.66
N SER A 143 -13.33 11.62 -14.49
CA SER A 143 -14.00 10.51 -15.13
C SER A 143 -15.18 10.01 -14.29
N GLY A 1 23.17 -10.03 7.34
CA GLY A 1 22.48 -9.14 8.27
C GLY A 1 23.29 -7.87 8.43
N SER A 2 22.70 -6.72 8.09
CA SER A 2 23.29 -5.38 8.16
C SER A 2 22.21 -4.38 8.61
N HIS A 3 22.60 -3.14 8.91
CA HIS A 3 21.77 -2.09 9.51
C HIS A 3 21.10 -2.59 10.79
N MET A 4 21.79 -2.35 11.91
CA MET A 4 21.37 -2.63 13.28
C MET A 4 19.94 -2.13 13.52
N VAL A 5 19.73 -0.81 13.40
CA VAL A 5 18.48 -0.08 13.58
C VAL A 5 17.73 -0.52 14.85
N LEU A 6 16.45 -0.16 14.95
CA LEU A 6 15.53 -0.46 16.02
C LEU A 6 14.17 -0.75 15.40
N PRO A 7 13.24 -1.44 16.08
CA PRO A 7 12.04 -2.01 15.45
C PRO A 7 10.92 -0.99 15.20
N SER A 8 11.21 0.32 15.27
CA SER A 8 10.21 1.38 15.48
C SER A 8 9.57 1.19 16.86
N GLU A 9 8.44 1.86 17.06
CA GLU A 9 7.43 1.87 18.12
C GLU A 9 6.69 3.22 17.96
N ALA A 10 5.54 3.39 18.63
CA ALA A 10 4.74 4.60 18.87
C ALA A 10 3.29 4.16 19.10
N PRO A 11 2.76 4.16 20.33
CA PRO A 11 1.34 3.88 20.58
C PRO A 11 0.47 5.12 20.30
N ASN A 12 -0.32 5.14 19.22
CA ASN A 12 -1.39 6.13 19.04
C ASN A 12 -2.56 5.58 18.23
N ALA A 13 -3.31 4.64 18.82
CA ALA A 13 -4.57 4.12 18.31
C ALA A 13 -5.60 5.25 18.25
N LYS A 14 -5.70 5.89 17.08
CA LYS A 14 -6.56 7.02 16.78
C LYS A 14 -7.17 6.80 15.40
N GLU A 15 -8.20 7.58 15.06
CA GLU A 15 -9.05 7.30 13.94
C GLU A 15 -8.30 7.31 12.61
N GLU A 16 -8.86 6.64 11.62
CA GLU A 16 -8.24 6.41 10.35
C GLU A 16 -8.61 7.53 9.40
N ILE A 17 -7.76 7.69 8.40
CA ILE A 17 -7.90 8.66 7.35
C ILE A 17 -7.99 7.82 6.07
N LEU A 18 -8.58 8.39 5.05
CA LEU A 18 -8.75 7.80 3.73
C LEU A 18 -8.42 8.84 2.66
N GLY A 19 -8.43 8.38 1.41
CA GLY A 19 -8.12 9.19 0.24
C GLY A 19 -6.63 9.26 -0.06
N THR A 20 -6.28 9.99 -1.11
CA THR A 20 -4.91 10.25 -1.49
C THR A 20 -4.31 11.31 -0.56
N VAL A 21 -3.02 11.18 -0.32
CA VAL A 21 -2.17 11.96 0.57
C VAL A 21 -0.73 11.94 -0.01
N SER A 22 0.19 12.71 0.58
CA SER A 22 1.61 12.64 0.28
C SER A 22 2.26 12.20 1.59
N TRP A 23 2.19 10.90 1.85
CA TRP A 23 2.93 10.24 2.88
C TRP A 23 4.17 9.72 2.16
N ASN A 24 4.70 8.61 2.66
CA ASN A 24 6.03 8.10 2.40
C ASN A 24 6.05 6.77 3.13
N LEU A 25 7.00 5.90 2.78
CA LEU A 25 7.00 4.53 3.31
C LEU A 25 6.90 4.51 4.83
N ARG A 26 7.55 5.45 5.51
CA ARG A 26 7.52 5.52 6.98
C ARG A 26 6.13 5.81 7.53
N GLU A 27 5.51 6.92 7.14
CA GLU A 27 4.17 7.29 7.57
C GLU A 27 3.17 6.17 7.21
N MET A 28 3.39 5.53 6.06
CA MET A 28 2.59 4.44 5.55
C MET A 28 2.70 3.19 6.42
N LEU A 29 3.91 2.64 6.64
CA LEU A 29 4.22 1.64 7.63
C LEU A 29 3.59 1.94 8.98
N ALA A 30 3.77 3.14 9.51
CA ALA A 30 3.22 3.53 10.80
C ALA A 30 1.70 3.36 10.77
N HIS A 31 1.04 3.90 9.75
CA HIS A 31 -0.41 3.83 9.65
C HIS A 31 -0.91 2.40 9.47
N ALA A 32 -0.29 1.62 8.59
CA ALA A 32 -0.58 0.20 8.34
C ALA A 32 -0.41 -0.63 9.62
N GLU A 33 0.57 -0.33 10.45
CA GLU A 33 0.72 -0.90 11.78
C GLU A 33 -0.49 -0.48 12.61
N GLU A 34 -0.67 0.83 12.80
CA GLU A 34 -1.60 1.40 13.78
C GLU A 34 -3.03 0.91 13.55
N THR A 35 -3.39 0.67 12.28
CA THR A 35 -4.74 0.36 11.84
C THR A 35 -4.88 -1.07 11.31
N ARG A 36 -3.80 -1.87 11.27
CA ARG A 36 -3.70 -3.17 10.59
C ARG A 36 -4.03 -3.17 9.10
N LYS A 37 -4.35 -2.01 8.48
CA LYS A 37 -4.79 -1.92 7.09
C LYS A 37 -3.70 -2.51 6.18
N LEU A 38 -4.12 -3.42 5.30
CA LEU A 38 -3.25 -4.24 4.47
C LEU A 38 -2.41 -3.33 3.58
N MET A 39 -1.15 -3.69 3.38
CA MET A 39 -0.20 -2.90 2.59
C MET A 39 0.29 -3.73 1.40
N PRO A 40 -0.43 -3.77 0.26
CA PRO A 40 0.00 -4.52 -0.90
C PRO A 40 1.20 -3.86 -1.58
N ILE A 41 2.26 -4.63 -1.84
CA ILE A 41 3.56 -4.21 -2.38
C ILE A 41 3.90 -5.17 -3.51
N CYS A 42 4.50 -4.67 -4.60
CA CYS A 42 4.94 -5.51 -5.70
C CYS A 42 6.42 -5.85 -5.54
N MET A 43 6.81 -7.09 -5.85
CA MET A 43 8.16 -7.58 -5.57
C MET A 43 9.17 -7.27 -6.69
N ASP A 44 8.72 -6.64 -7.77
CA ASP A 44 9.58 -6.32 -8.92
C ASP A 44 10.24 -4.96 -8.75
N VAL A 45 9.57 -4.03 -8.07
CA VAL A 45 10.17 -2.83 -7.54
C VAL A 45 11.07 -3.21 -6.36
N ARG A 46 12.25 -3.74 -6.68
CA ARG A 46 13.32 -4.03 -5.73
C ARG A 46 13.64 -2.78 -4.89
N ALA A 47 13.43 -1.58 -5.43
CA ALA A 47 13.55 -0.33 -4.69
C ALA A 47 12.56 -0.21 -3.53
N ILE A 48 11.29 -0.56 -3.72
CA ILE A 48 10.30 -0.47 -2.62
C ILE A 48 10.57 -1.63 -1.65
N MET A 49 10.94 -2.80 -2.16
CA MET A 49 11.27 -3.95 -1.33
C MET A 49 12.42 -3.63 -0.37
N ALA A 50 13.38 -2.81 -0.81
CA ALA A 50 14.55 -2.41 -0.03
C ALA A 50 14.16 -1.80 1.30
N THR A 51 13.18 -0.88 1.33
CA THR A 51 12.84 -0.21 2.57
C THR A 51 12.18 -1.20 3.53
N ILE A 52 11.32 -2.08 3.01
CA ILE A 52 10.62 -3.07 3.82
C ILE A 52 11.62 -4.06 4.41
N GLN A 53 12.35 -4.83 3.59
CA GLN A 53 13.25 -5.85 4.14
C GLN A 53 14.35 -5.20 4.99
N ARG A 54 14.74 -3.93 4.77
CA ARG A 54 15.64 -3.23 5.67
C ARG A 54 14.96 -3.00 7.00
N LYS A 55 13.72 -2.48 7.00
CA LYS A 55 13.07 -2.12 8.25
C LYS A 55 12.89 -3.36 9.10
N TYR A 56 12.31 -4.40 8.51
CA TYR A 56 11.88 -5.58 9.19
C TYR A 56 12.89 -6.70 8.90
N LYS A 57 14.17 -6.48 9.20
CA LYS A 57 15.23 -7.43 8.90
C LYS A 57 14.94 -8.80 9.52
N GLY A 58 15.53 -9.84 8.93
CA GLY A 58 15.21 -11.21 9.26
C GLY A 58 14.08 -11.77 8.39
N ILE A 59 13.51 -10.97 7.49
CA ILE A 59 12.56 -11.39 6.45
C ILE A 59 13.33 -11.81 5.17
N LYS A 60 12.79 -12.73 4.37
CA LYS A 60 13.32 -13.17 3.06
C LYS A 60 12.13 -13.34 2.10
N ILE A 61 12.11 -12.59 0.99
CA ILE A 61 10.96 -12.47 0.06
C ILE A 61 10.25 -13.80 -0.24
N GLN A 62 8.93 -13.69 -0.21
CA GLN A 62 7.87 -14.69 -0.25
C GLN A 62 6.73 -14.13 -1.12
N GLU A 63 5.57 -14.78 -1.19
CA GLU A 63 4.39 -14.32 -1.93
C GLU A 63 3.13 -14.52 -1.08
N GLY A 64 2.06 -13.82 -1.44
CA GLY A 64 0.79 -13.81 -0.72
C GLY A 64 0.77 -12.73 0.33
N ILE A 65 -0.19 -12.83 1.24
CA ILE A 65 -0.23 -12.01 2.43
C ILE A 65 1.03 -12.37 3.23
N VAL A 66 1.86 -11.37 3.48
CA VAL A 66 3.10 -11.46 4.23
C VAL A 66 2.91 -10.65 5.50
N ASP A 67 2.46 -11.33 6.54
CA ASP A 67 2.57 -10.80 7.89
C ASP A 67 4.04 -10.88 8.29
N TYR A 68 4.75 -9.76 8.17
CA TYR A 68 6.08 -9.61 8.77
C TYR A 68 6.14 -8.18 9.31
N GLY A 69 5.69 -7.99 10.56
CA GLY A 69 5.59 -6.68 11.17
C GLY A 69 4.29 -6.03 10.71
N VAL A 70 4.33 -5.36 9.56
CA VAL A 70 3.11 -4.92 8.89
C VAL A 70 2.54 -6.13 8.15
N ARG A 71 1.21 -6.19 8.00
CA ARG A 71 0.57 -7.14 7.10
C ARG A 71 0.72 -6.58 5.69
N PHE A 72 1.72 -7.05 4.96
CA PHE A 72 1.87 -6.75 3.55
C PHE A 72 1.08 -7.75 2.71
N PHE A 73 0.99 -7.51 1.40
CA PHE A 73 0.56 -8.49 0.41
C PHE A 73 1.50 -8.40 -0.79
N PHE A 74 2.28 -9.45 -1.04
CA PHE A 74 3.24 -9.58 -2.12
C PHE A 74 2.66 -10.47 -3.23
N TYR A 75 2.97 -10.14 -4.47
CA TYR A 75 2.39 -10.78 -5.65
C TYR A 75 3.30 -10.56 -6.86
N THR A 76 3.01 -11.33 -7.90
CA THR A 76 3.70 -11.42 -9.17
C THR A 76 3.50 -10.15 -10.01
N SER A 77 4.53 -9.32 -10.18
CA SER A 77 4.46 -8.16 -11.07
C SER A 77 4.23 -8.58 -12.53
N LYS A 78 4.57 -9.82 -12.89
CA LYS A 78 4.34 -10.30 -14.24
C LYS A 78 2.85 -10.48 -14.54
N GLU A 79 1.95 -10.42 -13.54
CA GLU A 79 0.52 -10.35 -13.80
C GLU A 79 0.07 -8.88 -13.97
N PRO A 80 -1.11 -8.60 -14.56
CA PRO A 80 -1.63 -7.25 -14.73
C PRO A 80 -1.94 -6.56 -13.41
N VAL A 81 -2.28 -5.28 -13.49
CA VAL A 81 -2.74 -4.49 -12.36
C VAL A 81 -4.21 -4.82 -12.12
N ALA A 82 -5.01 -4.93 -13.19
CA ALA A 82 -6.44 -5.20 -13.05
C ALA A 82 -6.68 -6.58 -12.42
N SER A 83 -5.81 -7.57 -12.68
CA SER A 83 -5.82 -8.85 -12.01
C SER A 83 -5.67 -8.70 -10.51
N ILE A 84 -4.64 -7.98 -10.05
CA ILE A 84 -4.43 -7.91 -8.61
C ILE A 84 -5.54 -7.11 -7.95
N ILE A 85 -6.11 -6.13 -8.66
CA ILE A 85 -7.29 -5.42 -8.22
C ILE A 85 -8.45 -6.42 -8.06
N THR A 86 -8.73 -7.24 -9.08
CA THR A 86 -9.70 -8.34 -9.08
C THR A 86 -9.66 -9.13 -7.75
N LYS A 87 -8.46 -9.36 -7.24
CA LYS A 87 -8.21 -10.16 -6.05
C LYS A 87 -8.36 -9.31 -4.78
N LEU A 88 -7.82 -8.09 -4.76
CA LEU A 88 -8.01 -7.14 -3.67
C LEU A 88 -9.51 -6.84 -3.46
N ASN A 89 -10.34 -7.01 -4.48
CA ASN A 89 -11.80 -6.91 -4.34
C ASN A 89 -12.37 -8.12 -3.61
N SER A 90 -11.79 -9.31 -3.82
CA SER A 90 -12.20 -10.55 -3.18
C SER A 90 -11.76 -10.58 -1.71
N LEU A 91 -10.70 -9.85 -1.36
CA LEU A 91 -10.24 -9.60 -0.01
C LEU A 91 -11.13 -8.53 0.60
N ASN A 92 -11.45 -7.45 -0.15
CA ASN A 92 -12.29 -6.31 0.28
C ASN A 92 -11.89 -5.78 1.65
N GLU A 93 -10.60 -5.92 1.98
CA GLU A 93 -9.95 -5.37 3.13
C GLU A 93 -9.54 -3.93 2.81
N PRO A 94 -9.49 -3.04 3.81
CA PRO A 94 -9.07 -1.66 3.68
C PRO A 94 -7.56 -1.58 3.46
N LEU A 95 -7.12 -0.79 2.47
CA LEU A 95 -5.72 -0.77 2.07
C LEU A 95 -5.05 0.55 2.45
N VAL A 96 -3.73 0.51 2.55
CA VAL A 96 -2.86 1.68 2.55
C VAL A 96 -1.65 1.31 1.68
N THR A 97 -1.59 1.86 0.48
CA THR A 97 -0.46 1.64 -0.42
C THR A 97 -0.38 2.78 -1.43
N MET A 98 0.39 2.61 -2.50
CA MET A 98 0.68 3.59 -3.51
C MET A 98 -0.23 3.32 -4.72
N PRO A 99 -0.13 4.06 -5.83
CA PRO A 99 -0.58 3.50 -7.09
C PRO A 99 0.40 2.39 -7.45
N ILE A 100 0.03 1.14 -7.15
CA ILE A 100 0.74 -0.08 -7.53
C ILE A 100 1.16 -0.03 -9.01
N GLY A 101 0.21 -0.09 -9.93
CA GLY A 101 0.46 -0.20 -11.37
C GLY A 101 0.82 1.16 -11.91
N TYR A 102 2.02 1.64 -11.63
CA TYR A 102 2.47 2.98 -11.94
C TYR A 102 3.85 2.94 -12.58
N VAL A 103 4.79 2.22 -11.99
CA VAL A 103 6.19 2.22 -12.35
C VAL A 103 6.66 0.77 -12.47
N THR A 104 6.33 -0.08 -11.49
CA THR A 104 6.55 -1.53 -11.52
C THR A 104 5.82 -2.23 -12.67
N HIS A 105 5.06 -1.51 -13.52
CA HIS A 105 4.33 -1.99 -14.69
C HIS A 105 4.57 -1.10 -15.91
N GLY A 106 5.41 -0.07 -15.80
CA GLY A 106 5.56 0.90 -16.87
C GLY A 106 4.23 1.60 -17.17
N PHE A 107 3.39 1.85 -16.16
CA PHE A 107 2.19 2.64 -16.39
C PHE A 107 2.58 4.14 -16.32
N ASN A 108 1.58 5.02 -16.27
CA ASN A 108 1.73 6.44 -16.03
C ASN A 108 0.89 6.76 -14.80
N LEU A 109 0.98 7.98 -14.25
CA LEU A 109 0.10 8.37 -13.15
C LEU A 109 -1.34 8.15 -13.62
N GLU A 110 -1.72 8.80 -14.71
CA GLU A 110 -3.07 8.81 -15.25
C GLU A 110 -3.64 7.38 -15.37
N GLU A 111 -2.85 6.47 -15.93
CA GLU A 111 -3.27 5.08 -16.15
C GLU A 111 -3.35 4.33 -14.83
N ALA A 112 -2.39 4.52 -13.94
CA ALA A 112 -2.38 3.90 -12.63
C ALA A 112 -3.62 4.28 -11.83
N ALA A 113 -3.91 5.58 -11.78
CA ALA A 113 -5.04 6.18 -11.13
C ALA A 113 -6.34 5.62 -11.74
N ARG A 114 -6.52 5.69 -13.05
CA ARG A 114 -7.70 5.14 -13.72
C ARG A 114 -7.87 3.65 -13.44
N CYS A 115 -6.78 2.89 -13.51
CA CYS A 115 -6.78 1.48 -13.20
C CYS A 115 -7.27 1.26 -11.77
N MET A 116 -6.76 2.03 -10.81
CA MET A 116 -7.04 1.83 -9.39
C MET A 116 -8.49 2.16 -8.99
N ARG A 117 -9.21 2.98 -9.76
CA ARG A 117 -10.66 3.17 -9.55
C ARG A 117 -11.43 1.85 -9.61
N SER A 118 -10.94 0.89 -10.40
CA SER A 118 -11.53 -0.44 -10.47
C SER A 118 -11.40 -1.23 -9.17
N LEU A 119 -10.64 -0.76 -8.18
CA LEU A 119 -10.62 -1.34 -6.85
C LEU A 119 -11.91 -0.96 -6.16
N LYS A 120 -12.62 -1.96 -5.66
CA LYS A 120 -13.98 -1.86 -5.16
C LYS A 120 -13.95 -1.87 -3.63
N ALA A 121 -12.87 -1.36 -3.03
CA ALA A 121 -12.53 -1.33 -1.61
C ALA A 121 -11.87 0.02 -1.30
N PRO A 122 -11.72 0.42 -0.03
CA PRO A 122 -11.00 1.61 0.36
C PRO A 122 -9.49 1.44 0.18
N ALA A 123 -8.83 2.53 -0.19
CA ALA A 123 -7.40 2.58 -0.39
C ALA A 123 -6.90 3.98 -0.07
N VAL A 124 -6.16 4.12 1.03
CA VAL A 124 -5.28 5.27 1.18
C VAL A 124 -4.26 5.21 0.06
N VAL A 125 -3.90 6.36 -0.52
CA VAL A 125 -2.91 6.45 -1.58
C VAL A 125 -1.85 7.44 -1.17
N SER A 126 -0.61 6.98 -1.21
CA SER A 126 0.53 7.85 -1.20
C SER A 126 1.12 7.78 -2.60
N VAL A 127 1.02 8.89 -3.33
CA VAL A 127 2.05 9.25 -4.29
C VAL A 127 3.36 9.50 -3.51
N SER A 128 4.48 9.67 -4.21
CA SER A 128 5.76 9.94 -3.57
C SER A 128 6.10 11.44 -3.59
N SER A 129 5.28 12.29 -4.23
CA SER A 129 5.46 13.73 -4.25
C SER A 129 4.14 14.43 -3.97
N PRO A 130 4.19 15.60 -3.30
CA PRO A 130 2.99 16.32 -2.92
C PRO A 130 2.24 16.86 -4.13
N ASP A 131 2.95 17.24 -5.20
CA ASP A 131 2.31 17.94 -6.31
C ASP A 131 1.50 17.02 -7.22
N ALA A 132 1.74 15.73 -7.03
CA ALA A 132 1.09 14.63 -7.68
C ALA A 132 -0.20 14.28 -6.94
N VAL A 133 -0.38 14.62 -5.65
CA VAL A 133 -1.65 14.40 -4.95
C VAL A 133 -2.76 15.10 -5.70
N THR A 134 -2.48 16.31 -6.18
CA THR A 134 -3.34 17.15 -6.95
C THR A 134 -3.71 16.38 -8.20
N THR A 135 -2.71 16.04 -9.03
CA THR A 135 -2.97 15.41 -10.30
C THR A 135 -3.78 14.13 -10.14
N TYR A 136 -3.37 13.36 -9.15
CA TYR A 136 -3.85 12.04 -8.87
C TYR A 136 -5.33 12.08 -8.52
N ASN A 137 -5.73 12.90 -7.53
CA ASN A 137 -7.12 13.12 -7.23
C ASN A 137 -7.88 13.62 -8.44
N GLY A 138 -7.24 14.48 -9.24
CA GLY A 138 -7.75 14.97 -10.50
C GLY A 138 -8.27 13.82 -11.36
N TYR A 139 -7.43 12.82 -11.63
CA TYR A 139 -7.82 11.63 -12.39
C TYR A 139 -8.93 10.86 -11.67
N LEU A 140 -8.82 10.70 -10.35
CA LEU A 140 -9.72 9.87 -9.55
C LEU A 140 -11.12 10.46 -9.48
N THR A 141 -11.21 11.78 -9.60
CA THR A 141 -12.44 12.53 -9.56
C THR A 141 -13.09 12.59 -10.95
N SER A 142 -12.29 12.67 -12.02
CA SER A 142 -12.82 13.00 -13.34
C SER A 142 -13.19 11.79 -14.21
N SER A 143 -12.74 10.59 -13.83
CA SER A 143 -13.39 9.37 -14.24
C SER A 143 -14.34 9.00 -13.12
N GLY A 1 21.81 -5.02 19.95
CA GLY A 1 21.82 -4.49 21.33
C GLY A 1 20.99 -3.22 21.40
N SER A 2 20.40 -2.94 22.57
CA SER A 2 19.38 -1.93 22.74
C SER A 2 19.83 -0.51 22.35
N HIS A 3 21.04 -0.07 22.72
CA HIS A 3 21.65 1.19 22.28
C HIS A 3 20.65 2.36 22.24
N MET A 4 20.02 2.64 23.39
CA MET A 4 19.11 3.79 23.58
C MET A 4 17.86 3.74 22.69
N VAL A 5 17.45 2.58 22.15
CA VAL A 5 16.22 2.48 21.38
C VAL A 5 15.59 1.08 21.51
N LEU A 6 14.31 1.05 21.89
CA LEU A 6 13.47 -0.14 21.86
C LEU A 6 12.27 0.15 20.97
N PRO A 7 11.54 -0.88 20.51
CA PRO A 7 10.29 -0.70 19.79
C PRO A 7 9.21 -0.31 20.81
N SER A 8 9.22 0.95 21.26
CA SER A 8 8.33 1.43 22.30
C SER A 8 7.81 2.80 21.88
N GLU A 9 6.88 2.79 20.95
CA GLU A 9 6.29 3.97 20.32
C GLU A 9 4.77 3.82 20.29
N ALA A 10 4.07 4.91 20.03
CA ALA A 10 2.66 4.91 19.69
C ALA A 10 2.44 5.99 18.63
N PRO A 11 2.29 5.65 17.33
CA PRO A 11 2.09 6.65 16.29
C PRO A 11 0.79 7.46 16.40
N ASN A 12 -0.07 7.10 17.34
CA ASN A 12 -1.27 7.77 17.83
C ASN A 12 -2.44 7.47 16.92
N ALA A 13 -3.33 6.58 17.38
CA ALA A 13 -4.61 6.33 16.76
C ALA A 13 -5.42 7.64 16.76
N LYS A 14 -5.50 8.30 15.61
CA LYS A 14 -6.29 9.49 15.36
C LYS A 14 -7.26 9.13 14.24
N GLU A 15 -8.07 8.10 14.50
CA GLU A 15 -8.98 7.45 13.61
C GLU A 15 -8.31 7.03 12.29
N GLU A 16 -9.10 6.62 11.30
CA GLU A 16 -8.57 6.27 10.00
C GLU A 16 -9.03 7.26 8.96
N ILE A 17 -8.13 7.41 8.01
CA ILE A 17 -8.21 8.25 6.84
C ILE A 17 -8.40 7.28 5.68
N LEU A 18 -8.82 7.86 4.56
CA LEU A 18 -9.01 7.30 3.26
C LEU A 18 -8.62 8.37 2.24
N GLY A 19 -8.49 7.97 0.98
CA GLY A 19 -8.07 8.83 -0.12
C GLY A 19 -6.57 8.79 -0.35
N THR A 20 -6.12 9.50 -1.38
CA THR A 20 -4.71 9.69 -1.66
C THR A 20 -4.16 10.70 -0.67
N VAL A 21 -2.98 10.43 -0.13
CA VAL A 21 -2.24 11.28 0.81
C VAL A 21 -0.77 11.36 0.37
N SER A 22 -0.01 12.30 0.92
CA SER A 22 1.39 12.53 0.60
C SER A 22 2.24 11.75 1.60
N TRP A 23 2.04 10.44 1.59
CA TRP A 23 2.80 9.47 2.37
C TRP A 23 3.68 8.71 1.38
N ASN A 24 4.66 7.96 1.85
CA ASN A 24 5.62 7.29 0.99
C ASN A 24 5.77 5.84 1.40
N LEU A 25 6.22 5.61 2.63
CA LEU A 25 6.65 4.31 3.13
C LEU A 25 6.65 4.37 4.66
N ARG A 26 7.51 5.20 5.25
CA ARG A 26 7.63 5.37 6.71
C ARG A 26 6.29 5.74 7.32
N GLU A 27 5.61 6.65 6.65
CA GLU A 27 4.36 7.26 7.07
C GLU A 27 3.24 6.23 7.05
N MET A 28 3.25 5.36 6.04
CA MET A 28 2.33 4.27 5.90
C MET A 28 2.56 3.23 6.98
N LEU A 29 3.80 2.77 7.17
CA LEU A 29 4.20 1.81 8.18
C LEU A 29 3.56 2.12 9.52
N ALA A 30 3.59 3.38 9.94
CA ALA A 30 2.97 3.79 11.20
C ALA A 30 1.47 3.45 11.18
N HIS A 31 0.77 3.97 10.17
CA HIS A 31 -0.67 3.81 10.05
C HIS A 31 -1.09 2.35 9.85
N ALA A 32 -0.43 1.63 8.93
CA ALA A 32 -0.59 0.19 8.76
C ALA A 32 -0.56 -0.52 10.11
N GLU A 33 0.47 -0.33 10.94
CA GLU A 33 0.59 -1.00 12.24
C GLU A 33 -0.54 -0.59 13.19
N GLU A 34 -0.84 0.71 13.26
CA GLU A 34 -1.87 1.28 14.14
C GLU A 34 -3.23 0.64 13.85
N THR A 35 -3.62 0.65 12.57
CA THR A 35 -4.96 0.24 12.15
C THR A 35 -5.06 -1.23 11.75
N ARG A 36 -3.94 -1.95 11.64
CA ARG A 36 -3.79 -3.18 10.86
C ARG A 36 -4.50 -3.00 9.52
N LYS A 37 -3.99 -2.08 8.71
CA LYS A 37 -4.41 -1.90 7.32
C LYS A 37 -3.39 -2.57 6.42
N LEU A 38 -3.87 -3.48 5.59
CA LEU A 38 -3.09 -4.33 4.70
C LEU A 38 -2.30 -3.43 3.75
N MET A 39 -1.05 -3.79 3.50
CA MET A 39 -0.14 -3.00 2.68
C MET A 39 0.31 -3.80 1.45
N PRO A 40 -0.42 -3.76 0.34
CA PRO A 40 0.04 -4.36 -0.92
C PRO A 40 1.39 -3.79 -1.36
N ILE A 41 2.33 -4.63 -1.80
CA ILE A 41 3.65 -4.23 -2.28
C ILE A 41 4.05 -5.15 -3.45
N CYS A 42 4.76 -4.64 -4.47
CA CYS A 42 5.30 -5.41 -5.59
C CYS A 42 6.78 -5.72 -5.34
N MET A 43 7.15 -7.00 -5.31
CA MET A 43 8.50 -7.50 -5.03
C MET A 43 9.52 -7.10 -6.10
N ASP A 44 9.04 -6.79 -7.30
CA ASP A 44 9.83 -6.48 -8.49
C ASP A 44 10.42 -5.08 -8.38
N VAL A 45 9.72 -4.19 -7.69
CA VAL A 45 10.21 -2.85 -7.39
C VAL A 45 11.11 -2.99 -6.15
N ARG A 46 12.29 -3.57 -6.36
CA ARG A 46 13.25 -3.86 -5.30
C ARG A 46 13.64 -2.59 -4.52
N ALA A 47 13.48 -1.40 -5.11
CA ALA A 47 13.65 -0.12 -4.42
C ALA A 47 12.74 -0.02 -3.18
N ILE A 48 11.48 -0.42 -3.30
CA ILE A 48 10.56 -0.43 -2.17
C ILE A 48 10.96 -1.55 -1.22
N MET A 49 11.36 -2.71 -1.76
CA MET A 49 11.73 -3.87 -0.94
C MET A 49 12.93 -3.57 -0.07
N ALA A 50 13.87 -2.77 -0.57
CA ALA A 50 14.99 -2.25 0.17
C ALA A 50 14.53 -1.56 1.44
N THR A 51 13.43 -0.81 1.39
CA THR A 51 12.95 -0.06 2.54
C THR A 51 12.32 -1.00 3.57
N ILE A 52 11.55 -1.98 3.11
CA ILE A 52 10.79 -2.89 3.95
C ILE A 52 11.76 -3.91 4.54
N GLN A 53 12.40 -4.77 3.75
CA GLN A 53 13.24 -5.86 4.26
C GLN A 53 14.33 -5.31 5.20
N ARG A 54 14.83 -4.09 4.96
CA ARG A 54 15.83 -3.44 5.82
C ARG A 54 15.24 -3.07 7.17
N LYS A 55 14.00 -2.56 7.20
CA LYS A 55 13.27 -2.30 8.44
C LYS A 55 13.09 -3.61 9.17
N TYR A 56 12.38 -4.52 8.52
CA TYR A 56 11.91 -5.79 9.03
C TYR A 56 13.01 -6.82 8.83
N LYS A 57 14.16 -6.61 9.50
CA LYS A 57 15.37 -7.36 9.21
C LYS A 57 15.13 -8.86 9.34
N GLY A 58 15.91 -9.68 8.64
CA GLY A 58 15.72 -11.11 8.60
C GLY A 58 15.08 -11.49 7.27
N ILE A 59 13.90 -10.92 7.02
CA ILE A 59 12.95 -11.31 5.99
C ILE A 59 13.58 -11.45 4.59
N LYS A 60 13.23 -12.49 3.82
CA LYS A 60 13.93 -12.81 2.56
C LYS A 60 12.99 -13.09 1.38
N ILE A 61 11.98 -12.24 1.24
CA ILE A 61 10.87 -12.26 0.27
C ILE A 61 10.09 -13.60 0.26
N GLN A 62 8.77 -13.47 0.04
CA GLN A 62 7.76 -14.48 0.30
C GLN A 62 6.50 -13.94 -0.36
N GLU A 63 5.75 -14.72 -1.13
CA GLU A 63 4.59 -14.21 -1.86
C GLU A 63 3.32 -14.47 -1.03
N GLY A 64 2.20 -13.85 -1.39
CA GLY A 64 0.95 -13.97 -0.66
C GLY A 64 0.85 -12.89 0.40
N ILE A 65 -0.06 -13.10 1.34
CA ILE A 65 -0.15 -12.32 2.56
C ILE A 65 1.16 -12.53 3.34
N VAL A 66 1.92 -11.45 3.50
CA VAL A 66 3.17 -11.42 4.27
C VAL A 66 2.88 -10.68 5.56
N ASP A 67 2.46 -11.43 6.57
CA ASP A 67 2.49 -10.97 7.94
C ASP A 67 3.94 -11.02 8.41
N TYR A 68 4.65 -9.88 8.33
CA TYR A 68 5.99 -9.72 8.89
C TYR A 68 6.10 -8.30 9.42
N GLY A 69 5.62 -8.06 10.66
CA GLY A 69 5.73 -6.79 11.36
C GLY A 69 4.75 -5.72 10.87
N VAL A 70 4.31 -5.79 9.63
CA VAL A 70 3.09 -5.21 9.07
C VAL A 70 2.50 -6.34 8.22
N ARG A 71 1.17 -6.37 8.07
CA ARG A 71 0.54 -7.30 7.15
C ARG A 71 0.64 -6.70 5.75
N PHE A 72 1.57 -7.19 4.95
CA PHE A 72 1.66 -6.84 3.55
C PHE A 72 0.92 -7.87 2.70
N PHE A 73 0.76 -7.59 1.41
CA PHE A 73 0.23 -8.50 0.38
C PHE A 73 1.19 -8.39 -0.79
N PHE A 74 2.02 -9.41 -0.97
CA PHE A 74 2.99 -9.54 -2.05
C PHE A 74 2.37 -10.39 -3.15
N TYR A 75 2.71 -10.06 -4.39
CA TYR A 75 2.06 -10.55 -5.60
C TYR A 75 3.05 -10.52 -6.77
N THR A 76 2.66 -11.06 -7.92
CA THR A 76 3.60 -11.37 -9.00
C THR A 76 3.61 -10.24 -10.02
N SER A 77 4.78 -9.66 -10.29
CA SER A 77 4.93 -8.61 -11.30
C SER A 77 4.51 -9.04 -12.71
N LYS A 78 4.55 -10.34 -13.02
CA LYS A 78 4.06 -10.87 -14.27
C LYS A 78 2.56 -10.73 -14.42
N GLU A 79 1.80 -10.66 -13.32
CA GLU A 79 0.35 -10.52 -13.45
C GLU A 79 -0.01 -9.06 -13.78
N PRO A 80 -1.23 -8.82 -14.25
CA PRO A 80 -1.71 -7.49 -14.60
C PRO A 80 -2.20 -6.76 -13.35
N VAL A 81 -2.16 -5.44 -13.42
CA VAL A 81 -2.85 -4.52 -12.50
C VAL A 81 -4.35 -4.83 -12.43
N ALA A 82 -4.87 -5.16 -13.60
CA ALA A 82 -6.23 -5.69 -13.73
C ALA A 82 -6.49 -6.91 -12.84
N SER A 83 -5.51 -7.81 -12.65
CA SER A 83 -5.67 -8.99 -11.80
C SER A 83 -5.73 -8.55 -10.36
N ILE A 84 -4.71 -7.83 -9.90
CA ILE A 84 -4.53 -7.60 -8.47
C ILE A 84 -5.74 -6.84 -7.93
N ILE A 85 -6.27 -5.84 -8.66
CA ILE A 85 -7.48 -5.11 -8.28
C ILE A 85 -8.60 -6.10 -7.95
N THR A 86 -8.95 -6.97 -8.91
CA THR A 86 -9.91 -8.05 -8.79
C THR A 86 -9.65 -8.99 -7.60
N LYS A 87 -8.41 -9.05 -7.10
CA LYS A 87 -7.97 -9.87 -5.98
C LYS A 87 -8.16 -9.13 -4.65
N LEU A 88 -7.80 -7.85 -4.57
CA LEU A 88 -7.99 -7.04 -3.36
C LEU A 88 -9.48 -7.05 -2.96
N ASN A 89 -10.36 -7.03 -3.93
CA ASN A 89 -11.81 -7.04 -3.69
C ASN A 89 -12.28 -8.31 -2.98
N SER A 90 -11.55 -9.42 -3.13
CA SER A 90 -11.83 -10.65 -2.41
C SER A 90 -11.47 -10.53 -0.92
N LEU A 91 -10.54 -9.65 -0.56
CA LEU A 91 -10.07 -9.41 0.80
C LEU A 91 -11.01 -8.40 1.46
N ASN A 92 -11.39 -7.33 0.76
CA ASN A 92 -12.33 -6.27 1.21
C ASN A 92 -11.78 -5.38 2.29
N GLU A 93 -10.56 -5.65 2.72
CA GLU A 93 -9.97 -5.01 3.85
C GLU A 93 -9.49 -3.61 3.46
N PRO A 94 -9.40 -2.68 4.43
CA PRO A 94 -8.93 -1.32 4.19
C PRO A 94 -7.44 -1.30 3.89
N LEU A 95 -7.09 -0.99 2.64
CA LEU A 95 -5.68 -0.98 2.23
C LEU A 95 -5.02 0.34 2.60
N VAL A 96 -3.69 0.35 2.57
CA VAL A 96 -2.88 1.55 2.43
C VAL A 96 -1.76 1.16 1.44
N THR A 97 -1.74 1.71 0.22
CA THR A 97 -0.66 1.45 -0.74
C THR A 97 -0.57 2.60 -1.75
N MET A 98 -0.01 2.34 -2.92
CA MET A 98 0.29 3.28 -4.02
C MET A 98 -0.44 2.83 -5.29
N PRO A 99 -0.29 3.54 -6.43
CA PRO A 99 -1.04 3.26 -7.63
C PRO A 99 -0.69 1.98 -8.39
N ILE A 100 0.23 1.21 -7.84
CA ILE A 100 0.64 -0.14 -8.21
C ILE A 100 1.06 -0.25 -9.68
N GLY A 101 0.08 -0.36 -10.59
CA GLY A 101 0.27 -0.28 -12.03
C GLY A 101 0.65 1.15 -12.38
N TYR A 102 1.85 1.57 -12.03
CA TYR A 102 2.47 2.86 -12.26
C TYR A 102 3.89 2.62 -12.76
N VAL A 103 4.64 1.77 -12.08
CA VAL A 103 6.10 1.70 -12.18
C VAL A 103 6.59 0.30 -12.50
N THR A 104 6.02 -0.71 -11.84
CA THR A 104 6.21 -2.11 -12.19
C THR A 104 5.76 -2.27 -13.65
N HIS A 105 4.49 -1.93 -13.93
CA HIS A 105 3.91 -2.09 -15.27
C HIS A 105 4.27 -0.91 -16.20
N GLY A 106 5.05 0.07 -15.74
CA GLY A 106 5.44 1.25 -16.50
C GLY A 106 4.24 1.95 -17.12
N PHE A 107 3.20 2.20 -16.31
CA PHE A 107 2.05 3.01 -16.73
C PHE A 107 2.43 4.50 -16.58
N ASN A 108 1.56 5.43 -16.98
CA ASN A 108 1.65 6.81 -16.51
C ASN A 108 0.86 6.96 -15.22
N LEU A 109 1.02 8.09 -14.53
CA LEU A 109 0.23 8.45 -13.36
C LEU A 109 -1.26 8.48 -13.70
N GLU A 110 -1.59 9.00 -14.88
CA GLU A 110 -2.95 9.10 -15.41
C GLU A 110 -3.58 7.72 -15.57
N GLU A 111 -2.78 6.77 -16.06
CA GLU A 111 -3.25 5.43 -16.33
C GLU A 111 -3.39 4.67 -15.02
N ALA A 112 -2.35 4.75 -14.19
CA ALA A 112 -2.34 4.15 -12.88
C ALA A 112 -3.53 4.64 -12.05
N ALA A 113 -3.94 5.90 -12.22
CA ALA A 113 -5.15 6.45 -11.62
C ALA A 113 -6.41 5.80 -12.21
N ARG A 114 -6.60 5.68 -13.53
CA ARG A 114 -7.92 5.27 -14.02
C ARG A 114 -8.10 3.77 -13.82
N CYS A 115 -7.01 3.05 -13.98
CA CYS A 115 -6.88 1.67 -13.53
C CYS A 115 -7.33 1.57 -12.07
N MET A 116 -6.91 2.52 -11.22
CA MET A 116 -7.27 2.49 -9.80
C MET A 116 -8.76 2.79 -9.59
N ARG A 117 -9.37 3.67 -10.39
CA ARG A 117 -10.83 3.88 -10.39
C ARG A 117 -11.64 2.59 -10.57
N SER A 118 -11.04 1.53 -11.13
CA SER A 118 -11.71 0.24 -11.33
C SER A 118 -11.94 -0.47 -9.98
N LEU A 119 -11.11 -0.19 -8.96
CA LEU A 119 -11.08 -0.92 -7.70
C LEU A 119 -12.37 -0.69 -6.92
N LYS A 120 -12.73 -1.70 -6.14
CA LYS A 120 -14.00 -1.87 -5.46
C LYS A 120 -13.78 -2.46 -4.05
N ALA A 121 -12.60 -2.20 -3.47
CA ALA A 121 -12.25 -2.36 -2.07
C ALA A 121 -11.81 -0.99 -1.50
N PRO A 122 -11.83 -0.79 -0.17
CA PRO A 122 -11.27 0.41 0.45
C PRO A 122 -9.76 0.47 0.37
N ALA A 123 -9.20 1.67 0.19
CA ALA A 123 -7.77 1.88 0.06
C ALA A 123 -7.43 3.36 0.27
N VAL A 124 -6.56 3.65 1.22
CA VAL A 124 -5.70 4.84 1.17
C VAL A 124 -4.68 4.64 0.04
N VAL A 125 -4.30 5.73 -0.63
CA VAL A 125 -3.34 5.75 -1.73
C VAL A 125 -2.20 6.71 -1.38
N SER A 126 -1.08 6.62 -2.07
CA SER A 126 0.09 7.45 -1.84
C SER A 126 0.80 7.68 -3.17
N VAL A 127 1.42 8.83 -3.33
CA VAL A 127 2.33 9.14 -4.44
C VAL A 127 3.65 9.61 -3.86
N SER A 128 4.67 9.73 -4.71
CA SER A 128 5.93 10.34 -4.33
C SER A 128 5.72 11.76 -3.81
N SER A 129 4.90 12.56 -4.50
CA SER A 129 5.09 14.00 -4.42
C SER A 129 3.82 14.72 -4.00
N PRO A 130 3.89 15.71 -3.10
CA PRO A 130 2.72 16.34 -2.50
C PRO A 130 1.91 17.11 -3.54
N ASP A 131 2.59 17.88 -4.39
CA ASP A 131 1.99 18.67 -5.47
C ASP A 131 1.36 17.78 -6.56
N ALA A 132 1.64 16.49 -6.47
CA ALA A 132 1.23 15.44 -7.38
C ALA A 132 0.18 14.52 -6.78
N VAL A 133 -0.13 14.66 -5.49
CA VAL A 133 -1.40 14.23 -4.92
C VAL A 133 -2.49 14.98 -5.67
N THR A 134 -2.34 16.31 -5.83
CA THR A 134 -3.25 17.18 -6.52
C THR A 134 -3.35 16.73 -7.97
N THR A 135 -2.23 16.32 -8.57
CA THR A 135 -2.21 15.81 -9.92
C THR A 135 -3.07 14.53 -9.99
N TYR A 136 -2.75 13.51 -9.20
CA TYR A 136 -3.41 12.21 -9.20
C TYR A 136 -4.90 12.33 -8.92
N ASN A 137 -5.27 13.08 -7.88
CA ASN A 137 -6.66 13.31 -7.53
C ASN A 137 -7.40 14.11 -8.59
N GLY A 138 -6.69 14.95 -9.36
CA GLY A 138 -7.20 15.61 -10.53
C GLY A 138 -7.77 14.58 -11.49
N TYR A 139 -7.08 13.46 -11.72
CA TYR A 139 -7.53 12.41 -12.61
C TYR A 139 -8.65 11.57 -11.99
N LEU A 140 -8.63 11.33 -10.67
CA LEU A 140 -9.67 10.52 -10.05
C LEU A 140 -11.02 11.23 -10.10
N THR A 141 -11.04 12.53 -9.80
CA THR A 141 -12.22 13.37 -9.87
C THR A 141 -12.55 13.61 -11.33
N SER A 142 -11.50 13.83 -12.15
CA SER A 142 -11.58 14.26 -13.53
C SER A 142 -12.44 15.51 -13.64
N SER A 143 -11.82 16.60 -13.20
CA SER A 143 -12.23 17.93 -13.61
C SER A 143 -11.83 18.14 -15.07
N GLY A 1 -32.79 6.65 22.11
CA GLY A 1 -31.84 6.47 23.22
C GLY A 1 -31.21 5.09 23.13
N SER A 2 -29.89 5.04 23.01
CA SER A 2 -29.14 3.85 22.63
C SER A 2 -29.09 2.82 23.78
N HIS A 3 -29.39 1.55 23.51
CA HIS A 3 -29.09 0.44 24.41
C HIS A 3 -28.80 -0.79 23.56
N MET A 4 -27.53 -1.09 23.32
CA MET A 4 -27.12 -2.41 22.84
C MET A 4 -26.59 -3.17 24.05
N VAL A 5 -25.27 -3.10 24.32
CA VAL A 5 -24.49 -4.00 25.17
C VAL A 5 -24.26 -5.27 24.35
N LEU A 6 -23.03 -5.47 23.87
CA LEU A 6 -22.62 -6.64 23.10
C LEU A 6 -21.16 -6.85 23.52
N PRO A 7 -20.66 -8.09 23.63
CA PRO A 7 -19.38 -8.37 24.26
C PRO A 7 -18.19 -7.94 23.39
N SER A 8 -17.78 -6.66 23.48
CA SER A 8 -16.43 -6.25 23.10
C SER A 8 -15.85 -5.25 24.11
N GLU A 9 -14.52 -5.16 24.16
CA GLU A 9 -13.76 -4.15 24.87
C GLU A 9 -13.12 -3.20 23.85
N ALA A 10 -13.98 -2.40 23.21
CA ALA A 10 -13.71 -1.42 22.16
C ALA A 10 -13.36 -2.08 20.82
N PRO A 11 -13.61 -1.40 19.68
CA PRO A 11 -13.16 -1.90 18.37
C PRO A 11 -11.66 -1.77 18.18
N ASN A 12 -11.09 -0.81 18.91
CA ASN A 12 -9.73 -0.28 18.89
C ASN A 12 -9.52 0.64 17.69
N ALA A 13 -8.92 1.80 17.93
CA ALA A 13 -8.42 2.74 16.92
C ALA A 13 -9.50 3.20 15.92
N LYS A 14 -10.45 4.02 16.38
CA LYS A 14 -11.54 4.48 15.52
C LYS A 14 -11.13 5.61 14.55
N GLU A 15 -10.09 6.39 14.83
CA GLU A 15 -9.55 7.31 13.84
C GLU A 15 -8.87 6.47 12.75
N GLU A 16 -8.99 6.87 11.49
CA GLU A 16 -8.22 6.29 10.40
C GLU A 16 -8.12 7.25 9.24
N ILE A 17 -7.25 6.90 8.30
CA ILE A 17 -6.99 7.63 7.09
C ILE A 17 -7.60 6.80 5.94
N LEU A 18 -8.05 7.50 4.91
CA LEU A 18 -8.39 6.97 3.60
C LEU A 18 -7.85 7.94 2.56
N GLY A 19 -8.00 7.57 1.30
CA GLY A 19 -7.68 8.39 0.14
C GLY A 19 -6.22 8.81 0.02
N THR A 20 -5.94 9.68 -0.94
CA THR A 20 -4.61 10.19 -1.21
C THR A 20 -4.15 11.07 -0.04
N VAL A 21 -2.86 10.96 0.24
CA VAL A 21 -2.08 11.68 1.24
C VAL A 21 -0.67 11.86 0.65
N SER A 22 0.11 12.81 1.17
CA SER A 22 1.45 13.11 0.66
C SER A 22 2.48 12.25 1.39
N TRP A 23 2.19 10.96 1.51
CA TRP A 23 3.06 10.01 2.22
C TRP A 23 4.06 9.44 1.23
N ASN A 24 5.06 8.71 1.73
CA ASN A 24 6.22 8.32 0.93
C ASN A 24 6.44 6.81 1.01
N LEU A 25 6.98 6.31 2.12
CA LEU A 25 6.98 4.87 2.40
C LEU A 25 7.03 4.59 3.89
N ARG A 26 7.85 5.33 4.65
CA ARG A 26 7.90 5.23 6.12
C ARG A 26 6.54 5.53 6.73
N GLU A 27 5.87 6.59 6.25
CA GLU A 27 4.51 6.96 6.67
C GLU A 27 3.55 5.78 6.55
N MET A 28 3.67 5.05 5.46
CA MET A 28 2.73 4.02 5.08
C MET A 28 2.96 2.80 5.95
N LEU A 29 4.22 2.35 6.07
CA LEU A 29 4.69 1.43 7.09
C LEU A 29 4.13 1.78 8.47
N ALA A 30 4.30 3.02 8.91
CA ALA A 30 3.85 3.49 10.21
C ALA A 30 2.33 3.33 10.34
N HIS A 31 1.57 3.90 9.40
CA HIS A 31 0.11 3.90 9.48
C HIS A 31 -0.49 2.50 9.28
N ALA A 32 0.08 1.70 8.39
CA ALA A 32 -0.35 0.33 8.17
C ALA A 32 -0.22 -0.49 9.44
N GLU A 33 0.83 -0.30 10.26
CA GLU A 33 0.91 -0.92 11.57
C GLU A 33 -0.13 -0.35 12.53
N GLU A 34 -0.21 0.98 12.59
CA GLU A 34 -1.06 1.76 13.49
C GLU A 34 -2.54 1.35 13.38
N THR A 35 -2.96 0.93 12.19
CA THR A 35 -4.34 0.57 11.90
C THR A 35 -4.45 -0.89 11.43
N ARG A 36 -3.34 -1.64 11.45
CA ARG A 36 -3.18 -3.02 10.97
C ARG A 36 -3.72 -3.24 9.53
N LYS A 37 -3.88 -2.16 8.74
CA LYS A 37 -4.38 -2.17 7.35
C LYS A 37 -3.40 -2.87 6.43
N LEU A 38 -3.91 -3.42 5.32
CA LEU A 38 -3.17 -4.21 4.35
C LEU A 38 -2.28 -3.28 3.50
N MET A 39 -1.14 -3.76 3.02
CA MET A 39 -0.22 -2.99 2.18
C MET A 39 0.22 -3.78 0.94
N PRO A 40 -0.48 -3.71 -0.21
CA PRO A 40 -0.05 -4.42 -1.40
C PRO A 40 1.22 -3.79 -2.00
N ILE A 41 2.19 -4.64 -2.36
CA ILE A 41 3.55 -4.32 -2.77
C ILE A 41 3.89 -5.26 -3.94
N CYS A 42 4.64 -4.78 -4.94
CA CYS A 42 5.16 -5.61 -6.01
C CYS A 42 6.60 -5.97 -5.67
N MET A 43 6.89 -7.22 -5.32
CA MET A 43 8.22 -7.62 -4.85
C MET A 43 9.34 -7.33 -5.86
N ASP A 44 9.01 -7.16 -7.13
CA ASP A 44 9.95 -6.86 -8.21
C ASP A 44 10.74 -5.57 -7.96
N VAL A 45 10.12 -4.56 -7.33
CA VAL A 45 10.75 -3.26 -7.08
C VAL A 45 11.71 -3.39 -5.89
N ARG A 46 12.98 -3.71 -6.16
CA ARG A 46 13.94 -4.08 -5.12
C ARG A 46 14.23 -2.93 -4.14
N ALA A 47 14.25 -1.67 -4.56
CA ALA A 47 14.52 -0.54 -3.66
C ALA A 47 13.43 -0.39 -2.59
N ILE A 48 12.17 -0.64 -2.96
CA ILE A 48 11.07 -0.64 -2.01
C ILE A 48 11.33 -1.78 -1.00
N MET A 49 11.73 -2.97 -1.48
CA MET A 49 12.01 -4.12 -0.63
C MET A 49 13.17 -3.82 0.32
N ALA A 50 14.22 -3.16 -0.18
CA ALA A 50 15.40 -2.77 0.58
C ALA A 50 15.02 -1.88 1.77
N THR A 51 13.91 -1.14 1.68
CA THR A 51 13.39 -0.37 2.79
C THR A 51 12.59 -1.27 3.74
N ILE A 52 11.63 -2.06 3.22
CA ILE A 52 10.74 -2.90 4.02
C ILE A 52 11.56 -3.95 4.77
N GLN A 53 12.24 -4.86 4.05
CA GLN A 53 12.97 -5.95 4.69
C GLN A 53 14.02 -5.42 5.69
N ARG A 54 14.51 -4.18 5.52
CA ARG A 54 15.39 -3.50 6.48
C ARG A 54 14.62 -3.11 7.73
N LYS A 55 13.47 -2.44 7.60
CA LYS A 55 12.63 -2.03 8.72
C LYS A 55 12.31 -3.25 9.59
N TYR A 56 11.91 -4.34 8.95
CA TYR A 56 11.35 -5.51 9.58
C TYR A 56 12.33 -6.68 9.36
N LYS A 57 13.39 -6.79 10.17
CA LYS A 57 14.42 -7.79 9.93
C LYS A 57 13.89 -9.21 10.07
N GLY A 58 14.62 -10.20 9.55
CA GLY A 58 14.29 -11.62 9.66
C GLY A 58 13.59 -12.14 8.42
N ILE A 59 12.80 -11.30 7.76
CA ILE A 59 12.05 -11.60 6.56
C ILE A 59 12.96 -11.82 5.36
N LYS A 60 12.57 -12.68 4.42
CA LYS A 60 13.44 -13.01 3.28
C LYS A 60 12.65 -13.30 2.00
N ILE A 61 11.65 -12.46 1.72
CA ILE A 61 10.70 -12.48 0.60
C ILE A 61 9.91 -13.80 0.52
N GLN A 62 8.62 -13.63 0.27
CA GLN A 62 7.58 -14.66 0.32
C GLN A 62 6.49 -14.22 -0.67
N GLU A 63 5.46 -15.01 -0.90
CA GLU A 63 4.30 -14.62 -1.71
C GLU A 63 3.03 -14.89 -0.92
N GLY A 64 1.93 -14.24 -1.33
CA GLY A 64 0.69 -14.20 -0.55
C GLY A 64 0.61 -12.90 0.22
N ILE A 65 -0.33 -12.86 1.14
CA ILE A 65 -0.36 -11.85 2.17
C ILE A 65 0.86 -12.11 3.04
N VAL A 66 1.75 -11.12 3.11
CA VAL A 66 2.98 -11.16 3.88
C VAL A 66 2.70 -10.48 5.20
N ASP A 67 2.32 -11.30 6.18
CA ASP A 67 2.28 -10.92 7.57
C ASP A 67 3.71 -10.83 8.08
N TYR A 68 4.29 -9.62 8.04
CA TYR A 68 5.60 -9.38 8.58
C TYR A 68 5.66 -7.94 9.09
N GLY A 69 5.34 -7.73 10.37
CA GLY A 69 5.11 -6.41 10.93
C GLY A 69 3.74 -5.98 10.46
N VAL A 70 3.76 -5.23 9.37
CA VAL A 70 2.61 -4.83 8.57
C VAL A 70 2.11 -6.06 7.80
N ARG A 71 0.87 -5.96 7.32
CA ARG A 71 0.16 -7.00 6.61
C ARG A 71 0.26 -6.71 5.13
N PHE A 72 1.39 -7.03 4.51
CA PHE A 72 1.60 -6.75 3.10
C PHE A 72 0.84 -7.74 2.21
N PHE A 73 0.84 -7.53 0.89
CA PHE A 73 0.36 -8.46 -0.13
C PHE A 73 1.34 -8.40 -1.30
N PHE A 74 2.14 -9.44 -1.50
CA PHE A 74 3.24 -9.46 -2.46
C PHE A 74 2.80 -10.13 -3.76
N TYR A 75 2.55 -9.35 -4.81
CA TYR A 75 2.02 -9.80 -6.09
C TYR A 75 3.06 -9.76 -7.20
N THR A 76 2.90 -10.69 -8.14
CA THR A 76 3.83 -11.00 -9.22
C THR A 76 3.84 -9.80 -10.17
N SER A 77 5.01 -9.31 -10.58
CA SER A 77 5.11 -8.22 -11.53
C SER A 77 4.43 -8.58 -12.85
N LYS A 78 4.51 -9.84 -13.25
CA LYS A 78 3.93 -10.32 -14.51
C LYS A 78 2.40 -10.41 -14.44
N GLU A 79 1.78 -10.27 -13.26
CA GLU A 79 0.33 -10.28 -13.19
C GLU A 79 -0.21 -8.87 -13.55
N PRO A 80 -1.14 -8.74 -14.50
CA PRO A 80 -1.71 -7.46 -14.89
C PRO A 80 -2.44 -6.80 -13.74
N VAL A 81 -2.61 -5.50 -13.91
CA VAL A 81 -3.15 -4.65 -12.85
C VAL A 81 -4.64 -4.95 -12.68
N ALA A 82 -5.34 -5.29 -13.76
CA ALA A 82 -6.71 -5.77 -13.70
C ALA A 82 -6.80 -7.00 -12.78
N SER A 83 -5.91 -7.98 -12.98
CA SER A 83 -5.97 -9.25 -12.29
C SER A 83 -5.56 -9.15 -10.82
N ILE A 84 -4.54 -8.37 -10.47
CA ILE A 84 -4.19 -8.19 -9.07
C ILE A 84 -5.30 -7.41 -8.35
N ILE A 85 -5.92 -6.41 -9.00
CA ILE A 85 -7.09 -5.72 -8.46
C ILE A 85 -8.22 -6.74 -8.26
N THR A 86 -8.52 -7.60 -9.24
CA THR A 86 -9.47 -8.72 -9.14
C THR A 86 -9.33 -9.47 -7.80
N LYS A 87 -8.10 -9.75 -7.38
CA LYS A 87 -7.82 -10.56 -6.19
C LYS A 87 -7.98 -9.72 -4.92
N LEU A 88 -7.52 -8.47 -4.97
CA LEU A 88 -7.76 -7.47 -3.93
C LEU A 88 -9.27 -7.31 -3.68
N ASN A 89 -10.11 -7.35 -4.72
CA ASN A 89 -11.56 -7.22 -4.58
C ASN A 89 -12.17 -8.45 -3.90
N SER A 90 -11.47 -9.57 -3.93
CA SER A 90 -11.81 -10.80 -3.24
C SER A 90 -11.49 -10.71 -1.74
N LEU A 91 -10.69 -9.72 -1.32
CA LEU A 91 -10.33 -9.49 0.07
C LEU A 91 -11.40 -8.61 0.70
N ASN A 92 -11.67 -7.44 0.10
CA ASN A 92 -12.59 -6.43 0.63
C ASN A 92 -12.07 -5.83 1.94
N GLU A 93 -10.77 -5.98 2.19
CA GLU A 93 -10.03 -5.51 3.33
C GLU A 93 -9.40 -4.14 3.01
N PRO A 94 -9.17 -3.28 4.01
CA PRO A 94 -8.71 -1.91 3.81
C PRO A 94 -7.21 -1.88 3.51
N LEU A 95 -6.80 -1.06 2.54
CA LEU A 95 -5.40 -0.98 2.12
C LEU A 95 -4.78 0.40 2.42
N VAL A 96 -3.45 0.46 2.32
CA VAL A 96 -2.64 1.65 2.16
C VAL A 96 -1.51 1.29 1.20
N THR A 97 -1.37 2.03 0.10
CA THR A 97 -0.30 1.79 -0.88
C THR A 97 -0.11 3.04 -1.75
N MET A 98 0.62 2.93 -2.85
CA MET A 98 0.71 3.92 -3.92
C MET A 98 -0.32 3.51 -5.00
N PRO A 99 -0.40 4.17 -6.18
CA PRO A 99 -1.29 3.70 -7.26
C PRO A 99 -0.80 2.41 -7.96
N ILE A 100 -0.35 1.41 -7.19
CA ILE A 100 -0.03 0.04 -7.54
C ILE A 100 0.57 -0.13 -8.94
N GLY A 101 -0.23 -0.34 -9.98
CA GLY A 101 0.22 -0.28 -11.36
C GLY A 101 0.52 1.16 -11.74
N TYR A 102 1.61 1.72 -11.25
CA TYR A 102 2.08 3.07 -11.52
C TYR A 102 3.47 3.09 -12.13
N VAL A 103 4.43 2.32 -11.60
CA VAL A 103 5.83 2.38 -11.99
C VAL A 103 6.39 0.96 -12.12
N THR A 104 6.03 0.02 -11.24
CA THR A 104 6.35 -1.40 -11.39
C THR A 104 5.98 -1.91 -12.79
N HIS A 105 4.81 -1.49 -13.28
CA HIS A 105 4.21 -1.91 -14.53
C HIS A 105 4.43 -0.87 -15.63
N GLY A 106 5.24 0.17 -15.39
CA GLY A 106 5.51 1.19 -16.39
C GLY A 106 4.23 1.92 -16.84
N PHE A 107 3.29 2.13 -15.92
CA PHE A 107 2.11 2.92 -16.20
C PHE A 107 2.50 4.41 -16.08
N ASN A 108 1.52 5.30 -16.19
CA ASN A 108 1.62 6.70 -15.79
C ASN A 108 0.61 6.93 -14.69
N LEU A 109 0.67 8.10 -14.04
CA LEU A 109 -0.30 8.48 -13.01
C LEU A 109 -1.72 8.23 -13.54
N GLU A 110 -2.00 8.73 -14.73
CA GLU A 110 -3.31 8.69 -15.37
C GLU A 110 -3.87 7.26 -15.37
N GLU A 111 -3.15 6.34 -16.01
CA GLU A 111 -3.56 4.95 -16.18
C GLU A 111 -3.65 4.24 -14.84
N ALA A 112 -2.72 4.55 -13.93
CA ALA A 112 -2.61 3.95 -12.63
C ALA A 112 -3.79 4.32 -11.75
N ALA A 113 -4.10 5.61 -11.67
CA ALA A 113 -5.26 6.16 -10.99
C ALA A 113 -6.54 5.57 -11.60
N ARG A 114 -6.69 5.59 -12.93
CA ARG A 114 -7.87 5.03 -13.60
C ARG A 114 -8.05 3.55 -13.22
N CYS A 115 -6.99 2.75 -13.29
CA CYS A 115 -6.96 1.38 -12.79
C CYS A 115 -7.45 1.33 -11.34
N MET A 116 -6.93 2.19 -10.48
CA MET A 116 -7.27 2.16 -9.06
C MET A 116 -8.75 2.42 -8.80
N ARG A 117 -9.43 3.27 -9.57
CA ARG A 117 -10.87 3.48 -9.42
C ARG A 117 -11.66 2.18 -9.50
N SER A 118 -11.18 1.21 -10.28
CA SER A 118 -11.85 -0.07 -10.47
C SER A 118 -11.75 -0.96 -9.22
N LEU A 119 -10.91 -0.63 -8.23
CA LEU A 119 -10.81 -1.37 -6.98
C LEU A 119 -12.11 -1.27 -6.20
N LYS A 120 -12.51 -2.39 -5.61
CA LYS A 120 -13.77 -2.58 -4.90
C LYS A 120 -13.53 -2.61 -3.39
N ALA A 121 -12.53 -1.87 -2.91
CA ALA A 121 -12.16 -1.79 -1.52
C ALA A 121 -11.50 -0.43 -1.21
N PRO A 122 -11.43 -0.01 0.07
CA PRO A 122 -10.75 1.21 0.47
C PRO A 122 -9.23 1.11 0.30
N ALA A 123 -8.59 2.24 -0.02
CA ALA A 123 -7.16 2.32 -0.23
C ALA A 123 -6.69 3.75 0.08
N VAL A 124 -5.87 3.92 1.11
CA VAL A 124 -5.04 5.11 1.25
C VAL A 124 -4.02 5.10 0.10
N VAL A 125 -3.62 6.27 -0.41
CA VAL A 125 -2.72 6.41 -1.54
C VAL A 125 -1.59 7.38 -1.22
N SER A 126 -0.37 7.08 -1.66
CA SER A 126 0.78 7.93 -1.59
C SER A 126 1.28 8.21 -3.00
N VAL A 127 1.94 9.35 -3.16
CA VAL A 127 2.75 9.70 -4.31
C VAL A 127 4.00 10.39 -3.76
N SER A 128 5.15 10.23 -4.41
CA SER A 128 6.41 10.79 -3.93
C SER A 128 6.53 12.31 -4.17
N SER A 129 5.51 12.97 -4.74
CA SER A 129 5.45 14.42 -4.85
C SER A 129 4.16 14.96 -4.23
N PRO A 130 4.15 16.20 -3.73
CA PRO A 130 2.95 16.83 -3.19
C PRO A 130 2.01 17.23 -4.32
N ASP A 131 2.52 17.83 -5.40
CA ASP A 131 1.68 18.35 -6.49
C ASP A 131 0.95 17.25 -7.26
N ALA A 132 1.49 16.04 -7.14
CA ALA A 132 0.93 14.82 -7.70
C ALA A 132 -0.35 14.46 -6.96
N VAL A 133 -0.46 14.74 -5.65
CA VAL A 133 -1.68 14.50 -4.89
C VAL A 133 -2.84 15.29 -5.51
N THR A 134 -2.56 16.51 -5.97
CA THR A 134 -3.51 17.37 -6.64
C THR A 134 -3.91 16.74 -7.97
N THR A 135 -2.94 16.36 -8.81
CA THR A 135 -3.24 15.75 -10.10
C THR A 135 -4.10 14.50 -9.89
N TYR A 136 -3.67 13.71 -8.91
CA TYR A 136 -4.15 12.39 -8.63
C TYR A 136 -5.63 12.41 -8.31
N ASN A 137 -6.04 13.26 -7.36
CA ASN A 137 -7.43 13.48 -7.03
C ASN A 137 -8.23 13.88 -8.26
N GLY A 138 -7.66 14.75 -9.10
CA GLY A 138 -8.22 15.18 -10.36
C GLY A 138 -8.63 14.00 -11.25
N TYR A 139 -7.79 12.98 -11.37
CA TYR A 139 -8.15 11.79 -12.15
C TYR A 139 -9.27 10.99 -11.46
N LEU A 140 -9.34 10.98 -10.13
CA LEU A 140 -10.31 10.18 -9.35
C LEU A 140 -11.68 10.88 -9.21
N THR A 141 -11.74 12.17 -9.53
CA THR A 141 -12.95 12.98 -9.48
C THR A 141 -13.35 13.45 -10.90
N SER A 142 -12.50 13.14 -11.88
CA SER A 142 -12.53 13.59 -13.25
C SER A 142 -12.77 15.09 -13.35
N SER A 143 -11.70 15.84 -13.13
CA SER A 143 -11.62 17.24 -13.48
C SER A 143 -11.87 17.38 -14.98
N GLY A 1 31.36 -3.69 24.49
CA GLY A 1 30.16 -4.54 24.65
C GLY A 1 29.10 -3.76 25.40
N SER A 2 28.12 -4.46 25.99
CA SER A 2 26.90 -3.88 26.54
C SER A 2 26.02 -3.29 25.42
N HIS A 3 24.89 -2.71 25.81
CA HIS A 3 23.91 -1.97 25.01
C HIS A 3 23.34 -0.89 25.93
N MET A 4 22.48 -0.01 25.40
CA MET A 4 21.76 0.99 26.16
C MET A 4 20.52 1.30 25.31
N VAL A 5 19.35 0.99 25.84
CA VAL A 5 18.03 1.24 25.28
C VAL A 5 17.07 1.52 26.45
N LEU A 6 15.85 1.99 26.19
CA LEU A 6 14.78 2.19 27.16
C LEU A 6 13.51 1.57 26.58
N PRO A 7 12.47 1.29 27.39
CA PRO A 7 11.18 0.86 26.87
C PRO A 7 10.51 2.03 26.13
N SER A 8 10.83 2.20 24.85
CA SER A 8 10.38 3.29 24.01
C SER A 8 9.35 2.78 22.98
N GLU A 9 8.13 2.55 23.46
CA GLU A 9 6.96 2.11 22.70
C GLU A 9 5.73 2.74 23.35
N ALA A 10 4.62 2.87 22.61
CA ALA A 10 3.32 3.35 23.07
C ALA A 10 2.24 2.90 22.07
N PRO A 11 1.51 1.80 22.33
CA PRO A 11 0.36 1.39 21.52
C PRO A 11 -0.81 2.35 21.77
N ASN A 12 -1.07 3.26 20.84
CA ASN A 12 -1.98 4.39 21.04
C ASN A 12 -2.75 4.60 19.77
N ALA A 13 -4.03 4.27 19.81
CA ALA A 13 -4.94 4.42 18.68
C ALA A 13 -5.19 5.90 18.34
N LYS A 14 -5.39 6.19 17.06
CA LYS A 14 -5.81 7.47 16.53
C LYS A 14 -7.01 7.27 15.60
N GLU A 15 -7.51 8.35 14.98
CA GLU A 15 -8.38 8.28 13.82
C GLU A 15 -7.70 7.51 12.67
N GLU A 16 -8.39 7.26 11.56
CA GLU A 16 -7.83 6.51 10.45
C GLU A 16 -7.95 7.27 9.14
N ILE A 17 -6.85 7.25 8.39
CA ILE A 17 -6.67 8.01 7.18
C ILE A 17 -7.28 7.23 6.02
N LEU A 18 -7.71 7.98 5.01
CA LEU A 18 -8.31 7.50 3.78
C LEU A 18 -7.87 8.43 2.65
N GLY A 19 -8.10 8.00 1.41
CA GLY A 19 -7.79 8.79 0.22
C GLY A 19 -6.29 8.93 -0.04
N THR A 20 -5.93 9.74 -1.04
CA THR A 20 -4.54 9.99 -1.39
C THR A 20 -3.95 10.92 -0.33
N VAL A 21 -2.65 10.81 -0.08
CA VAL A 21 -1.88 11.57 0.89
C VAL A 21 -0.44 11.69 0.37
N SER A 22 0.31 12.68 0.86
CA SER A 22 1.68 12.93 0.42
C SER A 22 2.62 12.06 1.25
N TRP A 23 2.45 10.74 1.16
CA TRP A 23 3.21 9.77 1.93
C TRP A 23 4.19 9.09 0.98
N ASN A 24 5.31 8.62 1.52
CA ASN A 24 6.36 8.05 0.69
C ASN A 24 6.41 6.55 0.94
N LEU A 25 7.04 6.09 2.02
CA LEU A 25 7.07 4.65 2.32
C LEU A 25 7.09 4.41 3.82
N ARG A 26 7.85 5.17 4.59
CA ARG A 26 7.84 5.02 6.05
C ARG A 26 6.56 5.56 6.69
N GLU A 27 6.01 6.67 6.19
CA GLU A 27 4.71 7.18 6.64
C GLU A 27 3.66 6.06 6.49
N MET A 28 3.73 5.37 5.36
CA MET A 28 2.84 4.30 4.97
C MET A 28 2.96 3.14 5.92
N LEU A 29 4.17 2.65 6.18
CA LEU A 29 4.42 1.51 7.04
C LEU A 29 3.92 1.76 8.45
N ALA A 30 4.07 3.00 8.95
CA ALA A 30 3.62 3.34 10.28
C ALA A 30 2.10 3.32 10.30
N HIS A 31 1.44 4.00 9.35
CA HIS A 31 -0.02 3.97 9.27
C HIS A 31 -0.57 2.55 9.06
N ALA A 32 0.10 1.75 8.25
CA ALA A 32 -0.24 0.34 8.07
C ALA A 32 -0.23 -0.33 9.43
N GLU A 33 0.87 -0.31 10.20
CA GLU A 33 0.90 -0.85 11.56
C GLU A 33 -0.22 -0.29 12.42
N GLU A 34 -0.35 1.04 12.47
CA GLU A 34 -1.31 1.78 13.26
C GLU A 34 -2.71 1.19 13.09
N THR A 35 -3.14 0.94 11.85
CA THR A 35 -4.46 0.40 11.55
C THR A 35 -4.47 -1.13 11.29
N ARG A 36 -3.31 -1.79 11.35
CA ARG A 36 -2.97 -3.04 10.67
C ARG A 36 -3.69 -3.19 9.31
N LYS A 37 -3.77 -2.11 8.52
CA LYS A 37 -4.35 -2.13 7.16
C LYS A 37 -3.44 -2.96 6.26
N LEU A 38 -4.04 -3.64 5.27
CA LEU A 38 -3.30 -4.47 4.32
C LEU A 38 -2.48 -3.58 3.39
N MET A 39 -1.27 -4.00 3.08
CA MET A 39 -0.34 -3.25 2.24
C MET A 39 0.14 -4.12 1.07
N PRO A 40 -0.55 -4.20 -0.07
CA PRO A 40 -0.07 -4.98 -1.22
C PRO A 40 1.18 -4.31 -1.79
N ILE A 41 2.24 -5.09 -2.08
CA ILE A 41 3.54 -4.64 -2.58
C ILE A 41 3.89 -5.48 -3.81
N CYS A 42 4.47 -4.85 -4.84
CA CYS A 42 4.99 -5.56 -6.00
C CYS A 42 6.47 -5.88 -5.75
N MET A 43 6.86 -7.15 -5.71
CA MET A 43 8.22 -7.54 -5.37
C MET A 43 9.27 -7.09 -6.38
N ASP A 44 8.83 -6.64 -7.57
CA ASP A 44 9.68 -6.04 -8.59
C ASP A 44 10.34 -4.75 -8.13
N VAL A 45 9.65 -3.94 -7.31
CA VAL A 45 10.20 -2.69 -6.80
C VAL A 45 11.15 -3.00 -5.64
N ARG A 46 12.34 -3.49 -5.97
CA ARG A 46 13.42 -3.71 -5.01
C ARG A 46 13.75 -2.41 -4.27
N ALA A 47 13.39 -1.23 -4.80
CA ALA A 47 13.52 0.05 -4.10
C ALA A 47 12.56 0.21 -2.93
N ILE A 48 11.32 -0.28 -3.02
CA ILE A 48 10.41 -0.35 -1.87
C ILE A 48 10.90 -1.46 -0.94
N MET A 49 11.23 -2.63 -1.51
CA MET A 49 11.42 -3.83 -0.72
C MET A 49 12.66 -3.72 0.16
N ALA A 50 13.75 -3.15 -0.35
CA ALA A 50 14.98 -2.98 0.43
C ALA A 50 14.75 -2.12 1.69
N THR A 51 13.72 -1.29 1.73
CA THR A 51 13.36 -0.52 2.92
C THR A 51 12.62 -1.41 3.92
N ILE A 52 11.63 -2.19 3.44
CA ILE A 52 10.82 -3.10 4.24
C ILE A 52 11.76 -4.13 4.88
N GLN A 53 12.33 -5.05 4.11
CA GLN A 53 13.09 -6.19 4.59
C GLN A 53 14.20 -5.73 5.56
N ARG A 54 14.82 -4.55 5.34
CA ARG A 54 15.84 -4.02 6.23
C ARG A 54 15.28 -3.70 7.61
N LYS A 55 14.10 -3.07 7.66
CA LYS A 55 13.41 -2.70 8.90
C LYS A 55 13.18 -3.95 9.72
N TYR A 56 12.40 -4.86 9.14
CA TYR A 56 11.83 -6.00 9.84
C TYR A 56 12.83 -7.15 9.73
N LYS A 57 13.99 -7.02 10.41
CA LYS A 57 15.17 -7.82 10.15
C LYS A 57 14.83 -9.31 10.21
N GLY A 58 15.50 -10.08 9.36
CA GLY A 58 15.35 -11.52 9.32
C GLY A 58 14.52 -11.95 8.12
N ILE A 59 13.49 -11.19 7.78
CA ILE A 59 12.61 -11.46 6.66
C ILE A 59 13.42 -11.40 5.34
N LYS A 60 13.07 -12.22 4.34
CA LYS A 60 13.81 -12.29 3.07
C LYS A 60 12.91 -12.65 1.87
N ILE A 61 11.83 -11.87 1.71
CA ILE A 61 10.76 -11.99 0.71
C ILE A 61 10.02 -13.33 0.73
N GLN A 62 8.68 -13.29 0.65
CA GLN A 62 7.80 -14.43 0.80
C GLN A 62 6.50 -14.03 0.09
N GLU A 63 6.16 -14.77 -0.95
CA GLU A 63 4.96 -14.58 -1.76
C GLU A 63 3.75 -15.01 -0.93
N GLY A 64 2.56 -14.58 -1.36
CA GLY A 64 1.34 -14.75 -0.58
C GLY A 64 1.14 -13.53 0.29
N ILE A 65 0.31 -13.72 1.30
CA ILE A 65 0.13 -12.76 2.37
C ILE A 65 1.38 -12.86 3.24
N VAL A 66 2.01 -11.73 3.55
CA VAL A 66 3.17 -11.67 4.43
C VAL A 66 2.82 -10.79 5.60
N ASP A 67 2.30 -11.48 6.59
CA ASP A 67 2.12 -11.09 7.97
C ASP A 67 3.51 -11.10 8.63
N TYR A 68 4.24 -9.99 8.48
CA TYR A 68 5.56 -9.79 9.07
C TYR A 68 5.76 -8.31 9.38
N GLY A 69 5.44 -7.88 10.60
CA GLY A 69 5.56 -6.50 11.05
C GLY A 69 4.42 -5.62 10.55
N VAL A 70 4.07 -5.75 9.27
CA VAL A 70 2.84 -5.27 8.66
C VAL A 70 2.33 -6.48 7.88
N ARG A 71 1.02 -6.54 7.61
CA ARG A 71 0.46 -7.54 6.71
C ARG A 71 0.55 -6.98 5.31
N PHE A 72 1.37 -7.58 4.45
CA PHE A 72 1.43 -7.21 3.05
C PHE A 72 0.79 -8.31 2.22
N PHE A 73 0.64 -8.04 0.92
CA PHE A 73 0.26 -9.02 -0.10
C PHE A 73 1.31 -8.92 -1.18
N PHE A 74 2.23 -9.89 -1.26
CA PHE A 74 3.33 -9.93 -2.22
C PHE A 74 2.90 -10.76 -3.43
N TYR A 75 2.45 -10.09 -4.49
CA TYR A 75 1.97 -10.66 -5.75
C TYR A 75 3.08 -10.66 -6.80
N THR A 76 2.95 -11.49 -7.84
CA THR A 76 3.94 -11.59 -8.91
C THR A 76 3.92 -10.31 -9.74
N SER A 77 5.09 -9.77 -10.12
CA SER A 77 5.15 -8.57 -10.95
C SER A 77 4.69 -8.80 -12.38
N LYS A 78 4.56 -10.06 -12.80
CA LYS A 78 3.97 -10.43 -14.07
C LYS A 78 2.46 -10.21 -14.07
N GLU A 79 1.77 -10.37 -12.93
CA GLU A 79 0.31 -10.30 -12.92
C GLU A 79 -0.16 -8.88 -13.32
N PRO A 80 -1.13 -8.72 -14.23
CA PRO A 80 -1.61 -7.41 -14.62
C PRO A 80 -2.32 -6.70 -13.48
N VAL A 81 -2.33 -5.37 -13.57
CA VAL A 81 -2.84 -4.50 -12.51
C VAL A 81 -4.34 -4.74 -12.40
N ALA A 82 -5.02 -4.86 -13.55
CA ALA A 82 -6.46 -5.15 -13.60
C ALA A 82 -6.77 -6.42 -12.80
N SER A 83 -5.94 -7.45 -12.97
CA SER A 83 -6.14 -8.73 -12.34
C SER A 83 -5.90 -8.66 -10.83
N ILE A 84 -4.86 -7.97 -10.36
CA ILE A 84 -4.66 -7.89 -8.91
C ILE A 84 -5.72 -6.98 -8.26
N ILE A 85 -6.15 -5.90 -8.93
CA ILE A 85 -7.21 -5.03 -8.42
C ILE A 85 -8.42 -5.87 -8.05
N THR A 86 -8.85 -6.71 -8.99
CA THR A 86 -10.01 -7.55 -8.83
C THR A 86 -9.88 -8.45 -7.59
N LYS A 87 -8.67 -8.93 -7.32
CA LYS A 87 -8.43 -9.80 -6.18
C LYS A 87 -8.42 -8.99 -4.91
N LEU A 88 -7.83 -7.79 -4.88
CA LEU A 88 -7.80 -6.93 -3.69
C LEU A 88 -9.23 -6.63 -3.22
N ASN A 89 -10.15 -6.40 -4.15
CA ASN A 89 -11.56 -6.23 -3.81
C ASN A 89 -12.14 -7.47 -3.15
N SER A 90 -11.73 -8.64 -3.64
CA SER A 90 -12.16 -9.93 -3.15
C SER A 90 -11.56 -10.27 -1.77
N LEU A 91 -10.62 -9.46 -1.26
CA LEU A 91 -10.14 -9.50 0.11
C LEU A 91 -11.03 -8.64 1.00
N ASN A 92 -11.72 -7.64 0.43
CA ASN A 92 -12.70 -6.77 1.12
C ASN A 92 -12.13 -6.25 2.45
N GLU A 93 -10.85 -5.94 2.42
CA GLU A 93 -10.09 -5.31 3.49
C GLU A 93 -9.90 -3.82 3.17
N PRO A 94 -9.56 -2.99 4.17
CA PRO A 94 -9.07 -1.63 3.99
C PRO A 94 -7.57 -1.67 3.68
N LEU A 95 -7.15 -0.96 2.63
CA LEU A 95 -5.76 -0.99 2.16
C LEU A 95 -5.04 0.31 2.49
N VAL A 96 -3.71 0.26 2.46
CA VAL A 96 -2.81 1.41 2.40
C VAL A 96 -1.67 0.98 1.48
N THR A 97 -1.60 1.54 0.28
CA THR A 97 -0.50 1.31 -0.64
C THR A 97 -0.46 2.45 -1.66
N MET A 98 0.32 2.30 -2.72
CA MET A 98 0.45 3.27 -3.80
C MET A 98 -0.43 2.85 -4.98
N PRO A 99 -0.46 3.62 -6.08
CA PRO A 99 -1.31 3.35 -7.22
C PRO A 99 -0.90 2.12 -8.06
N ILE A 100 -0.57 1.00 -7.41
CA ILE A 100 -0.04 -0.27 -7.93
C ILE A 100 0.80 -0.03 -9.19
N GLY A 101 0.22 -0.23 -10.37
CA GLY A 101 0.82 0.11 -11.64
C GLY A 101 0.85 1.62 -11.78
N TYR A 102 1.91 2.25 -11.29
CA TYR A 102 2.33 3.62 -11.55
C TYR A 102 3.85 3.71 -11.80
N VAL A 103 4.62 2.68 -11.43
CA VAL A 103 6.07 2.65 -11.59
C VAL A 103 6.52 1.27 -12.01
N THR A 104 6.29 0.29 -11.14
CA THR A 104 6.63 -1.13 -11.24
C THR A 104 6.01 -1.85 -12.46
N HIS A 105 5.16 -1.20 -13.26
CA HIS A 105 4.61 -1.73 -14.52
C HIS A 105 4.73 -0.72 -15.66
N GLY A 106 5.44 0.41 -15.47
CA GLY A 106 5.58 1.43 -16.49
C GLY A 106 4.28 2.16 -16.80
N PHE A 107 3.28 2.08 -15.92
CA PHE A 107 2.03 2.81 -16.11
C PHE A 107 2.29 4.30 -15.86
N ASN A 108 1.59 5.18 -16.57
CA ASN A 108 1.55 6.61 -16.23
C ASN A 108 0.66 6.84 -15.02
N LEU A 109 0.65 8.06 -14.46
CA LEU A 109 -0.21 8.41 -13.34
C LEU A 109 -1.69 8.35 -13.71
N GLU A 110 -2.06 8.74 -14.94
CA GLU A 110 -3.44 8.60 -15.40
C GLU A 110 -3.80 7.12 -15.50
N GLU A 111 -2.95 6.35 -16.17
CA GLU A 111 -3.19 4.92 -16.37
C GLU A 111 -3.38 4.22 -15.02
N ALA A 112 -2.54 4.56 -14.06
CA ALA A 112 -2.59 4.10 -12.69
C ALA A 112 -3.94 4.47 -12.08
N ALA A 113 -4.31 5.75 -12.09
CA ALA A 113 -5.57 6.28 -11.60
C ALA A 113 -6.79 5.57 -12.22
N ARG A 114 -6.82 5.45 -13.55
CA ARG A 114 -7.91 4.79 -14.30
C ARG A 114 -8.05 3.35 -13.84
N CYS A 115 -6.94 2.64 -13.66
CA CYS A 115 -6.96 1.31 -13.06
C CYS A 115 -7.55 1.40 -11.66
N MET A 116 -7.09 2.31 -10.81
CA MET A 116 -7.49 2.42 -9.41
C MET A 116 -9.01 2.63 -9.26
N ARG A 117 -9.66 3.40 -10.14
CA ARG A 117 -11.13 3.47 -10.22
C ARG A 117 -11.83 2.10 -10.30
N SER A 118 -11.19 1.06 -10.84
CA SER A 118 -11.76 -0.29 -10.90
C SER A 118 -11.86 -0.94 -9.51
N LEU A 119 -11.04 -0.56 -8.53
CA LEU A 119 -10.93 -1.22 -7.23
C LEU A 119 -12.20 -1.06 -6.42
N LYS A 120 -12.66 -2.14 -5.77
CA LYS A 120 -13.90 -2.18 -5.01
C LYS A 120 -13.57 -2.42 -3.53
N ALA A 121 -12.62 -1.64 -3.00
CA ALA A 121 -12.21 -1.61 -1.60
C ALA A 121 -11.68 -0.22 -1.23
N PRO A 122 -11.72 0.22 0.03
CA PRO A 122 -11.03 1.42 0.47
C PRO A 122 -9.51 1.24 0.38
N ALA A 123 -8.81 2.31 0.04
CA ALA A 123 -7.38 2.32 -0.15
C ALA A 123 -6.87 3.74 0.06
N VAL A 124 -6.03 3.92 1.07
CA VAL A 124 -5.16 5.09 1.16
C VAL A 124 -4.19 5.00 -0.03
N VAL A 125 -3.79 6.13 -0.60
CA VAL A 125 -2.93 6.19 -1.80
C VAL A 125 -1.78 7.15 -1.53
N SER A 126 -0.64 6.93 -2.19
CA SER A 126 0.56 7.72 -1.99
C SER A 126 1.16 8.07 -3.35
N VAL A 127 1.88 9.19 -3.38
CA VAL A 127 2.70 9.64 -4.48
C VAL A 127 3.88 10.38 -3.84
N SER A 128 5.00 10.41 -4.54
CA SER A 128 6.23 11.03 -4.06
C SER A 128 6.03 12.51 -3.73
N SER A 129 5.18 13.22 -4.47
CA SER A 129 5.10 14.67 -4.41
C SER A 129 3.73 15.14 -3.92
N PRO A 130 3.66 16.28 -3.20
CA PRO A 130 2.42 16.82 -2.66
C PRO A 130 1.50 17.26 -3.79
N ASP A 131 2.07 17.83 -4.85
CA ASP A 131 1.34 18.27 -6.03
C ASP A 131 0.73 17.09 -6.78
N ALA A 132 1.38 15.94 -6.71
CA ALA A 132 0.95 14.74 -7.39
C ALA A 132 -0.28 14.17 -6.71
N VAL A 133 -0.48 14.42 -5.41
CA VAL A 133 -1.71 14.04 -4.72
C VAL A 133 -2.88 14.73 -5.42
N THR A 134 -2.71 16.02 -5.72
CA THR A 134 -3.68 16.88 -6.35
C THR A 134 -3.89 16.41 -7.79
N THR A 135 -2.81 16.23 -8.55
CA THR A 135 -2.88 15.74 -9.92
C THR A 135 -3.64 14.41 -10.00
N TYR A 136 -3.26 13.45 -9.17
CA TYR A 136 -3.88 12.14 -9.05
C TYR A 136 -5.38 12.33 -8.78
N ASN A 137 -5.74 13.10 -7.75
CA ASN A 137 -7.12 13.33 -7.34
C ASN A 137 -7.95 13.90 -8.49
N GLY A 138 -7.34 14.77 -9.29
CA GLY A 138 -7.93 15.39 -10.46
C GLY A 138 -8.40 14.34 -11.44
N TYR A 139 -7.61 13.29 -11.67
CA TYR A 139 -7.98 12.21 -12.57
C TYR A 139 -9.16 11.42 -12.04
N LEU A 140 -9.30 11.28 -10.71
CA LEU A 140 -10.46 10.58 -10.14
C LEU A 140 -11.75 11.36 -10.37
N THR A 141 -11.65 12.66 -10.63
CA THR A 141 -12.81 13.51 -10.95
C THR A 141 -12.74 14.02 -12.42
N SER A 142 -11.87 13.44 -13.26
CA SER A 142 -11.87 13.64 -14.70
C SER A 142 -13.11 12.92 -15.23
N SER A 143 -13.02 11.60 -15.33
CA SER A 143 -14.05 10.71 -15.82
C SER A 143 -15.20 10.68 -14.83
N GLY A 1 13.14 -16.38 10.29
CA GLY A 1 12.66 -17.13 11.45
C GLY A 1 11.25 -16.70 11.80
N SER A 2 10.83 -16.87 13.05
CA SER A 2 9.55 -16.37 13.55
C SER A 2 9.64 -16.18 15.06
N HIS A 3 8.82 -15.29 15.61
CA HIS A 3 8.53 -15.15 17.03
C HIS A 3 7.12 -14.59 17.09
N MET A 4 6.29 -15.06 18.02
CA MET A 4 4.85 -14.77 18.06
C MET A 4 4.36 -14.57 19.50
N VAL A 5 5.21 -14.04 20.37
CA VAL A 5 4.99 -14.01 21.81
C VAL A 5 5.11 -12.56 22.29
N LEU A 6 3.97 -11.93 22.58
CA LEU A 6 3.88 -10.58 23.15
C LEU A 6 3.32 -10.70 24.59
N PRO A 7 3.39 -9.68 25.45
CA PRO A 7 2.88 -9.78 26.82
C PRO A 7 1.35 -9.65 26.91
N SER A 8 0.62 -9.72 25.78
CA SER A 8 -0.75 -9.27 25.65
C SER A 8 -0.86 -7.76 25.90
N GLU A 9 -2.10 -7.28 26.05
CA GLU A 9 -2.57 -5.92 26.23
C GLU A 9 -1.96 -4.88 25.28
N ALA A 10 -2.76 -4.53 24.27
CA ALA A 10 -2.47 -3.55 23.23
C ALA A 10 -3.69 -2.62 23.09
N PRO A 11 -3.62 -1.33 23.48
CA PRO A 11 -4.64 -0.35 23.11
C PRO A 11 -4.55 -0.06 21.61
N ASN A 12 -5.65 0.24 20.94
CA ASN A 12 -5.65 1.06 19.72
C ASN A 12 -7.08 1.52 19.45
N ALA A 13 -7.32 2.82 19.48
CA ALA A 13 -8.62 3.44 19.30
C ALA A 13 -8.39 4.94 19.04
N LYS A 14 -8.00 5.28 17.81
CA LYS A 14 -7.88 6.66 17.35
C LYS A 14 -8.66 6.83 16.07
N GLU A 15 -8.64 8.04 15.52
CA GLU A 15 -9.31 8.37 14.28
C GLU A 15 -8.79 7.50 13.12
N GLU A 16 -9.55 7.45 12.02
CA GLU A 16 -9.09 6.90 10.76
C GLU A 16 -9.11 7.96 9.66
N ILE A 17 -8.31 7.70 8.64
CA ILE A 17 -8.11 8.51 7.47
C ILE A 17 -8.41 7.62 6.29
N LEU A 18 -8.85 8.27 5.24
CA LEU A 18 -9.11 7.70 3.94
C LEU A 18 -8.70 8.73 2.89
N GLY A 19 -8.59 8.31 1.63
CA GLY A 19 -8.29 9.20 0.53
C GLY A 19 -6.80 9.33 0.25
N THR A 20 -6.43 10.28 -0.62
CA THR A 20 -5.08 10.48 -1.07
C THR A 20 -4.39 11.48 -0.14
N VAL A 21 -3.17 11.16 0.31
CA VAL A 21 -2.42 11.89 1.32
C VAL A 21 -0.96 12.05 0.87
N SER A 22 -0.22 12.97 1.49
CA SER A 22 1.16 13.30 1.11
C SER A 22 2.14 12.57 2.03
N TRP A 23 1.77 11.40 2.52
CA TRP A 23 2.63 10.51 3.27
C TRP A 23 3.76 10.05 2.33
N ASN A 24 4.66 9.24 2.89
CA ASN A 24 5.86 8.76 2.25
C ASN A 24 5.98 7.31 2.68
N LEU A 25 6.86 6.52 2.07
CA LEU A 25 7.05 5.09 2.36
C LEU A 25 7.07 4.83 3.87
N ARG A 26 7.82 5.60 4.64
CA ARG A 26 7.90 5.38 6.08
C ARG A 26 6.61 5.72 6.83
N GLU A 27 6.05 6.93 6.65
CA GLU A 27 4.76 7.33 7.25
C GLU A 27 3.69 6.28 6.96
N MET A 28 3.64 5.85 5.70
CA MET A 28 2.79 4.80 5.21
C MET A 28 2.98 3.53 6.02
N LEU A 29 4.21 3.05 6.12
CA LEU A 29 4.53 1.85 6.89
C LEU A 29 4.02 1.98 8.30
N ALA A 30 4.28 3.11 8.98
CA ALA A 30 3.88 3.30 10.36
C ALA A 30 2.36 3.20 10.52
N HIS A 31 1.57 3.88 9.67
CA HIS A 31 0.11 3.74 9.73
C HIS A 31 -0.31 2.29 9.51
N ALA A 32 0.20 1.67 8.44
CA ALA A 32 -0.09 0.28 8.09
C ALA A 32 0.20 -0.67 9.26
N GLU A 33 1.37 -0.55 9.92
CA GLU A 33 1.76 -1.32 11.09
C GLU A 33 0.75 -1.15 12.22
N GLU A 34 0.44 0.10 12.57
CA GLU A 34 -0.35 0.47 13.73
C GLU A 34 -1.78 -0.04 13.58
N THR A 35 -2.34 0.09 12.38
CA THR A 35 -3.73 -0.26 12.08
C THR A 35 -3.89 -1.69 11.52
N ARG A 36 -2.77 -2.39 11.30
CA ARG A 36 -2.67 -3.65 10.55
C ARG A 36 -3.39 -3.59 9.19
N LYS A 37 -3.56 -2.39 8.60
CA LYS A 37 -4.18 -2.23 7.29
C LYS A 37 -3.24 -2.76 6.21
N LEU A 38 -3.77 -3.52 5.25
CA LEU A 38 -2.96 -4.29 4.32
C LEU A 38 -2.21 -3.38 3.35
N MET A 39 -1.04 -3.86 2.93
CA MET A 39 -0.13 -3.25 1.97
C MET A 39 0.06 -4.22 0.78
N PRO A 40 -0.64 -4.07 -0.35
CA PRO A 40 -0.26 -4.77 -1.57
C PRO A 40 1.08 -4.19 -2.07
N ILE A 41 2.08 -5.01 -2.38
CA ILE A 41 3.36 -4.52 -2.89
C ILE A 41 3.75 -5.40 -4.08
N CYS A 42 4.14 -4.76 -5.18
CA CYS A 42 4.73 -5.45 -6.31
C CYS A 42 6.14 -5.86 -5.91
N MET A 43 6.33 -7.14 -5.60
CA MET A 43 7.59 -7.68 -5.11
C MET A 43 8.74 -7.54 -6.12
N ASP A 44 8.42 -7.27 -7.38
CA ASP A 44 9.38 -7.18 -8.46
C ASP A 44 10.32 -5.98 -8.26
N VAL A 45 9.86 -4.93 -7.57
CA VAL A 45 10.61 -3.70 -7.32
C VAL A 45 11.49 -3.90 -6.09
N ARG A 46 12.75 -4.24 -6.30
CA ARG A 46 13.70 -4.55 -5.22
C ARG A 46 13.94 -3.34 -4.30
N ALA A 47 13.95 -2.09 -4.81
CA ALA A 47 14.24 -0.92 -3.98
C ALA A 47 13.18 -0.68 -2.89
N ILE A 48 11.90 -0.94 -3.20
CA ILE A 48 10.83 -0.84 -2.21
C ILE A 48 11.05 -1.92 -1.14
N MET A 49 11.37 -3.14 -1.59
CA MET A 49 11.69 -4.26 -0.71
C MET A 49 12.82 -3.85 0.23
N ALA A 50 13.86 -3.17 -0.26
CA ALA A 50 15.00 -2.77 0.55
C ALA A 50 14.59 -1.93 1.76
N THR A 51 13.63 -1.00 1.66
CA THR A 51 13.24 -0.22 2.84
C THR A 51 12.38 -1.08 3.77
N ILE A 52 11.47 -1.91 3.25
CA ILE A 52 10.68 -2.79 4.10
C ILE A 52 11.62 -3.78 4.80
N GLN A 53 12.36 -4.62 4.08
CA GLN A 53 13.17 -5.66 4.70
C GLN A 53 14.19 -5.07 5.71
N ARG A 54 14.71 -3.84 5.50
CA ARG A 54 15.62 -3.20 6.46
C ARG A 54 14.91 -2.77 7.74
N LYS A 55 13.73 -2.20 7.57
CA LYS A 55 12.85 -1.79 8.66
C LYS A 55 12.46 -2.99 9.52
N TYR A 56 12.25 -4.16 8.93
CA TYR A 56 11.74 -5.35 9.61
C TYR A 56 12.73 -6.49 9.41
N LYS A 57 13.66 -6.69 10.37
CA LYS A 57 14.74 -7.67 10.26
C LYS A 57 14.22 -9.09 9.97
N GLY A 58 15.05 -9.93 9.34
CA GLY A 58 14.82 -11.37 9.18
C GLY A 58 13.93 -11.73 7.99
N ILE A 59 13.06 -10.82 7.54
CA ILE A 59 12.11 -11.08 6.45
C ILE A 59 12.89 -11.22 5.12
N LYS A 60 12.52 -12.18 4.25
CA LYS A 60 13.43 -12.66 3.19
C LYS A 60 12.73 -12.95 1.85
N ILE A 61 11.82 -12.06 1.47
CA ILE A 61 10.89 -12.10 0.33
C ILE A 61 10.14 -13.44 0.15
N GLN A 62 8.83 -13.33 -0.03
CA GLN A 62 7.87 -14.40 0.16
C GLN A 62 6.59 -14.02 -0.60
N GLU A 63 6.27 -14.65 -1.72
CA GLU A 63 5.04 -14.42 -2.48
C GLU A 63 3.88 -14.85 -1.59
N GLY A 64 2.71 -14.25 -1.82
CA GLY A 64 1.50 -14.53 -1.05
C GLY A 64 1.23 -13.47 0.00
N ILE A 65 0.54 -13.87 1.06
CA ILE A 65 0.26 -13.04 2.21
C ILE A 65 1.48 -13.10 3.14
N VAL A 66 1.89 -11.95 3.65
CA VAL A 66 3.13 -11.74 4.37
C VAL A 66 2.80 -10.95 5.63
N ASP A 67 2.98 -11.55 6.80
CA ASP A 67 2.61 -10.98 8.08
C ASP A 67 3.88 -10.67 8.86
N TYR A 68 4.31 -9.39 8.83
CA TYR A 68 5.60 -9.00 9.39
C TYR A 68 5.56 -7.53 9.81
N GLY A 69 4.97 -7.23 10.97
CA GLY A 69 4.77 -5.85 11.42
C GLY A 69 3.54 -5.27 10.73
N VAL A 70 3.74 -4.81 9.51
CA VAL A 70 2.73 -4.63 8.53
C VAL A 70 2.40 -5.95 7.86
N ARG A 71 1.16 -6.00 7.42
CA ARG A 71 0.60 -7.11 6.70
C ARG A 71 0.74 -6.70 5.26
N PHE A 72 1.56 -7.44 4.54
CA PHE A 72 1.80 -7.27 3.12
C PHE A 72 1.11 -8.36 2.30
N PHE A 73 0.90 -8.08 1.03
CA PHE A 73 0.47 -9.03 -0.01
C PHE A 73 1.39 -8.82 -1.21
N PHE A 74 2.27 -9.78 -1.50
CA PHE A 74 3.28 -9.77 -2.54
C PHE A 74 2.82 -10.63 -3.71
N TYR A 75 2.94 -10.12 -4.94
CA TYR A 75 2.53 -10.75 -6.19
C TYR A 75 3.51 -10.33 -7.30
N THR A 76 3.57 -11.14 -8.37
CA THR A 76 4.60 -11.04 -9.37
C THR A 76 4.34 -9.92 -10.40
N SER A 77 5.36 -9.50 -11.16
CA SER A 77 5.21 -8.55 -12.27
C SER A 77 4.63 -9.18 -13.54
N LYS A 78 4.51 -10.51 -13.62
CA LYS A 78 3.70 -11.12 -14.67
C LYS A 78 2.23 -10.85 -14.38
N GLU A 79 1.82 -10.74 -13.11
CA GLU A 79 0.39 -10.49 -12.86
C GLU A 79 0.04 -9.05 -13.32
N PRO A 80 -1.08 -8.81 -14.02
CA PRO A 80 -1.51 -7.46 -14.34
C PRO A 80 -2.13 -6.77 -13.13
N VAL A 81 -2.21 -5.45 -13.22
CA VAL A 81 -2.82 -4.61 -12.20
C VAL A 81 -4.32 -4.90 -12.18
N ALA A 82 -4.95 -5.13 -13.34
CA ALA A 82 -6.34 -5.54 -13.41
C ALA A 82 -6.60 -6.83 -12.61
N SER A 83 -5.67 -7.79 -12.62
CA SER A 83 -5.80 -9.04 -11.88
C SER A 83 -5.77 -8.78 -10.39
N ILE A 84 -4.82 -7.99 -9.90
CA ILE A 84 -4.68 -7.81 -8.46
C ILE A 84 -5.84 -6.99 -7.91
N ILE A 85 -6.42 -6.08 -8.72
CA ILE A 85 -7.65 -5.38 -8.36
C ILE A 85 -8.74 -6.42 -8.14
N THR A 86 -9.02 -7.30 -9.11
CA THR A 86 -10.01 -8.39 -9.01
C THR A 86 -9.81 -9.26 -7.75
N LYS A 87 -8.59 -9.31 -7.22
CA LYS A 87 -8.20 -10.09 -6.04
C LYS A 87 -8.49 -9.29 -4.77
N LEU A 88 -8.01 -8.04 -4.71
CA LEU A 88 -8.26 -7.14 -3.59
C LEU A 88 -9.76 -6.91 -3.42
N ASN A 89 -10.53 -6.92 -4.50
CA ASN A 89 -11.99 -6.89 -4.45
C ASN A 89 -12.54 -8.10 -3.69
N SER A 90 -12.01 -9.29 -3.97
CA SER A 90 -12.36 -10.56 -3.33
C SER A 90 -12.07 -10.52 -1.82
N LEU A 91 -11.04 -9.79 -1.41
CA LEU A 91 -10.58 -9.65 -0.04
C LEU A 91 -11.39 -8.57 0.65
N ASN A 92 -11.71 -7.49 -0.07
CA ASN A 92 -12.51 -6.32 0.35
C ASN A 92 -12.02 -5.71 1.66
N GLU A 93 -10.72 -5.77 1.90
CA GLU A 93 -10.08 -5.31 3.12
C GLU A 93 -9.69 -3.82 3.05
N PRO A 94 -9.45 -3.15 4.20
CA PRO A 94 -8.96 -1.77 4.26
C PRO A 94 -7.48 -1.71 3.87
N LEU A 95 -7.16 -1.08 2.73
CA LEU A 95 -5.78 -0.99 2.25
C LEU A 95 -5.18 0.37 2.59
N VAL A 96 -3.85 0.42 2.60
CA VAL A 96 -3.07 1.64 2.56
C VAL A 96 -1.89 1.35 1.62
N THR A 97 -1.83 2.03 0.47
CA THR A 97 -0.79 1.84 -0.54
C THR A 97 -0.66 3.09 -1.42
N MET A 98 0.05 2.99 -2.53
CA MET A 98 0.30 4.00 -3.54
C MET A 98 -0.49 3.58 -4.78
N PRO A 99 -0.37 4.28 -5.91
CA PRO A 99 -0.71 3.66 -7.16
C PRO A 99 0.29 2.52 -7.41
N ILE A 100 -0.11 1.28 -7.12
CA ILE A 100 0.63 0.03 -7.28
C ILE A 100 1.23 -0.03 -8.68
N GLY A 101 0.38 -0.17 -9.68
CA GLY A 101 0.76 -0.21 -11.08
C GLY A 101 0.90 1.22 -11.51
N TYR A 102 2.03 1.86 -11.20
CA TYR A 102 2.42 3.20 -11.61
C TYR A 102 3.64 3.12 -12.52
N VAL A 103 4.74 2.55 -12.08
CA VAL A 103 5.99 2.50 -12.84
C VAL A 103 6.55 1.07 -12.86
N THR A 104 6.04 0.22 -11.97
CA THR A 104 6.42 -1.16 -11.75
C THR A 104 6.16 -1.96 -13.02
N HIS A 105 4.92 -1.78 -13.49
CA HIS A 105 4.28 -2.35 -14.66
C HIS A 105 4.36 -1.37 -15.83
N GLY A 106 5.16 -0.30 -15.70
CA GLY A 106 5.30 0.76 -16.69
C GLY A 106 3.97 1.43 -17.00
N PHE A 107 3.20 1.82 -15.96
CA PHE A 107 1.97 2.59 -16.19
C PHE A 107 2.29 4.09 -16.27
N ASN A 108 1.27 4.96 -16.24
CA ASN A 108 1.40 6.41 -16.03
C ASN A 108 0.64 6.77 -14.77
N LEU A 109 0.85 7.96 -14.17
CA LEU A 109 0.02 8.40 -13.03
C LEU A 109 -1.44 8.46 -13.45
N GLU A 110 -1.69 8.76 -14.71
CA GLU A 110 -3.02 8.62 -15.30
C GLU A 110 -3.51 7.18 -15.16
N GLU A 111 -2.98 6.24 -15.94
CA GLU A 111 -3.53 4.87 -16.03
C GLU A 111 -3.56 4.17 -14.69
N ALA A 112 -2.62 4.48 -13.81
CA ALA A 112 -2.50 3.90 -12.50
C ALA A 112 -3.67 4.31 -11.62
N ALA A 113 -4.02 5.60 -11.61
CA ALA A 113 -5.24 6.13 -11.05
C ALA A 113 -6.47 5.57 -11.79
N ARG A 114 -6.48 5.48 -13.12
CA ARG A 114 -7.59 4.90 -13.89
C ARG A 114 -7.89 3.47 -13.44
N CYS A 115 -6.86 2.63 -13.30
CA CYS A 115 -7.00 1.29 -12.73
C CYS A 115 -7.61 1.39 -11.33
N MET A 116 -7.08 2.28 -10.49
CA MET A 116 -7.53 2.46 -9.12
C MET A 116 -8.98 2.89 -8.99
N ARG A 117 -9.50 3.75 -9.88
CA ARG A 117 -10.93 4.09 -9.93
C ARG A 117 -11.81 2.85 -10.11
N SER A 118 -11.28 1.75 -10.65
CA SER A 118 -12.00 0.51 -10.85
C SER A 118 -12.13 -0.28 -9.53
N LEU A 119 -11.19 -0.16 -8.60
CA LEU A 119 -11.16 -0.95 -7.35
C LEU A 119 -12.45 -0.72 -6.56
N LYS A 120 -13.02 -1.79 -6.01
CA LYS A 120 -14.37 -1.83 -5.46
C LYS A 120 -14.36 -1.87 -3.93
N ALA A 121 -13.20 -1.68 -3.31
CA ALA A 121 -12.95 -1.84 -1.89
C ALA A 121 -12.00 -0.71 -1.42
N PRO A 122 -11.82 -0.49 -0.11
CA PRO A 122 -11.16 0.71 0.42
C PRO A 122 -9.69 0.80 0.04
N ALA A 123 -9.19 2.03 -0.12
CA ALA A 123 -7.81 2.30 -0.46
C ALA A 123 -7.41 3.74 -0.14
N VAL A 124 -6.55 3.95 0.85
CA VAL A 124 -5.80 5.20 1.03
C VAL A 124 -4.76 5.28 -0.11
N VAL A 125 -4.28 6.46 -0.49
CA VAL A 125 -3.25 6.59 -1.54
C VAL A 125 -2.17 7.56 -1.07
N SER A 126 -0.91 7.34 -1.47
CA SER A 126 0.17 8.28 -1.25
C SER A 126 1.05 8.29 -2.51
N VAL A 127 1.78 9.38 -2.69
CA VAL A 127 2.69 9.63 -3.80
C VAL A 127 3.96 10.27 -3.23
N SER A 128 5.07 10.27 -3.96
CA SER A 128 6.33 10.83 -3.49
C SER A 128 6.33 12.37 -3.54
N SER A 129 5.36 13.00 -4.22
CA SER A 129 5.31 14.45 -4.41
C SER A 129 3.95 15.03 -4.02
N PRO A 130 3.90 16.27 -3.49
CA PRO A 130 2.65 16.91 -3.13
C PRO A 130 1.82 17.24 -4.38
N ASP A 131 2.45 17.67 -5.47
CA ASP A 131 1.76 18.02 -6.72
C ASP A 131 1.18 16.80 -7.41
N ALA A 132 1.65 15.61 -7.05
CA ALA A 132 1.09 14.37 -7.55
C ALA A 132 -0.20 14.06 -6.80
N VAL A 133 -0.40 14.50 -5.55
CA VAL A 133 -1.68 14.34 -4.85
C VAL A 133 -2.74 15.09 -5.65
N THR A 134 -2.43 16.33 -6.07
CA THR A 134 -3.30 17.21 -6.83
C THR A 134 -3.64 16.53 -8.15
N THR A 135 -2.61 15.99 -8.82
CA THR A 135 -2.77 15.46 -10.16
C THR A 135 -3.51 14.11 -10.13
N TYR A 136 -3.27 13.30 -9.10
CA TYR A 136 -3.93 12.03 -8.86
C TYR A 136 -5.43 12.24 -8.67
N ASN A 137 -5.81 13.14 -7.75
CA ASN A 137 -7.19 13.61 -7.57
C ASN A 137 -7.80 14.06 -8.90
N GLY A 138 -6.97 14.70 -9.72
CA GLY A 138 -7.26 15.13 -11.08
C GLY A 138 -7.89 14.00 -11.88
N TYR A 139 -7.19 12.87 -12.06
CA TYR A 139 -7.74 11.75 -12.84
C TYR A 139 -8.95 11.13 -12.13
N LEU A 140 -8.99 11.16 -10.80
CA LEU A 140 -10.09 10.56 -10.03
C LEU A 140 -11.40 11.29 -10.25
N THR A 141 -11.33 12.56 -10.64
CA THR A 141 -12.49 13.39 -10.93
C THR A 141 -12.67 13.58 -12.44
N SER A 142 -11.57 13.46 -13.21
CA SER A 142 -11.51 13.63 -14.66
C SER A 142 -12.23 14.89 -15.14
N SER A 143 -11.49 16.00 -15.10
CA SER A 143 -11.91 17.31 -15.57
C SER A 143 -12.19 17.27 -17.07
N GLY A 1 4.82 -23.51 16.51
CA GLY A 1 4.23 -22.24 16.98
C GLY A 1 4.41 -22.14 18.48
N SER A 2 5.25 -21.22 18.95
CA SER A 2 5.61 -21.09 20.35
C SER A 2 5.39 -19.64 20.78
N HIS A 3 4.79 -19.42 21.95
CA HIS A 3 4.50 -18.09 22.46
C HIS A 3 5.69 -17.60 23.27
N MET A 4 6.50 -16.72 22.69
CA MET A 4 7.55 -16.00 23.37
C MET A 4 7.22 -14.53 23.16
N VAL A 5 6.50 -13.96 24.14
CA VAL A 5 5.89 -12.63 24.10
C VAL A 5 4.90 -12.49 22.94
N LEU A 6 4.25 -11.33 22.81
CA LEU A 6 3.53 -10.84 21.65
C LEU A 6 3.61 -9.31 21.77
N PRO A 7 3.63 -8.53 20.66
CA PRO A 7 3.85 -7.09 20.69
C PRO A 7 2.56 -6.35 21.10
N SER A 8 2.15 -6.47 22.36
CA SER A 8 0.83 -6.06 22.81
C SER A 8 0.57 -4.57 22.72
N GLU A 9 -0.69 -4.22 22.44
CA GLU A 9 -1.16 -2.91 22.01
C GLU A 9 -2.41 -2.53 22.83
N ALA A 10 -2.61 -1.24 23.05
CA ALA A 10 -3.82 -0.72 23.64
C ALA A 10 -4.88 -0.52 22.54
N PRO A 11 -6.19 -0.66 22.86
CA PRO A 11 -7.29 -0.37 21.95
C PRO A 11 -7.42 1.15 21.79
N ASN A 12 -6.60 1.72 20.92
CA ASN A 12 -6.43 3.16 20.73
C ASN A 12 -6.13 3.45 19.25
N ALA A 13 -7.08 3.12 18.37
CA ALA A 13 -7.03 3.49 16.96
C ALA A 13 -8.47 3.72 16.47
N LYS A 14 -9.00 4.91 16.75
CA LYS A 14 -10.41 5.23 16.44
C LYS A 14 -10.50 5.79 15.02
N GLU A 15 -9.91 6.95 14.76
CA GLU A 15 -10.03 7.60 13.46
C GLU A 15 -9.26 6.80 12.41
N GLU A 16 -9.67 6.94 11.15
CA GLU A 16 -8.92 6.49 10.00
C GLU A 16 -8.80 7.55 8.92
N ILE A 17 -7.77 7.34 8.12
CA ILE A 17 -7.40 8.13 6.96
C ILE A 17 -7.78 7.27 5.74
N LEU A 18 -8.23 7.91 4.66
CA LEU A 18 -8.45 7.32 3.35
C LEU A 18 -8.02 8.34 2.29
N GLY A 19 -8.24 8.02 1.02
CA GLY A 19 -7.91 8.89 -0.09
C GLY A 19 -6.41 9.05 -0.31
N THR A 20 -6.01 10.06 -1.08
CA THR A 20 -4.63 10.21 -1.55
C THR A 20 -3.88 11.21 -0.67
N VAL A 21 -2.61 10.93 -0.36
CA VAL A 21 -1.77 11.70 0.56
C VAL A 21 -0.32 11.75 0.07
N SER A 22 0.49 12.62 0.68
CA SER A 22 1.86 12.94 0.33
C SER A 22 2.83 12.13 1.22
N TRP A 23 2.59 10.83 1.33
CA TRP A 23 3.36 9.90 2.13
C TRP A 23 4.43 9.23 1.26
N ASN A 24 5.05 8.17 1.76
CA ASN A 24 6.36 7.71 1.32
C ASN A 24 6.46 6.22 1.62
N LEU A 25 7.05 5.85 2.76
CA LEU A 25 7.25 4.45 3.16
C LEU A 25 7.35 4.38 4.69
N ARG A 26 8.03 5.34 5.35
CA ARG A 26 7.95 5.55 6.81
C ARG A 26 6.51 5.84 7.21
N GLU A 27 5.92 6.89 6.66
CA GLU A 27 4.54 7.31 6.93
C GLU A 27 3.58 6.13 6.79
N MET A 28 3.80 5.39 5.71
CA MET A 28 3.01 4.28 5.25
C MET A 28 3.07 3.14 6.26
N LEU A 29 4.25 2.63 6.63
CA LEU A 29 4.47 1.76 7.77
C LEU A 29 3.81 2.27 9.05
N ALA A 30 4.04 3.52 9.42
CA ALA A 30 3.54 4.09 10.67
C ALA A 30 2.02 3.97 10.73
N HIS A 31 1.34 4.39 9.67
CA HIS A 31 -0.10 4.31 9.54
C HIS A 31 -0.57 2.87 9.44
N ALA A 32 0.14 2.03 8.70
CA ALA A 32 -0.25 0.65 8.48
C ALA A 32 -0.21 -0.18 9.75
N GLU A 33 0.75 0.03 10.66
CA GLU A 33 0.72 -0.59 11.96
C GLU A 33 -0.48 -0.02 12.72
N GLU A 34 -0.56 1.31 12.83
CA GLU A 34 -1.55 2.03 13.63
C GLU A 34 -2.98 1.61 13.35
N THR A 35 -3.28 1.27 12.09
CA THR A 35 -4.62 0.89 11.68
C THR A 35 -4.74 -0.59 11.31
N ARG A 36 -3.66 -1.38 11.47
CA ARG A 36 -3.44 -2.68 10.83
C ARG A 36 -4.04 -2.74 9.42
N LYS A 37 -3.75 -1.74 8.58
CA LYS A 37 -4.24 -1.73 7.20
C LYS A 37 -3.28 -2.52 6.32
N LEU A 38 -3.85 -3.30 5.40
CA LEU A 38 -3.10 -4.20 4.53
C LEU A 38 -2.26 -3.38 3.55
N MET A 39 -1.00 -3.75 3.38
CA MET A 39 -0.01 -3.03 2.59
C MET A 39 0.39 -3.87 1.36
N PRO A 40 -0.29 -3.75 0.21
CA PRO A 40 0.12 -4.46 -0.99
C PRO A 40 1.41 -3.82 -1.55
N ILE A 41 2.40 -4.65 -1.90
CA ILE A 41 3.71 -4.25 -2.39
C ILE A 41 4.04 -5.13 -3.60
N CYS A 42 4.68 -4.54 -4.61
CA CYS A 42 5.07 -5.23 -5.82
C CYS A 42 6.53 -5.65 -5.69
N MET A 43 6.79 -6.96 -5.64
CA MET A 43 8.12 -7.52 -5.39
C MET A 43 9.18 -7.17 -6.45
N ASP A 44 8.72 -6.61 -7.57
CA ASP A 44 9.49 -5.98 -8.64
C ASP A 44 10.37 -4.85 -8.11
N VAL A 45 9.82 -4.00 -7.23
CA VAL A 45 10.48 -2.79 -6.77
C VAL A 45 11.51 -3.14 -5.68
N ARG A 46 12.71 -3.56 -6.10
CA ARG A 46 13.84 -3.86 -5.21
C ARG A 46 14.13 -2.69 -4.27
N ALA A 47 13.92 -1.44 -4.70
CA ALA A 47 14.08 -0.29 -3.82
C ALA A 47 13.21 -0.41 -2.56
N ILE A 48 11.90 -0.58 -2.73
CA ILE A 48 10.94 -0.74 -1.64
C ILE A 48 11.25 -2.02 -0.86
N MET A 49 11.65 -3.09 -1.55
CA MET A 49 12.00 -4.35 -0.91
C MET A 49 13.17 -4.15 0.05
N ALA A 50 14.19 -3.37 -0.35
CA ALA A 50 15.34 -3.12 0.49
C ALA A 50 14.88 -2.56 1.83
N THR A 51 13.95 -1.61 1.81
CA THR A 51 13.56 -0.83 2.96
C THR A 51 12.67 -1.67 3.90
N ILE A 52 11.72 -2.47 3.37
CA ILE A 52 10.87 -3.32 4.18
C ILE A 52 11.70 -4.44 4.80
N GLN A 53 12.29 -5.34 4.00
CA GLN A 53 12.97 -6.50 4.53
C GLN A 53 14.11 -6.13 5.52
N ARG A 54 14.63 -4.90 5.47
CA ARG A 54 15.56 -4.38 6.47
C ARG A 54 14.86 -3.90 7.74
N LYS A 55 13.67 -3.29 7.64
CA LYS A 55 12.88 -2.80 8.78
C LYS A 55 12.31 -3.94 9.62
N TYR A 56 12.18 -5.12 9.02
CA TYR A 56 11.58 -6.30 9.63
C TYR A 56 12.59 -7.43 9.47
N LYS A 57 13.67 -7.43 10.27
CA LYS A 57 14.78 -8.37 10.10
C LYS A 57 14.28 -9.82 10.06
N GLY A 58 14.94 -10.65 9.24
CA GLY A 58 14.67 -12.08 9.12
C GLY A 58 13.73 -12.40 7.96
N ILE A 59 12.88 -11.47 7.53
CA ILE A 59 12.02 -11.69 6.38
C ILE A 59 12.90 -11.79 5.11
N LYS A 60 12.62 -12.76 4.24
CA LYS A 60 13.47 -13.15 3.10
C LYS A 60 12.64 -13.49 1.87
N ILE A 61 11.63 -12.64 1.62
CA ILE A 61 10.64 -12.63 0.57
C ILE A 61 9.82 -13.92 0.42
N GLN A 62 8.54 -13.68 0.21
CA GLN A 62 7.46 -14.63 0.12
C GLN A 62 6.54 -14.12 -1.01
N GLU A 63 5.54 -14.90 -1.41
CA GLU A 63 4.47 -14.48 -2.30
C GLU A 63 3.14 -14.83 -1.64
N GLY A 64 2.11 -14.05 -1.93
CA GLY A 64 0.83 -14.11 -1.21
C GLY A 64 0.75 -13.01 -0.17
N ILE A 65 -0.22 -13.14 0.74
CA ILE A 65 -0.22 -12.44 2.00
C ILE A 65 1.10 -12.73 2.72
N VAL A 66 1.54 -11.72 3.45
CA VAL A 66 2.68 -11.75 4.34
C VAL A 66 2.19 -11.24 5.70
N ASP A 67 2.78 -11.81 6.75
CA ASP A 67 2.52 -11.51 8.14
C ASP A 67 3.86 -11.41 8.87
N TYR A 68 4.45 -10.21 8.86
CA TYR A 68 5.76 -9.90 9.35
C TYR A 68 5.75 -8.39 9.66
N GLY A 69 5.14 -8.02 10.78
CA GLY A 69 5.00 -6.65 11.23
C GLY A 69 3.75 -6.05 10.60
N VAL A 70 3.93 -5.34 9.49
CA VAL A 70 2.87 -4.61 8.81
C VAL A 70 2.26 -5.57 7.81
N ARG A 71 1.01 -5.99 7.97
CA ARG A 71 0.36 -7.02 7.15
C ARG A 71 0.55 -6.66 5.68
N PHE A 72 1.42 -7.37 4.95
CA PHE A 72 1.71 -7.06 3.55
C PHE A 72 0.96 -8.02 2.61
N PHE A 73 0.93 -7.70 1.32
CA PHE A 73 0.41 -8.55 0.24
C PHE A 73 1.36 -8.43 -0.94
N PHE A 74 2.17 -9.45 -1.19
CA PHE A 74 3.18 -9.49 -2.24
C PHE A 74 2.63 -10.27 -3.43
N TYR A 75 2.79 -9.72 -4.64
CA TYR A 75 2.20 -10.26 -5.85
C TYR A 75 3.15 -10.08 -7.04
N THR A 76 2.85 -10.80 -8.12
CA THR A 76 3.65 -10.92 -9.32
C THR A 76 3.48 -9.69 -10.23
N SER A 77 4.55 -8.91 -10.46
CA SER A 77 4.49 -7.78 -11.40
C SER A 77 4.12 -8.21 -12.82
N LYS A 78 4.50 -9.43 -13.18
CA LYS A 78 4.26 -10.03 -14.48
C LYS A 78 2.77 -10.34 -14.69
N GLU A 79 1.91 -10.21 -13.68
CA GLU A 79 0.46 -10.21 -13.92
C GLU A 79 -0.07 -8.77 -14.07
N PRO A 80 -1.24 -8.58 -14.70
CA PRO A 80 -1.77 -7.28 -15.01
C PRO A 80 -2.36 -6.63 -13.76
N VAL A 81 -2.52 -5.32 -13.85
CA VAL A 81 -3.10 -4.49 -12.80
C VAL A 81 -4.57 -4.88 -12.61
N ALA A 82 -5.27 -5.20 -13.70
CA ALA A 82 -6.64 -5.69 -13.63
C ALA A 82 -6.74 -7.04 -12.87
N SER A 83 -5.71 -7.89 -12.91
CA SER A 83 -5.72 -9.14 -12.18
C SER A 83 -5.56 -8.89 -10.68
N ILE A 84 -4.49 -8.20 -10.26
CA ILE A 84 -4.21 -8.03 -8.83
C ILE A 84 -5.36 -7.29 -8.14
N ILE A 85 -6.01 -6.37 -8.86
CA ILE A 85 -7.20 -5.69 -8.38
C ILE A 85 -8.30 -6.72 -8.10
N THR A 86 -8.68 -7.54 -9.07
CA THR A 86 -9.69 -8.60 -8.91
C THR A 86 -9.39 -9.54 -7.73
N LYS A 87 -8.11 -9.73 -7.46
CA LYS A 87 -7.57 -10.55 -6.36
C LYS A 87 -7.99 -9.83 -5.08
N LEU A 88 -7.57 -8.58 -4.93
CA LEU A 88 -7.89 -7.71 -3.80
C LEU A 88 -9.38 -7.45 -3.63
N ASN A 89 -10.23 -7.77 -4.60
CA ASN A 89 -11.68 -7.76 -4.41
C ASN A 89 -12.11 -8.73 -3.31
N SER A 90 -11.38 -9.82 -3.08
CA SER A 90 -11.80 -10.83 -2.12
C SER A 90 -11.60 -10.33 -0.69
N LEU A 91 -10.65 -9.43 -0.50
CA LEU A 91 -10.13 -8.94 0.74
C LEU A 91 -11.24 -8.23 1.49
N ASN A 92 -11.77 -7.17 0.86
CA ASN A 92 -12.63 -6.18 1.48
C ASN A 92 -11.98 -5.63 2.75
N GLU A 93 -10.65 -5.63 2.75
CA GLU A 93 -9.80 -5.12 3.79
C GLU A 93 -9.46 -3.66 3.44
N PRO A 94 -9.31 -2.78 4.44
CA PRO A 94 -8.83 -1.43 4.25
C PRO A 94 -7.34 -1.47 3.91
N LEU A 95 -6.98 -1.00 2.72
CA LEU A 95 -5.60 -1.02 2.24
C LEU A 95 -4.89 0.30 2.51
N VAL A 96 -3.57 0.29 2.39
CA VAL A 96 -2.73 1.48 2.28
C VAL A 96 -1.59 1.16 1.31
N THR A 97 -1.53 1.90 0.20
CA THR A 97 -0.54 1.66 -0.84
C THR A 97 -0.32 2.90 -1.69
N MET A 98 0.49 2.75 -2.74
CA MET A 98 0.69 3.70 -3.82
C MET A 98 -0.26 3.31 -4.97
N PRO A 99 -0.29 4.02 -6.12
CA PRO A 99 -1.14 3.65 -7.26
C PRO A 99 -0.68 2.38 -8.01
N ILE A 100 -0.30 1.31 -7.29
CA ILE A 100 0.15 0.00 -7.73
C ILE A 100 0.89 0.04 -9.09
N GLY A 101 0.16 -0.20 -10.18
CA GLY A 101 0.63 -0.09 -11.55
C GLY A 101 0.75 1.38 -11.89
N TYR A 102 1.80 2.02 -11.40
CA TYR A 102 2.14 3.42 -11.65
C TYR A 102 3.57 3.56 -12.17
N VAL A 103 4.46 2.63 -11.80
CA VAL A 103 5.88 2.72 -12.11
C VAL A 103 6.40 1.34 -12.50
N THR A 104 6.25 0.34 -11.62
CA THR A 104 6.62 -1.06 -11.83
C THR A 104 6.14 -1.60 -13.18
N HIS A 105 4.95 -1.21 -13.64
CA HIS A 105 4.34 -1.74 -14.86
C HIS A 105 4.54 -0.79 -16.05
N GLY A 106 5.40 0.22 -15.96
CA GLY A 106 5.57 1.22 -16.99
C GLY A 106 4.28 2.01 -17.27
N PHE A 107 3.40 2.15 -16.26
CA PHE A 107 2.22 2.99 -16.38
C PHE A 107 2.63 4.45 -16.10
N ASN A 108 1.63 5.33 -16.12
CA ASN A 108 1.72 6.74 -15.77
C ASN A 108 0.61 7.03 -14.78
N LEU A 109 0.57 8.24 -14.21
CA LEU A 109 -0.48 8.61 -13.27
C LEU A 109 -1.85 8.35 -13.90
N GLU A 110 -2.05 8.80 -15.14
CA GLU A 110 -3.36 8.86 -15.79
C GLU A 110 -3.96 7.45 -15.84
N GLU A 111 -3.11 6.53 -16.28
CA GLU A 111 -3.42 5.12 -16.49
C GLU A 111 -3.64 4.42 -15.15
N ALA A 112 -2.69 4.63 -14.23
CA ALA A 112 -2.68 4.06 -12.90
C ALA A 112 -3.93 4.47 -12.12
N ALA A 113 -4.32 5.74 -12.16
CA ALA A 113 -5.52 6.26 -11.51
C ALA A 113 -6.75 5.55 -12.08
N ARG A 114 -6.93 5.49 -13.41
CA ARG A 114 -8.06 4.80 -14.03
C ARG A 114 -8.16 3.36 -13.52
N CYS A 115 -7.04 2.63 -13.58
CA CYS A 115 -6.94 1.28 -13.09
C CYS A 115 -7.31 1.23 -11.60
N MET A 116 -6.80 2.13 -10.78
CA MET A 116 -7.06 2.17 -9.35
C MET A 116 -8.55 2.40 -9.06
N ARG A 117 -9.27 3.24 -9.81
CA ARG A 117 -10.74 3.31 -9.70
C ARG A 117 -11.45 2.01 -10.08
N SER A 118 -10.78 1.05 -10.71
CA SER A 118 -11.35 -0.27 -10.96
C SER A 118 -11.32 -1.10 -9.67
N LEU A 119 -10.57 -0.68 -8.64
CA LEU A 119 -10.50 -1.43 -7.38
C LEU A 119 -11.83 -1.36 -6.65
N LYS A 120 -12.03 -2.40 -5.82
CA LYS A 120 -13.23 -2.79 -5.12
C LYS A 120 -12.88 -3.04 -3.64
N ALA A 121 -11.93 -2.27 -3.10
CA ALA A 121 -11.51 -2.28 -1.71
C ALA A 121 -11.05 -0.85 -1.38
N PRO A 122 -11.29 -0.34 -0.16
CA PRO A 122 -10.78 0.96 0.25
C PRO A 122 -9.26 0.92 0.27
N ALA A 123 -8.62 2.04 -0.10
CA ALA A 123 -7.18 2.12 -0.24
C ALA A 123 -6.75 3.56 -0.04
N VAL A 124 -5.95 3.82 0.99
CA VAL A 124 -5.10 5.01 0.99
C VAL A 124 -4.17 4.89 -0.22
N VAL A 125 -3.89 6.03 -0.87
CA VAL A 125 -2.98 6.15 -2.00
C VAL A 125 -1.88 7.13 -1.61
N SER A 126 -0.64 6.82 -1.97
CA SER A 126 0.52 7.66 -1.68
C SER A 126 1.29 7.90 -2.98
N VAL A 127 1.83 9.11 -3.11
CA VAL A 127 2.57 9.61 -4.26
C VAL A 127 3.94 10.14 -3.81
N SER A 128 4.75 10.64 -4.73
CA SER A 128 6.06 11.23 -4.42
C SER A 128 5.97 12.75 -4.17
N SER A 129 4.94 13.41 -4.71
CA SER A 129 5.00 14.84 -4.99
C SER A 129 3.72 15.54 -4.51
N PRO A 130 3.80 16.80 -4.03
CA PRO A 130 2.65 17.44 -3.42
C PRO A 130 1.59 17.71 -4.49
N ASP A 131 2.04 18.19 -5.66
CA ASP A 131 1.29 18.35 -6.90
C ASP A 131 0.50 17.08 -7.24
N ALA A 132 1.08 15.92 -6.98
CA ALA A 132 0.54 14.64 -7.43
C ALA A 132 -0.71 14.33 -6.62
N VAL A 133 -0.80 14.76 -5.36
CA VAL A 133 -2.02 14.66 -4.57
C VAL A 133 -3.15 15.46 -5.24
N THR A 134 -2.84 16.52 -5.98
CA THR A 134 -3.75 17.32 -6.77
C THR A 134 -4.04 16.64 -8.12
N THR A 135 -3.02 16.25 -8.90
CA THR A 135 -3.26 15.64 -10.20
C THR A 135 -4.12 14.39 -10.03
N TYR A 136 -3.73 13.55 -9.08
CA TYR A 136 -4.33 12.27 -8.80
C TYR A 136 -5.81 12.42 -8.46
N ASN A 137 -6.12 13.25 -7.46
CA ASN A 137 -7.49 13.61 -7.11
C ASN A 137 -8.24 14.12 -8.33
N GLY A 138 -7.57 14.86 -9.21
CA GLY A 138 -8.06 15.35 -10.47
C GLY A 138 -8.65 14.23 -11.30
N TYR A 139 -7.82 13.24 -11.67
CA TYR A 139 -8.26 12.08 -12.46
C TYR A 139 -9.45 11.40 -11.77
N LEU A 140 -9.41 11.27 -10.45
CA LEU A 140 -10.43 10.56 -9.68
C LEU A 140 -11.76 11.33 -9.65
N THR A 141 -11.72 12.65 -9.75
CA THR A 141 -12.88 13.54 -9.78
C THR A 141 -13.36 13.74 -11.23
N SER A 142 -12.52 13.42 -12.22
CA SER A 142 -12.85 13.44 -13.63
C SER A 142 -13.80 12.28 -13.93
N SER A 143 -13.40 11.07 -13.57
CA SER A 143 -14.24 9.88 -13.73
C SER A 143 -15.58 10.05 -13.01
N GLY A 1 19.30 -11.50 17.44
CA GLY A 1 19.46 -10.84 18.74
C GLY A 1 19.41 -9.33 18.62
N SER A 2 18.32 -8.76 18.10
CA SER A 2 18.15 -7.33 17.90
C SER A 2 16.65 -7.03 17.92
N HIS A 3 16.27 -5.87 18.46
CA HIS A 3 14.93 -5.28 18.42
C HIS A 3 13.83 -6.33 18.50
N MET A 4 13.73 -6.99 19.66
CA MET A 4 12.78 -8.07 19.88
C MET A 4 11.36 -7.60 19.53
N VAL A 5 10.90 -6.52 20.19
CA VAL A 5 9.58 -5.91 20.02
C VAL A 5 8.46 -6.91 20.38
N LEU A 6 7.24 -6.39 20.63
CA LEU A 6 6.09 -7.15 21.11
C LEU A 6 4.92 -6.90 20.16
N PRO A 7 3.86 -7.73 20.21
CA PRO A 7 2.69 -7.57 19.36
C PRO A 7 1.73 -6.47 19.83
N SER A 8 2.15 -5.67 20.82
CA SER A 8 1.40 -4.59 21.44
C SER A 8 2.46 -3.58 21.88
N GLU A 9 2.05 -2.33 22.12
CA GLU A 9 2.98 -1.26 22.44
C GLU A 9 2.46 -0.37 23.56
N ALA A 10 1.19 0.06 23.53
CA ALA A 10 0.53 0.85 24.58
C ALA A 10 -0.90 1.21 24.17
N PRO A 11 -1.75 1.64 25.13
CA PRO A 11 -2.99 2.35 24.85
C PRO A 11 -2.69 3.76 24.32
N ASN A 12 -3.76 4.52 24.08
CA ASN A 12 -3.93 5.65 23.15
C ASN A 12 -4.55 5.12 21.87
N ALA A 13 -5.51 5.83 21.31
CA ALA A 13 -6.12 5.50 20.03
C ALA A 13 -6.55 6.81 19.38
N LYS A 14 -6.73 6.82 18.06
CA LYS A 14 -6.98 8.05 17.30
C LYS A 14 -8.08 7.83 16.26
N GLU A 15 -8.48 8.92 15.61
CA GLU A 15 -9.30 8.92 14.42
C GLU A 15 -8.55 8.28 13.24
N GLU A 16 -9.17 8.31 12.06
CA GLU A 16 -8.65 7.62 10.89
C GLU A 16 -8.55 8.56 9.70
N ILE A 17 -7.71 8.16 8.75
CA ILE A 17 -7.41 8.86 7.51
C ILE A 17 -7.70 7.89 6.37
N LEU A 18 -7.90 8.47 5.20
CA LEU A 18 -8.18 7.80 3.95
C LEU A 18 -7.65 8.71 2.84
N GLY A 19 -7.98 8.42 1.57
CA GLY A 19 -7.76 9.34 0.48
C GLY A 19 -6.35 9.24 -0.11
N THR A 20 -5.98 10.18 -0.97
CA THR A 20 -4.66 10.25 -1.56
C THR A 20 -3.82 11.24 -0.75
N VAL A 21 -2.73 10.76 -0.16
CA VAL A 21 -1.92 11.50 0.80
C VAL A 21 -0.47 11.61 0.32
N SER A 22 0.34 12.40 1.01
CA SER A 22 1.71 12.76 0.64
C SER A 22 2.70 12.00 1.53
N TRP A 23 2.39 10.74 1.84
CA TRP A 23 3.22 9.80 2.58
C TRP A 23 4.25 9.20 1.62
N ASN A 24 4.82 8.04 1.96
CA ASN A 24 6.13 7.62 1.44
C ASN A 24 6.33 6.13 1.68
N LEU A 25 6.85 5.75 2.85
CA LEU A 25 7.08 4.40 3.33
C LEU A 25 7.04 4.41 4.85
N ARG A 26 7.81 5.27 5.52
CA ARG A 26 7.73 5.44 6.99
C ARG A 26 6.31 5.75 7.43
N GLU A 27 5.71 6.81 6.88
CA GLU A 27 4.35 7.19 7.22
C GLU A 27 3.36 6.06 6.91
N MET A 28 3.62 5.32 5.84
CA MET A 28 2.77 4.26 5.32
C MET A 28 2.80 3.05 6.24
N LEU A 29 3.99 2.50 6.55
CA LEU A 29 4.28 1.57 7.61
C LEU A 29 3.50 1.94 8.86
N ALA A 30 3.67 3.15 9.38
CA ALA A 30 3.05 3.53 10.64
C ALA A 30 1.53 3.39 10.56
N HIS A 31 0.89 3.97 9.55
CA HIS A 31 -0.56 3.86 9.41
C HIS A 31 -1.00 2.40 9.25
N ALA A 32 -0.34 1.68 8.34
CA ALA A 32 -0.60 0.28 8.07
C ALA A 32 -0.52 -0.53 9.36
N GLU A 33 0.59 -0.46 10.10
CA GLU A 33 0.84 -1.23 11.30
C GLU A 33 -0.19 -0.88 12.38
N GLU A 34 -0.40 0.42 12.67
CA GLU A 34 -1.31 0.94 13.70
C GLU A 34 -2.66 0.26 13.57
N THR A 35 -3.19 0.30 12.35
CA THR A 35 -4.54 -0.13 12.04
C THR A 35 -4.60 -1.61 11.62
N ARG A 36 -3.44 -2.26 11.45
CA ARG A 36 -3.20 -3.46 10.62
C ARG A 36 -3.93 -3.42 9.27
N LYS A 37 -4.04 -2.26 8.62
CA LYS A 37 -4.61 -2.19 7.27
C LYS A 37 -3.61 -2.78 6.28
N LEU A 38 -4.13 -3.54 5.30
CA LEU A 38 -3.32 -4.36 4.41
C LEU A 38 -2.48 -3.49 3.49
N MET A 39 -1.21 -3.82 3.34
CA MET A 39 -0.22 -3.05 2.59
C MET A 39 0.31 -3.86 1.40
N PRO A 40 -0.35 -3.84 0.22
CA PRO A 40 0.14 -4.55 -0.94
C PRO A 40 1.44 -3.95 -1.48
N ILE A 41 2.40 -4.79 -1.91
CA ILE A 41 3.70 -4.40 -2.43
C ILE A 41 4.07 -5.38 -3.54
N CYS A 42 4.75 -4.93 -4.59
CA CYS A 42 5.20 -5.78 -5.69
C CYS A 42 6.69 -6.08 -5.56
N MET A 43 7.09 -7.33 -5.82
CA MET A 43 8.48 -7.77 -5.75
C MET A 43 9.31 -7.35 -6.97
N ASP A 44 8.69 -6.72 -7.96
CA ASP A 44 9.38 -6.10 -9.08
C ASP A 44 10.14 -4.86 -8.63
N VAL A 45 9.54 -4.05 -7.75
CA VAL A 45 10.15 -2.86 -7.22
C VAL A 45 11.05 -3.26 -6.06
N ARG A 46 12.18 -3.88 -6.40
CA ARG A 46 13.27 -4.21 -5.48
C ARG A 46 13.67 -2.96 -4.68
N ALA A 47 13.52 -1.76 -5.25
CA ALA A 47 13.76 -0.51 -4.57
C ALA A 47 12.81 -0.28 -3.39
N ILE A 48 11.50 -0.54 -3.52
CA ILE A 48 10.58 -0.46 -2.38
C ILE A 48 10.97 -1.51 -1.35
N MET A 49 11.27 -2.73 -1.81
CA MET A 49 11.60 -3.85 -0.94
C MET A 49 12.84 -3.52 -0.08
N ALA A 50 13.80 -2.78 -0.63
CA ALA A 50 15.00 -2.38 0.08
C ALA A 50 14.73 -1.52 1.33
N THR A 51 13.55 -0.92 1.48
CA THR A 51 13.14 -0.36 2.77
C THR A 51 12.54 -1.44 3.66
N ILE A 52 11.48 -2.12 3.19
CA ILE A 52 10.67 -3.00 4.02
C ILE A 52 11.56 -4.08 4.63
N GLN A 53 12.17 -4.96 3.83
CA GLN A 53 12.94 -6.10 4.32
C GLN A 53 14.08 -5.65 5.25
N ARG A 54 14.64 -4.45 5.03
CA ARG A 54 15.70 -3.86 5.84
C ARG A 54 15.18 -3.31 7.17
N LYS A 55 13.94 -2.83 7.23
CA LYS A 55 13.25 -2.43 8.46
C LYS A 55 13.00 -3.71 9.26
N TYR A 56 12.22 -4.60 8.64
CA TYR A 56 11.68 -5.83 9.18
C TYR A 56 12.70 -6.96 8.99
N LYS A 57 13.90 -6.79 9.55
CA LYS A 57 15.00 -7.70 9.32
C LYS A 57 14.60 -9.12 9.76
N GLY A 58 15.24 -10.12 9.14
CA GLY A 58 14.87 -11.52 9.29
C GLY A 58 13.98 -11.97 8.14
N ILE A 59 13.06 -11.14 7.66
CA ILE A 59 12.21 -11.42 6.51
C ILE A 59 13.09 -11.59 5.25
N LYS A 60 12.69 -12.39 4.24
CA LYS A 60 13.55 -12.58 3.05
C LYS A 60 12.75 -12.82 1.76
N ILE A 61 11.70 -12.03 1.56
CA ILE A 61 10.63 -12.15 0.57
C ILE A 61 9.94 -13.51 0.63
N GLN A 62 8.64 -13.50 0.37
CA GLN A 62 7.67 -14.56 0.57
C GLN A 62 6.41 -14.05 -0.12
N GLU A 63 5.73 -14.86 -0.93
CA GLU A 63 4.58 -14.40 -1.68
C GLU A 63 3.34 -14.33 -0.78
N GLY A 64 2.26 -13.77 -1.32
CA GLY A 64 0.97 -13.79 -0.66
C GLY A 64 0.93 -12.87 0.54
N ILE A 65 0.12 -13.25 1.51
CA ILE A 65 -0.14 -12.49 2.71
C ILE A 65 1.08 -12.62 3.62
N VAL A 66 1.83 -11.54 3.70
CA VAL A 66 3.05 -11.46 4.47
C VAL A 66 2.73 -10.83 5.83
N ASP A 67 2.53 -11.68 6.82
CA ASP A 67 2.41 -11.31 8.22
C ASP A 67 3.83 -11.15 8.81
N TYR A 68 4.41 -9.96 8.67
CA TYR A 68 5.74 -9.68 9.18
C TYR A 68 5.84 -8.20 9.61
N GLY A 69 5.42 -7.89 10.83
CA GLY A 69 5.59 -6.59 11.48
C GLY A 69 4.53 -5.58 11.03
N VAL A 70 4.17 -5.59 9.76
CA VAL A 70 2.96 -5.05 9.18
C VAL A 70 2.35 -6.19 8.35
N ARG A 71 1.07 -6.10 7.97
CA ARG A 71 0.44 -7.09 7.09
C ARG A 71 0.62 -6.60 5.67
N PHE A 72 1.52 -7.23 4.92
CA PHE A 72 1.72 -6.91 3.53
C PHE A 72 1.04 -7.96 2.64
N PHE A 73 0.95 -7.70 1.34
CA PHE A 73 0.40 -8.61 0.33
C PHE A 73 1.35 -8.53 -0.86
N PHE A 74 2.19 -9.56 -1.05
CA PHE A 74 3.19 -9.63 -2.12
C PHE A 74 2.66 -10.52 -3.25
N TYR A 75 3.04 -10.18 -4.50
CA TYR A 75 2.43 -10.75 -5.70
C TYR A 75 3.35 -10.64 -6.91
N THR A 76 2.92 -11.20 -8.04
CA THR A 76 3.73 -11.55 -9.20
C THR A 76 3.63 -10.49 -10.30
N SER A 77 4.64 -9.62 -10.45
CA SER A 77 4.60 -8.52 -11.41
C SER A 77 4.40 -8.93 -12.87
N LYS A 78 4.65 -10.19 -13.25
CA LYS A 78 4.24 -10.66 -14.57
C LYS A 78 2.73 -10.55 -14.74
N GLU A 79 1.92 -10.59 -13.68
CA GLU A 79 0.48 -10.40 -13.81
C GLU A 79 0.12 -8.91 -13.97
N PRO A 80 -1.06 -8.61 -14.55
CA PRO A 80 -1.49 -7.24 -14.76
C PRO A 80 -2.03 -6.61 -13.48
N VAL A 81 -2.13 -5.29 -13.53
CA VAL A 81 -2.61 -4.43 -12.47
C VAL A 81 -4.11 -4.70 -12.27
N ALA A 82 -4.83 -5.00 -13.35
CA ALA A 82 -6.21 -5.47 -13.29
C ALA A 82 -6.32 -6.68 -12.36
N SER A 83 -5.46 -7.68 -12.55
CA SER A 83 -5.57 -8.94 -11.85
C SER A 83 -5.30 -8.82 -10.35
N ILE A 84 -4.39 -7.95 -9.93
CA ILE A 84 -4.12 -7.81 -8.50
C ILE A 84 -5.23 -6.98 -7.83
N ILE A 85 -5.78 -5.98 -8.53
CA ILE A 85 -6.92 -5.20 -8.05
C ILE A 85 -8.15 -6.09 -7.95
N THR A 86 -8.32 -7.05 -8.87
CA THR A 86 -9.35 -8.06 -8.72
C THR A 86 -9.22 -8.75 -7.34
N LYS A 87 -8.03 -9.28 -7.07
CA LYS A 87 -7.81 -10.12 -5.91
C LYS A 87 -8.01 -9.33 -4.63
N LEU A 88 -7.41 -8.15 -4.53
CA LEU A 88 -7.54 -7.23 -3.40
C LEU A 88 -9.01 -6.98 -3.07
N ASN A 89 -9.83 -6.71 -4.09
CA ASN A 89 -11.22 -6.37 -3.86
C ASN A 89 -12.01 -7.51 -3.26
N SER A 90 -11.63 -8.73 -3.60
CA SER A 90 -12.22 -9.94 -3.06
C SER A 90 -11.90 -10.11 -1.55
N LEU A 91 -10.83 -9.49 -1.07
CA LEU A 91 -10.44 -9.46 0.34
C LEU A 91 -11.36 -8.52 1.11
N ASN A 92 -11.84 -7.45 0.44
CA ASN A 92 -12.84 -6.46 0.90
C ASN A 92 -12.24 -5.44 1.86
N GLU A 93 -10.96 -5.58 2.17
CA GLU A 93 -10.34 -4.98 3.32
C GLU A 93 -9.91 -3.54 3.04
N PRO A 94 -9.79 -2.73 4.10
CA PRO A 94 -9.21 -1.40 4.05
C PRO A 94 -7.71 -1.50 3.73
N LEU A 95 -7.32 -1.01 2.56
CA LEU A 95 -5.92 -1.04 2.14
C LEU A 95 -5.22 0.27 2.50
N VAL A 96 -3.88 0.24 2.48
CA VAL A 96 -3.05 1.43 2.42
C VAL A 96 -1.87 1.11 1.50
N THR A 97 -1.73 1.83 0.39
CA THR A 97 -0.77 1.53 -0.67
C THR A 97 -0.55 2.78 -1.53
N MET A 98 0.29 2.63 -2.55
CA MET A 98 0.58 3.62 -3.58
C MET A 98 -0.22 3.26 -4.86
N PRO A 99 -0.04 3.96 -6.00
CA PRO A 99 -0.76 3.68 -7.24
C PRO A 99 -0.47 2.35 -7.94
N ILE A 100 0.31 1.49 -7.31
CA ILE A 100 0.79 0.20 -7.75
C ILE A 100 1.27 0.24 -9.20
N GLY A 101 0.41 -0.09 -10.17
CA GLY A 101 0.68 -0.04 -11.60
C GLY A 101 0.81 1.40 -12.02
N TYR A 102 1.95 2.01 -11.75
CA TYR A 102 2.36 3.34 -12.10
C TYR A 102 3.70 3.27 -12.82
N VAL A 103 4.72 2.65 -12.24
CA VAL A 103 6.09 2.68 -12.76
C VAL A 103 6.70 1.27 -12.73
N THR A 104 6.47 0.48 -11.68
CA THR A 104 6.72 -0.96 -11.63
C THR A 104 5.98 -1.75 -12.74
N HIS A 105 5.12 -1.12 -13.54
CA HIS A 105 4.51 -1.70 -14.75
C HIS A 105 4.63 -0.75 -15.94
N GLY A 106 5.40 0.34 -15.81
CA GLY A 106 5.56 1.30 -16.88
C GLY A 106 4.27 2.01 -17.28
N PHE A 107 3.33 2.20 -16.34
CA PHE A 107 2.11 2.95 -16.61
C PHE A 107 2.41 4.46 -16.63
N ASN A 108 1.37 5.29 -16.67
CA ASN A 108 1.41 6.72 -16.35
C ASN A 108 0.57 6.93 -15.11
N LEU A 109 0.61 8.13 -14.54
CA LEU A 109 -0.30 8.50 -13.46
C LEU A 109 -1.71 8.26 -13.98
N GLU A 110 -2.10 8.81 -15.13
CA GLU A 110 -3.49 8.72 -15.59
C GLU A 110 -3.93 7.25 -15.61
N GLU A 111 -3.18 6.42 -16.34
CA GLU A 111 -3.48 5.00 -16.52
C GLU A 111 -3.54 4.28 -15.17
N ALA A 112 -2.63 4.62 -14.27
CA ALA A 112 -2.60 4.07 -12.93
C ALA A 112 -3.89 4.44 -12.20
N ALA A 113 -4.23 5.73 -12.12
CA ALA A 113 -5.45 6.23 -11.49
C ALA A 113 -6.67 5.51 -12.05
N ARG A 114 -6.82 5.45 -13.38
CA ARG A 114 -7.90 4.72 -14.06
C ARG A 114 -7.97 3.28 -13.58
N CYS A 115 -6.84 2.57 -13.61
CA CYS A 115 -6.77 1.19 -13.17
C CYS A 115 -7.21 1.06 -11.72
N MET A 116 -6.78 1.97 -10.85
CA MET A 116 -6.99 1.90 -9.41
C MET A 116 -8.39 2.27 -8.97
N ARG A 117 -9.11 3.18 -9.64
CA ARG A 117 -10.53 3.39 -9.34
C ARG A 117 -11.37 2.12 -9.57
N SER A 118 -10.91 1.20 -10.42
CA SER A 118 -11.51 -0.11 -10.62
C SER A 118 -11.37 -0.99 -9.36
N LEU A 119 -10.66 -0.58 -8.31
CA LEU A 119 -10.59 -1.26 -7.01
C LEU A 119 -11.90 -1.06 -6.26
N LYS A 120 -12.46 -2.15 -5.75
CA LYS A 120 -13.83 -2.15 -5.26
C LYS A 120 -13.90 -2.25 -3.72
N ALA A 121 -12.78 -2.05 -3.03
CA ALA A 121 -12.63 -2.00 -1.57
C ALA A 121 -11.94 -0.67 -1.18
N PRO A 122 -12.00 -0.22 0.10
CA PRO A 122 -11.42 1.06 0.51
C PRO A 122 -9.91 1.06 0.42
N ALA A 123 -9.30 2.22 0.15
CA ALA A 123 -7.87 2.29 -0.03
C ALA A 123 -7.35 3.72 0.07
N VAL A 124 -6.37 3.90 0.94
CA VAL A 124 -5.43 5.03 0.88
C VAL A 124 -4.54 4.84 -0.37
N VAL A 125 -4.13 5.97 -0.96
CA VAL A 125 -3.14 6.09 -2.04
C VAL A 125 -2.05 7.04 -1.56
N SER A 126 -0.81 6.87 -2.01
CA SER A 126 0.24 7.83 -1.74
C SER A 126 1.16 7.94 -2.95
N VAL A 127 1.76 9.11 -3.15
CA VAL A 127 2.77 9.40 -4.16
C VAL A 127 3.94 10.10 -3.48
N SER A 128 5.07 10.18 -4.18
CA SER A 128 6.30 10.77 -3.69
C SER A 128 6.29 12.30 -3.71
N SER A 129 5.29 12.95 -4.32
CA SER A 129 5.22 14.39 -4.44
C SER A 129 3.82 14.90 -4.11
N PRO A 130 3.69 16.07 -3.48
CA PRO A 130 2.40 16.66 -3.14
C PRO A 130 1.71 17.13 -4.41
N ASP A 131 2.48 17.63 -5.38
CA ASP A 131 2.02 18.12 -6.67
C ASP A 131 1.30 17.03 -7.47
N ALA A 132 1.68 15.78 -7.23
CA ALA A 132 1.10 14.60 -7.83
C ALA A 132 -0.16 14.16 -7.09
N VAL A 133 -0.28 14.38 -5.78
CA VAL A 133 -1.54 14.16 -5.06
C VAL A 133 -2.64 15.00 -5.70
N THR A 134 -2.30 16.22 -6.15
CA THR A 134 -3.20 17.15 -6.80
C THR A 134 -3.58 16.59 -8.16
N THR A 135 -2.61 16.16 -8.99
CA THR A 135 -2.94 15.62 -10.31
C THR A 135 -3.89 14.46 -10.16
N TYR A 136 -3.51 13.53 -9.28
CA TYR A 136 -4.15 12.28 -9.07
C TYR A 136 -5.61 12.48 -8.63
N ASN A 137 -5.84 13.35 -7.64
CA ASN A 137 -7.17 13.70 -7.14
C ASN A 137 -8.05 14.24 -8.26
N GLY A 138 -7.47 15.07 -9.12
CA GLY A 138 -8.13 15.63 -10.27
C GLY A 138 -8.60 14.51 -11.20
N TYR A 139 -7.73 13.54 -11.50
CA TYR A 139 -8.10 12.42 -12.35
C TYR A 139 -9.26 11.65 -11.74
N LEU A 140 -9.22 11.43 -10.43
CA LEU A 140 -10.27 10.66 -9.73
C LEU A 140 -11.61 11.40 -9.80
N THR A 141 -11.58 12.71 -10.04
CA THR A 141 -12.75 13.56 -10.23
C THR A 141 -13.21 13.56 -11.71
N SER A 142 -12.32 13.30 -12.67
CA SER A 142 -12.61 13.39 -14.11
C SER A 142 -13.05 12.06 -14.75
N SER A 143 -12.60 10.92 -14.23
CA SER A 143 -12.98 9.58 -14.67
C SER A 143 -12.80 8.75 -13.44
N GLY A 1 1.53 -20.85 14.95
CA GLY A 1 0.37 -20.29 15.64
C GLY A 1 0.75 -19.78 17.00
N SER A 2 0.75 -18.46 17.16
CA SER A 2 0.77 -17.70 18.40
C SER A 2 0.23 -16.33 18.01
N HIS A 3 -0.72 -15.79 18.78
CA HIS A 3 -1.12 -14.39 18.66
C HIS A 3 -1.81 -13.86 19.91
N MET A 4 -2.55 -14.71 20.63
CA MET A 4 -3.13 -14.44 21.93
C MET A 4 -3.83 -13.07 21.99
N VAL A 5 -5.06 -12.99 21.48
CA VAL A 5 -5.85 -11.77 21.38
C VAL A 5 -7.32 -12.04 21.74
N LEU A 6 -8.11 -10.96 21.84
CA LEU A 6 -9.55 -10.96 21.97
C LEU A 6 -10.09 -10.60 20.59
N PRO A 7 -11.33 -10.94 20.25
CA PRO A 7 -11.88 -10.72 18.91
C PRO A 7 -12.15 -9.24 18.59
N SER A 8 -11.85 -8.35 19.51
CA SER A 8 -12.14 -6.94 19.45
C SER A 8 -11.31 -6.22 20.51
N GLU A 9 -11.27 -4.89 20.47
CA GLU A 9 -10.56 -4.04 21.42
C GLU A 9 -11.44 -2.84 21.74
N ALA A 10 -11.32 -1.71 21.01
CA ALA A 10 -12.22 -0.57 21.18
C ALA A 10 -12.26 0.25 19.89
N PRO A 11 -13.18 -0.05 18.96
CA PRO A 11 -13.25 0.57 17.64
C PRO A 11 -13.99 1.93 17.69
N ASN A 12 -13.67 2.73 18.70
CA ASN A 12 -14.22 4.06 18.96
C ASN A 12 -13.17 4.91 19.69
N ALA A 13 -11.88 4.64 19.48
CA ALA A 13 -10.77 5.46 19.97
C ALA A 13 -9.58 5.30 19.03
N LYS A 14 -8.71 6.31 18.97
CA LYS A 14 -7.76 6.61 17.90
C LYS A 14 -8.46 6.74 16.55
N GLU A 15 -8.34 7.93 15.97
CA GLU A 15 -8.90 8.33 14.68
C GLU A 15 -8.42 7.41 13.54
N GLU A 16 -9.03 7.56 12.35
CA GLU A 16 -8.43 7.11 11.11
C GLU A 16 -8.58 8.15 10.01
N ILE A 17 -7.76 8.01 8.97
CA ILE A 17 -7.70 8.83 7.78
C ILE A 17 -7.95 7.91 6.60
N LEU A 18 -8.33 8.51 5.48
CA LEU A 18 -8.60 7.87 4.22
C LEU A 18 -8.18 8.82 3.08
N GLY A 19 -8.45 8.45 1.82
CA GLY A 19 -8.19 9.28 0.67
C GLY A 19 -6.72 9.24 0.25
N THR A 20 -6.38 10.01 -0.78
CA THR A 20 -5.02 10.24 -1.17
C THR A 20 -4.41 11.23 -0.16
N VAL A 21 -3.12 11.07 0.12
CA VAL A 21 -2.33 11.84 1.07
C VAL A 21 -0.92 12.05 0.48
N SER A 22 -0.10 12.82 1.20
CA SER A 22 1.21 13.27 0.80
C SER A 22 2.24 12.62 1.75
N TRP A 23 2.21 11.30 1.81
CA TRP A 23 3.12 10.46 2.56
C TRP A 23 4.15 9.93 1.56
N ASN A 24 4.99 8.96 1.95
CA ASN A 24 5.99 8.39 1.04
C ASN A 24 6.02 6.89 1.19
N LEU A 25 6.94 6.35 1.99
CA LEU A 25 7.08 4.91 2.15
C LEU A 25 7.07 4.59 3.64
N ARG A 26 8.06 5.07 4.41
CA ARG A 26 8.16 4.72 5.83
C ARG A 26 6.92 5.18 6.62
N GLU A 27 6.33 6.33 6.26
CA GLU A 27 5.10 6.81 6.88
C GLU A 27 3.99 5.76 6.75
N MET A 28 3.84 5.27 5.52
CA MET A 28 2.81 4.34 5.14
C MET A 28 3.07 2.99 5.79
N LEU A 29 4.34 2.58 5.94
CA LEU A 29 4.71 1.42 6.74
C LEU A 29 4.14 1.55 8.14
N ALA A 30 4.49 2.61 8.87
CA ALA A 30 4.06 2.76 10.26
C ALA A 30 2.54 2.71 10.35
N HIS A 31 1.85 3.47 9.49
CA HIS A 31 0.40 3.50 9.40
C HIS A 31 -0.18 2.09 9.22
N ALA A 32 0.33 1.35 8.24
CA ALA A 32 -0.09 -0.02 7.95
C ALA A 32 0.28 -0.99 9.08
N GLU A 33 1.44 -0.88 9.73
CA GLU A 33 1.92 -1.65 10.85
C GLU A 33 0.96 -1.53 12.03
N GLU A 34 0.57 -0.30 12.30
CA GLU A 34 -0.27 0.12 13.39
C GLU A 34 -1.63 -0.56 13.32
N THR A 35 -2.24 -0.66 12.12
CA THR A 35 -3.59 -1.19 11.99
C THR A 35 -3.63 -2.58 11.34
N ARG A 36 -2.49 -3.13 10.92
CA ARG A 36 -2.40 -4.28 10.01
C ARG A 36 -3.19 -4.04 8.71
N LYS A 37 -3.43 -2.79 8.30
CA LYS A 37 -4.12 -2.50 7.04
C LYS A 37 -3.27 -3.04 5.89
N LEU A 38 -3.92 -3.64 4.91
CA LEU A 38 -3.22 -4.44 3.91
C LEU A 38 -2.43 -3.51 2.98
N MET A 39 -1.17 -3.84 2.75
CA MET A 39 -0.24 -3.05 1.97
C MET A 39 0.27 -3.91 0.80
N PRO A 40 -0.44 -3.95 -0.35
CA PRO A 40 0.03 -4.68 -1.51
C PRO A 40 1.28 -4.00 -2.06
N ILE A 41 2.32 -4.77 -2.41
CA ILE A 41 3.61 -4.30 -2.89
C ILE A 41 4.05 -5.23 -4.03
N CYS A 42 4.67 -4.66 -5.06
CA CYS A 42 5.30 -5.45 -6.10
C CYS A 42 6.73 -5.78 -5.70
N MET A 43 7.07 -7.08 -5.62
CA MET A 43 8.40 -7.53 -5.21
C MET A 43 9.51 -7.22 -6.22
N ASP A 44 9.16 -6.70 -7.40
CA ASP A 44 10.09 -6.14 -8.39
C ASP A 44 10.83 -4.92 -7.84
N VAL A 45 10.18 -4.10 -7.02
CA VAL A 45 10.70 -2.79 -6.64
C VAL A 45 11.66 -2.99 -5.46
N ARG A 46 12.86 -3.54 -5.73
CA ARG A 46 13.84 -3.92 -4.72
C ARG A 46 14.25 -2.77 -3.82
N ALA A 47 14.05 -1.51 -4.19
CA ALA A 47 14.27 -0.36 -3.34
C ALA A 47 13.20 -0.23 -2.26
N ILE A 48 11.94 -0.57 -2.58
CA ILE A 48 10.86 -0.69 -1.61
C ILE A 48 11.15 -1.90 -0.73
N MET A 49 11.57 -3.03 -1.31
CA MET A 49 11.82 -4.26 -0.55
C MET A 49 12.90 -4.03 0.50
N ALA A 50 14.04 -3.46 0.07
CA ALA A 50 15.15 -3.07 0.94
C ALA A 50 14.85 -1.85 1.82
N THR A 51 13.64 -1.30 1.76
CA THR A 51 13.08 -0.50 2.83
C THR A 51 12.29 -1.41 3.81
N ILE A 52 11.32 -2.23 3.36
CA ILE A 52 10.44 -2.95 4.27
C ILE A 52 11.26 -3.98 5.04
N GLN A 53 11.94 -4.91 4.34
CA GLN A 53 12.73 -5.95 4.99
C GLN A 53 13.81 -5.36 5.92
N ARG A 54 14.19 -4.08 5.73
CA ARG A 54 15.15 -3.38 6.57
C ARG A 54 14.52 -2.89 7.88
N LYS A 55 13.28 -2.39 7.85
CA LYS A 55 12.54 -2.03 9.07
C LYS A 55 12.23 -3.28 9.88
N TYR A 56 11.88 -4.36 9.18
CA TYR A 56 11.33 -5.58 9.73
C TYR A 56 12.37 -6.68 9.52
N LYS A 57 13.35 -6.85 10.42
CA LYS A 57 14.36 -7.87 10.26
C LYS A 57 13.74 -9.27 10.11
N GLY A 58 14.50 -10.21 9.54
CA GLY A 58 14.18 -11.63 9.60
C GLY A 58 13.26 -12.08 8.46
N ILE A 59 12.81 -11.16 7.61
CA ILE A 59 11.88 -11.42 6.53
C ILE A 59 12.66 -11.49 5.21
N LYS A 60 12.43 -12.52 4.38
CA LYS A 60 13.34 -12.85 3.27
C LYS A 60 12.58 -13.06 1.95
N ILE A 61 11.61 -12.17 1.70
CA ILE A 61 10.61 -12.18 0.63
C ILE A 61 9.87 -13.52 0.48
N GLN A 62 8.58 -13.39 0.19
CA GLN A 62 7.59 -14.44 0.17
C GLN A 62 6.63 -14.05 -0.97
N GLU A 63 5.58 -14.84 -1.25
CA GLU A 63 4.49 -14.40 -2.10
C GLU A 63 3.18 -14.62 -1.34
N GLY A 64 2.10 -14.02 -1.84
CA GLY A 64 0.81 -14.03 -1.19
C GLY A 64 0.70 -12.95 -0.13
N ILE A 65 -0.35 -13.08 0.68
CA ILE A 65 -0.46 -12.38 1.95
C ILE A 65 0.82 -12.64 2.74
N VAL A 66 1.37 -11.59 3.34
CA VAL A 66 2.55 -11.61 4.16
C VAL A 66 2.13 -10.91 5.45
N ASP A 67 2.43 -11.52 6.58
CA ASP A 67 2.00 -11.03 7.88
C ASP A 67 3.24 -10.91 8.74
N TYR A 68 3.91 -9.77 8.65
CA TYR A 68 5.25 -9.56 9.17
C TYR A 68 5.40 -8.07 9.53
N GLY A 69 5.10 -7.71 10.78
CA GLY A 69 5.02 -6.31 11.23
C GLY A 69 3.73 -5.70 10.71
N VAL A 70 3.79 -5.31 9.45
CA VAL A 70 2.72 -4.95 8.56
C VAL A 70 2.19 -6.12 7.75
N ARG A 71 1.02 -5.95 7.19
CA ARG A 71 0.25 -7.01 6.52
C ARG A 71 0.36 -6.69 5.05
N PHE A 72 1.31 -7.32 4.39
CA PHE A 72 1.57 -7.07 2.98
C PHE A 72 0.79 -8.02 2.10
N PHE A 73 0.81 -7.75 0.80
CA PHE A 73 0.38 -8.67 -0.24
C PHE A 73 1.38 -8.58 -1.37
N PHE A 74 2.24 -9.58 -1.48
CA PHE A 74 3.22 -9.75 -2.53
C PHE A 74 2.65 -10.71 -3.59
N TYR A 75 3.10 -10.58 -4.82
CA TYR A 75 2.63 -11.26 -6.02
C TYR A 75 3.79 -11.26 -7.02
N THR A 76 3.62 -11.65 -8.27
CA THR A 76 4.67 -11.55 -9.29
C THR A 76 4.45 -10.32 -10.17
N SER A 77 5.51 -9.60 -10.58
CA SER A 77 5.40 -8.40 -11.42
C SER A 77 4.54 -8.63 -12.66
N LYS A 78 4.69 -9.81 -13.27
CA LYS A 78 4.00 -10.22 -14.49
C LYS A 78 2.49 -10.39 -14.25
N GLU A 79 2.04 -10.50 -13.00
CA GLU A 79 0.63 -10.43 -12.66
C GLU A 79 0.12 -9.02 -13.01
N PRO A 80 -0.97 -8.87 -13.80
CA PRO A 80 -1.46 -7.57 -14.19
C PRO A 80 -2.09 -6.88 -13.00
N VAL A 81 -2.27 -5.58 -13.14
CA VAL A 81 -2.88 -4.73 -12.11
C VAL A 81 -4.35 -5.15 -11.97
N ALA A 82 -4.97 -5.52 -13.10
CA ALA A 82 -6.30 -6.09 -13.13
C ALA A 82 -6.42 -7.30 -12.20
N SER A 83 -5.44 -8.22 -12.20
CA SER A 83 -5.51 -9.41 -11.38
C SER A 83 -5.41 -9.08 -9.89
N ILE A 84 -4.45 -8.24 -9.51
CA ILE A 84 -4.24 -7.97 -8.10
C ILE A 84 -5.42 -7.15 -7.54
N ILE A 85 -5.98 -6.20 -8.30
CA ILE A 85 -7.19 -5.48 -7.89
C ILE A 85 -8.33 -6.49 -7.74
N THR A 86 -8.56 -7.38 -8.72
CA THR A 86 -9.56 -8.45 -8.64
C THR A 86 -9.52 -9.11 -7.27
N LYS A 87 -8.32 -9.47 -6.82
CA LYS A 87 -8.12 -10.19 -5.57
C LYS A 87 -8.40 -9.29 -4.38
N LEU A 88 -7.90 -8.05 -4.37
CA LEU A 88 -8.19 -7.05 -3.32
C LEU A 88 -9.69 -6.81 -3.16
N ASN A 89 -10.46 -6.80 -4.25
CA ASN A 89 -11.91 -6.61 -4.19
C ASN A 89 -12.56 -7.77 -3.44
N SER A 90 -12.00 -8.96 -3.63
CA SER A 90 -12.41 -10.20 -2.99
C SER A 90 -12.06 -10.21 -1.50
N LEU A 91 -11.06 -9.45 -1.06
CA LEU A 91 -10.64 -9.35 0.33
C LEU A 91 -11.57 -8.34 0.97
N ASN A 92 -11.78 -7.18 0.32
CA ASN A 92 -12.64 -6.04 0.71
C ASN A 92 -11.91 -5.11 1.67
N GLU A 93 -10.67 -5.46 2.02
CA GLU A 93 -10.03 -4.93 3.20
C GLU A 93 -9.42 -3.54 2.98
N PRO A 94 -9.28 -2.73 4.04
CA PRO A 94 -8.84 -1.35 3.94
C PRO A 94 -7.36 -1.34 3.59
N LEU A 95 -7.03 -0.76 2.43
CA LEU A 95 -5.64 -0.76 1.99
C LEU A 95 -4.96 0.54 2.39
N VAL A 96 -3.64 0.51 2.36
CA VAL A 96 -2.77 1.67 2.26
C VAL A 96 -1.59 1.22 1.40
N THR A 97 -1.45 1.80 0.22
CA THR A 97 -0.27 1.62 -0.64
C THR A 97 -0.26 2.74 -1.68
N MET A 98 0.69 2.72 -2.60
CA MET A 98 0.80 3.71 -3.67
C MET A 98 -0.04 3.25 -4.88
N PRO A 99 -0.11 3.98 -6.01
CA PRO A 99 -0.93 3.58 -7.17
C PRO A 99 -0.43 2.36 -7.96
N ILE A 100 -0.02 1.28 -7.28
CA ILE A 100 0.52 0.00 -7.78
C ILE A 100 1.22 0.14 -9.13
N GLY A 101 0.50 -0.11 -10.23
CA GLY A 101 0.93 0.09 -11.60
C GLY A 101 1.02 1.58 -11.85
N TYR A 102 2.12 2.21 -11.46
CA TYR A 102 2.47 3.62 -11.68
C TYR A 102 3.91 3.81 -12.18
N VAL A 103 4.78 2.78 -12.06
CA VAL A 103 6.18 2.85 -12.49
C VAL A 103 6.61 1.47 -12.98
N THR A 104 6.60 0.50 -12.07
CA THR A 104 7.06 -0.87 -12.28
C THR A 104 6.27 -1.63 -13.36
N HIS A 105 5.01 -1.27 -13.64
CA HIS A 105 4.19 -1.82 -14.74
C HIS A 105 4.25 -0.92 -15.99
N GLY A 106 5.06 0.13 -15.99
CA GLY A 106 5.15 1.10 -17.08
C GLY A 106 3.93 2.04 -17.17
N PHE A 107 2.95 1.90 -16.26
CA PHE A 107 1.75 2.73 -16.28
C PHE A 107 2.10 4.16 -15.90
N ASN A 108 1.36 5.14 -16.42
CA ASN A 108 1.39 6.53 -15.96
C ASN A 108 0.45 6.73 -14.78
N LEU A 109 0.57 7.90 -14.14
CA LEU A 109 -0.36 8.38 -13.11
C LEU A 109 -1.82 8.31 -13.56
N GLU A 110 -2.08 8.50 -14.84
CA GLU A 110 -3.42 8.40 -15.42
C GLU A 110 -3.92 6.98 -15.35
N GLU A 111 -3.20 6.09 -16.04
CA GLU A 111 -3.51 4.68 -16.19
C GLU A 111 -3.66 4.05 -14.80
N ALA A 112 -2.71 4.37 -13.94
CA ALA A 112 -2.65 4.02 -12.54
C ALA A 112 -3.91 4.47 -11.81
N ALA A 113 -4.28 5.77 -11.88
CA ALA A 113 -5.48 6.29 -11.23
C ALA A 113 -6.75 5.64 -11.77
N ARG A 114 -6.88 5.49 -13.09
CA ARG A 114 -8.04 4.88 -13.74
C ARG A 114 -8.21 3.44 -13.27
N CYS A 115 -7.12 2.67 -13.23
CA CYS A 115 -7.11 1.32 -12.67
C CYS A 115 -7.49 1.37 -11.20
N MET A 116 -6.94 2.31 -10.42
CA MET A 116 -7.22 2.41 -8.99
C MET A 116 -8.68 2.75 -8.71
N ARG A 117 -9.39 3.46 -9.59
CA ARG A 117 -10.84 3.62 -9.45
C ARG A 117 -11.59 2.30 -9.60
N SER A 118 -11.04 1.29 -10.30
CA SER A 118 -11.68 -0.01 -10.42
C SER A 118 -11.68 -0.77 -9.08
N LEU A 119 -10.87 -0.35 -8.10
CA LEU A 119 -10.78 -1.00 -6.81
C LEU A 119 -12.06 -0.79 -6.02
N LYS A 120 -12.56 -1.88 -5.43
CA LYS A 120 -13.84 -1.93 -4.75
C LYS A 120 -13.70 -2.04 -3.23
N ALA A 121 -12.48 -2.17 -2.72
CA ALA A 121 -12.14 -1.97 -1.31
C ALA A 121 -11.71 -0.50 -1.10
N PRO A 122 -11.69 0.03 0.13
CA PRO A 122 -11.05 1.32 0.42
C PRO A 122 -9.53 1.22 0.26
N ALA A 123 -8.89 2.36 -0.02
CA ALA A 123 -7.45 2.44 -0.16
C ALA A 123 -7.01 3.87 0.10
N VAL A 124 -6.21 4.07 1.15
CA VAL A 124 -5.36 5.25 1.27
C VAL A 124 -4.33 5.18 0.14
N VAL A 125 -3.98 6.32 -0.44
CA VAL A 125 -3.05 6.39 -1.57
C VAL A 125 -2.05 7.49 -1.31
N SER A 126 -0.89 7.41 -1.94
CA SER A 126 0.13 8.43 -1.81
C SER A 126 0.96 8.49 -3.09
N VAL A 127 1.57 9.66 -3.33
CA VAL A 127 2.42 9.93 -4.48
C VAL A 127 3.77 10.47 -4.01
N SER A 128 4.76 10.43 -4.88
CA SER A 128 6.12 10.87 -4.65
C SER A 128 6.20 12.39 -4.47
N SER A 129 5.20 13.15 -4.92
CA SER A 129 5.19 14.60 -4.84
C SER A 129 3.80 15.08 -4.37
N PRO A 130 3.72 16.05 -3.46
CA PRO A 130 2.45 16.55 -2.92
C PRO A 130 1.60 17.22 -3.97
N ASP A 131 2.19 18.01 -4.85
CA ASP A 131 1.46 18.77 -5.86
C ASP A 131 0.86 17.89 -6.96
N ALA A 132 1.25 16.62 -6.94
CA ALA A 132 0.77 15.56 -7.81
C ALA A 132 -0.38 14.78 -7.16
N VAL A 133 -0.63 14.96 -5.85
CA VAL A 133 -1.90 14.55 -5.23
C VAL A 133 -3.04 15.25 -5.98
N THR A 134 -2.84 16.51 -6.37
CA THR A 134 -3.78 17.31 -7.09
C THR A 134 -4.01 16.69 -8.46
N THR A 135 -2.93 16.43 -9.22
CA THR A 135 -3.04 15.82 -10.53
C THR A 135 -3.81 14.49 -10.45
N TYR A 136 -3.43 13.62 -9.51
CA TYR A 136 -4.07 12.34 -9.28
C TYR A 136 -5.57 12.53 -9.00
N ASN A 137 -5.93 13.46 -8.12
CA ASN A 137 -7.32 13.76 -7.76
C ASN A 137 -8.12 14.20 -8.97
N GLY A 138 -7.51 14.99 -9.85
CA GLY A 138 -8.06 15.38 -11.12
C GLY A 138 -8.62 14.16 -11.85
N TYR A 139 -7.82 13.11 -12.03
CA TYR A 139 -8.27 11.91 -12.72
C TYR A 139 -9.27 11.09 -11.92
N LEU A 140 -9.29 11.22 -10.58
CA LEU A 140 -10.30 10.56 -9.78
C LEU A 140 -11.65 11.18 -10.13
N THR A 141 -11.78 12.50 -10.03
CA THR A 141 -13.09 13.15 -10.10
C THR A 141 -13.39 13.77 -11.48
N SER A 142 -12.51 13.63 -12.48
CA SER A 142 -12.79 14.07 -13.85
C SER A 142 -13.96 13.33 -14.47
N SER A 143 -14.18 12.08 -14.06
CA SER A 143 -15.46 11.43 -14.20
C SER A 143 -15.97 11.16 -12.79
N GLY A 1 15.17 -20.50 13.12
CA GLY A 1 13.87 -19.91 13.49
C GLY A 1 14.09 -18.57 14.15
N SER A 2 13.17 -17.63 13.92
CA SER A 2 13.34 -16.23 14.28
C SER A 2 12.12 -15.74 15.06
N HIS A 3 12.30 -14.82 16.02
CA HIS A 3 11.27 -14.33 16.93
C HIS A 3 11.76 -13.01 17.50
N MET A 4 10.88 -12.00 17.63
CA MET A 4 11.24 -10.66 18.10
C MET A 4 10.03 -9.97 18.76
N VAL A 5 9.29 -10.71 19.59
CA VAL A 5 8.06 -10.23 20.23
C VAL A 5 8.31 -8.93 21.02
N LEU A 6 7.31 -8.04 21.05
CA LEU A 6 7.35 -6.73 21.69
C LEU A 6 6.44 -6.73 22.94
N PRO A 7 6.51 -5.72 23.83
CA PRO A 7 5.61 -5.64 25.01
C PRO A 7 4.21 -5.13 24.62
N SER A 8 3.64 -5.65 23.53
CA SER A 8 2.45 -5.19 22.85
C SER A 8 2.50 -3.71 22.43
N GLU A 9 1.56 -3.30 21.58
CA GLU A 9 1.33 -1.90 21.27
C GLU A 9 0.62 -1.20 22.44
N ALA A 10 0.36 0.09 22.28
CA ALA A 10 -0.56 0.86 23.11
C ALA A 10 -1.82 1.16 22.27
N PRO A 11 -2.89 0.36 22.34
CA PRO A 11 -4.02 0.48 21.43
C PRO A 11 -4.83 1.75 21.68
N ASN A 12 -4.67 2.76 20.81
CA ASN A 12 -5.26 4.08 20.91
C ASN A 12 -6.24 4.28 19.75
N ALA A 13 -7.48 3.81 19.93
CA ALA A 13 -8.54 3.85 18.94
C ALA A 13 -9.00 5.29 18.70
N LYS A 14 -8.67 5.88 17.56
CA LYS A 14 -8.90 7.29 17.23
C LYS A 14 -9.58 7.38 15.87
N GLU A 15 -9.47 8.50 15.17
CA GLU A 15 -10.06 8.73 13.86
C GLU A 15 -9.19 8.12 12.77
N GLU A 16 -9.75 7.91 11.57
CA GLU A 16 -9.09 7.29 10.44
C GLU A 16 -8.98 8.23 9.24
N ILE A 17 -8.09 7.90 8.30
CA ILE A 17 -7.73 8.76 7.18
C ILE A 17 -8.11 8.03 5.89
N LEU A 18 -8.41 8.76 4.83
CA LEU A 18 -8.89 8.17 3.58
C LEU A 18 -8.45 9.08 2.42
N GLY A 19 -8.59 8.57 1.20
CA GLY A 19 -8.26 9.28 -0.03
C GLY A 19 -6.77 9.22 -0.34
N THR A 20 -6.33 10.05 -1.29
CA THR A 20 -4.92 10.17 -1.62
C THR A 20 -4.27 11.13 -0.60
N VAL A 21 -3.09 10.80 -0.11
CA VAL A 21 -2.30 11.60 0.81
C VAL A 21 -0.86 11.73 0.28
N SER A 22 -0.06 12.60 0.90
CA SER A 22 1.32 12.90 0.52
C SER A 22 2.32 12.09 1.36
N TRP A 23 1.86 11.02 2.00
CA TRP A 23 2.64 10.15 2.87
C TRP A 23 3.74 9.45 2.06
N ASN A 24 4.69 8.87 2.78
CA ASN A 24 5.80 8.14 2.18
C ASN A 24 5.97 6.84 2.95
N LEU A 25 6.90 6.01 2.50
CA LEU A 25 7.02 4.62 2.90
C LEU A 25 7.07 4.45 4.43
N ARG A 26 7.73 5.38 5.15
CA ARG A 26 7.79 5.39 6.61
C ARG A 26 6.44 5.64 7.27
N GLU A 27 5.72 6.69 6.83
CA GLU A 27 4.37 7.03 7.32
C GLU A 27 3.45 5.84 7.15
N MET A 28 3.52 5.23 5.97
CA MET A 28 2.62 4.21 5.48
C MET A 28 2.74 2.94 6.34
N LEU A 29 3.96 2.42 6.55
CA LEU A 29 4.32 1.46 7.58
C LEU A 29 3.71 1.76 8.94
N ALA A 30 3.91 2.98 9.45
CA ALA A 30 3.47 3.36 10.77
C ALA A 30 1.94 3.20 10.84
N HIS A 31 1.23 3.80 9.88
CA HIS A 31 -0.22 3.74 9.75
C HIS A 31 -0.72 2.31 9.62
N ALA A 32 -0.23 1.54 8.65
CA ALA A 32 -0.60 0.14 8.39
C ALA A 32 -0.54 -0.73 9.64
N GLU A 33 0.43 -0.52 10.54
CA GLU A 33 0.48 -1.21 11.81
C GLU A 33 -0.58 -0.64 12.75
N GLU A 34 -0.62 0.68 12.93
CA GLU A 34 -1.47 1.41 13.89
C GLU A 34 -2.96 1.13 13.69
N THR A 35 -3.35 0.83 12.45
CA THR A 35 -4.74 0.63 12.02
C THR A 35 -5.00 -0.81 11.56
N ARG A 36 -3.96 -1.64 11.53
CA ARG A 36 -3.96 -2.98 10.96
C ARG A 36 -4.69 -3.00 9.62
N LYS A 37 -4.25 -2.15 8.69
CA LYS A 37 -4.77 -2.08 7.32
C LYS A 37 -3.71 -2.69 6.43
N LEU A 38 -4.08 -3.74 5.69
CA LEU A 38 -3.21 -4.50 4.79
C LEU A 38 -2.42 -3.54 3.88
N MET A 39 -1.16 -3.87 3.63
CA MET A 39 -0.27 -3.07 2.80
C MET A 39 0.14 -3.90 1.56
N PRO A 40 -0.63 -3.86 0.45
CA PRO A 40 -0.21 -4.50 -0.78
C PRO A 40 1.08 -3.86 -1.32
N ILE A 41 2.06 -4.67 -1.73
CA ILE A 41 3.39 -4.24 -2.19
C ILE A 41 3.81 -5.13 -3.36
N CYS A 42 4.45 -4.55 -4.38
CA CYS A 42 4.85 -5.28 -5.58
C CYS A 42 6.28 -5.82 -5.45
N MET A 43 6.49 -7.12 -5.70
CA MET A 43 7.79 -7.79 -5.64
C MET A 43 8.70 -7.54 -6.86
N ASP A 44 8.29 -6.64 -7.75
CA ASP A 44 9.12 -6.19 -8.88
C ASP A 44 9.86 -4.87 -8.59
N VAL A 45 9.31 -3.98 -7.73
CA VAL A 45 9.89 -2.67 -7.46
C VAL A 45 10.89 -2.83 -6.31
N ARG A 46 12.16 -2.99 -6.62
CA ARG A 46 13.17 -3.35 -5.63
C ARG A 46 13.46 -2.20 -4.68
N ALA A 47 13.19 -0.94 -5.05
CA ALA A 47 13.40 0.21 -4.16
C ALA A 47 12.56 0.11 -2.88
N ILE A 48 11.30 -0.28 -3.04
CA ILE A 48 10.39 -0.51 -1.93
C ILE A 48 10.97 -1.62 -1.05
N MET A 49 11.42 -2.72 -1.65
CA MET A 49 11.83 -3.91 -0.90
C MET A 49 13.12 -3.69 -0.16
N ALA A 50 14.05 -2.92 -0.75
CA ALA A 50 15.25 -2.48 -0.08
C ALA A 50 14.90 -1.78 1.22
N THR A 51 13.85 -0.94 1.21
CA THR A 51 13.41 -0.19 2.37
C THR A 51 12.72 -1.13 3.36
N ILE A 52 11.80 -2.00 2.91
CA ILE A 52 11.09 -2.95 3.76
C ILE A 52 12.09 -3.88 4.41
N GLN A 53 12.73 -4.78 3.65
CA GLN A 53 13.52 -5.86 4.21
C GLN A 53 14.63 -5.31 5.13
N ARG A 54 15.13 -4.08 4.90
CA ARG A 54 16.14 -3.42 5.74
C ARG A 54 15.58 -3.08 7.11
N LYS A 55 14.36 -2.53 7.18
CA LYS A 55 13.67 -2.30 8.44
C LYS A 55 13.54 -3.64 9.15
N TYR A 56 12.85 -4.56 8.51
CA TYR A 56 12.41 -5.81 9.10
C TYR A 56 13.49 -6.89 8.92
N LYS A 57 14.76 -6.54 9.17
CA LYS A 57 15.89 -7.41 8.86
C LYS A 57 15.71 -8.73 9.60
N GLY A 58 16.00 -9.82 8.91
CA GLY A 58 15.55 -11.12 9.33
C GLY A 58 14.67 -11.73 8.25
N ILE A 59 13.83 -10.93 7.59
CA ILE A 59 12.96 -11.37 6.52
C ILE A 59 13.75 -11.68 5.24
N LYS A 60 13.26 -12.65 4.46
CA LYS A 60 13.53 -12.83 3.03
C LYS A 60 12.17 -12.72 2.34
N ILE A 61 12.07 -12.08 1.18
CA ILE A 61 10.89 -12.04 0.30
C ILE A 61 10.13 -13.38 0.27
N GLN A 62 8.81 -13.26 0.15
CA GLN A 62 7.80 -14.30 0.23
C GLN A 62 6.82 -14.05 -0.94
N GLU A 63 5.74 -14.82 -1.07
CA GLU A 63 4.61 -14.47 -1.93
C GLU A 63 3.30 -14.52 -1.14
N GLY A 64 2.25 -13.92 -1.69
CA GLY A 64 0.93 -13.86 -1.08
C GLY A 64 0.91 -12.92 0.11
N ILE A 65 -0.10 -13.12 0.95
CA ILE A 65 -0.21 -12.48 2.25
C ILE A 65 1.10 -12.67 2.99
N VAL A 66 1.58 -11.60 3.63
CA VAL A 66 2.76 -11.62 4.46
C VAL A 66 2.39 -10.94 5.76
N ASP A 67 2.88 -11.48 6.86
CA ASP A 67 2.97 -10.78 8.11
C ASP A 67 4.39 -11.01 8.60
N TYR A 68 5.16 -9.93 8.61
CA TYR A 68 6.48 -9.91 9.27
C TYR A 68 6.62 -8.67 10.16
N GLY A 69 5.52 -8.11 10.61
CA GLY A 69 5.49 -6.79 11.23
C GLY A 69 4.26 -6.05 10.74
N VAL A 70 4.37 -5.43 9.57
CA VAL A 70 3.19 -4.98 8.84
C VAL A 70 2.65 -6.19 8.10
N ARG A 71 1.32 -6.28 8.01
CA ARG A 71 0.68 -7.29 7.18
C ARG A 71 0.78 -6.79 5.74
N PHE A 72 1.80 -7.23 5.02
CA PHE A 72 1.90 -6.95 3.61
C PHE A 72 1.06 -7.92 2.77
N PHE A 73 0.92 -7.66 1.47
CA PHE A 73 0.43 -8.60 0.47
C PHE A 73 1.34 -8.47 -0.74
N PHE A 74 2.19 -9.46 -0.93
CA PHE A 74 3.03 -9.62 -2.11
C PHE A 74 2.30 -10.53 -3.08
N TYR A 75 2.67 -10.47 -4.35
CA TYR A 75 1.97 -11.17 -5.43
C TYR A 75 2.89 -11.24 -6.64
N THR A 76 2.44 -11.90 -7.70
CA THR A 76 3.16 -12.02 -8.95
C THR A 76 3.05 -10.72 -9.75
N SER A 77 4.09 -9.90 -9.78
CA SER A 77 4.20 -8.76 -10.68
C SER A 77 4.01 -9.13 -12.16
N LYS A 78 4.22 -10.41 -12.51
CA LYS A 78 3.97 -10.97 -13.82
C LYS A 78 2.50 -10.87 -14.22
N GLU A 79 1.56 -10.79 -13.28
CA GLU A 79 0.15 -10.62 -13.60
C GLU A 79 -0.17 -9.12 -13.66
N PRO A 80 -1.26 -8.74 -14.33
CA PRO A 80 -1.57 -7.35 -14.57
C PRO A 80 -2.18 -6.71 -13.32
N VAL A 81 -2.12 -5.40 -13.32
CA VAL A 81 -2.71 -4.52 -12.34
C VAL A 81 -4.22 -4.75 -12.23
N ALA A 82 -4.83 -4.93 -13.39
CA ALA A 82 -6.24 -5.29 -13.49
C ALA A 82 -6.56 -6.60 -12.76
N SER A 83 -5.68 -7.60 -12.79
CA SER A 83 -5.89 -8.86 -12.12
C SER A 83 -5.73 -8.68 -10.62
N ILE A 84 -4.63 -8.06 -10.18
CA ILE A 84 -4.39 -7.95 -8.76
C ILE A 84 -5.49 -7.11 -8.09
N ILE A 85 -6.02 -6.10 -8.78
CA ILE A 85 -7.18 -5.34 -8.30
C ILE A 85 -8.36 -6.27 -8.09
N THR A 86 -8.76 -7.07 -9.08
CA THR A 86 -9.78 -8.12 -8.94
C THR A 86 -9.56 -8.94 -7.66
N LYS A 87 -8.31 -9.27 -7.35
CA LYS A 87 -7.93 -10.07 -6.19
C LYS A 87 -8.17 -9.29 -4.90
N LEU A 88 -7.77 -8.01 -4.83
CA LEU A 88 -8.07 -7.14 -3.68
C LEU A 88 -9.58 -7.02 -3.47
N ASN A 89 -10.37 -6.93 -4.53
CA ASN A 89 -11.82 -6.74 -4.40
C ASN A 89 -12.46 -7.94 -3.72
N SER A 90 -11.90 -9.13 -3.93
CA SER A 90 -12.31 -10.38 -3.32
C SER A 90 -11.84 -10.50 -1.87
N LEU A 91 -10.92 -9.64 -1.41
CA LEU A 91 -10.56 -9.45 -0.02
C LEU A 91 -11.52 -8.43 0.59
N ASN A 92 -11.81 -7.35 -0.15
CA ASN A 92 -12.68 -6.22 0.20
C ASN A 92 -12.32 -5.54 1.52
N GLU A 93 -11.12 -5.81 2.01
CA GLU A 93 -10.54 -5.26 3.20
C GLU A 93 -10.08 -3.83 2.98
N PRO A 94 -9.92 -3.06 4.06
CA PRO A 94 -9.28 -1.77 4.01
C PRO A 94 -7.78 -1.95 3.79
N LEU A 95 -7.23 -1.09 2.94
CA LEU A 95 -5.86 -1.11 2.47
C LEU A 95 -5.20 0.24 2.72
N VAL A 96 -3.87 0.26 2.68
CA VAL A 96 -3.07 1.46 2.50
C VAL A 96 -1.97 1.08 1.52
N THR A 97 -1.95 1.69 0.34
CA THR A 97 -0.91 1.49 -0.66
C THR A 97 -0.84 2.72 -1.57
N MET A 98 -0.20 2.56 -2.71
CA MET A 98 0.13 3.57 -3.70
C MET A 98 -0.48 3.17 -5.06
N PRO A 99 -0.31 3.96 -6.14
CA PRO A 99 -0.70 3.54 -7.47
C PRO A 99 0.20 2.39 -7.93
N ILE A 100 -0.14 1.14 -7.59
CA ILE A 100 0.64 -0.06 -7.88
C ILE A 100 1.06 -0.10 -9.35
N GLY A 101 0.11 -0.09 -10.28
CA GLY A 101 0.37 -0.13 -11.72
C GLY A 101 0.83 1.24 -12.17
N TYR A 102 2.06 1.64 -11.84
CA TYR A 102 2.71 2.90 -12.19
C TYR A 102 4.16 2.66 -12.64
N VAL A 103 4.84 1.68 -12.05
CA VAL A 103 6.27 1.45 -12.27
C VAL A 103 6.51 0.02 -12.70
N THR A 104 6.09 -0.94 -11.89
CA THR A 104 6.10 -2.36 -12.19
C THR A 104 5.54 -2.65 -13.58
N HIS A 105 4.53 -1.90 -14.05
CA HIS A 105 3.95 -2.06 -15.37
C HIS A 105 4.31 -0.92 -16.34
N GLY A 106 5.15 0.04 -15.96
CA GLY A 106 5.54 1.18 -16.78
C GLY A 106 4.32 2.01 -17.21
N PHE A 107 3.38 2.23 -16.28
CA PHE A 107 2.18 3.04 -16.57
C PHE A 107 2.46 4.50 -16.26
N ASN A 108 1.60 5.40 -16.73
CA ASN A 108 1.62 6.80 -16.31
C ASN A 108 0.85 6.95 -15.01
N LEU A 109 1.00 8.11 -14.34
CA LEU A 109 0.20 8.47 -13.17
C LEU A 109 -1.29 8.45 -13.53
N GLU A 110 -1.65 8.93 -14.73
CA GLU A 110 -3.01 8.93 -15.26
C GLU A 110 -3.55 7.49 -15.40
N GLU A 111 -2.76 6.59 -15.98
CA GLU A 111 -3.18 5.22 -16.27
C GLU A 111 -3.30 4.42 -14.98
N ALA A 112 -2.35 4.63 -14.07
CA ALA A 112 -2.36 4.07 -12.74
C ALA A 112 -3.59 4.55 -11.98
N ALA A 113 -3.89 5.85 -12.03
CA ALA A 113 -5.11 6.40 -11.45
C ALA A 113 -6.33 5.73 -12.07
N ARG A 114 -6.44 5.68 -13.41
CA ARG A 114 -7.55 5.04 -14.12
C ARG A 114 -7.79 3.63 -13.62
N CYS A 115 -6.71 2.86 -13.54
CA CYS A 115 -6.68 1.51 -13.06
C CYS A 115 -7.18 1.43 -11.63
N MET A 116 -6.77 2.35 -10.77
CA MET A 116 -7.15 2.36 -9.37
C MET A 116 -8.63 2.74 -9.18
N ARG A 117 -9.25 3.55 -10.03
CA ARG A 117 -10.72 3.69 -10.05
C ARG A 117 -11.46 2.35 -10.27
N SER A 118 -10.78 1.34 -10.83
CA SER A 118 -11.30 -0.02 -10.98
C SER A 118 -11.27 -0.82 -9.66
N LEU A 119 -10.68 -0.29 -8.58
CA LEU A 119 -10.55 -0.92 -7.28
C LEU A 119 -11.79 -0.62 -6.44
N LYS A 120 -12.25 -1.64 -5.71
CA LYS A 120 -13.51 -1.65 -4.97
C LYS A 120 -13.26 -1.89 -3.47
N ALA A 121 -12.05 -2.24 -3.07
CA ALA A 121 -11.65 -2.37 -1.68
C ALA A 121 -11.12 -1.00 -1.21
N PRO A 122 -11.47 -0.52 -0.01
CA PRO A 122 -11.11 0.81 0.44
C PRO A 122 -9.61 0.96 0.52
N ALA A 123 -9.08 2.05 -0.03
CA ALA A 123 -7.66 2.23 -0.24
C ALA A 123 -7.32 3.69 -0.03
N VAL A 124 -6.61 3.96 1.08
CA VAL A 124 -5.74 5.12 1.15
C VAL A 124 -4.73 4.95 0.02
N VAL A 125 -4.53 5.99 -0.78
CA VAL A 125 -3.52 6.06 -1.83
C VAL A 125 -2.48 7.06 -1.37
N SER A 126 -1.27 6.95 -1.89
CA SER A 126 -0.23 7.89 -1.55
C SER A 126 0.76 8.02 -2.69
N VAL A 127 1.38 9.20 -2.78
CA VAL A 127 2.33 9.54 -3.82
C VAL A 127 3.51 10.28 -3.22
N SER A 128 4.70 9.96 -3.73
CA SER A 128 5.96 10.57 -3.30
C SER A 128 6.13 12.03 -3.76
N SER A 129 5.09 12.72 -4.22
CA SER A 129 5.14 14.17 -4.25
C SER A 129 3.80 14.80 -3.84
N PRO A 130 3.81 15.95 -3.15
CA PRO A 130 2.61 16.69 -2.78
C PRO A 130 1.89 17.22 -4.01
N ASP A 131 2.65 17.62 -5.04
CA ASP A 131 2.11 18.02 -6.34
C ASP A 131 1.27 16.91 -6.95
N ALA A 132 1.65 15.67 -6.72
CA ALA A 132 1.07 14.51 -7.38
C ALA A 132 -0.20 14.10 -6.68
N VAL A 133 -0.40 14.39 -5.39
CA VAL A 133 -1.67 14.15 -4.70
C VAL A 133 -2.78 14.86 -5.48
N THR A 134 -2.46 16.08 -5.93
CA THR A 134 -3.31 17.00 -6.63
C THR A 134 -3.48 16.49 -8.06
N THR A 135 -2.40 16.20 -8.78
CA THR A 135 -2.49 15.72 -10.15
C THR A 135 -3.29 14.41 -10.23
N TYR A 136 -3.01 13.47 -9.34
CA TYR A 136 -3.67 12.19 -9.23
C TYR A 136 -5.16 12.39 -8.97
N ASN A 137 -5.50 13.26 -8.00
CA ASN A 137 -6.89 13.64 -7.74
C ASN A 137 -7.56 14.26 -8.95
N GLY A 138 -6.79 14.94 -9.80
CA GLY A 138 -7.24 15.50 -11.06
C GLY A 138 -7.93 14.44 -11.91
N TYR A 139 -7.29 13.28 -12.03
CA TYR A 139 -7.80 12.16 -12.82
C TYR A 139 -8.97 11.46 -12.13
N LEU A 140 -8.95 11.39 -10.78
CA LEU A 140 -10.04 10.76 -10.05
C LEU A 140 -11.30 11.61 -10.17
N THR A 141 -11.18 12.92 -9.93
CA THR A 141 -12.26 13.89 -10.03
C THR A 141 -12.79 13.95 -11.47
N SER A 142 -11.95 13.74 -12.49
CA SER A 142 -12.38 13.68 -13.88
C SER A 142 -13.26 12.45 -14.17
N SER A 143 -13.27 11.41 -13.34
CA SER A 143 -14.26 10.32 -13.45
C SER A 143 -15.67 10.88 -13.28
N GLY A 1 -3.99 -0.36 55.79
CA GLY A 1 -4.77 0.07 54.61
C GLY A 1 -3.86 0.90 53.73
N SER A 2 -4.00 0.81 52.40
CA SER A 2 -2.95 1.21 51.47
C SER A 2 -3.56 1.89 50.24
N HIS A 3 -2.72 2.29 49.28
CA HIS A 3 -3.13 2.71 47.94
C HIS A 3 -2.18 2.02 46.96
N MET A 4 -2.61 1.79 45.73
CA MET A 4 -1.80 1.24 44.65
C MET A 4 -2.60 1.55 43.38
N VAL A 5 -2.13 2.48 42.56
CA VAL A 5 -2.74 2.88 41.30
C VAL A 5 -1.59 3.25 40.35
N LEU A 6 -1.81 3.14 39.03
CA LEU A 6 -0.89 3.56 37.98
C LEU A 6 -1.72 4.05 36.79
N PRO A 7 -1.22 4.94 35.92
CA PRO A 7 -1.91 5.40 34.71
C PRO A 7 -1.80 4.34 33.59
N SER A 8 -2.31 3.12 33.84
CA SER A 8 -2.21 1.97 32.94
C SER A 8 -3.22 2.06 31.77
N GLU A 9 -3.47 3.25 31.24
CA GLU A 9 -4.43 3.53 30.18
C GLU A 9 -3.77 4.59 29.29
N ALA A 10 -3.58 4.33 28.00
CA ALA A 10 -3.05 5.29 27.04
C ALA A 10 -3.71 5.08 25.67
N PRO A 11 -4.89 5.67 25.43
CA PRO A 11 -5.66 5.43 24.23
C PRO A 11 -5.03 6.11 23.01
N ASN A 12 -4.99 5.40 21.87
CA ASN A 12 -4.42 5.88 20.61
C ASN A 12 -5.32 5.51 19.45
N ALA A 13 -6.39 6.27 19.21
CA ALA A 13 -7.23 6.12 18.02
C ALA A 13 -7.72 7.49 17.59
N LYS A 14 -6.82 8.34 17.11
CA LYS A 14 -7.15 9.55 16.39
C LYS A 14 -7.63 9.10 15.00
N GLU A 15 -8.93 8.76 14.93
CA GLU A 15 -9.72 8.45 13.75
C GLU A 15 -9.03 7.53 12.74
N GLU A 16 -9.48 7.58 11.49
CA GLU A 16 -8.76 7.06 10.35
C GLU A 16 -8.74 8.10 9.25
N ILE A 17 -7.84 7.85 8.30
CA ILE A 17 -7.55 8.66 7.15
C ILE A 17 -7.81 7.79 5.92
N LEU A 18 -8.19 8.45 4.83
CA LEU A 18 -8.50 7.89 3.53
C LEU A 18 -7.75 8.74 2.47
N GLY A 19 -8.12 8.61 1.20
CA GLY A 19 -7.68 9.53 0.16
C GLY A 19 -6.28 9.23 -0.36
N THR A 20 -5.81 10.13 -1.23
CA THR A 20 -4.43 10.18 -1.67
C THR A 20 -3.68 11.23 -0.82
N VAL A 21 -2.44 10.92 -0.43
CA VAL A 21 -1.52 11.78 0.30
C VAL A 21 -0.11 11.61 -0.31
N SER A 22 0.94 12.14 0.33
CA SER A 22 2.32 11.93 -0.12
C SER A 22 3.19 11.58 1.08
N TRP A 23 2.72 10.62 1.87
CA TRP A 23 3.49 9.97 2.92
C TRP A 23 4.62 9.17 2.27
N ASN A 24 5.45 8.50 3.06
CA ASN A 24 6.54 7.67 2.56
C ASN A 24 6.64 6.46 3.48
N LEU A 25 7.49 5.48 3.15
CA LEU A 25 7.34 4.11 3.65
C LEU A 25 7.21 4.07 5.16
N ARG A 26 8.00 4.85 5.90
CA ARG A 26 7.96 4.75 7.37
C ARG A 26 6.76 5.46 8.00
N GLU A 27 6.13 6.46 7.36
CA GLU A 27 4.82 6.96 7.80
C GLU A 27 3.77 5.87 7.55
N MET A 28 3.85 5.28 6.37
CA MET A 28 2.93 4.31 5.80
C MET A 28 2.90 3.05 6.65
N LEU A 29 4.05 2.46 6.99
CA LEU A 29 4.25 1.45 8.00
C LEU A 29 3.51 1.76 9.28
N ALA A 30 3.73 2.95 9.85
CA ALA A 30 3.07 3.33 11.09
C ALA A 30 1.56 3.27 10.90
N HIS A 31 1.02 3.88 9.84
CA HIS A 31 -0.42 3.87 9.57
C HIS A 31 -0.95 2.45 9.38
N ALA A 32 -0.27 1.61 8.59
CA ALA A 32 -0.66 0.23 8.33
C ALA A 32 -0.74 -0.56 9.62
N GLU A 33 0.18 -0.38 10.56
CA GLU A 33 0.13 -1.03 11.86
C GLU A 33 -0.98 -0.43 12.72
N GLU A 34 -1.03 0.90 12.83
CA GLU A 34 -1.99 1.68 13.61
C GLU A 34 -3.41 1.21 13.32
N THR A 35 -3.73 0.99 12.04
CA THR A 35 -5.06 0.62 11.56
C THR A 35 -5.16 -0.87 11.15
N ARG A 36 -4.08 -1.66 11.33
CA ARG A 36 -3.87 -3.01 10.78
C ARG A 36 -4.34 -3.17 9.32
N LYS A 37 -4.30 -2.08 8.54
CA LYS A 37 -4.66 -2.08 7.12
C LYS A 37 -3.58 -2.76 6.31
N LEU A 38 -3.99 -3.45 5.24
CA LEU A 38 -3.11 -4.24 4.41
C LEU A 38 -2.25 -3.33 3.54
N MET A 39 -0.99 -3.70 3.34
CA MET A 39 -0.01 -2.97 2.55
C MET A 39 0.40 -3.81 1.33
N PRO A 40 -0.31 -3.70 0.19
CA PRO A 40 0.05 -4.44 -1.01
C PRO A 40 1.30 -3.82 -1.67
N ILE A 41 2.30 -4.64 -2.04
CA ILE A 41 3.60 -4.20 -2.57
C ILE A 41 3.96 -5.09 -3.78
N CYS A 42 4.69 -4.60 -4.78
CA CYS A 42 5.15 -5.40 -5.92
C CYS A 42 6.65 -5.72 -5.78
N MET A 43 7.00 -7.00 -5.90
CA MET A 43 8.32 -7.54 -5.61
C MET A 43 9.36 -7.25 -6.69
N ASP A 44 8.98 -6.61 -7.80
CA ASP A 44 9.93 -6.14 -8.79
C ASP A 44 10.75 -4.97 -8.23
N VAL A 45 10.09 -4.05 -7.53
CA VAL A 45 10.63 -2.74 -7.16
C VAL A 45 11.59 -2.90 -5.97
N ARG A 46 12.88 -3.09 -6.25
CA ARG A 46 13.89 -3.22 -5.20
C ARG A 46 13.87 -2.00 -4.29
N ALA A 47 13.66 -0.79 -4.81
CA ALA A 47 13.63 0.43 -4.02
C ALA A 47 12.59 0.35 -2.89
N ILE A 48 11.36 -0.06 -3.20
CA ILE A 48 10.30 -0.20 -2.19
C ILE A 48 10.67 -1.35 -1.24
N MET A 49 11.14 -2.47 -1.81
CA MET A 49 11.43 -3.69 -1.08
C MET A 49 12.55 -3.50 -0.08
N ALA A 50 13.52 -2.66 -0.43
CA ALA A 50 14.71 -2.35 0.34
C ALA A 50 14.30 -1.92 1.74
N THR A 51 13.46 -0.88 1.83
CA THR A 51 13.12 -0.27 3.11
C THR A 51 12.36 -1.26 3.97
N ILE A 52 11.41 -1.99 3.37
CA ILE A 52 10.59 -3.00 4.04
C ILE A 52 11.52 -4.06 4.64
N GLN A 53 12.23 -4.87 3.84
CA GLN A 53 13.05 -5.96 4.40
C GLN A 53 14.10 -5.44 5.39
N ARG A 54 14.61 -4.22 5.22
CA ARG A 54 15.56 -3.55 6.14
C ARG A 54 14.91 -3.29 7.50
N LYS A 55 13.67 -2.80 7.51
CA LYS A 55 12.94 -2.47 8.73
C LYS A 55 12.68 -3.71 9.58
N TYR A 56 12.45 -4.82 8.91
CA TYR A 56 11.97 -6.06 9.50
C TYR A 56 13.00 -7.17 9.32
N LYS A 57 14.26 -6.92 9.69
CA LYS A 57 15.44 -7.59 9.13
C LYS A 57 15.40 -9.11 9.01
N GLY A 58 14.73 -9.81 9.95
CA GLY A 58 14.69 -11.26 9.97
C GLY A 58 14.06 -11.86 8.71
N ILE A 59 13.23 -11.10 7.99
CA ILE A 59 12.46 -11.56 6.85
C ILE A 59 13.32 -11.82 5.61
N LYS A 60 12.84 -12.65 4.69
CA LYS A 60 13.37 -12.89 3.36
C LYS A 60 12.19 -12.84 2.41
N ILE A 61 12.25 -12.15 1.26
CA ILE A 61 11.16 -12.05 0.25
C ILE A 61 10.39 -13.37 0.08
N GLN A 62 9.08 -13.21 -0.07
CA GLN A 62 8.06 -14.25 -0.13
C GLN A 62 7.14 -13.86 -1.29
N GLU A 63 6.18 -14.72 -1.61
CA GLU A 63 5.09 -14.44 -2.53
C GLU A 63 3.79 -14.81 -1.84
N GLY A 64 2.72 -14.11 -2.21
CA GLY A 64 1.44 -14.21 -1.54
C GLY A 64 1.38 -13.26 -0.35
N ILE A 65 0.62 -13.63 0.67
CA ILE A 65 0.38 -12.84 1.86
C ILE A 65 1.66 -12.78 2.69
N VAL A 66 1.96 -11.61 3.25
CA VAL A 66 3.15 -11.35 4.05
C VAL A 66 2.76 -10.64 5.34
N ASP A 67 2.39 -11.42 6.34
CA ASP A 67 2.19 -10.97 7.71
C ASP A 67 3.56 -11.03 8.40
N TYR A 68 4.31 -9.94 8.34
CA TYR A 68 5.62 -9.85 9.00
C TYR A 68 5.80 -8.43 9.55
N GLY A 69 5.35 -8.16 10.77
CA GLY A 69 5.54 -6.87 11.45
C GLY A 69 4.60 -5.77 10.97
N VAL A 70 4.18 -5.82 9.70
CA VAL A 70 3.05 -5.12 9.11
C VAL A 70 2.36 -6.19 8.26
N ARG A 71 1.06 -6.01 8.03
CA ARG A 71 0.23 -6.85 7.20
C ARG A 71 0.47 -6.44 5.74
N PHE A 72 1.26 -7.18 4.97
CA PHE A 72 1.56 -6.91 3.56
C PHE A 72 0.94 -7.97 2.64
N PHE A 73 0.97 -7.71 1.33
CA PHE A 73 0.45 -8.58 0.27
C PHE A 73 1.37 -8.42 -0.93
N PHE A 74 2.16 -9.45 -1.24
CA PHE A 74 3.13 -9.46 -2.32
C PHE A 74 2.54 -10.19 -3.54
N TYR A 75 2.87 -9.75 -4.75
CA TYR A 75 2.38 -10.23 -6.03
C TYR A 75 3.46 -9.98 -7.09
N THR A 76 3.48 -10.84 -8.10
CA THR A 76 4.50 -10.86 -9.13
C THR A 76 4.42 -9.61 -10.02
N SER A 77 5.54 -9.24 -10.67
CA SER A 77 5.53 -8.12 -11.60
C SER A 77 4.62 -8.38 -12.80
N LYS A 78 4.35 -9.67 -13.07
CA LYS A 78 3.63 -10.18 -14.22
C LYS A 78 2.15 -10.34 -13.94
N GLU A 79 1.69 -10.31 -12.69
CA GLU A 79 0.25 -10.30 -12.46
C GLU A 79 -0.29 -8.94 -12.93
N PRO A 80 -1.22 -8.88 -13.90
CA PRO A 80 -1.74 -7.61 -14.40
C PRO A 80 -2.42 -6.80 -13.32
N VAL A 81 -2.58 -5.54 -13.63
CA VAL A 81 -3.17 -4.57 -12.71
C VAL A 81 -4.65 -4.91 -12.54
N ALA A 82 -5.33 -5.33 -13.61
CA ALA A 82 -6.71 -5.80 -13.53
C ALA A 82 -6.82 -6.96 -12.54
N SER A 83 -5.88 -7.90 -12.59
CA SER A 83 -5.87 -9.10 -11.80
C SER A 83 -5.55 -8.81 -10.33
N ILE A 84 -4.59 -7.92 -10.00
CA ILE A 84 -4.36 -7.57 -8.60
C ILE A 84 -5.55 -6.77 -8.07
N ILE A 85 -6.10 -5.80 -8.82
CA ILE A 85 -7.30 -5.04 -8.44
C ILE A 85 -8.42 -6.00 -8.08
N THR A 86 -8.59 -7.04 -8.89
CA THR A 86 -9.58 -8.05 -8.64
C THR A 86 -9.36 -8.62 -7.22
N LYS A 87 -8.14 -9.09 -7.00
CA LYS A 87 -7.76 -9.85 -5.82
C LYS A 87 -7.87 -9.01 -4.56
N LEU A 88 -7.44 -7.74 -4.57
CA LEU A 88 -7.65 -6.83 -3.44
C LEU A 88 -9.13 -6.73 -3.11
N ASN A 89 -9.97 -6.55 -4.13
CA ASN A 89 -11.40 -6.42 -3.87
C ASN A 89 -12.00 -7.69 -3.31
N SER A 90 -11.48 -8.83 -3.73
CA SER A 90 -11.89 -10.12 -3.25
C SER A 90 -11.50 -10.35 -1.77
N LEU A 91 -10.54 -9.60 -1.23
CA LEU A 91 -10.19 -9.54 0.19
C LEU A 91 -11.27 -8.73 0.92
N ASN A 92 -11.68 -7.59 0.35
CA ASN A 92 -12.65 -6.67 0.96
C ASN A 92 -12.10 -6.13 2.28
N GLU A 93 -10.77 -5.95 2.32
CA GLU A 93 -10.01 -5.52 3.48
C GLU A 93 -9.43 -4.13 3.20
N PRO A 94 -9.34 -3.27 4.22
CA PRO A 94 -8.92 -1.88 4.03
C PRO A 94 -7.41 -1.80 3.80
N LEU A 95 -7.01 -1.02 2.80
CA LEU A 95 -5.62 -1.01 2.33
C LEU A 95 -4.96 0.35 2.58
N VAL A 96 -3.63 0.36 2.47
CA VAL A 96 -2.83 1.56 2.31
C VAL A 96 -1.61 1.18 1.46
N THR A 97 -1.42 1.82 0.32
CA THR A 97 -0.26 1.65 -0.54
C THR A 97 -0.07 2.92 -1.39
N MET A 98 0.69 2.78 -2.46
CA MET A 98 1.02 3.75 -3.48
C MET A 98 0.28 3.34 -4.77
N PRO A 99 0.36 4.10 -5.87
CA PRO A 99 -0.31 3.69 -7.09
C PRO A 99 0.38 2.47 -7.68
N ILE A 100 -0.07 1.26 -7.35
CA ILE A 100 0.43 -0.02 -7.85
C ILE A 100 0.73 0.02 -9.35
N GLY A 101 -0.28 -0.04 -10.21
CA GLY A 101 -0.08 -0.05 -11.65
C GLY A 101 0.24 1.36 -12.12
N TYR A 102 1.47 1.82 -11.91
CA TYR A 102 1.99 3.12 -12.28
C TYR A 102 3.30 2.97 -13.06
N VAL A 103 4.34 2.35 -12.49
CA VAL A 103 5.67 2.33 -13.08
C VAL A 103 6.25 0.92 -13.03
N THR A 104 6.08 0.18 -11.94
CA THR A 104 6.36 -1.27 -11.81
C THR A 104 5.67 -2.14 -12.89
N HIS A 105 4.73 -1.57 -13.65
CA HIS A 105 3.95 -2.21 -14.70
C HIS A 105 3.90 -1.34 -15.95
N GLY A 106 4.72 -0.28 -16.02
CA GLY A 106 4.75 0.62 -17.17
C GLY A 106 3.37 1.21 -17.47
N PHE A 107 2.72 1.83 -16.49
CA PHE A 107 1.51 2.63 -16.72
C PHE A 107 1.93 4.11 -16.82
N ASN A 108 0.97 5.04 -16.75
CA ASN A 108 1.19 6.47 -16.54
C ASN A 108 0.40 6.88 -15.31
N LEU A 109 0.60 8.09 -14.77
CA LEU A 109 -0.17 8.56 -13.61
C LEU A 109 -1.68 8.56 -13.90
N GLU A 110 -2.09 8.95 -15.11
CA GLU A 110 -3.49 8.90 -15.53
C GLU A 110 -3.98 7.46 -15.49
N GLU A 111 -3.35 6.59 -16.28
CA GLU A 111 -3.79 5.19 -16.43
C GLU A 111 -3.79 4.46 -15.09
N ALA A 112 -2.83 4.81 -14.22
CA ALA A 112 -2.73 4.28 -12.88
C ALA A 112 -3.98 4.61 -12.09
N ALA A 113 -4.29 5.91 -11.97
CA ALA A 113 -5.48 6.40 -11.29
C ALA A 113 -6.76 5.80 -11.90
N ARG A 114 -6.87 5.83 -13.23
CA ARG A 114 -8.01 5.29 -13.99
C ARG A 114 -8.27 3.84 -13.63
N CYS A 115 -7.23 3.00 -13.56
CA CYS A 115 -7.36 1.61 -13.14
C CYS A 115 -7.96 1.55 -11.73
N MET A 116 -7.39 2.33 -10.80
CA MET A 116 -7.68 2.26 -9.37
C MET A 116 -9.12 2.68 -9.03
N ARG A 117 -9.72 3.62 -9.77
CA ARG A 117 -11.15 3.91 -9.69
C ARG A 117 -11.98 2.61 -9.69
N SER A 118 -11.60 1.64 -10.52
CA SER A 118 -12.29 0.37 -10.70
C SER A 118 -11.90 -0.69 -9.65
N LEU A 119 -11.12 -0.39 -8.62
CA LEU A 119 -10.87 -1.26 -7.48
C LEU A 119 -11.97 -1.02 -6.46
N LYS A 120 -12.61 -2.10 -6.06
CA LYS A 120 -13.88 -2.08 -5.36
C LYS A 120 -13.70 -1.85 -3.85
N ALA A 121 -12.46 -1.80 -3.34
CA ALA A 121 -12.15 -1.84 -1.91
C ALA A 121 -11.70 -0.47 -1.36
N PRO A 122 -11.84 -0.23 -0.04
CA PRO A 122 -11.22 0.90 0.66
C PRO A 122 -9.70 0.81 0.59
N ALA A 123 -9.05 1.90 0.23
CA ALA A 123 -7.62 1.92 0.01
C ALA A 123 -7.11 3.35 0.02
N VAL A 124 -6.18 3.64 0.91
CA VAL A 124 -5.37 4.86 0.88
C VAL A 124 -4.32 4.73 -0.24
N VAL A 125 -3.93 5.86 -0.83
CA VAL A 125 -2.92 5.98 -1.87
C VAL A 125 -1.87 7.00 -1.43
N SER A 126 -0.60 6.77 -1.78
CA SER A 126 0.48 7.66 -1.40
C SER A 126 1.49 7.74 -2.53
N VAL A 127 1.47 8.85 -3.26
CA VAL A 127 2.43 9.18 -4.30
C VAL A 127 3.73 9.70 -3.66
N SER A 128 4.86 9.60 -4.35
CA SER A 128 6.13 10.12 -3.85
C SER A 128 6.17 11.65 -3.76
N SER A 129 5.33 12.37 -4.51
CA SER A 129 5.46 13.81 -4.71
C SER A 129 4.19 14.56 -4.31
N PRO A 130 4.28 15.85 -3.94
CA PRO A 130 3.13 16.65 -3.54
C PRO A 130 2.27 17.05 -4.75
N ASP A 131 2.87 17.17 -5.94
CA ASP A 131 2.16 17.61 -7.15
C ASP A 131 1.22 16.54 -7.66
N ALA A 132 1.56 15.31 -7.32
CA ALA A 132 0.87 14.12 -7.72
C ALA A 132 -0.33 13.88 -6.81
N VAL A 133 -0.33 14.36 -5.56
CA VAL A 133 -1.49 14.28 -4.66
C VAL A 133 -2.68 14.93 -5.34
N THR A 134 -2.44 16.10 -5.93
CA THR A 134 -3.35 16.93 -6.67
C THR A 134 -3.62 16.30 -8.03
N THR A 135 -2.57 15.97 -8.78
CA THR A 135 -2.73 15.53 -10.15
C THR A 135 -3.56 14.23 -10.22
N TYR A 136 -3.18 13.24 -9.41
CA TYR A 136 -3.78 11.92 -9.34
C TYR A 136 -5.27 12.03 -8.99
N ASN A 137 -5.56 12.77 -7.91
CA ASN A 137 -6.94 13.04 -7.46
C ASN A 137 -7.76 13.68 -8.57
N GLY A 138 -7.13 14.56 -9.36
CA GLY A 138 -7.73 15.23 -10.49
C GLY A 138 -8.29 14.25 -11.50
N TYR A 139 -7.58 13.15 -11.77
CA TYR A 139 -8.07 12.10 -12.65
C TYR A 139 -9.20 11.32 -11.98
N LEU A 140 -9.11 11.07 -10.67
CA LEU A 140 -10.09 10.28 -9.92
C LEU A 140 -11.44 10.96 -9.85
N THR A 141 -11.48 12.27 -9.56
CA THR A 141 -12.72 13.03 -9.51
C THR A 141 -13.08 13.51 -10.92
N SER A 142 -12.12 13.52 -11.84
CA SER A 142 -12.22 13.87 -13.25
C SER A 142 -12.61 15.33 -13.42
N SER A 143 -11.62 16.16 -13.75
CA SER A 143 -11.87 17.34 -14.55
C SER A 143 -12.75 16.95 -15.75
N GLY A 1 0.49 -26.12 36.06
CA GLY A 1 0.75 -24.69 36.34
C GLY A 1 0.70 -23.92 35.04
N SER A 2 0.24 -22.67 35.06
CA SER A 2 -0.16 -21.95 33.85
C SER A 2 0.20 -20.47 34.01
N HIS A 3 0.18 -19.68 32.92
CA HIS A 3 0.13 -18.23 32.99
C HIS A 3 -0.73 -17.75 31.82
N MET A 4 -1.41 -16.62 31.95
CA MET A 4 -2.08 -15.93 30.85
C MET A 4 -2.21 -14.48 31.30
N VAL A 5 -1.40 -13.60 30.74
CA VAL A 5 -1.50 -12.15 30.85
C VAL A 5 -0.76 -11.65 29.62
N LEU A 6 -1.42 -10.86 28.76
CA LEU A 6 -0.88 -10.39 27.49
C LEU A 6 -1.51 -9.00 27.27
N PRO A 7 -0.94 -8.14 26.43
CA PRO A 7 -1.47 -6.81 26.18
C PRO A 7 -2.62 -6.93 25.15
N SER A 8 -3.81 -7.31 25.61
CA SER A 8 -4.99 -7.39 24.74
C SER A 8 -5.26 -6.04 24.06
N GLU A 9 -5.20 -4.93 24.82
CA GLU A 9 -5.73 -3.59 24.56
C GLU A 9 -7.06 -3.58 23.80
N ALA A 10 -8.14 -3.23 24.50
CA ALA A 10 -9.42 -2.96 23.87
C ALA A 10 -9.27 -1.74 22.94
N PRO A 11 -9.81 -1.79 21.71
CA PRO A 11 -9.65 -0.74 20.72
C PRO A 11 -10.43 0.53 21.12
N ASN A 12 -9.73 1.48 21.75
CA ASN A 12 -10.28 2.74 22.27
C ASN A 12 -10.39 3.76 21.13
N ALA A 13 -11.34 3.54 20.22
CA ALA A 13 -11.70 4.39 19.08
C ALA A 13 -10.50 5.06 18.40
N LYS A 14 -9.69 4.25 17.72
CA LYS A 14 -8.67 4.76 16.79
C LYS A 14 -9.39 5.32 15.55
N GLU A 15 -8.83 6.37 14.94
CA GLU A 15 -9.36 6.96 13.73
C GLU A 15 -8.80 6.25 12.50
N GLU A 16 -9.47 6.45 11.37
CA GLU A 16 -9.11 5.97 10.06
C GLU A 16 -9.15 7.11 9.04
N ILE A 17 -8.37 6.92 7.97
CA ILE A 17 -8.18 7.80 6.84
C ILE A 17 -8.62 7.04 5.60
N LEU A 18 -9.01 7.77 4.56
CA LEU A 18 -9.18 7.21 3.24
C LEU A 18 -9.11 8.33 2.22
N GLY A 19 -8.52 8.02 1.09
CA GLY A 19 -8.18 8.98 0.04
C GLY A 19 -6.69 8.95 -0.30
N THR A 20 -6.23 9.85 -1.17
CA THR A 20 -4.82 9.89 -1.57
C THR A 20 -4.10 10.94 -0.70
N VAL A 21 -2.86 10.63 -0.31
CA VAL A 21 -2.04 11.42 0.60
C VAL A 21 -0.62 11.55 0.02
N SER A 22 0.16 12.51 0.53
CA SER A 22 1.57 12.67 0.17
C SER A 22 2.36 12.05 1.33
N TRP A 23 2.37 10.72 1.36
CA TRP A 23 3.03 9.84 2.29
C TRP A 23 4.11 9.09 1.52
N ASN A 24 4.68 8.06 2.12
CA ASN A 24 5.89 7.38 1.73
C ASN A 24 5.92 6.08 2.51
N LEU A 25 6.82 5.17 2.12
CA LEU A 25 6.98 3.84 2.69
C LEU A 25 7.04 3.90 4.21
N ARG A 26 7.83 4.80 4.81
CA ARG A 26 7.89 4.99 6.25
C ARG A 26 6.55 5.39 6.87
N GLU A 27 5.90 6.43 6.36
CA GLU A 27 4.62 6.89 6.89
C GLU A 27 3.56 5.80 6.85
N MET A 28 3.62 4.93 5.83
CA MET A 28 2.64 3.90 5.67
C MET A 28 3.01 2.68 6.53
N LEU A 29 4.28 2.26 6.64
CA LEU A 29 4.78 1.38 7.68
C LEU A 29 4.20 1.69 9.06
N ALA A 30 4.23 2.97 9.46
CA ALA A 30 3.66 3.41 10.72
C ALA A 30 2.14 3.16 10.72
N HIS A 31 1.43 3.76 9.75
CA HIS A 31 -0.03 3.74 9.71
C HIS A 31 -0.63 2.32 9.59
N ALA A 32 0.02 1.45 8.83
CA ALA A 32 -0.40 0.06 8.62
C ALA A 32 -0.37 -0.71 9.93
N GLU A 33 0.64 -0.53 10.77
CA GLU A 33 0.65 -1.06 12.14
C GLU A 33 -0.46 -0.38 12.94
N GLU A 34 -0.45 0.96 12.96
CA GLU A 34 -1.32 1.83 13.74
C GLU A 34 -2.81 1.45 13.59
N THR A 35 -3.21 0.99 12.40
CA THR A 35 -4.59 0.65 12.09
C THR A 35 -4.80 -0.83 11.75
N ARG A 36 -3.76 -1.68 11.82
CA ARG A 36 -3.74 -3.03 11.25
C ARG A 36 -4.18 -3.08 9.76
N LYS A 37 -4.20 -1.96 9.03
CA LYS A 37 -4.61 -1.95 7.62
C LYS A 37 -3.57 -2.70 6.80
N LEU A 38 -4.05 -3.46 5.81
CA LEU A 38 -3.19 -4.24 4.93
C LEU A 38 -2.35 -3.28 4.08
N MET A 39 -1.10 -3.62 3.82
CA MET A 39 -0.18 -2.81 3.04
C MET A 39 0.28 -3.59 1.80
N PRO A 40 -0.46 -3.55 0.68
CA PRO A 40 -0.01 -4.12 -0.58
C PRO A 40 1.36 -3.60 -1.01
N ILE A 41 2.25 -4.48 -1.49
CA ILE A 41 3.56 -4.09 -2.01
C ILE A 41 3.81 -4.94 -3.26
N CYS A 42 4.51 -4.40 -4.26
CA CYS A 42 4.80 -5.07 -5.52
C CYS A 42 6.29 -5.43 -5.55
N MET A 43 6.60 -6.73 -5.46
CA MET A 43 7.95 -7.23 -5.13
C MET A 43 8.97 -7.07 -6.27
N ASP A 44 8.53 -6.64 -7.45
CA ASP A 44 9.42 -6.21 -8.52
C ASP A 44 10.20 -4.97 -8.10
N VAL A 45 9.58 -4.07 -7.32
CA VAL A 45 10.15 -2.79 -6.89
C VAL A 45 11.16 -3.04 -5.76
N ARG A 46 12.35 -3.56 -6.12
CA ARG A 46 13.38 -3.98 -5.18
C ARG A 46 13.82 -2.85 -4.25
N ALA A 47 13.66 -1.58 -4.65
CA ALA A 47 13.94 -0.44 -3.79
C ALA A 47 13.06 -0.46 -2.54
N ILE A 48 11.75 -0.62 -2.71
CA ILE A 48 10.79 -0.78 -1.62
C ILE A 48 11.18 -2.02 -0.82
N MET A 49 11.48 -3.14 -1.49
CA MET A 49 11.71 -4.40 -0.80
C MET A 49 12.90 -4.28 0.14
N ALA A 50 13.97 -3.64 -0.29
CA ALA A 50 15.13 -3.40 0.55
C ALA A 50 14.75 -2.57 1.78
N THR A 51 13.90 -1.53 1.64
CA THR A 51 13.49 -0.69 2.76
C THR A 51 12.73 -1.52 3.81
N ILE A 52 11.87 -2.43 3.35
CA ILE A 52 11.08 -3.35 4.17
C ILE A 52 12.04 -4.32 4.86
N GLN A 53 12.75 -5.17 4.11
CA GLN A 53 13.59 -6.23 4.70
C GLN A 53 14.72 -5.65 5.57
N ARG A 54 15.05 -4.36 5.43
CA ARG A 54 15.99 -3.67 6.30
C ARG A 54 15.35 -3.32 7.65
N LYS A 55 14.07 -2.94 7.68
CA LYS A 55 13.35 -2.70 8.94
C LYS A 55 13.21 -4.02 9.70
N TYR A 56 12.63 -5.01 9.03
CA TYR A 56 12.11 -6.24 9.57
C TYR A 56 13.17 -7.24 9.17
N LYS A 57 14.06 -7.61 10.09
CA LYS A 57 15.11 -8.58 9.82
C LYS A 57 14.54 -9.95 9.42
N GLY A 58 15.38 -10.81 8.87
CA GLY A 58 15.04 -12.19 8.58
C GLY A 58 14.34 -12.32 7.23
N ILE A 59 13.22 -11.62 7.08
CA ILE A 59 12.28 -11.68 5.97
C ILE A 59 12.98 -11.72 4.59
N LYS A 60 12.57 -12.66 3.72
CA LYS A 60 13.35 -13.03 2.53
C LYS A 60 12.49 -13.18 1.27
N ILE A 61 11.56 -12.22 1.10
CA ILE A 61 10.54 -12.06 0.06
C ILE A 61 9.76 -13.35 -0.22
N GLN A 62 8.48 -13.30 0.10
CA GLN A 62 7.58 -14.44 0.21
C GLN A 62 6.30 -13.97 -0.47
N GLU A 63 5.79 -14.68 -1.47
CA GLU A 63 4.56 -14.25 -2.11
C GLU A 63 3.37 -14.77 -1.29
N GLY A 64 2.23 -14.10 -1.44
CA GLY A 64 1.00 -14.36 -0.69
C GLY A 64 1.16 -13.92 0.76
N ILE A 65 0.48 -12.82 1.10
CA ILE A 65 0.15 -12.30 2.43
C ILE A 65 1.31 -12.43 3.42
N VAL A 66 2.02 -11.33 3.65
CA VAL A 66 3.24 -11.29 4.45
C VAL A 66 2.93 -10.49 5.71
N ASP A 67 2.50 -11.17 6.75
CA ASP A 67 2.35 -10.63 8.09
C ASP A 67 3.72 -10.63 8.77
N TYR A 68 4.50 -9.59 8.54
CA TYR A 68 5.90 -9.52 8.95
C TYR A 68 6.20 -8.11 9.43
N GLY A 69 5.93 -7.83 10.70
CA GLY A 69 6.04 -6.50 11.29
C GLY A 69 4.84 -5.62 10.95
N VAL A 70 4.40 -5.66 9.70
CA VAL A 70 3.21 -5.06 9.15
C VAL A 70 2.55 -6.16 8.32
N ARG A 71 1.22 -6.15 8.21
CA ARG A 71 0.51 -7.08 7.33
C ARG A 71 0.63 -6.56 5.91
N PHE A 72 1.70 -6.94 5.22
CA PHE A 72 1.86 -6.68 3.81
C PHE A 72 1.09 -7.72 2.97
N PHE A 73 1.04 -7.49 1.66
CA PHE A 73 0.40 -8.33 0.66
C PHE A 73 1.27 -8.27 -0.59
N PHE A 74 2.01 -9.36 -0.88
CA PHE A 74 2.87 -9.52 -2.04
C PHE A 74 2.23 -10.47 -3.06
N TYR A 75 2.67 -10.35 -4.33
CA TYR A 75 2.07 -10.97 -5.53
C TYR A 75 3.13 -11.01 -6.66
N THR A 76 2.71 -11.11 -7.93
CA THR A 76 3.56 -11.19 -9.11
C THR A 76 3.40 -9.92 -9.97
N SER A 77 4.38 -9.03 -10.03
CA SER A 77 4.30 -7.82 -10.86
C SER A 77 4.08 -8.11 -12.35
N LYS A 78 4.50 -9.30 -12.83
CA LYS A 78 4.26 -9.70 -14.21
C LYS A 78 2.77 -9.80 -14.53
N GLU A 79 1.94 -10.17 -13.55
CA GLU A 79 0.51 -10.21 -13.78
C GLU A 79 -0.01 -8.78 -13.95
N PRO A 80 -1.16 -8.57 -14.61
CA PRO A 80 -1.67 -7.23 -14.89
C PRO A 80 -2.08 -6.49 -13.63
N VAL A 81 -2.24 -5.20 -13.81
CA VAL A 81 -2.64 -4.30 -12.75
C VAL A 81 -4.13 -4.53 -12.45
N ALA A 82 -4.96 -4.76 -13.47
CA ALA A 82 -6.37 -5.05 -13.24
C ALA A 82 -6.53 -6.39 -12.49
N SER A 83 -5.66 -7.37 -12.74
CA SER A 83 -5.67 -8.67 -12.10
C SER A 83 -5.42 -8.59 -10.60
N ILE A 84 -4.37 -7.87 -10.18
CA ILE A 84 -4.09 -7.74 -8.76
C ILE A 84 -5.23 -6.98 -8.08
N ILE A 85 -5.79 -5.95 -8.73
CA ILE A 85 -6.98 -5.26 -8.25
C ILE A 85 -8.12 -6.27 -8.04
N THR A 86 -8.40 -7.13 -9.02
CA THR A 86 -9.40 -8.20 -8.94
C THR A 86 -9.19 -9.14 -7.75
N LYS A 87 -8.01 -9.12 -7.15
CA LYS A 87 -7.66 -9.90 -5.97
C LYS A 87 -7.94 -9.08 -4.72
N LEU A 88 -7.40 -7.86 -4.63
CA LEU A 88 -7.65 -6.96 -3.50
C LEU A 88 -9.14 -6.69 -3.29
N ASN A 89 -9.94 -6.70 -4.36
CA ASN A 89 -11.38 -6.47 -4.26
C ASN A 89 -12.00 -7.43 -3.27
N SER A 90 -11.82 -8.75 -3.47
CA SER A 90 -12.49 -9.83 -2.77
C SER A 90 -12.14 -9.88 -1.27
N LEU A 91 -11.04 -9.24 -0.88
CA LEU A 91 -10.60 -9.09 0.50
C LEU A 91 -11.58 -8.16 1.20
N ASN A 92 -11.93 -7.05 0.54
CA ASN A 92 -12.76 -5.96 1.05
C ASN A 92 -12.13 -5.22 2.22
N GLU A 93 -10.87 -5.54 2.53
CA GLU A 93 -10.16 -5.00 3.66
C GLU A 93 -9.63 -3.60 3.30
N PRO A 94 -9.50 -2.70 4.28
CA PRO A 94 -8.94 -1.37 4.12
C PRO A 94 -7.45 -1.45 3.88
N LEU A 95 -7.04 -1.07 2.67
CA LEU A 95 -5.65 -1.03 2.26
C LEU A 95 -5.06 0.33 2.63
N VAL A 96 -3.73 0.41 2.58
CA VAL A 96 -2.98 1.65 2.48
C VAL A 96 -1.85 1.28 1.54
N THR A 97 -1.96 1.81 0.35
CA THR A 97 -1.01 1.56 -0.72
C THR A 97 -0.74 2.83 -1.53
N MET A 98 -0.29 2.68 -2.76
CA MET A 98 0.03 3.71 -3.73
C MET A 98 -0.43 3.20 -5.11
N PRO A 99 -0.30 3.95 -6.21
CA PRO A 99 -0.74 3.49 -7.53
C PRO A 99 0.21 2.39 -7.99
N ILE A 100 -0.14 1.12 -7.76
CA ILE A 100 0.70 -0.05 -8.01
C ILE A 100 1.24 -0.02 -9.44
N GLY A 101 0.34 -0.05 -10.41
CA GLY A 101 0.67 0.01 -11.82
C GLY A 101 0.88 1.45 -12.17
N TYR A 102 2.02 2.03 -11.81
CA TYR A 102 2.43 3.39 -12.08
C TYR A 102 3.68 3.42 -12.95
N VAL A 103 4.70 2.62 -12.61
CA VAL A 103 5.93 2.48 -13.39
C VAL A 103 6.27 1.02 -13.64
N THR A 104 5.89 0.18 -12.69
CA THR A 104 6.06 -1.26 -12.59
C THR A 104 5.70 -1.95 -13.90
N HIS A 105 4.47 -1.72 -14.34
CA HIS A 105 3.87 -2.25 -15.55
C HIS A 105 4.15 -1.34 -16.75
N GLY A 106 5.08 -0.39 -16.60
CA GLY A 106 5.37 0.66 -17.54
C GLY A 106 4.18 1.57 -17.72
N PHE A 107 3.48 1.97 -16.64
CA PHE A 107 2.34 2.88 -16.81
C PHE A 107 2.82 4.35 -16.75
N ASN A 108 1.86 5.27 -16.67
CA ASN A 108 2.04 6.67 -16.27
C ASN A 108 0.99 6.93 -15.19
N LEU A 109 1.04 8.09 -14.50
CA LEU A 109 0.12 8.36 -13.38
C LEU A 109 -1.35 8.36 -13.82
N GLU A 110 -1.64 8.86 -15.03
CA GLU A 110 -3.01 8.92 -15.53
C GLU A 110 -3.57 7.51 -15.65
N GLU A 111 -2.79 6.64 -16.27
CA GLU A 111 -3.13 5.25 -16.54
C GLU A 111 -3.21 4.44 -15.25
N ALA A 112 -2.33 4.78 -14.32
CA ALA A 112 -2.24 4.19 -13.02
C ALA A 112 -3.50 4.48 -12.22
N ALA A 113 -3.90 5.76 -12.16
CA ALA A 113 -5.14 6.22 -11.55
C ALA A 113 -6.34 5.58 -12.24
N ARG A 114 -6.38 5.55 -13.58
CA ARG A 114 -7.44 4.91 -14.36
C ARG A 114 -7.66 3.47 -13.91
N CYS A 115 -6.57 2.71 -13.80
CA CYS A 115 -6.60 1.35 -13.27
C CYS A 115 -7.15 1.35 -11.84
N MET A 116 -6.65 2.23 -10.97
CA MET A 116 -7.04 2.29 -9.57
C MET A 116 -8.52 2.62 -9.38
N ARG A 117 -9.16 3.39 -10.26
CA ARG A 117 -10.62 3.56 -10.23
C ARG A 117 -11.38 2.23 -10.34
N SER A 118 -10.79 1.18 -10.92
CA SER A 118 -11.37 -0.15 -10.96
C SER A 118 -11.22 -0.90 -9.63
N LEU A 119 -10.52 -0.36 -8.62
CA LEU A 119 -10.44 -0.95 -7.29
C LEU A 119 -11.72 -0.67 -6.52
N LYS A 120 -12.24 -1.70 -5.85
CA LYS A 120 -13.55 -1.71 -5.20
C LYS A 120 -13.43 -2.03 -3.71
N ALA A 121 -12.24 -2.36 -3.19
CA ALA A 121 -11.96 -2.39 -1.76
C ALA A 121 -11.49 -0.99 -1.31
N PRO A 122 -11.62 -0.65 -0.01
CA PRO A 122 -11.08 0.61 0.51
C PRO A 122 -9.56 0.62 0.44
N ALA A 123 -8.98 1.81 0.25
CA ALA A 123 -7.56 2.04 0.11
C ALA A 123 -7.29 3.50 0.41
N VAL A 124 -6.39 3.78 1.35
CA VAL A 124 -5.62 5.02 1.26
C VAL A 124 -4.60 4.79 0.12
N VAL A 125 -4.21 5.85 -0.58
CA VAL A 125 -3.27 5.80 -1.70
C VAL A 125 -2.17 6.84 -1.44
N SER A 126 -0.95 6.64 -1.94
CA SER A 126 0.15 7.55 -1.69
C SER A 126 0.77 7.98 -3.01
N VAL A 127 1.39 9.15 -3.05
CA VAL A 127 2.18 9.65 -4.18
C VAL A 127 3.47 10.27 -3.63
N SER A 128 4.38 10.65 -4.52
CA SER A 128 5.64 11.30 -4.20
C SER A 128 5.51 12.79 -3.85
N SER A 129 4.40 13.47 -4.19
CA SER A 129 4.31 14.92 -3.99
C SER A 129 2.88 15.39 -3.72
N PRO A 130 2.69 16.55 -3.07
CA PRO A 130 1.37 17.13 -2.84
C PRO A 130 0.72 17.56 -4.16
N ASP A 131 1.52 18.06 -5.11
CA ASP A 131 1.09 18.33 -6.49
C ASP A 131 0.55 17.06 -7.16
N ALA A 132 1.12 15.91 -6.80
CA ALA A 132 0.75 14.63 -7.37
C ALA A 132 -0.53 14.12 -6.73
N VAL A 133 -0.84 14.51 -5.48
CA VAL A 133 -2.12 14.19 -4.86
C VAL A 133 -3.21 14.87 -5.69
N THR A 134 -3.00 16.14 -6.07
CA THR A 134 -3.92 16.95 -6.83
C THR A 134 -4.03 16.39 -8.23
N THR A 135 -2.90 16.01 -8.83
CA THR A 135 -2.85 15.42 -10.15
C THR A 135 -3.69 14.14 -10.19
N TYR A 136 -3.38 13.21 -9.27
CA TYR A 136 -3.98 11.90 -9.18
C TYR A 136 -5.49 12.01 -8.90
N ASN A 137 -5.86 12.83 -7.90
CA ASN A 137 -7.26 13.15 -7.60
C ASN A 137 -7.95 13.73 -8.84
N GLY A 138 -7.23 14.50 -9.65
CA GLY A 138 -7.66 15.07 -10.91
C GLY A 138 -8.22 14.01 -11.85
N TYR A 139 -7.51 12.88 -12.04
CA TYR A 139 -8.02 11.79 -12.86
C TYR A 139 -9.19 11.11 -12.17
N LEU A 140 -9.17 11.02 -10.84
CA LEU A 140 -10.27 10.40 -10.09
C LEU A 140 -11.55 11.21 -10.22
N THR A 141 -11.46 12.50 -10.57
CA THR A 141 -12.61 13.36 -10.85
C THR A 141 -12.79 13.59 -12.36
N SER A 142 -12.01 12.89 -13.19
CA SER A 142 -12.10 12.96 -14.65
C SER A 142 -13.10 11.95 -15.22
N SER A 143 -13.32 10.80 -14.57
CA SER A 143 -14.27 9.78 -15.05
C SER A 143 -15.15 9.26 -13.93
N GLY A 1 8.38 -21.90 33.71
CA GLY A 1 7.43 -20.78 33.66
C GLY A 1 6.38 -21.04 32.60
N SER A 2 5.20 -20.43 32.70
CA SER A 2 4.03 -20.82 31.92
C SER A 2 3.04 -19.66 32.01
N HIS A 3 2.82 -18.92 30.92
CA HIS A 3 2.44 -17.50 30.96
C HIS A 3 3.48 -16.69 31.76
N MET A 4 3.25 -15.37 31.88
CA MET A 4 4.05 -14.33 32.55
C MET A 4 3.56 -12.96 32.08
N VAL A 5 3.09 -12.85 30.83
CA VAL A 5 2.54 -11.64 30.24
C VAL A 5 1.25 -12.05 29.51
N LEU A 6 0.39 -11.09 29.16
CA LEU A 6 -0.81 -11.23 28.34
C LEU A 6 -0.88 -10.03 27.39
N PRO A 7 -1.66 -10.09 26.29
CA PRO A 7 -1.72 -9.02 25.30
C PRO A 7 -2.55 -7.82 25.80
N SER A 8 -2.03 -7.06 26.76
CA SER A 8 -2.66 -5.84 27.25
C SER A 8 -2.28 -4.69 26.31
N GLU A 9 -2.85 -4.65 25.11
CA GLU A 9 -2.95 -3.45 24.29
C GLU A 9 -3.88 -3.76 23.12
N ALA A 10 -4.72 -2.81 22.74
CA ALA A 10 -5.45 -2.78 21.47
C ALA A 10 -5.97 -1.35 21.28
N PRO A 11 -6.21 -0.90 20.04
CA PRO A 11 -6.91 0.36 19.80
C PRO A 11 -8.39 0.21 20.16
N ASN A 12 -9.10 1.34 20.34
CA ASN A 12 -10.56 1.36 20.45
C ASN A 12 -11.09 2.50 19.58
N ALA A 13 -11.07 2.33 18.25
CA ALA A 13 -11.47 3.33 17.26
C ALA A 13 -10.65 4.62 17.36
N LYS A 14 -9.33 4.52 17.12
CA LYS A 14 -8.39 5.63 17.13
C LYS A 14 -8.45 6.35 15.78
N GLU A 15 -9.53 7.11 15.54
CA GLU A 15 -9.91 7.77 14.32
C GLU A 15 -9.65 6.91 13.06
N GLU A 16 -9.60 7.52 11.88
CA GLU A 16 -8.80 7.10 10.74
C GLU A 16 -8.81 8.20 9.68
N ILE A 17 -7.94 8.03 8.68
CA ILE A 17 -7.74 8.89 7.53
C ILE A 17 -8.09 8.07 6.31
N LEU A 18 -8.34 8.77 5.21
CA LEU A 18 -8.62 8.23 3.90
C LEU A 18 -8.06 9.17 2.82
N GLY A 19 -8.25 8.81 1.55
CA GLY A 19 -7.91 9.66 0.42
C GLY A 19 -6.47 9.47 -0.05
N THR A 20 -6.06 10.31 -0.98
CA THR A 20 -4.68 10.39 -1.43
C THR A 20 -3.95 11.42 -0.55
N VAL A 21 -2.72 11.09 -0.15
CA VAL A 21 -1.94 11.84 0.83
C VAL A 21 -0.47 11.92 0.37
N SER A 22 0.29 12.91 0.84
CA SER A 22 1.68 13.15 0.45
C SER A 22 2.60 12.37 1.39
N TRP A 23 2.38 11.06 1.44
CA TRP A 23 3.16 10.12 2.22
C TRP A 23 4.22 9.55 1.25
N ASN A 24 4.79 8.38 1.55
CA ASN A 24 6.17 8.03 1.14
C ASN A 24 6.44 6.54 1.42
N LEU A 25 7.22 6.19 2.46
CA LEU A 25 7.22 4.87 3.11
C LEU A 25 6.91 5.01 4.60
N ARG A 26 7.69 5.77 5.38
CA ARG A 26 7.57 5.80 6.84
C ARG A 26 6.17 6.22 7.30
N GLU A 27 5.57 7.20 6.63
CA GLU A 27 4.30 7.78 7.03
C GLU A 27 3.15 6.75 6.95
N MET A 28 3.12 5.97 5.88
CA MET A 28 2.18 4.90 5.60
C MET A 28 2.35 3.80 6.60
N LEU A 29 3.58 3.28 6.78
CA LEU A 29 3.97 2.42 7.86
C LEU A 29 3.32 2.85 9.17
N ALA A 30 3.55 4.07 9.67
CA ALA A 30 3.06 4.46 10.99
C ALA A 30 1.56 4.17 11.13
N HIS A 31 0.75 4.57 10.15
CA HIS A 31 -0.69 4.32 10.12
C HIS A 31 -1.03 2.84 9.88
N ALA A 32 -0.38 2.16 8.94
CA ALA A 32 -0.57 0.75 8.62
C ALA A 32 -0.28 -0.16 9.82
N GLU A 33 0.77 0.10 10.59
CA GLU A 33 1.02 -0.45 11.89
C GLU A 33 -0.11 -0.07 12.86
N GLU A 34 -0.43 1.22 13.00
CA GLU A 34 -1.46 1.72 13.94
C GLU A 34 -2.79 0.97 13.79
N THR A 35 -3.23 0.80 12.56
CA THR A 35 -4.50 0.17 12.20
C THR A 35 -4.39 -1.32 11.90
N ARG A 36 -3.17 -1.88 11.90
CA ARG A 36 -2.88 -3.19 11.33
C ARG A 36 -3.52 -3.37 9.94
N LYS A 37 -3.55 -2.34 9.09
CA LYS A 37 -4.15 -2.41 7.74
C LYS A 37 -3.21 -3.08 6.74
N LEU A 38 -3.76 -3.91 5.85
CA LEU A 38 -3.06 -4.67 4.81
C LEU A 38 -2.34 -3.71 3.85
N MET A 39 -1.19 -4.12 3.33
CA MET A 39 -0.31 -3.28 2.52
C MET A 39 0.19 -4.02 1.27
N PRO A 40 -0.53 -3.98 0.13
CA PRO A 40 -0.07 -4.64 -1.10
C PRO A 40 1.23 -4.01 -1.63
N ILE A 41 2.19 -4.82 -2.07
CA ILE A 41 3.49 -4.41 -2.60
C ILE A 41 3.80 -5.34 -3.77
N CYS A 42 4.26 -4.79 -4.89
CA CYS A 42 4.76 -5.62 -5.98
C CYS A 42 6.15 -6.10 -5.56
N MET A 43 6.42 -7.40 -5.64
CA MET A 43 7.73 -7.91 -5.26
C MET A 43 8.85 -7.45 -6.20
N ASP A 44 8.50 -6.89 -7.36
CA ASP A 44 9.41 -6.62 -8.45
C ASP A 44 10.26 -5.37 -8.21
N VAL A 45 9.73 -4.40 -7.45
CA VAL A 45 10.39 -3.13 -7.21
C VAL A 45 11.41 -3.30 -6.07
N ARG A 46 12.63 -3.72 -6.43
CA ARG A 46 13.74 -3.86 -5.49
C ARG A 46 13.96 -2.61 -4.67
N ALA A 47 13.66 -1.44 -5.24
CA ALA A 47 13.67 -0.16 -4.56
C ALA A 47 12.75 -0.16 -3.33
N ILE A 48 11.45 -0.36 -3.53
CA ILE A 48 10.47 -0.32 -2.44
C ILE A 48 10.79 -1.42 -1.45
N MET A 49 11.17 -2.59 -1.98
CA MET A 49 11.46 -3.76 -1.20
C MET A 49 12.65 -3.53 -0.29
N ALA A 50 13.68 -2.77 -0.71
CA ALA A 50 14.88 -2.54 0.10
C ALA A 50 14.61 -1.67 1.33
N THR A 51 13.49 -0.97 1.41
CA THR A 51 13.09 -0.36 2.66
C THR A 51 12.43 -1.44 3.53
N ILE A 52 11.45 -2.19 3.01
CA ILE A 52 10.71 -3.19 3.79
C ILE A 52 11.64 -4.26 4.36
N GLN A 53 12.32 -5.04 3.50
CA GLN A 53 13.19 -6.16 3.86
C GLN A 53 14.26 -5.74 4.89
N ARG A 54 14.74 -4.51 4.80
CA ARG A 54 15.64 -3.92 5.78
C ARG A 54 14.91 -3.63 7.08
N LYS A 55 13.81 -2.87 7.01
CA LYS A 55 13.06 -2.39 8.16
C LYS A 55 12.70 -3.58 9.04
N TYR A 56 12.01 -4.54 8.45
CA TYR A 56 11.51 -5.71 9.13
C TYR A 56 12.55 -6.81 8.95
N LYS A 57 13.70 -6.68 9.62
CA LYS A 57 14.88 -7.52 9.42
C LYS A 57 14.54 -9.00 9.56
N GLY A 58 15.29 -9.87 8.89
CA GLY A 58 15.21 -11.33 9.05
C GLY A 58 14.25 -11.99 8.07
N ILE A 59 13.32 -11.23 7.50
CA ILE A 59 12.45 -11.63 6.40
C ILE A 59 13.32 -11.89 5.15
N LYS A 60 12.91 -12.74 4.17
CA LYS A 60 13.78 -13.03 3.01
C LYS A 60 13.10 -13.08 1.64
N ILE A 61 12.21 -12.12 1.38
CA ILE A 61 11.20 -12.12 0.30
C ILE A 61 10.36 -13.41 0.30
N GLN A 62 9.08 -13.28 -0.07
CA GLN A 62 8.07 -14.32 -0.04
C GLN A 62 7.16 -14.09 -1.27
N GLU A 63 6.07 -14.84 -1.41
CA GLU A 63 4.96 -14.54 -2.31
C GLU A 63 3.65 -14.66 -1.52
N GLY A 64 2.55 -14.17 -2.08
CA GLY A 64 1.23 -14.26 -1.45
C GLY A 64 1.06 -13.19 -0.38
N ILE A 65 0.08 -13.41 0.49
CA ILE A 65 -0.06 -12.68 1.74
C ILE A 65 1.25 -12.87 2.52
N VAL A 66 1.77 -11.77 3.04
CA VAL A 66 2.97 -11.72 3.83
C VAL A 66 2.56 -11.18 5.19
N ASP A 67 2.95 -11.88 6.26
CA ASP A 67 2.80 -11.43 7.62
C ASP A 67 4.20 -11.40 8.21
N TYR A 68 4.76 -10.20 8.34
CA TYR A 68 6.00 -10.02 9.08
C TYR A 68 6.00 -8.70 9.84
N GLY A 69 4.81 -8.19 10.18
CA GLY A 69 4.60 -6.81 10.61
C GLY A 69 3.37 -6.22 9.95
N VAL A 70 3.61 -5.45 8.91
CA VAL A 70 2.70 -4.62 8.14
C VAL A 70 1.83 -5.37 7.10
N ARG A 71 1.52 -6.59 7.43
CA ARG A 71 0.70 -7.54 6.66
C ARG A 71 0.67 -7.23 5.18
N PHE A 72 1.78 -7.49 4.50
CA PHE A 72 1.95 -7.08 3.14
C PHE A 72 1.21 -8.07 2.23
N PHE A 73 1.06 -7.77 0.94
CA PHE A 73 0.62 -8.74 -0.05
C PHE A 73 1.54 -8.64 -1.25
N PHE A 74 2.34 -9.67 -1.52
CA PHE A 74 3.34 -9.75 -2.58
C PHE A 74 2.80 -10.55 -3.75
N TYR A 75 2.77 -9.92 -4.93
CA TYR A 75 2.29 -10.47 -6.20
C TYR A 75 3.35 -10.14 -7.27
N THR A 76 3.33 -10.89 -8.37
CA THR A 76 4.43 -10.93 -9.31
C THR A 76 4.40 -9.75 -10.28
N SER A 77 5.52 -9.46 -10.95
CA SER A 77 5.55 -8.47 -12.02
C SER A 77 4.70 -8.92 -13.23
N LYS A 78 4.45 -10.22 -13.38
CA LYS A 78 3.63 -10.75 -14.48
C LYS A 78 2.14 -10.51 -14.21
N GLU A 79 1.69 -10.54 -12.96
CA GLU A 79 0.26 -10.43 -12.68
C GLU A 79 -0.24 -9.03 -13.05
N PRO A 80 -1.31 -8.87 -13.83
CA PRO A 80 -1.75 -7.57 -14.29
C PRO A 80 -2.48 -6.82 -13.19
N VAL A 81 -2.55 -5.50 -13.36
CA VAL A 81 -3.19 -4.55 -12.46
C VAL A 81 -4.68 -4.91 -12.39
N ALA A 82 -5.29 -5.30 -13.51
CA ALA A 82 -6.67 -5.76 -13.55
C ALA A 82 -6.87 -7.00 -12.66
N SER A 83 -5.92 -7.94 -12.64
CA SER A 83 -6.05 -9.13 -11.80
C SER A 83 -5.98 -8.73 -10.34
N ILE A 84 -4.93 -8.00 -9.94
CA ILE A 84 -4.75 -7.73 -8.53
C ILE A 84 -5.90 -6.87 -7.98
N ILE A 85 -6.49 -5.99 -8.81
CA ILE A 85 -7.70 -5.27 -8.44
C ILE A 85 -8.78 -6.27 -8.03
N THR A 86 -9.20 -7.15 -8.95
CA THR A 86 -10.18 -8.23 -8.74
C THR A 86 -9.92 -8.98 -7.42
N LYS A 87 -8.65 -9.25 -7.14
CA LYS A 87 -8.15 -10.02 -6.01
C LYS A 87 -8.26 -9.22 -4.72
N LEU A 88 -7.89 -7.94 -4.71
CA LEU A 88 -8.01 -7.10 -3.53
C LEU A 88 -9.47 -7.06 -3.09
N ASN A 89 -10.40 -7.04 -4.04
CA ASN A 89 -11.84 -7.07 -3.76
C ASN A 89 -12.27 -8.37 -3.09
N SER A 90 -11.54 -9.46 -3.33
CA SER A 90 -11.74 -10.76 -2.69
C SER A 90 -11.50 -10.65 -1.18
N LEU A 91 -10.58 -9.79 -0.76
CA LEU A 91 -10.11 -9.55 0.59
C LEU A 91 -11.00 -8.48 1.20
N ASN A 92 -11.28 -7.41 0.43
CA ASN A 92 -12.17 -6.29 0.77
C ASN A 92 -11.92 -5.79 2.19
N GLU A 93 -10.64 -5.74 2.51
CA GLU A 93 -10.03 -5.30 3.74
C GLU A 93 -9.56 -3.86 3.59
N PRO A 94 -9.43 -3.12 4.69
CA PRO A 94 -8.96 -1.75 4.67
C PRO A 94 -7.47 -1.71 4.33
N LEU A 95 -7.11 -1.03 3.23
CA LEU A 95 -5.74 -0.96 2.76
C LEU A 95 -5.13 0.41 3.08
N VAL A 96 -3.81 0.51 2.93
CA VAL A 96 -3.08 1.76 2.75
C VAL A 96 -1.91 1.44 1.83
N THR A 97 -1.85 2.09 0.68
CA THR A 97 -0.92 1.70 -0.36
C THR A 97 -0.64 2.85 -1.35
N MET A 98 0.01 2.53 -2.46
CA MET A 98 0.36 3.36 -3.62
C MET A 98 -0.66 3.12 -4.73
N PRO A 99 -0.59 3.85 -5.86
CA PRO A 99 -1.34 3.53 -7.06
C PRO A 99 -0.82 2.27 -7.78
N ILE A 100 -0.52 1.20 -7.04
CA ILE A 100 -0.04 -0.12 -7.43
C ILE A 100 0.67 -0.14 -8.78
N GLY A 101 -0.07 -0.37 -9.87
CA GLY A 101 0.43 -0.25 -11.21
C GLY A 101 0.67 1.22 -11.53
N TYR A 102 1.72 1.80 -10.98
CA TYR A 102 2.20 3.15 -11.24
C TYR A 102 3.55 3.11 -11.92
N VAL A 103 4.56 2.46 -11.34
CA VAL A 103 5.93 2.40 -11.86
C VAL A 103 6.39 0.95 -12.03
N THR A 104 5.91 0.02 -11.21
CA THR A 104 6.44 -1.34 -11.13
C THR A 104 5.92 -2.26 -12.27
N HIS A 105 4.86 -1.85 -12.98
CA HIS A 105 4.43 -2.38 -14.28
C HIS A 105 4.78 -1.33 -15.36
N GLY A 106 5.60 -0.32 -15.04
CA GLY A 106 5.92 0.79 -15.93
C GLY A 106 4.67 1.49 -16.45
N PHE A 107 3.77 1.94 -15.57
CA PHE A 107 2.62 2.75 -16.00
C PHE A 107 3.00 4.24 -15.93
N ASN A 108 2.01 5.13 -16.04
CA ASN A 108 2.12 6.54 -15.69
C ASN A 108 1.06 6.81 -14.63
N LEU A 109 1.12 7.99 -14.01
CA LEU A 109 0.16 8.38 -12.96
C LEU A 109 -1.29 8.35 -13.47
N GLU A 110 -1.50 8.64 -14.76
CA GLU A 110 -2.82 8.70 -15.36
C GLU A 110 -3.37 7.29 -15.50
N GLU A 111 -2.60 6.39 -16.11
CA GLU A 111 -2.92 4.97 -16.25
C GLU A 111 -3.19 4.33 -14.90
N ALA A 112 -2.37 4.65 -13.92
CA ALA A 112 -2.40 4.07 -12.60
C ALA A 112 -3.66 4.49 -11.88
N ALA A 113 -3.96 5.78 -11.88
CA ALA A 113 -5.19 6.33 -11.35
C ALA A 113 -6.39 5.69 -12.04
N ARG A 114 -6.42 5.61 -13.38
CA ARG A 114 -7.53 5.04 -14.12
C ARG A 114 -7.75 3.58 -13.76
N CYS A 115 -6.69 2.77 -13.76
CA CYS A 115 -6.72 1.40 -13.28
C CYS A 115 -7.29 1.37 -11.86
N MET A 116 -6.78 2.19 -10.95
CA MET A 116 -7.23 2.23 -9.56
C MET A 116 -8.72 2.58 -9.46
N ARG A 117 -9.27 3.45 -10.31
CA ARG A 117 -10.73 3.69 -10.35
C ARG A 117 -11.56 2.42 -10.65
N SER A 118 -11.02 1.33 -11.18
CA SER A 118 -11.73 0.06 -11.31
C SER A 118 -11.85 -0.69 -9.97
N LEU A 119 -11.03 -0.33 -8.97
CA LEU A 119 -10.92 -1.06 -7.72
C LEU A 119 -12.09 -0.71 -6.83
N LYS A 120 -12.56 -1.69 -6.07
CA LYS A 120 -13.83 -1.68 -5.37
C LYS A 120 -13.68 -2.06 -3.89
N ALA A 121 -12.48 -2.46 -3.47
CA ALA A 121 -12.04 -2.39 -2.08
C ALA A 121 -11.74 -0.92 -1.69
N PRO A 122 -11.57 -0.60 -0.41
CA PRO A 122 -11.02 0.68 0.08
C PRO A 122 -9.48 0.73 0.02
N ALA A 123 -8.93 1.93 0.26
CA ALA A 123 -7.51 2.24 0.33
C ALA A 123 -7.33 3.71 0.69
N VAL A 124 -6.35 3.99 1.53
CA VAL A 124 -5.53 5.21 1.42
C VAL A 124 -4.56 5.01 0.26
N VAL A 125 -4.24 6.07 -0.46
CA VAL A 125 -3.31 6.08 -1.60
C VAL A 125 -2.22 7.11 -1.33
N SER A 126 -1.01 6.91 -1.84
CA SER A 126 0.12 7.78 -1.59
C SER A 126 1.00 7.89 -2.82
N VAL A 127 1.61 9.04 -3.03
CA VAL A 127 2.48 9.40 -4.15
C VAL A 127 3.73 10.06 -3.57
N SER A 128 4.85 10.04 -4.31
CA SER A 128 6.09 10.61 -3.81
C SER A 128 5.98 12.13 -3.63
N SER A 129 5.11 12.80 -4.38
CA SER A 129 5.11 14.26 -4.45
C SER A 129 3.75 14.83 -4.05
N PRO A 130 3.72 16.00 -3.39
CA PRO A 130 2.47 16.67 -3.05
C PRO A 130 1.76 17.14 -4.33
N ASP A 131 2.51 17.53 -5.36
CA ASP A 131 1.94 17.93 -6.66
C ASP A 131 1.17 16.79 -7.32
N ALA A 132 1.56 15.55 -7.00
CA ALA A 132 0.94 14.37 -7.55
C ALA A 132 -0.30 14.03 -6.74
N VAL A 133 -0.43 14.42 -5.47
CA VAL A 133 -1.67 14.22 -4.71
C VAL A 133 -2.80 14.97 -5.41
N THR A 134 -2.49 16.19 -5.86
CA THR A 134 -3.35 17.09 -6.59
C THR A 134 -3.62 16.46 -7.96
N THR A 135 -2.57 16.13 -8.72
CA THR A 135 -2.75 15.66 -10.08
C THR A 135 -3.50 14.31 -10.14
N TYR A 136 -3.23 13.41 -9.18
CA TYR A 136 -3.89 12.11 -9.04
C TYR A 136 -5.39 12.32 -8.80
N ASN A 137 -5.73 13.18 -7.82
CA ASN A 137 -7.10 13.62 -7.56
C ASN A 137 -7.72 14.19 -8.85
N GLY A 138 -6.93 14.92 -9.65
CA GLY A 138 -7.29 15.41 -10.97
C GLY A 138 -7.82 14.30 -11.87
N TYR A 139 -7.04 13.26 -12.14
CA TYR A 139 -7.50 12.13 -12.94
C TYR A 139 -8.76 11.52 -12.33
N LEU A 140 -8.79 11.41 -10.99
CA LEU A 140 -9.87 10.73 -10.29
C LEU A 140 -11.19 11.46 -10.48
N THR A 141 -11.13 12.79 -10.50
CA THR A 141 -12.26 13.69 -10.63
C THR A 141 -12.67 13.88 -12.09
N SER A 142 -11.73 13.73 -13.04
CA SER A 142 -11.96 14.00 -14.45
C SER A 142 -13.03 13.06 -15.00
N SER A 143 -12.84 11.75 -14.82
CA SER A 143 -13.83 10.75 -15.17
C SER A 143 -15.11 11.06 -14.43
N GLY A 1 -5.62 -19.34 15.84
CA GLY A 1 -5.24 -17.99 16.29
C GLY A 1 -4.79 -18.02 17.74
N SER A 2 -3.82 -17.18 18.11
CA SER A 2 -3.30 -17.08 19.46
C SER A 2 -4.04 -15.98 20.24
N HIS A 3 -4.08 -16.03 21.57
CA HIS A 3 -4.11 -14.83 22.42
C HIS A 3 -3.64 -15.19 23.84
N MET A 4 -3.22 -14.20 24.62
CA MET A 4 -2.92 -14.34 26.04
C MET A 4 -3.64 -13.24 26.82
N VAL A 5 -3.29 -11.97 26.61
CA VAL A 5 -3.86 -10.83 27.31
C VAL A 5 -4.20 -9.77 26.26
N LEU A 6 -5.16 -8.88 26.57
CA LEU A 6 -5.72 -7.89 25.67
C LEU A 6 -5.64 -6.53 26.36
N PRO A 7 -5.70 -5.41 25.62
CA PRO A 7 -5.65 -4.06 26.18
C PRO A 7 -7.01 -3.65 26.76
N SER A 8 -7.48 -4.36 27.80
CA SER A 8 -8.71 -4.01 28.51
C SER A 8 -8.70 -2.55 28.98
N GLU A 9 -7.54 -2.01 29.36
CA GLU A 9 -7.41 -0.66 29.87
C GLU A 9 -6.25 0.05 29.18
N ALA A 10 -6.33 0.21 27.86
CA ALA A 10 -5.48 1.10 27.08
C ALA A 10 -6.41 1.98 26.22
N PRO A 11 -6.53 3.28 26.51
CA PRO A 11 -7.46 4.15 25.82
C PRO A 11 -7.00 4.39 24.38
N ASN A 12 -7.80 4.01 23.39
CA ASN A 12 -7.47 4.17 21.97
C ASN A 12 -8.72 4.43 21.14
N ALA A 13 -9.01 5.72 20.92
CA ALA A 13 -9.98 6.18 19.94
C ALA A 13 -9.36 7.40 19.24
N LYS A 14 -8.77 7.18 18.07
CA LYS A 14 -8.34 8.21 17.14
C LYS A 14 -9.18 8.04 15.88
N GLU A 15 -9.38 9.12 15.13
CA GLU A 15 -10.11 9.12 13.87
C GLU A 15 -9.22 8.47 12.79
N GLU A 16 -9.74 8.22 11.58
CA GLU A 16 -9.01 7.64 10.45
C GLU A 16 -9.06 8.56 9.24
N ILE A 17 -8.22 8.26 8.25
CA ILE A 17 -8.08 8.97 6.99
C ILE A 17 -8.39 7.98 5.87
N LEU A 18 -8.86 8.53 4.76
CA LEU A 18 -9.11 7.85 3.51
C LEU A 18 -8.87 8.83 2.37
N GLY A 19 -8.76 8.32 1.15
CA GLY A 19 -8.39 9.12 -0.02
C GLY A 19 -6.89 9.21 -0.18
N THR A 20 -6.42 10.16 -1.01
CA THR A 20 -5.02 10.26 -1.35
C THR A 20 -4.36 11.27 -0.39
N VAL A 21 -3.07 11.08 -0.13
CA VAL A 21 -2.29 11.87 0.83
C VAL A 21 -0.86 12.05 0.29
N SER A 22 -0.13 13.00 0.86
CA SER A 22 1.21 13.39 0.46
C SER A 22 2.23 12.78 1.41
N TRP A 23 1.98 11.54 1.83
CA TRP A 23 2.73 10.82 2.85
C TRP A 23 4.06 10.36 2.26
N ASN A 24 4.69 9.43 2.97
CA ASN A 24 6.02 8.92 2.74
C ASN A 24 5.88 7.42 2.85
N LEU A 25 6.75 6.67 2.18
CA LEU A 25 6.80 5.22 2.35
C LEU A 25 6.91 4.85 3.83
N ARG A 26 7.60 5.67 4.63
CA ARG A 26 7.73 5.52 6.07
C ARG A 26 6.44 5.89 6.83
N GLU A 27 5.77 7.00 6.49
CA GLU A 27 4.49 7.36 7.09
C GLU A 27 3.50 6.19 6.94
N MET A 28 3.41 5.68 5.70
CA MET A 28 2.50 4.62 5.33
C MET A 28 2.73 3.36 6.15
N LEU A 29 4.01 3.01 6.38
CA LEU A 29 4.37 1.88 7.21
C LEU A 29 3.78 2.07 8.61
N ALA A 30 4.03 3.22 9.25
CA ALA A 30 3.52 3.49 10.58
C ALA A 30 1.99 3.45 10.61
N HIS A 31 1.33 4.02 9.60
CA HIS A 31 -0.13 4.00 9.46
C HIS A 31 -0.63 2.56 9.40
N ALA A 32 0.00 1.71 8.59
CA ALA A 32 -0.31 0.29 8.51
C ALA A 32 -0.19 -0.35 9.91
N GLU A 33 0.94 -0.25 10.63
CA GLU A 33 1.13 -0.91 11.91
C GLU A 33 0.03 -0.54 12.91
N GLU A 34 -0.37 0.75 12.91
CA GLU A 34 -1.44 1.27 13.76
C GLU A 34 -2.77 0.64 13.39
N THR A 35 -3.20 0.83 12.14
CA THR A 35 -4.56 0.53 11.71
C THR A 35 -4.75 -0.93 11.29
N ARG A 36 -3.66 -1.69 11.21
CA ARG A 36 -3.55 -3.04 10.63
C ARG A 36 -4.08 -3.11 9.21
N LYS A 37 -3.94 -2.03 8.45
CA LYS A 37 -4.46 -1.92 7.09
C LYS A 37 -3.45 -2.54 6.13
N LEU A 38 -3.82 -3.69 5.53
CA LEU A 38 -3.04 -4.50 4.60
C LEU A 38 -2.30 -3.60 3.61
N MET A 39 -1.05 -3.95 3.31
CA MET A 39 -0.14 -3.18 2.51
C MET A 39 0.27 -4.01 1.28
N PRO A 40 -0.47 -3.99 0.15
CA PRO A 40 -0.09 -4.76 -1.02
C PRO A 40 1.13 -4.11 -1.71
N ILE A 41 2.08 -4.95 -2.12
CA ILE A 41 3.37 -4.55 -2.69
C ILE A 41 3.69 -5.46 -3.87
N CYS A 42 4.31 -4.92 -4.92
CA CYS A 42 4.92 -5.75 -5.94
C CYS A 42 6.34 -6.12 -5.51
N MET A 43 6.62 -7.43 -5.36
CA MET A 43 7.95 -7.94 -4.99
C MET A 43 9.07 -7.58 -6.00
N ASP A 44 8.69 -7.07 -7.16
CA ASP A 44 9.56 -6.59 -8.22
C ASP A 44 10.35 -5.36 -7.83
N VAL A 45 9.70 -4.33 -7.27
CA VAL A 45 10.31 -3.01 -7.04
C VAL A 45 11.32 -3.11 -5.91
N ARG A 46 12.56 -3.49 -6.25
CA ARG A 46 13.63 -3.64 -5.26
C ARG A 46 13.90 -2.33 -4.53
N ALA A 47 13.49 -1.19 -5.10
CA ALA A 47 13.47 0.08 -4.40
C ALA A 47 12.61 0.02 -3.15
N ILE A 48 11.34 -0.38 -3.30
CA ILE A 48 10.42 -0.55 -2.18
C ILE A 48 10.92 -1.70 -1.30
N MET A 49 11.35 -2.82 -1.90
CA MET A 49 11.61 -4.05 -1.14
C MET A 49 12.85 -3.87 -0.27
N ALA A 50 13.89 -3.18 -0.74
CA ALA A 50 15.07 -2.92 0.08
C ALA A 50 14.79 -1.94 1.22
N THR A 51 13.61 -1.32 1.25
CA THR A 51 13.14 -0.61 2.43
C THR A 51 12.48 -1.61 3.39
N ILE A 52 11.55 -2.45 2.93
CA ILE A 52 10.79 -3.38 3.79
C ILE A 52 11.73 -4.45 4.35
N GLN A 53 12.34 -5.29 3.51
CA GLN A 53 13.19 -6.41 3.92
C GLN A 53 14.47 -6.00 4.67
N ARG A 54 14.74 -4.70 4.78
CA ARG A 54 15.77 -4.15 5.65
C ARG A 54 15.20 -3.70 7.00
N LYS A 55 14.01 -3.09 6.99
CA LYS A 55 13.29 -2.63 8.19
C LYS A 55 13.01 -3.82 9.11
N TYR A 56 12.25 -4.79 8.62
CA TYR A 56 11.58 -5.79 9.45
C TYR A 56 12.54 -6.93 9.66
N LYS A 57 13.65 -6.67 10.34
CA LYS A 57 14.86 -7.42 10.35
C LYS A 57 15.23 -8.06 9.01
N GLY A 58 16.04 -9.09 9.11
CA GLY A 58 16.31 -10.17 8.20
C GLY A 58 15.15 -10.82 7.44
N ILE A 59 13.94 -10.27 7.41
CA ILE A 59 12.80 -10.88 6.71
C ILE A 59 13.17 -11.25 5.26
N LYS A 60 12.73 -12.41 4.79
CA LYS A 60 13.07 -12.99 3.49
C LYS A 60 11.85 -12.93 2.60
N ILE A 61 11.96 -12.45 1.35
CA ILE A 61 10.86 -12.39 0.37
C ILE A 61 10.10 -13.71 0.30
N GLN A 62 8.79 -13.58 0.07
CA GLN A 62 7.77 -14.61 0.09
C GLN A 62 6.89 -14.40 -1.15
N GLU A 63 5.78 -15.11 -1.23
CA GLU A 63 4.71 -14.85 -2.19
C GLU A 63 3.38 -14.88 -1.45
N GLY A 64 2.33 -14.33 -2.05
CA GLY A 64 1.01 -14.31 -1.46
C GLY A 64 0.95 -13.31 -0.31
N ILE A 65 0.01 -13.56 0.60
CA ILE A 65 -0.06 -12.85 1.86
C ILE A 65 1.28 -12.97 2.59
N VAL A 66 1.69 -11.87 3.21
CA VAL A 66 2.84 -11.82 4.10
C VAL A 66 2.34 -11.27 5.43
N ASP A 67 2.63 -12.01 6.50
CA ASP A 67 2.48 -11.60 7.88
C ASP A 67 3.87 -11.51 8.44
N TYR A 68 4.43 -10.31 8.48
CA TYR A 68 5.72 -10.09 9.15
C TYR A 68 5.82 -8.62 9.53
N GLY A 69 5.44 -8.29 10.76
CA GLY A 69 5.49 -6.92 11.28
C GLY A 69 4.29 -6.10 10.85
N VAL A 70 3.88 -6.23 9.60
CA VAL A 70 2.70 -5.66 8.97
C VAL A 70 2.16 -6.75 8.06
N ARG A 71 0.84 -6.75 7.86
CA ARG A 71 0.24 -7.45 6.75
C ARG A 71 0.72 -6.81 5.47
N PHE A 72 1.58 -7.48 4.72
CA PHE A 72 1.82 -7.16 3.33
C PHE A 72 1.12 -8.19 2.44
N PHE A 73 1.05 -7.94 1.13
CA PHE A 73 0.56 -8.88 0.13
C PHE A 73 1.43 -8.75 -1.11
N PHE A 74 2.25 -9.76 -1.37
CA PHE A 74 3.14 -9.83 -2.52
C PHE A 74 2.49 -10.69 -3.58
N TYR A 75 2.68 -10.32 -4.85
CA TYR A 75 2.16 -11.00 -6.03
C TYR A 75 3.23 -10.93 -7.11
N THR A 76 3.15 -11.80 -8.13
CA THR A 76 4.15 -11.84 -9.17
C THR A 76 4.04 -10.58 -10.04
N SER A 77 5.16 -10.03 -10.50
CA SER A 77 5.12 -8.90 -11.40
C SER A 77 4.49 -9.24 -12.76
N LYS A 78 4.31 -10.52 -13.06
CA LYS A 78 3.58 -10.98 -14.22
C LYS A 78 2.07 -10.82 -14.07
N GLU A 79 1.55 -10.67 -12.85
CA GLU A 79 0.12 -10.49 -12.66
C GLU A 79 -0.30 -9.05 -13.05
N PRO A 80 -1.25 -8.87 -14.00
CA PRO A 80 -1.75 -7.56 -14.39
C PRO A 80 -2.38 -6.78 -13.26
N VAL A 81 -2.51 -5.48 -13.49
CA VAL A 81 -3.07 -4.54 -12.51
C VAL A 81 -4.54 -4.90 -12.28
N ALA A 82 -5.27 -5.26 -13.34
CA ALA A 82 -6.68 -5.66 -13.22
C ALA A 82 -6.82 -6.93 -12.39
N SER A 83 -5.91 -7.89 -12.58
CA SER A 83 -5.94 -9.18 -11.96
C SER A 83 -5.62 -9.08 -10.47
N ILE A 84 -4.70 -8.19 -10.04
CA ILE A 84 -4.50 -7.98 -8.62
C ILE A 84 -5.69 -7.23 -8.02
N ILE A 85 -6.31 -6.30 -8.78
CA ILE A 85 -7.52 -5.58 -8.34
C ILE A 85 -8.64 -6.58 -8.05
N THR A 86 -8.98 -7.47 -8.99
CA THR A 86 -10.09 -8.42 -8.82
C THR A 86 -9.87 -9.40 -7.65
N LYS A 87 -8.65 -9.44 -7.12
CA LYS A 87 -8.24 -10.22 -5.96
C LYS A 87 -8.41 -9.40 -4.70
N LEU A 88 -7.84 -8.19 -4.64
CA LEU A 88 -7.99 -7.26 -3.52
C LEU A 88 -9.48 -7.05 -3.18
N ASN A 89 -10.35 -6.99 -4.18
CA ASN A 89 -11.80 -6.83 -3.98
C ASN A 89 -12.41 -8.00 -3.20
N SER A 90 -11.88 -9.21 -3.36
CA SER A 90 -12.27 -10.43 -2.67
C SER A 90 -11.67 -10.54 -1.24
N LEU A 91 -10.77 -9.65 -0.87
CA LEU A 91 -10.32 -9.41 0.49
C LEU A 91 -11.26 -8.37 1.07
N ASN A 92 -11.54 -7.28 0.30
CA ASN A 92 -12.38 -6.12 0.64
C ASN A 92 -11.97 -5.44 1.95
N GLU A 93 -10.75 -5.72 2.41
CA GLU A 93 -10.16 -5.18 3.59
C GLU A 93 -9.51 -3.83 3.26
N PRO A 94 -9.44 -2.92 4.23
CA PRO A 94 -8.93 -1.57 4.03
C PRO A 94 -7.43 -1.58 3.78
N LEU A 95 -6.99 -0.99 2.66
CA LEU A 95 -5.60 -0.97 2.24
C LEU A 95 -4.96 0.39 2.54
N VAL A 96 -3.63 0.41 2.56
CA VAL A 96 -2.82 1.60 2.38
C VAL A 96 -1.71 1.24 1.39
N THR A 97 -1.69 1.89 0.24
CA THR A 97 -0.58 1.73 -0.71
C THR A 97 -0.49 2.97 -1.60
N MET A 98 0.25 2.86 -2.69
CA MET A 98 0.53 3.89 -3.68
C MET A 98 -0.22 3.48 -4.97
N PRO A 99 -0.17 4.24 -6.07
CA PRO A 99 -0.68 3.75 -7.33
C PRO A 99 0.18 2.56 -7.79
N ILE A 100 -0.25 1.35 -7.45
CA ILE A 100 0.52 0.12 -7.61
C ILE A 100 1.06 -0.05 -9.03
N GLY A 101 0.19 0.00 -10.03
CA GLY A 101 0.61 -0.08 -11.42
C GLY A 101 0.90 1.34 -11.87
N TYR A 102 2.09 1.84 -11.56
CA TYR A 102 2.64 3.15 -11.93
C TYR A 102 4.08 3.03 -12.42
N VAL A 103 4.89 2.17 -11.81
CA VAL A 103 6.34 2.12 -12.00
C VAL A 103 6.80 0.71 -12.37
N THR A 104 6.66 -0.24 -11.44
CA THR A 104 6.97 -1.67 -11.63
C THR A 104 6.46 -2.15 -12.99
N HIS A 105 5.16 -2.00 -13.22
CA HIS A 105 4.44 -2.44 -14.40
C HIS A 105 4.37 -1.34 -15.49
N GLY A 106 5.20 -0.31 -15.39
CA GLY A 106 5.43 0.63 -16.48
C GLY A 106 4.18 1.35 -16.97
N PHE A 107 3.28 1.73 -16.06
CA PHE A 107 2.20 2.67 -16.36
C PHE A 107 2.77 4.09 -16.26
N ASN A 108 1.90 5.08 -16.22
CA ASN A 108 2.17 6.48 -15.93
C ASN A 108 1.14 6.93 -14.91
N LEU A 109 1.20 8.17 -14.43
CA LEU A 109 0.25 8.63 -13.40
C LEU A 109 -1.16 8.36 -13.91
N GLU A 110 -1.47 8.82 -15.13
CA GLU A 110 -2.85 8.89 -15.57
C GLU A 110 -3.47 7.51 -15.53
N GLU A 111 -2.82 6.59 -16.25
CA GLU A 111 -3.20 5.18 -16.34
C GLU A 111 -3.29 4.58 -14.95
N ALA A 112 -2.30 4.85 -14.10
CA ALA A 112 -2.20 4.29 -12.78
C ALA A 112 -3.41 4.68 -11.94
N ALA A 113 -3.76 5.96 -11.90
CA ALA A 113 -4.91 6.49 -11.20
C ALA A 113 -6.22 5.98 -11.82
N ARG A 114 -6.34 6.03 -13.14
CA ARG A 114 -7.54 5.58 -13.87
C ARG A 114 -7.80 4.11 -13.54
N CYS A 115 -6.77 3.26 -13.60
CA CYS A 115 -6.88 1.85 -13.25
C CYS A 115 -7.20 1.68 -11.77
N MET A 116 -6.63 2.50 -10.88
CA MET A 116 -6.88 2.40 -9.44
C MET A 116 -8.37 2.58 -9.12
N ARG A 117 -9.11 3.45 -9.83
CA ARG A 117 -10.58 3.56 -9.68
C ARG A 117 -11.33 2.23 -9.91
N SER A 118 -10.71 1.27 -10.59
CA SER A 118 -11.27 -0.06 -10.83
C SER A 118 -11.29 -0.89 -9.54
N LEU A 119 -10.55 -0.48 -8.49
CA LEU A 119 -10.59 -1.11 -7.17
C LEU A 119 -11.88 -0.74 -6.45
N LYS A 120 -12.48 -1.74 -5.81
CA LYS A 120 -13.81 -1.67 -5.21
C LYS A 120 -13.73 -1.88 -3.69
N ALA A 121 -12.54 -1.82 -3.12
CA ALA A 121 -12.22 -1.98 -1.70
C ALA A 121 -11.62 -0.67 -1.17
N PRO A 122 -11.56 -0.45 0.16
CA PRO A 122 -11.03 0.78 0.73
C PRO A 122 -9.54 0.90 0.47
N ALA A 123 -9.09 2.09 0.11
CA ALA A 123 -7.71 2.34 -0.26
C ALA A 123 -7.36 3.78 0.05
N VAL A 124 -6.52 3.98 1.06
CA VAL A 124 -5.67 5.16 1.10
C VAL A 124 -4.66 5.02 -0.05
N VAL A 125 -4.36 6.12 -0.73
CA VAL A 125 -3.35 6.21 -1.77
C VAL A 125 -2.30 7.22 -1.31
N SER A 126 -1.08 7.09 -1.78
CA SER A 126 0.00 8.02 -1.50
C SER A 126 0.92 8.12 -2.70
N VAL A 127 1.74 9.17 -2.73
CA VAL A 127 2.68 9.51 -3.80
C VAL A 127 3.96 10.04 -3.17
N SER A 128 5.02 10.23 -3.97
CA SER A 128 6.21 10.90 -3.49
C SER A 128 5.93 12.39 -3.22
N SER A 129 5.15 13.07 -4.06
CA SER A 129 5.08 14.53 -4.09
C SER A 129 3.70 15.05 -3.68
N PRO A 130 3.61 16.18 -2.96
CA PRO A 130 2.33 16.74 -2.54
C PRO A 130 1.58 17.36 -3.74
N ASP A 131 2.29 17.80 -4.79
CA ASP A 131 1.65 18.45 -5.94
C ASP A 131 0.99 17.43 -6.88
N ALA A 132 1.33 16.15 -6.70
CA ALA A 132 0.75 15.03 -7.41
C ALA A 132 -0.59 14.66 -6.79
N VAL A 133 -0.77 14.87 -5.49
CA VAL A 133 -2.07 14.67 -4.83
C VAL A 133 -3.15 15.56 -5.45
N THR A 134 -2.76 16.63 -6.13
CA THR A 134 -3.62 17.46 -6.96
C THR A 134 -3.84 16.77 -8.31
N THR A 135 -2.79 16.49 -9.10
CA THR A 135 -2.93 15.93 -10.45
C THR A 135 -3.80 14.69 -10.43
N TYR A 136 -3.46 13.79 -9.51
CA TYR A 136 -3.98 12.47 -9.35
C TYR A 136 -5.47 12.53 -8.96
N ASN A 137 -5.83 13.43 -8.04
CA ASN A 137 -7.23 13.70 -7.66
C ASN A 137 -8.04 14.04 -8.89
N GLY A 138 -7.47 14.87 -9.77
CA GLY A 138 -8.10 15.26 -11.01
C GLY A 138 -8.45 14.03 -11.86
N TYR A 139 -7.53 13.08 -12.03
CA TYR A 139 -7.79 11.87 -12.81
C TYR A 139 -8.89 11.03 -12.16
N LEU A 140 -8.97 11.04 -10.82
CA LEU A 140 -10.02 10.31 -10.11
C LEU A 140 -11.38 10.97 -10.32
N THR A 141 -11.42 12.29 -10.47
CA THR A 141 -12.62 13.12 -10.66
C THR A 141 -13.09 13.05 -12.11
N SER A 142 -12.14 13.04 -13.04
CA SER A 142 -12.31 13.07 -14.49
C SER A 142 -13.03 11.81 -14.97
N SER A 143 -12.55 10.64 -14.54
CA SER A 143 -13.05 9.36 -15.01
C SER A 143 -14.38 9.08 -14.35
N GLY A 1 5.99 -12.89 28.39
CA GLY A 1 5.26 -13.35 29.58
C GLY A 1 5.24 -12.25 30.64
N SER A 2 4.06 -11.94 31.19
CA SER A 2 3.77 -10.72 31.93
C SER A 2 3.92 -9.53 30.97
N HIS A 3 5.11 -8.90 30.86
CA HIS A 3 5.39 -8.05 29.71
C HIS A 3 5.49 -8.94 28.47
N MET A 4 5.23 -8.44 27.27
CA MET A 4 5.27 -9.30 26.07
C MET A 4 5.42 -8.53 24.76
N VAL A 5 5.79 -7.25 24.83
CA VAL A 5 5.71 -6.24 23.79
C VAL A 5 4.26 -6.06 23.31
N LEU A 6 3.61 -5.04 23.88
CA LEU A 6 2.28 -4.55 23.56
C LEU A 6 2.47 -3.09 23.10
N PRO A 7 1.51 -2.45 22.42
CA PRO A 7 1.65 -1.07 21.95
C PRO A 7 1.52 -0.03 23.07
N SER A 8 1.43 -0.47 24.32
CA SER A 8 1.45 0.36 25.52
C SER A 8 0.33 1.40 25.49
N GLU A 9 -0.90 0.93 25.71
CA GLU A 9 -2.15 1.66 25.58
C GLU A 9 -2.41 2.01 24.12
N ALA A 10 -3.26 1.21 23.48
CA ALA A 10 -3.82 1.54 22.18
C ALA A 10 -4.76 2.74 22.33
N PRO A 11 -4.88 3.62 21.33
CA PRO A 11 -5.82 4.72 21.35
C PRO A 11 -7.24 4.18 21.26
N ASN A 12 -8.16 4.84 21.96
CA ASN A 12 -9.51 4.35 22.18
C ASN A 12 -10.44 4.73 21.03
N ALA A 13 -9.95 4.88 19.79
CA ALA A 13 -10.74 5.29 18.63
C ALA A 13 -10.32 4.53 17.37
N LYS A 14 -11.23 4.45 16.40
CA LYS A 14 -10.94 4.09 15.01
C LYS A 14 -11.00 5.41 14.26
N GLU A 15 -9.85 6.00 14.00
CA GLU A 15 -9.64 7.37 13.58
C GLU A 15 -8.88 7.37 12.25
N GLU A 16 -9.44 6.72 11.23
CA GLU A 16 -8.69 6.38 10.05
C GLU A 16 -8.87 7.46 9.00
N ILE A 17 -7.92 7.42 8.09
CA ILE A 17 -7.84 8.26 6.93
C ILE A 17 -8.11 7.33 5.73
N LEU A 18 -8.47 7.96 4.63
CA LEU A 18 -8.75 7.40 3.31
C LEU A 18 -8.13 8.36 2.29
N GLY A 19 -8.40 8.16 1.01
CA GLY A 19 -8.00 9.11 -0.01
C GLY A 19 -6.50 9.15 -0.25
N THR A 20 -6.04 10.23 -0.86
CA THR A 20 -4.70 10.36 -1.41
C THR A 20 -3.89 11.27 -0.46
N VAL A 21 -2.70 10.84 -0.06
CA VAL A 21 -1.90 11.40 1.04
C VAL A 21 -0.45 11.54 0.59
N SER A 22 0.28 12.53 1.08
CA SER A 22 1.67 12.75 0.65
C SER A 22 2.58 11.93 1.55
N TRP A 23 2.52 10.60 1.43
CA TRP A 23 3.25 9.65 2.27
C TRP A 23 4.19 8.90 1.33
N ASN A 24 5.23 8.23 1.83
CA ASN A 24 6.26 7.63 0.95
C ASN A 24 6.42 6.14 1.19
N LEU A 25 6.75 5.71 2.40
CA LEU A 25 6.68 4.31 2.80
C LEU A 25 6.65 4.25 4.32
N ARG A 26 7.58 4.91 5.02
CA ARG A 26 7.63 4.94 6.48
C ARG A 26 6.37 5.56 7.06
N GLU A 27 5.81 6.58 6.39
CA GLU A 27 4.53 7.17 6.75
C GLU A 27 3.43 6.11 6.72
N MET A 28 3.46 5.32 5.63
CA MET A 28 2.49 4.31 5.28
C MET A 28 2.57 3.18 6.31
N LEU A 29 3.72 2.54 6.45
CA LEU A 29 4.14 1.64 7.49
C LEU A 29 3.54 2.02 8.84
N ALA A 30 3.73 3.25 9.32
CA ALA A 30 3.28 3.60 10.67
C ALA A 30 1.76 3.49 10.80
N HIS A 31 1.03 3.96 9.78
CA HIS A 31 -0.42 3.89 9.75
C HIS A 31 -0.92 2.49 9.44
N ALA A 32 -0.20 1.73 8.62
CA ALA A 32 -0.44 0.31 8.37
C ALA A 32 -0.36 -0.45 9.68
N GLU A 33 0.66 -0.21 10.50
CA GLU A 33 0.82 -0.79 11.84
C GLU A 33 -0.36 -0.41 12.72
N GLU A 34 -0.68 0.89 12.79
CA GLU A 34 -1.79 1.44 13.56
C GLU A 34 -3.09 0.72 13.22
N THR A 35 -3.48 0.74 11.93
CA THR A 35 -4.82 0.37 11.51
C THR A 35 -4.92 -1.06 10.95
N ARG A 36 -3.79 -1.77 10.93
CA ARG A 36 -3.58 -3.08 10.33
C ARG A 36 -4.02 -3.11 8.86
N LYS A 37 -3.99 -1.97 8.17
CA LYS A 37 -4.41 -1.88 6.77
C LYS A 37 -3.42 -2.65 5.91
N LEU A 38 -3.92 -3.64 5.16
CA LEU A 38 -3.13 -4.56 4.35
C LEU A 38 -2.37 -3.78 3.27
N MET A 39 -1.17 -4.23 2.91
CA MET A 39 -0.22 -3.47 2.10
C MET A 39 0.27 -4.28 0.88
N PRO A 40 -0.35 -4.15 -0.31
CA PRO A 40 0.12 -4.82 -1.52
C PRO A 40 1.46 -4.23 -1.96
N ILE A 41 2.44 -5.09 -2.25
CA ILE A 41 3.76 -4.71 -2.74
C ILE A 41 4.10 -5.65 -3.90
N CYS A 42 4.75 -5.13 -4.95
CA CYS A 42 5.21 -5.93 -6.07
C CYS A 42 6.65 -6.38 -5.80
N MET A 43 6.94 -7.68 -5.87
CA MET A 43 8.29 -8.21 -5.69
C MET A 43 9.27 -7.84 -6.83
N ASP A 44 8.84 -7.04 -7.80
CA ASP A 44 9.70 -6.53 -8.86
C ASP A 44 10.59 -5.39 -8.36
N VAL A 45 10.07 -4.55 -7.47
CA VAL A 45 10.71 -3.29 -7.11
C VAL A 45 11.63 -3.51 -5.91
N ARG A 46 12.84 -4.01 -6.19
CA ARG A 46 13.91 -4.22 -5.19
C ARG A 46 14.10 -2.95 -4.37
N ALA A 47 13.98 -1.78 -4.99
CA ALA A 47 14.06 -0.49 -4.33
C ALA A 47 13.02 -0.34 -3.20
N ILE A 48 11.74 -0.67 -3.45
CA ILE A 48 10.72 -0.58 -2.40
C ILE A 48 11.04 -1.65 -1.34
N MET A 49 11.43 -2.86 -1.76
CA MET A 49 11.70 -3.96 -0.85
C MET A 49 12.88 -3.61 0.07
N ALA A 50 13.88 -2.87 -0.43
CA ALA A 50 15.03 -2.37 0.33
C ALA A 50 14.64 -1.36 1.43
N THR A 51 13.38 -0.91 1.47
CA THR A 51 12.88 -0.13 2.61
C THR A 51 12.03 -1.00 3.54
N ILE A 52 11.37 -2.05 3.05
CA ILE A 52 10.62 -2.98 3.88
C ILE A 52 11.62 -3.94 4.53
N GLN A 53 12.16 -4.94 3.82
CA GLN A 53 13.04 -5.98 4.35
C GLN A 53 14.20 -5.40 5.19
N ARG A 54 14.69 -4.18 4.89
CA ARG A 54 15.71 -3.50 5.70
C ARG A 54 15.19 -3.10 7.07
N LYS A 55 14.03 -2.45 7.12
CA LYS A 55 13.34 -2.09 8.35
C LYS A 55 13.13 -3.37 9.14
N TYR A 56 12.37 -4.26 8.52
CA TYR A 56 11.90 -5.51 9.05
C TYR A 56 12.98 -6.56 8.86
N LYS A 57 14.15 -6.36 9.45
CA LYS A 57 15.24 -7.33 9.41
C LYS A 57 14.75 -8.68 9.93
N GLY A 58 15.46 -9.74 9.54
CA GLY A 58 15.19 -11.09 10.00
C GLY A 58 14.20 -11.82 9.09
N ILE A 59 13.92 -11.28 7.90
CA ILE A 59 12.99 -11.81 6.91
C ILE A 59 13.75 -12.23 5.64
N LYS A 60 13.11 -13.03 4.80
CA LYS A 60 13.44 -13.25 3.41
C LYS A 60 12.12 -13.17 2.63
N ILE A 61 12.13 -12.51 1.47
CA ILE A 61 11.03 -12.39 0.50
C ILE A 61 10.20 -13.68 0.39
N GLN A 62 8.91 -13.48 0.16
CA GLN A 62 7.85 -14.46 0.16
C GLN A 62 6.92 -14.13 -1.03
N GLU A 63 5.89 -14.94 -1.26
CA GLU A 63 4.80 -14.68 -2.19
C GLU A 63 3.49 -15.03 -1.49
N GLY A 64 2.42 -14.38 -1.94
CA GLY A 64 1.13 -14.40 -1.25
C GLY A 64 1.13 -13.34 -0.15
N ILE A 65 0.16 -13.46 0.76
CA ILE A 65 0.11 -12.64 1.95
C ILE A 65 1.39 -12.87 2.75
N VAL A 66 1.82 -11.79 3.40
CA VAL A 66 2.98 -11.71 4.25
C VAL A 66 2.49 -11.12 5.55
N ASP A 67 2.95 -11.69 6.66
CA ASP A 67 2.81 -11.13 7.98
C ASP A 67 4.21 -11.07 8.55
N TYR A 68 4.85 -9.92 8.36
CA TYR A 68 6.15 -9.68 8.96
C TYR A 68 6.16 -8.24 9.44
N GLY A 69 5.64 -8.02 10.64
CA GLY A 69 5.58 -6.72 11.30
C GLY A 69 4.50 -5.78 10.78
N VAL A 70 4.08 -5.92 9.52
CA VAL A 70 2.88 -5.37 8.92
C VAL A 70 2.32 -6.51 8.06
N ARG A 71 1.00 -6.52 7.84
CA ARG A 71 0.35 -7.45 6.93
C ARG A 71 0.57 -6.89 5.53
N PHE A 72 1.45 -7.50 4.74
CA PHE A 72 1.68 -7.16 3.34
C PHE A 72 1.04 -8.21 2.42
N PHE A 73 1.06 -7.98 1.11
CA PHE A 73 0.57 -8.89 0.08
C PHE A 73 1.54 -8.82 -1.11
N PHE A 74 2.38 -9.84 -1.30
CA PHE A 74 3.46 -9.88 -2.28
C PHE A 74 3.05 -10.71 -3.49
N TYR A 75 2.95 -10.06 -4.65
CA TYR A 75 2.58 -10.65 -5.94
C TYR A 75 3.64 -10.24 -6.99
N THR A 76 3.57 -10.85 -8.18
CA THR A 76 4.62 -10.79 -9.18
C THR A 76 4.68 -9.44 -9.94
N SER A 77 5.74 -9.19 -10.73
CA SER A 77 5.64 -8.26 -11.86
C SER A 77 4.55 -8.75 -12.80
N LYS A 78 4.59 -10.05 -13.13
CA LYS A 78 3.81 -10.65 -14.19
C LYS A 78 2.32 -10.40 -14.03
N GLU A 79 1.80 -10.53 -12.81
CA GLU A 79 0.38 -10.45 -12.56
C GLU A 79 -0.13 -9.01 -12.79
N PRO A 80 -1.03 -8.75 -13.75
CA PRO A 80 -1.48 -7.39 -14.05
C PRO A 80 -2.31 -6.75 -12.93
N VAL A 81 -2.29 -5.42 -12.95
CA VAL A 81 -2.97 -4.52 -12.03
C VAL A 81 -4.46 -4.78 -12.11
N ALA A 82 -4.98 -4.89 -13.34
CA ALA A 82 -6.38 -5.19 -13.59
C ALA A 82 -6.80 -6.53 -12.97
N SER A 83 -5.89 -7.51 -12.86
CA SER A 83 -6.20 -8.76 -12.22
C SER A 83 -6.14 -8.62 -10.69
N ILE A 84 -5.09 -8.03 -10.09
CA ILE A 84 -5.02 -8.03 -8.63
C ILE A 84 -6.16 -7.22 -8.02
N ILE A 85 -6.63 -6.17 -8.71
CA ILE A 85 -7.81 -5.42 -8.27
C ILE A 85 -8.99 -6.37 -8.07
N THR A 86 -9.31 -7.23 -9.05
CA THR A 86 -10.41 -8.19 -8.99
C THR A 86 -10.37 -8.99 -7.66
N LYS A 87 -9.15 -9.27 -7.22
CA LYS A 87 -8.80 -10.10 -6.08
C LYS A 87 -8.99 -9.30 -4.78
N LEU A 88 -8.45 -8.08 -4.73
CA LEU A 88 -8.56 -7.18 -3.58
C LEU A 88 -10.04 -6.88 -3.29
N ASN A 89 -10.86 -6.74 -4.33
CA ASN A 89 -12.29 -6.48 -4.17
C ASN A 89 -12.96 -7.62 -3.37
N SER A 90 -12.47 -8.84 -3.53
CA SER A 90 -12.91 -9.99 -2.75
C SER A 90 -12.43 -9.94 -1.29
N LEU A 91 -11.31 -9.28 -0.98
CA LEU A 91 -10.78 -9.15 0.38
C LEU A 91 -11.67 -8.20 1.16
N ASN A 92 -12.07 -7.07 0.57
CA ASN A 92 -12.91 -6.03 1.19
C ASN A 92 -12.19 -5.32 2.34
N GLU A 93 -10.89 -5.56 2.48
CA GLU A 93 -10.10 -5.04 3.57
C GLU A 93 -9.58 -3.66 3.20
N PRO A 94 -9.48 -2.74 4.17
CA PRO A 94 -8.92 -1.41 3.95
C PRO A 94 -7.42 -1.52 3.73
N LEU A 95 -6.93 -0.87 2.68
CA LEU A 95 -5.52 -0.98 2.28
C LEU A 95 -4.79 0.34 2.54
N VAL A 96 -3.46 0.29 2.53
CA VAL A 96 -2.62 1.48 2.45
C VAL A 96 -1.40 1.15 1.59
N THR A 97 -1.36 1.68 0.39
CA THR A 97 -0.18 1.65 -0.48
C THR A 97 -0.27 2.81 -1.47
N MET A 98 0.75 2.97 -2.30
CA MET A 98 0.75 3.93 -3.41
C MET A 98 -0.11 3.38 -4.58
N PRO A 99 -0.24 4.03 -5.76
CA PRO A 99 -1.19 3.62 -6.79
C PRO A 99 -0.87 2.31 -7.53
N ILE A 100 -0.45 1.28 -6.80
CA ILE A 100 -0.11 -0.08 -7.23
C ILE A 100 0.65 0.00 -8.56
N GLY A 101 -0.01 -0.28 -9.68
CA GLY A 101 0.55 -0.17 -11.01
C GLY A 101 0.73 1.28 -11.38
N TYR A 102 1.83 1.89 -10.96
CA TYR A 102 2.19 3.27 -11.26
C TYR A 102 3.61 3.36 -11.84
N VAL A 103 4.53 2.52 -11.38
CA VAL A 103 5.97 2.79 -11.55
C VAL A 103 6.70 1.53 -12.04
N THR A 104 6.67 0.45 -11.26
CA THR A 104 7.22 -0.86 -11.60
C THR A 104 6.66 -1.34 -12.95
N HIS A 105 5.33 -1.33 -13.18
CA HIS A 105 4.79 -1.76 -14.48
C HIS A 105 5.12 -0.74 -15.58
N GLY A 106 5.67 0.43 -15.26
CA GLY A 106 5.79 1.52 -16.22
C GLY A 106 4.41 1.97 -16.68
N PHE A 107 3.49 2.11 -15.72
CA PHE A 107 2.26 2.84 -15.96
C PHE A 107 2.58 4.35 -15.88
N ASN A 108 1.58 5.18 -16.12
CA ASN A 108 1.64 6.61 -15.82
C ASN A 108 0.82 6.86 -14.57
N LEU A 109 0.94 8.05 -13.96
CA LEU A 109 0.07 8.43 -12.84
C LEU A 109 -1.39 8.40 -13.29
N GLU A 110 -1.64 8.77 -14.55
CA GLU A 110 -2.96 8.73 -15.18
C GLU A 110 -3.45 7.29 -15.22
N GLU A 111 -2.71 6.39 -15.86
CA GLU A 111 -3.16 5.01 -16.07
C GLU A 111 -3.32 4.28 -14.75
N ALA A 112 -2.44 4.59 -13.79
CA ALA A 112 -2.46 4.05 -12.44
C ALA A 112 -3.78 4.44 -11.79
N ALA A 113 -4.12 5.73 -11.77
CA ALA A 113 -5.41 6.22 -11.28
C ALA A 113 -6.57 5.56 -12.05
N ARG A 114 -6.51 5.54 -13.38
CA ARG A 114 -7.57 5.00 -14.24
C ARG A 114 -7.83 3.53 -13.92
N CYS A 115 -6.77 2.75 -13.68
CA CYS A 115 -6.87 1.36 -13.29
C CYS A 115 -7.40 1.29 -11.86
N MET A 116 -6.82 2.05 -10.93
CA MET A 116 -7.15 2.07 -9.51
C MET A 116 -8.63 2.36 -9.27
N ARG A 117 -9.26 3.22 -10.06
CA ARG A 117 -10.71 3.47 -10.03
C ARG A 117 -11.54 2.20 -10.16
N SER A 118 -11.03 1.15 -10.78
CA SER A 118 -11.67 -0.16 -10.86
C SER A 118 -11.83 -0.80 -9.47
N LEU A 119 -11.01 -0.43 -8.49
CA LEU A 119 -11.04 -1.01 -7.14
C LEU A 119 -12.31 -0.60 -6.41
N LYS A 120 -12.82 -1.53 -5.61
CA LYS A 120 -14.13 -1.45 -4.96
C LYS A 120 -13.98 -1.32 -3.44
N ALA A 121 -12.94 -1.94 -2.88
CA ALA A 121 -12.59 -1.88 -1.47
C ALA A 121 -11.71 -0.65 -1.19
N PRO A 122 -11.69 -0.10 0.05
CA PRO A 122 -10.94 1.10 0.38
C PRO A 122 -9.42 0.97 0.24
N ALA A 123 -8.77 2.04 -0.24
CA ALA A 123 -7.35 2.11 -0.54
C ALA A 123 -6.89 3.55 -0.39
N VAL A 124 -6.05 3.82 0.59
CA VAL A 124 -5.25 5.05 0.66
C VAL A 124 -4.27 5.07 -0.53
N VAL A 125 -3.75 6.24 -0.93
CA VAL A 125 -2.85 6.40 -2.08
C VAL A 125 -1.69 7.32 -1.75
N SER A 126 -0.46 6.99 -2.20
CA SER A 126 0.77 7.77 -1.95
C SER A 126 1.38 8.23 -3.28
N VAL A 127 2.03 9.40 -3.31
CA VAL A 127 2.85 9.85 -4.44
C VAL A 127 4.04 10.60 -3.85
N SER A 128 5.18 10.58 -4.54
CA SER A 128 6.36 11.30 -4.05
C SER A 128 6.23 12.82 -4.20
N SER A 129 5.28 13.32 -5.01
CA SER A 129 5.14 14.75 -5.25
C SER A 129 3.87 15.31 -4.60
N PRO A 130 3.92 16.49 -3.96
CA PRO A 130 2.78 17.11 -3.29
C PRO A 130 1.70 17.54 -4.27
N ASP A 131 2.06 18.07 -5.46
CA ASP A 131 1.11 18.45 -6.51
C ASP A 131 0.38 17.22 -7.02
N ALA A 132 1.03 16.07 -6.95
CA ALA A 132 0.53 14.83 -7.53
C ALA A 132 -0.59 14.23 -6.68
N VAL A 133 -0.69 14.60 -5.39
CA VAL A 133 -1.84 14.26 -4.57
C VAL A 133 -3.08 14.91 -5.19
N THR A 134 -2.94 16.15 -5.63
CA THR A 134 -3.96 16.93 -6.30
C THR A 134 -4.21 16.35 -7.70
N THR A 135 -3.15 16.14 -8.49
CA THR A 135 -3.26 15.65 -9.86
C THR A 135 -3.92 14.27 -9.94
N TYR A 136 -3.55 13.35 -9.05
CA TYR A 136 -4.12 12.01 -8.95
C TYR A 136 -5.62 12.11 -8.68
N ASN A 137 -5.99 12.94 -7.70
CA ASN A 137 -7.38 13.26 -7.37
C ASN A 137 -8.11 13.80 -8.60
N GLY A 138 -7.43 14.61 -9.42
CA GLY A 138 -7.90 15.09 -10.69
C GLY A 138 -8.30 13.95 -11.60
N TYR A 139 -7.42 12.96 -11.81
CA TYR A 139 -7.73 11.80 -12.64
C TYR A 139 -8.85 10.94 -12.08
N LEU A 140 -9.13 11.04 -10.78
CA LEU A 140 -10.22 10.31 -10.15
C LEU A 140 -11.56 10.94 -10.51
N THR A 141 -11.69 12.25 -10.36
CA THR A 141 -12.91 12.96 -10.77
C THR A 141 -12.96 13.12 -12.31
N SER A 142 -11.82 12.96 -12.98
CA SER A 142 -11.55 13.09 -14.39
C SER A 142 -12.18 14.34 -15.00
N SER A 143 -11.57 15.47 -14.72
CA SER A 143 -11.87 16.75 -15.35
C SER A 143 -11.36 16.71 -16.78
N GLY A 1 7.88 -17.14 19.34
CA GLY A 1 8.07 -15.70 19.60
C GLY A 1 9.14 -15.48 20.66
N SER A 2 9.06 -14.36 21.40
CA SER A 2 10.03 -13.95 22.43
C SER A 2 11.45 -13.86 21.86
N HIS A 3 11.56 -13.35 20.63
CA HIS A 3 12.73 -13.60 19.80
C HIS A 3 13.70 -12.42 19.79
N MET A 4 13.20 -11.21 20.02
CA MET A 4 13.94 -9.96 19.99
C MET A 4 13.02 -8.87 20.53
N VAL A 5 11.81 -8.78 19.94
CA VAL A 5 10.83 -7.71 20.15
C VAL A 5 11.43 -6.38 19.61
N LEU A 6 10.68 -5.29 19.72
CA LEU A 6 11.11 -3.89 19.71
C LEU A 6 10.13 -3.16 20.64
N PRO A 7 10.51 -2.07 21.31
CA PRO A 7 9.62 -1.33 22.20
C PRO A 7 8.66 -0.44 21.41
N SER A 8 7.70 -1.03 20.69
CA SER A 8 6.52 -0.35 20.22
C SER A 8 5.49 -0.43 21.34
N GLU A 9 5.07 0.69 21.94
CA GLU A 9 3.84 0.69 22.73
C GLU A 9 3.29 2.11 22.86
N ALA A 10 2.06 2.19 23.38
CA ALA A 10 1.13 3.32 23.38
C ALA A 10 0.74 3.66 21.95
N PRO A 11 -0.51 3.45 21.52
CA PRO A 11 -0.92 3.84 20.17
C PRO A 11 -1.01 5.37 20.12
N ASN A 12 -0.56 5.99 19.03
CA ASN A 12 -0.43 7.44 18.91
C ASN A 12 -1.12 7.84 17.61
N ALA A 13 -2.42 8.04 17.66
CA ALA A 13 -3.21 8.55 16.54
C ALA A 13 -4.42 9.28 17.07
N LYS A 14 -5.08 10.03 16.20
CA LYS A 14 -6.40 10.60 16.36
C LYS A 14 -7.12 10.42 15.03
N GLU A 15 -8.36 9.94 15.08
CA GLU A 15 -9.20 9.50 13.97
C GLU A 15 -8.40 8.76 12.90
N GLU A 16 -8.93 8.70 11.68
CA GLU A 16 -8.31 8.02 10.56
C GLU A 16 -8.09 9.00 9.41
N ILE A 17 -7.35 8.54 8.41
CA ILE A 17 -7.02 9.20 7.17
C ILE A 17 -7.47 8.26 6.05
N LEU A 18 -7.72 8.84 4.89
CA LEU A 18 -8.11 8.13 3.68
C LEU A 18 -7.71 8.97 2.46
N GLY A 19 -8.03 8.54 1.24
CA GLY A 19 -7.83 9.34 0.03
C GLY A 19 -6.42 9.18 -0.55
N THR A 20 -6.06 10.04 -1.50
CA THR A 20 -4.68 10.13 -1.95
C THR A 20 -3.95 11.07 -1.00
N VAL A 21 -2.72 10.74 -0.61
CA VAL A 21 -1.89 11.50 0.30
C VAL A 21 -0.45 11.60 -0.23
N SER A 22 0.40 12.33 0.48
CA SER A 22 1.82 12.44 0.21
C SER A 22 2.55 11.90 1.42
N TRP A 23 2.62 10.57 1.53
CA TRP A 23 3.49 9.89 2.48
C TRP A 23 4.57 9.17 1.64
N ASN A 24 5.27 8.16 2.18
CA ASN A 24 6.19 7.35 1.37
C ASN A 24 6.22 5.91 1.81
N LEU A 25 6.81 5.62 2.98
CA LEU A 25 7.14 4.26 3.38
C LEU A 25 7.24 4.18 4.91
N ARG A 26 8.16 4.92 5.54
CA ARG A 26 8.22 5.05 7.00
C ARG A 26 6.85 5.49 7.55
N GLU A 27 6.28 6.52 6.92
CA GLU A 27 4.95 7.05 7.23
C GLU A 27 3.87 5.97 7.07
N MET A 28 3.93 5.22 5.97
CA MET A 28 2.99 4.17 5.62
C MET A 28 2.99 3.07 6.66
N LEU A 29 4.15 2.48 6.95
CA LEU A 29 4.40 1.51 8.00
C LEU A 29 3.74 1.93 9.30
N ALA A 30 3.97 3.17 9.74
CA ALA A 30 3.40 3.70 10.96
C ALA A 30 1.88 3.51 10.92
N HIS A 31 1.21 4.09 9.92
CA HIS A 31 -0.25 3.98 9.80
C HIS A 31 -0.69 2.51 9.71
N ALA A 32 -0.08 1.73 8.82
CA ALA A 32 -0.36 0.32 8.59
C ALA A 32 -0.30 -0.51 9.88
N GLU A 33 0.71 -0.34 10.74
CA GLU A 33 0.79 -1.06 11.99
C GLU A 33 -0.27 -0.56 12.96
N GLU A 34 -0.40 0.77 13.12
CA GLU A 34 -1.30 1.44 14.06
C GLU A 34 -2.76 1.01 13.90
N THR A 35 -3.11 0.56 12.69
CA THR A 35 -4.46 0.20 12.32
C THR A 35 -4.56 -1.26 11.85
N ARG A 36 -3.47 -2.03 11.88
CA ARG A 36 -3.34 -3.35 11.26
C ARG A 36 -3.84 -3.40 9.80
N LYS A 37 -3.85 -2.27 9.10
CA LYS A 37 -4.28 -2.18 7.69
C LYS A 37 -3.27 -2.83 6.78
N LEU A 38 -3.74 -3.19 5.59
CA LEU A 38 -3.08 -4.11 4.68
C LEU A 38 -2.28 -3.29 3.66
N MET A 39 -1.04 -3.68 3.38
CA MET A 39 -0.08 -2.90 2.64
C MET A 39 0.37 -3.68 1.39
N PRO A 40 -0.29 -3.56 0.23
CA PRO A 40 0.11 -4.31 -0.95
C PRO A 40 1.40 -3.71 -1.56
N ILE A 41 2.41 -4.56 -1.82
CA ILE A 41 3.78 -4.21 -2.23
C ILE A 41 4.22 -5.19 -3.31
N CYS A 42 4.82 -4.71 -4.41
CA CYS A 42 5.30 -5.60 -5.45
C CYS A 42 6.76 -5.98 -5.21
N MET A 43 7.04 -7.29 -5.32
CA MET A 43 8.39 -7.84 -5.29
C MET A 43 9.23 -7.40 -6.49
N ASP A 44 8.59 -6.76 -7.48
CA ASP A 44 9.24 -6.23 -8.66
C ASP A 44 9.98 -4.92 -8.38
N VAL A 45 9.81 -4.31 -7.19
CA VAL A 45 10.32 -2.98 -6.91
C VAL A 45 11.24 -3.04 -5.71
N ARG A 46 12.53 -3.18 -6.01
CA ARG A 46 13.56 -3.40 -5.02
C ARG A 46 13.73 -2.20 -4.12
N ALA A 47 13.45 -0.97 -4.58
CA ALA A 47 13.54 0.22 -3.74
C ALA A 47 12.59 0.13 -2.54
N ILE A 48 11.34 -0.22 -2.83
CA ILE A 48 10.30 -0.43 -1.84
C ILE A 48 10.73 -1.59 -0.92
N MET A 49 11.16 -2.70 -1.54
CA MET A 49 11.46 -3.95 -0.84
C MET A 49 12.64 -3.77 0.12
N ALA A 50 13.69 -3.11 -0.35
CA ALA A 50 14.89 -2.75 0.38
C ALA A 50 14.65 -1.71 1.48
N THR A 51 13.43 -1.20 1.61
CA THR A 51 13.03 -0.41 2.75
C THR A 51 12.28 -1.29 3.77
N ILE A 52 11.33 -2.11 3.34
CA ILE A 52 10.56 -2.98 4.23
C ILE A 52 11.47 -4.04 4.84
N GLN A 53 11.98 -5.00 4.07
CA GLN A 53 12.71 -6.15 4.60
C GLN A 53 13.92 -5.67 5.44
N ARG A 54 14.47 -4.49 5.12
CA ARG A 54 15.62 -3.94 5.85
C ARG A 54 15.17 -3.60 7.27
N LYS A 55 14.02 -2.95 7.39
CA LYS A 55 13.38 -2.64 8.66
C LYS A 55 13.13 -3.95 9.39
N TYR A 56 12.30 -4.78 8.79
CA TYR A 56 11.70 -5.95 9.38
C TYR A 56 12.67 -7.11 9.16
N LYS A 57 13.70 -7.18 10.01
CA LYS A 57 14.83 -8.08 9.80
C LYS A 57 14.41 -9.53 9.73
N GLY A 58 15.30 -10.40 9.25
CA GLY A 58 15.07 -11.83 9.21
C GLY A 58 14.22 -12.28 8.05
N ILE A 59 13.25 -11.47 7.64
CA ILE A 59 12.40 -11.76 6.52
C ILE A 59 13.27 -11.91 5.24
N LYS A 60 12.87 -12.79 4.32
CA LYS A 60 13.62 -13.07 3.08
C LYS A 60 12.69 -13.20 1.88
N ILE A 61 11.71 -12.30 1.78
CA ILE A 61 10.61 -12.27 0.82
C ILE A 61 9.78 -13.56 0.87
N GLN A 62 8.50 -13.48 0.47
CA GLN A 62 7.51 -14.54 0.57
C GLN A 62 6.33 -14.07 -0.29
N GLU A 63 5.93 -14.81 -1.32
CA GLU A 63 4.75 -14.44 -2.11
C GLU A 63 3.51 -14.79 -1.29
N GLY A 64 2.48 -13.96 -1.41
CA GLY A 64 1.22 -14.09 -0.69
C GLY A 64 0.93 -12.89 0.21
N ILE A 65 -0.10 -13.00 1.04
CA ILE A 65 -0.24 -12.19 2.24
C ILE A 65 0.98 -12.48 3.12
N VAL A 66 1.56 -11.43 3.68
CA VAL A 66 2.73 -11.45 4.54
C VAL A 66 2.37 -10.69 5.80
N ASP A 67 2.07 -11.42 6.86
CA ASP A 67 2.12 -10.86 8.21
C ASP A 67 3.58 -10.96 8.67
N TYR A 68 4.33 -9.87 8.53
CA TYR A 68 5.68 -9.79 9.09
C TYR A 68 5.93 -8.34 9.51
N GLY A 69 5.41 -7.96 10.66
CA GLY A 69 5.59 -6.65 11.25
C GLY A 69 4.80 -5.54 10.59
N VAL A 70 4.19 -5.79 9.43
CA VAL A 70 3.00 -5.17 8.86
C VAL A 70 2.34 -6.31 8.08
N ARG A 71 1.03 -6.22 7.92
CA ARG A 71 0.25 -7.02 6.99
C ARG A 71 0.51 -6.50 5.59
N PHE A 72 1.45 -7.08 4.85
CA PHE A 72 1.62 -6.80 3.43
C PHE A 72 0.86 -7.81 2.56
N PHE A 73 0.73 -7.51 1.27
CA PHE A 73 0.33 -8.43 0.19
C PHE A 73 1.38 -8.33 -0.90
N PHE A 74 2.17 -9.39 -1.07
CA PHE A 74 3.26 -9.53 -2.02
C PHE A 74 2.82 -10.39 -3.19
N TYR A 75 2.89 -9.81 -4.38
CA TYR A 75 2.34 -10.38 -5.62
C TYR A 75 3.37 -10.29 -6.74
N THR A 76 3.24 -11.18 -7.72
CA THR A 76 4.14 -11.36 -8.84
C THR A 76 4.12 -10.15 -9.77
N SER A 77 5.30 -9.74 -10.26
CA SER A 77 5.50 -8.88 -11.42
C SER A 77 4.62 -9.26 -12.61
N LYS A 78 4.52 -10.56 -12.93
CA LYS A 78 3.79 -10.99 -14.11
C LYS A 78 2.30 -10.63 -14.00
N GLU A 79 1.72 -10.66 -12.81
CA GLU A 79 0.31 -10.42 -12.65
C GLU A 79 -0.03 -8.96 -12.98
N PRO A 80 -0.95 -8.68 -13.92
CA PRO A 80 -1.32 -7.31 -14.24
C PRO A 80 -2.12 -6.71 -13.10
N VAL A 81 -2.01 -5.40 -13.06
CA VAL A 81 -2.96 -4.48 -12.53
C VAL A 81 -4.41 -4.86 -12.68
N ALA A 82 -4.89 -5.12 -13.90
CA ALA A 82 -6.29 -5.45 -14.03
C ALA A 82 -6.63 -6.76 -13.29
N SER A 83 -5.67 -7.67 -13.12
CA SER A 83 -5.90 -8.89 -12.35
C SER A 83 -5.87 -8.62 -10.85
N ILE A 84 -4.78 -8.04 -10.33
CA ILE A 84 -4.63 -7.81 -8.89
C ILE A 84 -5.78 -6.99 -8.35
N ILE A 85 -6.28 -6.01 -9.10
CA ILE A 85 -7.40 -5.18 -8.71
C ILE A 85 -8.61 -6.05 -8.38
N THR A 86 -8.90 -7.07 -9.20
CA THR A 86 -9.97 -8.00 -8.91
C THR A 86 -9.72 -8.81 -7.61
N LYS A 87 -8.44 -9.05 -7.29
CA LYS A 87 -7.97 -9.85 -6.17
C LYS A 87 -8.07 -9.09 -4.84
N LEU A 88 -7.65 -7.82 -4.81
CA LEU A 88 -7.81 -6.95 -3.64
C LEU A 88 -9.26 -6.98 -3.16
N ASN A 89 -10.21 -6.98 -4.11
CA ASN A 89 -11.64 -6.97 -3.78
C ASN A 89 -12.07 -8.22 -3.03
N SER A 90 -11.43 -9.35 -3.32
CA SER A 90 -11.73 -10.63 -2.72
C SER A 90 -11.45 -10.56 -1.21
N LEU A 91 -10.40 -9.84 -0.83
CA LEU A 91 -9.93 -9.65 0.51
C LEU A 91 -10.78 -8.53 1.14
N ASN A 92 -11.22 -7.53 0.35
CA ASN A 92 -12.08 -6.41 0.72
C ASN A 92 -11.54 -5.59 1.89
N GLU A 93 -10.26 -5.76 2.18
CA GLU A 93 -9.59 -5.21 3.31
C GLU A 93 -9.31 -3.71 3.11
N PRO A 94 -9.20 -2.95 4.21
CA PRO A 94 -8.70 -1.58 4.20
C PRO A 94 -7.21 -1.58 3.87
N LEU A 95 -6.88 -1.20 2.64
CA LEU A 95 -5.49 -1.20 2.21
C LEU A 95 -4.86 0.18 2.37
N VAL A 96 -3.53 0.23 2.31
CA VAL A 96 -2.71 1.43 2.29
C VAL A 96 -1.54 1.21 1.31
N THR A 97 -1.59 1.83 0.14
CA THR A 97 -0.53 1.76 -0.86
C THR A 97 -0.48 3.00 -1.77
N MET A 98 0.13 2.86 -2.93
CA MET A 98 0.22 3.84 -4.01
C MET A 98 -0.50 3.30 -5.27
N PRO A 99 -0.47 4.01 -6.41
CA PRO A 99 -1.00 3.51 -7.67
C PRO A 99 -0.06 2.42 -8.18
N ILE A 100 -0.22 1.18 -7.71
CA ILE A 100 0.70 0.08 -7.98
C ILE A 100 1.10 -0.03 -9.46
N GLY A 101 0.14 -0.15 -10.37
CA GLY A 101 0.43 -0.10 -11.80
C GLY A 101 0.69 1.35 -12.21
N TYR A 102 1.86 1.89 -11.92
CA TYR A 102 2.31 3.24 -12.27
C TYR A 102 3.59 3.19 -13.09
N VAL A 103 4.59 2.42 -12.66
CA VAL A 103 5.95 2.46 -13.21
C VAL A 103 6.46 1.03 -13.40
N THR A 104 6.32 0.16 -12.40
CA THR A 104 6.57 -1.28 -12.47
C THR A 104 5.89 -1.97 -13.68
N HIS A 105 4.84 -1.37 -14.25
CA HIS A 105 4.08 -1.92 -15.39
C HIS A 105 4.01 -0.89 -16.53
N GLY A 106 4.86 0.14 -16.51
CA GLY A 106 4.95 1.06 -17.63
C GLY A 106 3.67 1.86 -17.82
N PHE A 107 2.93 2.14 -16.75
CA PHE A 107 1.73 2.94 -16.83
C PHE A 107 2.14 4.43 -16.76
N ASN A 108 1.16 5.30 -16.57
CA ASN A 108 1.35 6.72 -16.31
C ASN A 108 0.44 7.07 -15.15
N LEU A 109 0.62 8.24 -14.52
CA LEU A 109 -0.17 8.64 -13.35
C LEU A 109 -1.67 8.57 -13.63
N GLU A 110 -2.07 8.87 -14.87
CA GLU A 110 -3.46 8.84 -15.32
C GLU A 110 -3.98 7.42 -15.35
N GLU A 111 -3.27 6.55 -16.04
CA GLU A 111 -3.68 5.17 -16.31
C GLU A 111 -3.71 4.40 -15.00
N ALA A 112 -2.71 4.64 -14.18
CA ALA A 112 -2.61 4.15 -12.83
C ALA A 112 -3.85 4.59 -12.04
N ALA A 113 -4.20 5.88 -12.06
CA ALA A 113 -5.41 6.39 -11.41
C ALA A 113 -6.67 5.72 -11.94
N ARG A 114 -6.82 5.63 -13.25
CA ARG A 114 -8.01 5.10 -13.93
C ARG A 114 -8.20 3.63 -13.61
N CYS A 115 -7.13 2.83 -13.62
CA CYS A 115 -7.19 1.44 -13.18
C CYS A 115 -7.61 1.38 -11.71
N MET A 116 -7.08 2.27 -10.86
CA MET A 116 -7.39 2.28 -9.43
C MET A 116 -8.86 2.59 -9.14
N ARG A 117 -9.54 3.41 -9.95
CA ARG A 117 -11.02 3.54 -9.90
C ARG A 117 -11.74 2.20 -10.12
N SER A 118 -11.16 1.25 -10.86
CA SER A 118 -11.73 -0.09 -11.01
C SER A 118 -11.55 -0.96 -9.76
N LEU A 119 -10.81 -0.50 -8.74
CA LEU A 119 -10.58 -1.23 -7.51
C LEU A 119 -11.78 -1.03 -6.60
N LYS A 120 -12.33 -2.15 -6.13
CA LYS A 120 -13.60 -2.21 -5.41
C LYS A 120 -13.34 -2.33 -3.90
N ALA A 121 -12.08 -2.51 -3.48
CA ALA A 121 -11.69 -2.50 -2.07
C ALA A 121 -11.43 -1.06 -1.61
N PRO A 122 -11.58 -0.77 -0.32
CA PRO A 122 -11.03 0.43 0.28
C PRO A 122 -9.52 0.42 0.19
N ALA A 123 -8.94 1.51 -0.28
CA ALA A 123 -7.52 1.54 -0.54
C ALA A 123 -6.99 2.97 -0.53
N VAL A 124 -6.26 3.34 0.53
CA VAL A 124 -5.52 4.60 0.58
C VAL A 124 -4.48 4.59 -0.55
N VAL A 125 -4.21 5.76 -1.11
CA VAL A 125 -3.29 5.94 -2.22
C VAL A 125 -2.25 6.98 -1.85
N SER A 126 -1.14 7.01 -2.57
CA SER A 126 -0.02 7.89 -2.30
C SER A 126 0.62 8.35 -3.62
N VAL A 127 1.45 9.38 -3.54
CA VAL A 127 2.43 9.76 -4.55
C VAL A 127 3.71 10.12 -3.78
N SER A 128 4.74 10.60 -4.47
CA SER A 128 5.99 11.04 -3.86
C SER A 128 6.21 12.56 -4.04
N SER A 129 5.19 13.30 -4.44
CA SER A 129 5.16 14.76 -4.48
C SER A 129 3.77 15.26 -4.07
N PRO A 130 3.69 16.37 -3.32
CA PRO A 130 2.41 16.95 -2.90
C PRO A 130 1.66 17.50 -4.12
N ASP A 131 2.41 17.99 -5.10
CA ASP A 131 1.93 18.55 -6.35
C ASP A 131 1.11 17.52 -7.14
N ALA A 132 1.43 16.24 -6.94
CA ALA A 132 0.82 15.11 -7.63
C ALA A 132 -0.35 14.55 -6.83
N VAL A 133 -0.48 14.86 -5.54
CA VAL A 133 -1.68 14.49 -4.78
C VAL A 133 -2.85 15.17 -5.47
N THR A 134 -2.67 16.44 -5.78
CA THR A 134 -3.59 17.30 -6.46
C THR A 134 -3.82 16.74 -7.86
N THR A 135 -2.76 16.44 -8.61
CA THR A 135 -2.90 15.97 -9.97
C THR A 135 -3.69 14.64 -10.03
N TYR A 136 -3.29 13.65 -9.22
CA TYR A 136 -3.91 12.33 -9.16
C TYR A 136 -5.37 12.45 -8.72
N ASN A 137 -5.63 13.24 -7.68
CA ASN A 137 -6.99 13.52 -7.21
C ASN A 137 -7.80 14.24 -8.30
N GLY A 138 -7.15 14.92 -9.23
CA GLY A 138 -7.70 15.43 -10.47
C GLY A 138 -8.29 14.28 -11.27
N TYR A 139 -7.48 13.30 -11.64
CA TYR A 139 -7.90 12.16 -12.45
C TYR A 139 -9.05 11.39 -11.83
N LEU A 140 -9.07 11.29 -10.50
CA LEU A 140 -10.16 10.67 -9.79
C LEU A 140 -11.43 11.48 -9.97
N THR A 141 -11.41 12.78 -9.68
CA THR A 141 -12.59 13.63 -9.84
C THR A 141 -13.02 13.74 -11.32
N SER A 142 -12.08 13.62 -12.27
CA SER A 142 -12.29 13.68 -13.70
C SER A 142 -13.13 12.51 -14.21
N SER A 143 -13.17 11.37 -13.49
CA SER A 143 -14.10 10.29 -13.75
C SER A 143 -15.14 10.35 -12.63
#